data_8ODO
#
_entry.id   8ODO
#
_cell.length_a   99.090
_cell.length_b   125.547
_cell.length_c   125.733
_cell.angle_alpha   90.000
_cell.angle_beta   108.510
_cell.angle_gamma   90.000
#
_symmetry.space_group_name_H-M   'P 1 21 1'
#
loop_
_entity.id
_entity.type
_entity.pdbx_description
1 polymer 'RNA-splicing ligase RtcB homolog'
2 polymer 'Protein archease'
3 non-polymer "GUANOSINE-5'-MONOPHOSPHATE"
4 non-polymer 'MANGANESE (II) ION'
5 non-polymer 'PHOSPHATE ION'
6 water water
#
loop_
_entity_poly.entity_id
_entity_poly.type
_entity_poly.pdbx_seq_one_letter_code
_entity_poly.pdbx_strand_id
1 'polypeptide(L)'
;GAMSRSYNDELQFLEKINKNCWRIKKGFVPNMQVEGVFYVNDALEKLMFEELRNACRGGGVGGFLPAMKQIGNVAALPGI
VHRSIGLPDVHSGYGFAIGNMAAFDMNDPEAVVSPGGVGFDINCGVRLLRTNLDESDVQPVKEQLAQAMFDHIPVGVGSK
GVIPMNAKDLEEALEMGVDWSLREGYAWAEDKEHCEEYGRMLQADPNKVSARAKKRGLPQLGTLGAGNHYAEIQVVDEIF
NEYAAKKMGIDHKGQVCVMIHSGSRGLGHQVATDALVAMEKAMKRDKIIVNDRQLACARIASPEGQDYLKGMAAAGNYAW
VNRSSMTFLTRQAFAKVFNTTPDDLDLHVIYDVSHNIAKVEQHVVDGKERTLLVHRKGSTRAFPPHHPLIAVDYQLTGQP
VLIGGTMGTCSYVLTGTEQGMTETFGTTCHGAGRALSRAKSRRNLDFQDVLDKLADMGIAIRVASPKLVMEEAPESYKNV
TDVVNTCHDAGISKKAIKLRPIAVIKG
;
A,C,E,G
2 'polypeptide(L)'
;MGSSHHHHHHSSGLVPRGSHMMKGGSRVSNPAVMAQEEEDVRDYNLTEEQKAIKAKYPPVNRKYEYLDHTADVQLHAWGD
TLEEAFEQCAMAMFGYMTDTGTVEPLQTVEVETQGDDLQSLLFHFLDEWLYKFSADEFFIPREVKVLSIDQRNFKLRSIG
WGEEFSLSKHPQGTEVKAITYSAMQVYNEENPEVFVIIDI
;
B,D,F,H
#
loop_
_chem_comp.id
_chem_comp.type
_chem_comp.name
_chem_comp.formula
5GP non-polymer GUANOSINE-5'-MONOPHOSPHATE 'C10 H14 N5 O8 P'
MN non-polymer 'MANGANESE (II) ION' 'Mn 2'
PO4 non-polymer 'PHOSPHATE ION' 'O4 P -3'
#
# COMPACT_ATOMS: atom_id res chain seq x y z
N ARG A 5 25.81 17.02 -34.43
CA ARG A 5 27.19 17.48 -34.58
C ARG A 5 27.55 18.53 -33.54
N SER A 6 28.85 18.66 -33.26
CA SER A 6 29.31 19.75 -32.42
C SER A 6 29.07 21.08 -33.12
N TYR A 7 29.01 22.15 -32.32
CA TYR A 7 28.79 23.47 -32.88
C TYR A 7 29.89 23.85 -33.87
N ASN A 8 31.14 23.53 -33.54
CA ASN A 8 32.25 23.83 -34.43
C ASN A 8 32.19 23.02 -35.71
N ASP A 9 31.74 21.76 -35.63
CA ASP A 9 31.60 20.95 -36.83
C ASP A 9 30.49 21.48 -37.74
N GLU A 10 29.49 22.15 -37.16
CA GLU A 10 28.45 22.76 -37.99
C GLU A 10 28.98 23.99 -38.72
N LEU A 11 29.84 24.78 -38.06
CA LEU A 11 30.32 26.02 -38.65
C LEU A 11 31.17 25.78 -39.89
N GLN A 12 31.66 24.56 -40.09
CA GLN A 12 32.44 24.24 -41.28
C GLN A 12 31.62 24.35 -42.56
N PHE A 13 30.30 24.51 -42.45
CA PHE A 13 29.43 24.70 -43.60
C PHE A 13 28.97 26.14 -43.76
N LEU A 14 29.51 27.06 -42.96
CA LEU A 14 29.03 28.43 -42.91
C LEU A 14 30.15 29.39 -43.33
N GLU A 15 29.88 30.16 -44.38
CA GLU A 15 30.80 31.17 -44.91
C GLU A 15 30.08 32.50 -44.99
N LYS A 16 30.75 33.57 -44.55
CA LYS A 16 30.24 34.91 -44.75
C LYS A 16 30.52 35.33 -46.19
N ILE A 17 29.48 35.49 -47.00
CA ILE A 17 29.66 35.91 -48.38
C ILE A 17 30.08 37.37 -48.44
N ASN A 18 29.31 38.24 -47.80
CA ASN A 18 29.60 39.66 -47.77
C ASN A 18 29.13 40.21 -46.43
N LYS A 19 29.07 41.55 -46.33
CA LYS A 19 28.77 42.18 -45.05
C LYS A 19 27.38 41.84 -44.54
N ASN A 20 26.45 41.49 -45.44
CA ASN A 20 25.06 41.29 -45.07
C ASN A 20 24.51 39.93 -45.50
N CYS A 21 25.36 38.93 -45.72
CA CYS A 21 24.86 37.66 -46.19
C CYS A 21 25.82 36.53 -45.83
N TRP A 22 25.27 35.40 -45.41
CA TRP A 22 26.01 34.20 -45.07
C TRP A 22 25.65 33.07 -46.02
N ARG A 23 26.58 32.15 -46.22
CA ARG A 23 26.39 30.99 -47.09
C ARG A 23 26.27 29.72 -46.23
N ILE A 24 25.26 28.91 -46.54
CA ILE A 24 25.13 27.56 -45.99
C ILE A 24 25.50 26.58 -47.11
N LYS A 25 26.59 25.87 -46.92
CA LYS A 25 27.15 25.01 -47.96
C LYS A 25 26.48 23.64 -47.95
N LYS A 26 26.56 22.96 -49.09
CA LYS A 26 25.97 21.64 -49.22
C LYS A 26 26.64 20.67 -48.25
N GLY A 27 25.84 19.75 -47.71
CA GLY A 27 26.28 18.84 -46.69
C GLY A 27 25.88 19.23 -45.29
N PHE A 28 25.46 20.49 -45.09
CA PHE A 28 24.90 20.91 -43.82
C PHE A 28 23.76 19.99 -43.40
N VAL A 29 22.87 19.67 -44.34
CA VAL A 29 21.84 18.65 -44.16
C VAL A 29 21.89 17.74 -45.38
N PRO A 30 21.30 16.55 -45.30
CA PRO A 30 21.39 15.62 -46.43
C PRO A 30 20.66 16.11 -47.66
N ASN A 31 21.24 15.78 -48.82
CA ASN A 31 20.58 15.83 -50.13
C ASN A 31 20.24 17.24 -50.58
N MET A 32 21.08 18.22 -50.23
CA MET A 32 20.85 19.58 -50.69
C MET A 32 21.11 19.68 -52.19
N GLN A 33 20.10 20.12 -52.93
CA GLN A 33 20.28 20.34 -54.36
C GLN A 33 20.98 21.66 -54.65
N VAL A 34 20.73 22.67 -53.82
CA VAL A 34 21.34 23.99 -53.95
C VAL A 34 21.87 24.41 -52.58
N GLU A 35 22.67 25.48 -52.58
CA GLU A 35 23.16 26.03 -51.33
C GLU A 35 22.07 26.86 -50.65
N GLY A 36 22.28 27.11 -49.36
CA GLY A 36 21.45 28.02 -48.61
C GLY A 36 22.20 29.31 -48.33
N VAL A 37 21.45 30.41 -48.22
CA VAL A 37 21.98 31.69 -47.81
C VAL A 37 20.99 32.34 -46.85
N PHE A 38 21.50 33.25 -46.02
CA PHE A 38 20.63 34.08 -45.22
C PHE A 38 21.27 35.45 -45.05
N TYR A 39 20.44 36.49 -45.14
CA TYR A 39 20.89 37.88 -45.11
C TYR A 39 20.76 38.42 -43.69
N VAL A 40 21.90 38.65 -43.03
CA VAL A 40 21.94 39.25 -41.71
C VAL A 40 23.15 40.17 -41.62
N ASN A 41 22.98 41.32 -40.97
CA ASN A 41 24.10 42.21 -40.70
C ASN A 41 24.70 41.83 -39.35
N ASP A 42 25.48 42.72 -38.74
CA ASP A 42 26.21 42.37 -37.52
C ASP A 42 25.26 42.04 -36.37
N ALA A 43 24.22 42.85 -36.18
CA ALA A 43 23.33 42.68 -35.03
C ALA A 43 22.49 41.42 -35.15
N LEU A 44 21.95 41.14 -36.34
CA LEU A 44 21.10 39.98 -36.54
C LEU A 44 21.90 38.69 -36.64
N GLU A 45 23.21 38.78 -36.87
CA GLU A 45 24.02 37.58 -37.06
C GLU A 45 24.06 36.72 -35.81
N LYS A 46 24.24 37.35 -34.64
CA LYS A 46 24.38 36.59 -33.41
C LYS A 46 23.12 35.81 -33.07
N LEU A 47 21.95 36.42 -33.24
CA LEU A 47 20.69 35.73 -32.97
C LEU A 47 20.59 34.45 -33.78
N MET A 48 21.05 34.47 -35.02
CA MET A 48 20.92 33.30 -35.90
C MET A 48 21.85 32.18 -35.48
N PHE A 49 23.11 32.51 -35.15
CA PHE A 49 24.06 31.49 -34.74
C PHE A 49 23.79 30.99 -33.33
N GLU A 50 23.26 31.85 -32.45
CA GLU A 50 22.89 31.38 -31.11
C GLU A 50 21.70 30.42 -31.17
N GLU A 51 20.85 30.55 -32.19
CA GLU A 51 19.76 29.61 -32.36
C GLU A 51 20.27 28.25 -32.83
N LEU A 52 21.30 28.24 -33.68
CA LEU A 52 21.93 26.98 -34.06
C LEU A 52 22.52 26.27 -32.86
N ARG A 53 23.12 27.02 -31.94
CA ARG A 53 23.78 26.40 -30.79
C ARG A 53 22.76 25.91 -29.77
N ASN A 54 21.70 26.68 -29.53
CA ASN A 54 20.84 26.48 -28.38
C ASN A 54 19.51 25.82 -28.71
N ALA A 55 19.27 25.46 -29.98
CA ALA A 55 17.99 24.84 -30.33
C ALA A 55 17.92 23.40 -29.83
N CYS A 56 19.00 22.65 -29.99
CA CYS A 56 19.08 21.26 -29.53
C CYS A 56 20.42 21.10 -28.78
N ARG A 57 20.47 21.67 -27.57
CA ARG A 57 21.74 21.78 -26.85
C ARG A 57 22.26 20.42 -26.39
N GLY A 58 21.38 19.57 -25.88
CA GLY A 58 21.79 18.35 -25.22
C GLY A 58 21.81 17.14 -26.13
N GLY A 59 22.30 16.04 -25.58
CA GLY A 59 22.32 14.76 -26.24
C GLY A 59 21.13 13.89 -25.95
N GLY A 60 20.09 14.43 -25.32
CA GLY A 60 18.91 13.66 -24.99
C GLY A 60 17.70 14.01 -25.84
N VAL A 61 16.55 14.14 -25.19
CA VAL A 61 15.29 14.36 -25.88
C VAL A 61 14.96 15.85 -25.88
N GLY A 62 13.99 16.23 -26.70
CA GLY A 62 13.54 17.60 -26.77
C GLY A 62 14.22 18.39 -27.87
N GLY A 63 14.08 19.71 -27.78
CA GLY A 63 14.69 20.62 -28.73
C GLY A 63 13.85 20.84 -29.96
N PHE A 64 14.35 21.73 -30.82
CA PHE A 64 13.70 22.05 -32.08
C PHE A 64 14.78 22.30 -33.14
N LEU A 65 14.35 22.42 -34.39
CA LEU A 65 15.27 22.64 -35.50
C LEU A 65 15.57 24.12 -35.64
N PRO A 66 16.83 24.54 -35.58
CA PRO A 66 17.15 25.94 -35.85
C PRO A 66 16.89 26.28 -37.30
N ALA A 67 16.82 27.58 -37.58
CA ALA A 67 16.42 28.03 -38.91
C ALA A 67 17.42 27.63 -39.98
N MET A 68 18.71 27.63 -39.65
CA MET A 68 19.72 27.23 -40.63
C MET A 68 19.49 25.81 -41.12
N LYS A 69 19.11 24.90 -40.22
CA LYS A 69 18.80 23.54 -40.63
C LYS A 69 17.56 23.50 -41.50
N GLN A 70 16.57 24.34 -41.20
CA GLN A 70 15.34 24.37 -42.00
C GLN A 70 15.61 24.96 -43.38
N ILE A 71 16.47 25.98 -43.47
CA ILE A 71 16.87 26.51 -44.77
C ILE A 71 17.54 25.42 -45.59
N GLY A 72 18.43 24.65 -44.95
CA GLY A 72 19.09 23.56 -45.66
C GLY A 72 18.11 22.46 -46.08
N ASN A 73 17.21 22.07 -45.17
CA ASN A 73 16.22 21.06 -45.52
C ASN A 73 15.39 21.49 -46.73
N VAL A 74 15.03 22.77 -46.78
CA VAL A 74 14.28 23.28 -47.93
C VAL A 74 15.12 23.20 -49.19
N ALA A 75 16.44 23.41 -49.06
CA ALA A 75 17.33 23.29 -50.20
C ALA A 75 17.41 21.87 -50.74
N ALA A 76 16.86 20.90 -50.01
CA ALA A 76 16.87 19.51 -50.45
C ALA A 76 15.59 19.12 -51.19
N LEU A 77 14.63 20.03 -51.33
CA LEU A 77 13.37 19.71 -51.99
C LEU A 77 13.58 19.62 -53.50
N PRO A 78 13.00 18.60 -54.14
CA PRO A 78 13.24 18.40 -55.58
C PRO A 78 12.69 19.55 -56.42
N GLY A 79 13.49 19.99 -57.37
CA GLY A 79 13.10 21.03 -58.30
C GLY A 79 13.53 22.43 -57.91
N ILE A 80 14.13 22.60 -56.73
CA ILE A 80 14.54 23.93 -56.31
C ILE A 80 15.64 24.45 -57.22
N VAL A 81 15.62 25.76 -57.48
CA VAL A 81 16.61 26.41 -58.31
C VAL A 81 17.30 27.51 -57.50
N HIS A 82 18.51 27.87 -57.94
CA HIS A 82 19.29 28.95 -57.35
C HIS A 82 19.67 28.65 -55.90
N ARG A 83 18.85 29.07 -54.94
CA ARG A 83 19.21 28.98 -53.54
C ARG A 83 17.97 28.88 -52.67
N SER A 84 18.14 28.24 -51.50
CA SER A 84 17.23 28.40 -50.39
C SER A 84 17.67 29.64 -49.60
N ILE A 85 16.79 30.62 -49.50
CA ILE A 85 17.18 31.97 -49.07
C ILE A 85 16.44 32.33 -47.79
N GLY A 86 17.19 32.74 -46.78
CA GLY A 86 16.62 33.30 -45.56
C GLY A 86 16.74 34.81 -45.58
N LEU A 87 15.61 35.46 -45.38
CA LEU A 87 15.54 36.92 -45.38
C LEU A 87 15.83 37.47 -44.00
N PRO A 88 16.13 38.78 -43.86
CA PRO A 88 16.60 39.34 -42.58
C PRO A 88 15.74 39.05 -41.35
N ASP A 89 14.47 38.71 -41.53
CA ASP A 89 13.62 38.35 -40.41
C ASP A 89 13.73 36.86 -40.06
N VAL A 90 14.75 36.17 -40.58
CA VAL A 90 14.77 34.71 -40.49
C VAL A 90 14.89 34.24 -39.04
N HIS A 91 14.12 33.21 -38.72
CA HIS A 91 14.23 32.49 -37.45
C HIS A 91 13.46 31.18 -37.60
N SER A 92 13.59 30.32 -36.59
CA SER A 92 13.10 28.95 -36.72
C SER A 92 11.58 28.92 -36.86
N GLY A 93 11.11 28.15 -37.84
CA GLY A 93 9.69 27.91 -38.02
C GLY A 93 9.34 26.45 -37.78
N TYR A 94 8.36 25.91 -38.51
CA TYR A 94 7.99 24.51 -38.37
C TYR A 94 8.29 23.65 -39.60
N GLY A 95 8.76 24.23 -40.69
CA GLY A 95 9.15 23.48 -41.86
C GLY A 95 10.15 24.27 -42.68
N PHE A 96 9.64 25.19 -43.49
CA PHE A 96 10.44 26.33 -43.88
C PHE A 96 10.83 27.11 -42.63
N ALA A 97 11.95 27.80 -42.69
CA ALA A 97 12.22 28.80 -41.67
C ALA A 97 11.23 29.95 -41.84
N ILE A 98 10.98 30.69 -40.77
CA ILE A 98 10.25 31.95 -40.91
C ILE A 98 11.15 32.94 -41.64
N GLY A 99 10.64 33.52 -42.71
CA GLY A 99 11.47 34.34 -43.57
C GLY A 99 12.34 33.50 -44.48
N ASN A 100 11.73 32.53 -45.15
CA ASN A 100 12.44 31.56 -45.98
C ASN A 100 11.74 31.46 -47.33
N MET A 101 12.51 31.59 -48.40
CA MET A 101 11.99 31.56 -49.76
C MET A 101 12.62 30.41 -50.53
N ALA A 102 11.82 29.78 -51.39
CA ALA A 102 12.31 28.73 -52.27
C ALA A 102 11.47 28.69 -53.54
N ALA A 103 12.14 28.70 -54.68
CA ALA A 103 11.48 28.69 -55.98
C ALA A 103 11.80 27.39 -56.70
N PHE A 104 10.79 26.86 -57.40
CA PHE A 104 10.89 25.55 -58.05
C PHE A 104 10.56 25.68 -59.53
N ASP A 105 11.38 25.06 -60.37
CA ASP A 105 11.22 25.12 -61.82
C ASP A 105 10.01 24.29 -62.23
N MET A 106 8.94 24.96 -62.67
CA MET A 106 7.70 24.28 -63.01
C MET A 106 7.80 23.45 -64.28
N ASN A 107 8.87 23.59 -65.05
CA ASN A 107 9.13 22.72 -66.19
C ASN A 107 10.03 21.55 -65.84
N ASP A 108 10.48 21.48 -64.59
CA ASP A 108 11.11 20.27 -64.07
C ASP A 108 10.00 19.33 -63.59
N PRO A 109 9.87 18.13 -64.18
CA PRO A 109 8.78 17.24 -63.77
C PRO A 109 8.90 16.74 -62.32
N GLU A 110 10.08 16.81 -61.72
CA GLU A 110 10.26 16.42 -60.33
C GLU A 110 9.96 17.54 -59.35
N ALA A 111 9.70 18.76 -59.85
CA ALA A 111 9.44 19.89 -58.96
C ALA A 111 8.20 19.63 -58.11
N VAL A 112 8.29 20.02 -56.84
CA VAL A 112 7.25 19.72 -55.87
C VAL A 112 6.63 21.03 -55.37
N VAL A 113 5.51 20.89 -54.67
CA VAL A 113 4.91 21.97 -53.90
C VAL A 113 4.76 21.47 -52.47
N SER A 114 5.14 22.32 -51.50
CA SER A 114 5.14 21.95 -50.09
C SER A 114 4.10 22.76 -49.34
N PRO A 115 2.92 22.22 -49.06
CA PRO A 115 1.92 23.00 -48.31
C PRO A 115 2.32 23.22 -46.86
N GLY A 116 2.91 22.22 -46.20
CA GLY A 116 3.44 22.44 -44.87
C GLY A 116 4.59 23.42 -44.82
N GLY A 117 5.20 23.71 -45.96
CA GLY A 117 6.25 24.70 -46.03
C GLY A 117 5.73 26.10 -46.27
N VAL A 118 4.66 26.21 -47.06
CA VAL A 118 4.03 27.51 -47.30
C VAL A 118 3.52 28.09 -45.98
N GLY A 119 3.03 27.25 -45.09
CA GLY A 119 2.56 27.67 -43.80
C GLY A 119 1.04 27.56 -43.68
N PHE A 120 0.59 27.56 -42.43
CA PHE A 120 -0.84 27.37 -42.17
C PHE A 120 -1.62 28.67 -42.29
N ASP A 121 -0.98 29.81 -42.08
CA ASP A 121 -1.65 31.10 -42.21
C ASP A 121 -1.49 31.60 -43.65
N ILE A 122 -2.22 30.91 -44.55
CA ILE A 122 -2.06 31.12 -45.98
C ILE A 122 -2.43 32.56 -46.34
N ASN A 123 -1.52 33.23 -47.04
CA ASN A 123 -1.74 34.58 -47.56
C ASN A 123 -1.92 35.60 -46.44
N CYS A 124 -1.35 35.32 -45.27
CA CYS A 124 -1.31 36.32 -44.22
C CYS A 124 -0.54 37.54 -44.74
N GLY A 125 -1.06 38.73 -44.44
CA GLY A 125 -0.49 39.92 -45.06
C GLY A 125 -0.57 41.13 -44.18
N VAL A 126 0.08 42.20 -44.65
CA VAL A 126 0.11 43.48 -43.98
C VAL A 126 -0.52 44.52 -44.90
N ARG A 127 -1.50 45.25 -44.38
CA ARG A 127 -2.17 46.31 -45.13
C ARG A 127 -1.94 47.64 -44.44
N LEU A 128 -1.48 48.62 -45.19
CA LEU A 128 -1.22 49.96 -44.67
C LEU A 128 -2.25 50.93 -45.21
N LEU A 129 -2.93 51.63 -44.29
CA LEU A 129 -3.88 52.68 -44.64
C LEU A 129 -3.29 54.03 -44.28
N ARG A 130 -3.73 55.06 -45.00
CA ARG A 130 -3.30 56.43 -44.73
C ARG A 130 -4.50 57.26 -44.27
N THR A 131 -4.19 58.38 -43.63
CA THR A 131 -5.19 59.35 -43.21
C THR A 131 -4.67 60.74 -43.50
N ASN A 132 -5.59 61.71 -43.54
CA ASN A 132 -5.21 63.11 -43.59
C ASN A 132 -5.04 63.72 -42.20
N LEU A 133 -5.18 62.91 -41.15
CA LEU A 133 -5.04 63.38 -39.78
C LEU A 133 -3.58 63.40 -39.36
N ASP A 134 -3.27 64.26 -38.39
CA ASP A 134 -1.96 64.33 -37.78
C ASP A 134 -2.03 63.79 -36.36
N GLU A 135 -0.85 63.61 -35.76
CA GLU A 135 -0.78 63.14 -34.38
C GLU A 135 -1.49 64.12 -33.44
N SER A 136 -1.41 65.42 -33.73
CA SER A 136 -2.07 66.42 -32.89
C SER A 136 -3.59 66.24 -32.90
N ASP A 137 -4.14 65.66 -33.97
CA ASP A 137 -5.58 65.39 -34.00
C ASP A 137 -5.96 64.16 -33.20
N VAL A 138 -5.03 63.22 -33.05
CA VAL A 138 -5.33 61.94 -32.41
C VAL A 138 -5.02 61.97 -30.91
N GLN A 139 -3.97 62.68 -30.50
CA GLN A 139 -3.59 62.69 -29.08
C GLN A 139 -4.71 63.11 -28.14
N PRO A 140 -5.54 64.12 -28.44
CA PRO A 140 -6.67 64.41 -27.54
C PRO A 140 -7.68 63.27 -27.42
N VAL A 141 -7.72 62.34 -28.37
CA VAL A 141 -8.71 61.28 -28.37
C VAL A 141 -8.06 59.91 -28.58
N LYS A 142 -6.81 59.77 -28.13
CA LYS A 142 -6.05 58.57 -28.45
C LYS A 142 -6.64 57.34 -27.77
N GLU A 143 -6.86 57.41 -26.45
CA GLU A 143 -7.42 56.26 -25.75
C GLU A 143 -8.83 55.94 -26.23
N GLN A 144 -9.62 56.97 -26.57
CA GLN A 144 -10.94 56.72 -27.13
C GLN A 144 -10.85 55.98 -28.46
N LEU A 145 -9.88 56.34 -29.30
CA LEU A 145 -9.73 55.69 -30.59
C LEU A 145 -9.32 54.23 -30.44
N ALA A 146 -8.38 53.94 -29.53
CA ALA A 146 -7.97 52.56 -29.30
C ALA A 146 -9.14 51.72 -28.81
N GLN A 147 -9.97 52.27 -27.93
CA GLN A 147 -11.16 51.56 -27.48
C GLN A 147 -12.14 51.35 -28.62
N ALA A 148 -12.33 52.36 -29.48
CA ALA A 148 -13.24 52.21 -30.62
C ALA A 148 -12.74 51.14 -31.57
N MET A 149 -11.42 51.07 -31.79
CA MET A 149 -10.86 49.98 -32.58
C MET A 149 -11.13 48.63 -31.92
N PHE A 150 -10.93 48.55 -30.60
CA PHE A 150 -11.17 47.30 -29.88
C PHE A 150 -12.63 46.91 -29.92
N ASP A 151 -13.53 47.89 -29.86
CA ASP A 151 -14.96 47.59 -29.90
C ASP A 151 -15.41 47.17 -31.29
N HIS A 152 -14.77 47.68 -32.34
CA HIS A 152 -15.21 47.38 -33.70
C HIS A 152 -14.59 46.11 -34.23
N ILE A 153 -13.36 45.79 -33.83
CA ILE A 153 -12.60 44.69 -34.41
C ILE A 153 -12.58 43.55 -33.39
N PRO A 154 -13.19 42.41 -33.70
CA PRO A 154 -13.08 41.25 -32.80
C PRO A 154 -11.69 40.64 -32.87
N VAL A 155 -11.13 40.33 -31.71
CA VAL A 155 -9.77 39.81 -31.61
C VAL A 155 -9.74 38.66 -30.60
N GLY A 156 -8.74 37.80 -30.77
CA GLY A 156 -8.46 36.75 -29.80
C GLY A 156 -9.23 35.46 -30.08
N VAL A 157 -8.85 34.43 -29.33
CA VAL A 157 -9.47 33.13 -29.48
C VAL A 157 -10.96 33.23 -29.15
N GLY A 158 -11.77 32.47 -29.88
CA GLY A 158 -13.20 32.45 -29.67
C GLY A 158 -13.96 33.60 -30.28
N SER A 159 -13.28 34.61 -30.83
CA SER A 159 -13.97 35.75 -31.40
C SER A 159 -14.68 35.37 -32.68
N LYS A 160 -15.80 36.03 -32.95
CA LYS A 160 -16.61 35.77 -34.13
C LYS A 160 -16.97 37.10 -34.81
N GLY A 161 -17.26 37.01 -36.11
CA GLY A 161 -17.54 38.20 -36.88
C GLY A 161 -18.87 38.82 -36.51
N VAL A 162 -18.90 40.15 -36.49
CA VAL A 162 -20.10 40.86 -36.06
C VAL A 162 -21.17 40.79 -37.15
N ILE A 163 -20.78 40.94 -38.40
CA ILE A 163 -21.74 40.92 -39.51
C ILE A 163 -22.06 39.47 -39.86
N PRO A 164 -23.32 39.07 -39.87
CA PRO A 164 -23.64 37.66 -40.10
C PRO A 164 -23.23 37.20 -41.49
N MET A 165 -22.69 35.98 -41.55
CA MET A 165 -22.26 35.35 -42.80
C MET A 165 -22.89 33.97 -42.91
N ASN A 166 -23.27 33.60 -44.13
CA ASN A 166 -23.78 32.27 -44.42
C ASN A 166 -22.83 31.56 -45.38
N ALA A 167 -23.17 30.31 -45.69
CA ALA A 167 -22.26 29.48 -46.47
C ALA A 167 -22.12 29.99 -47.90
N LYS A 168 -23.20 30.53 -48.47
CA LYS A 168 -23.12 31.10 -49.81
C LYS A 168 -22.22 32.32 -49.85
N ASP A 169 -22.29 33.17 -48.82
CA ASP A 169 -21.39 34.32 -48.75
C ASP A 169 -19.94 33.87 -48.70
N LEU A 170 -19.65 32.82 -47.95
CA LEU A 170 -18.28 32.31 -47.88
C LEU A 170 -17.86 31.71 -49.22
N GLU A 171 -18.77 30.99 -49.89
CA GLU A 171 -18.45 30.41 -51.19
C GLU A 171 -18.11 31.50 -52.20
N GLU A 172 -18.85 32.61 -52.18
CA GLU A 172 -18.56 33.70 -53.10
C GLU A 172 -17.29 34.44 -52.72
N ALA A 173 -17.02 34.58 -51.41
CA ALA A 173 -15.79 35.23 -50.98
C ALA A 173 -14.56 34.41 -51.35
N LEU A 174 -14.67 33.08 -51.31
CA LEU A 174 -13.55 32.24 -51.72
C LEU A 174 -13.24 32.41 -53.21
N GLU A 175 -14.26 32.64 -54.03
CA GLU A 175 -14.05 32.79 -55.46
C GLU A 175 -13.62 34.21 -55.82
N MET A 176 -14.24 35.21 -55.20
CA MET A 176 -14.14 36.59 -55.67
C MET A 176 -13.12 37.43 -54.92
N GLY A 177 -12.78 37.07 -53.68
CA GLY A 177 -11.83 37.88 -52.94
C GLY A 177 -12.39 39.28 -52.73
N VAL A 178 -11.56 40.30 -53.00
CA VAL A 178 -11.98 41.68 -52.75
C VAL A 178 -13.16 42.07 -53.60
N ASP A 179 -13.40 41.38 -54.72
CA ASP A 179 -14.57 41.68 -55.55
C ASP A 179 -15.87 41.42 -54.79
N TRP A 180 -15.88 40.43 -53.90
CA TRP A 180 -17.03 40.23 -53.03
C TRP A 180 -17.20 41.40 -52.07
N SER A 181 -16.10 41.86 -51.46
CA SER A 181 -16.18 42.98 -50.54
C SER A 181 -16.64 44.25 -51.25
N LEU A 182 -16.18 44.47 -52.48
CA LEU A 182 -16.62 45.61 -53.26
C LEU A 182 -18.11 45.50 -53.59
N ARG A 183 -18.55 44.30 -53.96
CA ARG A 183 -19.94 44.10 -54.35
C ARG A 183 -20.89 44.35 -53.19
N GLU A 184 -20.50 43.95 -51.99
CA GLU A 184 -21.34 44.10 -50.80
C GLU A 184 -21.10 45.42 -50.06
N GLY A 185 -20.28 46.31 -50.62
CA GLY A 185 -20.11 47.63 -50.06
C GLY A 185 -19.14 47.75 -48.90
N TYR A 186 -18.35 46.72 -48.63
CA TYR A 186 -17.38 46.75 -47.53
C TYR A 186 -16.01 47.23 -47.97
N ALA A 187 -15.81 47.50 -49.26
CA ALA A 187 -14.52 47.96 -49.75
C ALA A 187 -14.75 48.99 -50.85
N TRP A 188 -13.71 49.80 -51.08
CA TRP A 188 -13.72 50.79 -52.15
C TRP A 188 -12.95 50.24 -53.35
N ALA A 189 -13.28 50.76 -54.54
CA ALA A 189 -12.59 50.33 -55.74
C ALA A 189 -11.10 50.66 -55.67
N GLU A 190 -10.73 51.75 -54.99
CA GLU A 190 -9.32 52.11 -54.86
C GLU A 190 -8.55 51.09 -54.02
N ASP A 191 -9.22 50.40 -53.09
CA ASP A 191 -8.56 49.39 -52.29
C ASP A 191 -8.04 48.26 -53.17
N LYS A 192 -8.87 47.80 -54.11
CA LYS A 192 -8.46 46.73 -55.02
C LYS A 192 -7.28 47.15 -55.88
N GLU A 193 -7.30 48.39 -56.38
CA GLU A 193 -6.24 48.85 -57.27
C GLU A 193 -4.88 48.84 -56.60
N HIS A 194 -4.84 49.07 -55.29
CA HIS A 194 -3.59 49.12 -54.54
C HIS A 194 -3.45 47.91 -53.62
N CYS A 195 -4.04 46.79 -54.01
CA CYS A 195 -3.88 45.53 -53.32
C CYS A 195 -3.12 44.56 -54.23
N GLU A 196 -2.21 43.78 -53.64
CA GLU A 196 -1.49 42.76 -54.37
C GLU A 196 -2.46 41.77 -55.00
N GLU A 197 -2.16 41.33 -56.22
CA GLU A 197 -3.02 40.47 -57.02
C GLU A 197 -4.38 41.10 -57.28
N TYR A 198 -4.52 42.41 -57.06
CA TYR A 198 -5.82 43.10 -57.09
C TYR A 198 -6.84 42.42 -56.18
N GLY A 199 -6.36 41.83 -55.08
CA GLY A 199 -7.21 41.25 -54.07
C GLY A 199 -7.96 40.01 -54.47
N ARG A 200 -7.55 39.33 -55.54
CA ARG A 200 -8.27 38.15 -56.01
C ARG A 200 -7.34 37.28 -56.84
N MET A 201 -7.37 35.98 -56.58
CA MET A 201 -6.68 34.99 -57.40
C MET A 201 -7.73 34.21 -58.17
N LEU A 202 -7.68 34.30 -59.50
CA LEU A 202 -8.77 33.83 -60.33
C LEU A 202 -8.90 32.31 -60.31
N GLN A 203 -7.78 31.60 -60.17
CA GLN A 203 -7.80 30.15 -60.22
C GLN A 203 -8.26 29.51 -58.91
N ALA A 204 -8.74 30.31 -57.97
CA ALA A 204 -9.30 29.77 -56.74
C ALA A 204 -10.51 28.90 -57.05
N ASP A 205 -10.56 27.72 -56.45
CA ASP A 205 -11.70 26.82 -56.61
C ASP A 205 -12.29 26.52 -55.23
N PRO A 206 -13.49 26.99 -54.93
CA PRO A 206 -14.10 26.69 -53.63
C PRO A 206 -14.37 25.20 -53.43
N ASN A 207 -14.48 24.41 -54.49
CA ASN A 207 -14.66 22.98 -54.36
C ASN A 207 -13.41 22.27 -53.86
N LYS A 208 -12.26 22.92 -53.89
CA LYS A 208 -11.03 22.37 -53.33
C LYS A 208 -10.83 22.74 -51.88
N VAL A 209 -11.76 23.50 -51.30
CA VAL A 209 -11.74 23.86 -49.88
C VAL A 209 -12.69 22.92 -49.15
N SER A 210 -12.19 22.23 -48.14
CA SER A 210 -12.96 21.20 -47.45
C SER A 210 -14.12 21.81 -46.68
N ALA A 211 -15.12 20.96 -46.39
CA ALA A 211 -16.22 21.38 -45.54
C ALA A 211 -15.73 21.80 -44.16
N ARG A 212 -14.70 21.12 -43.65
CA ARG A 212 -14.12 21.50 -42.35
C ARG A 212 -13.53 22.90 -42.40
N ALA A 213 -12.79 23.22 -43.46
CA ALA A 213 -12.20 24.55 -43.59
C ALA A 213 -13.29 25.62 -43.64
N LYS A 214 -14.39 25.34 -44.36
CA LYS A 214 -15.47 26.32 -44.46
C LYS A 214 -16.20 26.46 -43.12
N LYS A 215 -16.34 25.37 -42.37
CA LYS A 215 -16.98 25.46 -41.07
C LYS A 215 -16.13 26.24 -40.07
N ARG A 216 -14.81 26.13 -40.18
CA ARG A 216 -13.93 26.91 -39.31
C ARG A 216 -13.88 28.37 -39.74
N GLY A 217 -13.92 28.63 -41.06
CA GLY A 217 -13.72 29.98 -41.55
C GLY A 217 -14.94 30.86 -41.44
N LEU A 218 -16.13 30.26 -41.48
CA LEU A 218 -17.35 31.06 -41.48
C LEU A 218 -17.50 31.93 -40.23
N PRO A 219 -17.34 31.42 -39.00
CA PRO A 219 -17.45 32.32 -37.84
C PRO A 219 -16.27 33.27 -37.70
N GLN A 220 -15.12 32.94 -38.26
CA GLN A 220 -13.90 33.73 -38.07
C GLN A 220 -13.68 34.77 -39.15
N LEU A 221 -14.55 34.85 -40.15
CA LEU A 221 -14.46 35.92 -41.13
C LEU A 221 -14.94 37.21 -40.50
N GLY A 222 -14.10 38.24 -40.54
CA GLY A 222 -14.33 39.44 -39.77
C GLY A 222 -13.65 39.47 -38.42
N THR A 223 -12.65 38.63 -38.18
CA THR A 223 -11.91 38.60 -36.92
C THR A 223 -10.42 38.76 -37.21
N LEU A 224 -9.71 39.42 -36.32
CA LEU A 224 -8.31 39.74 -36.56
C LEU A 224 -7.41 38.53 -36.36
N GLY A 225 -7.74 37.68 -35.41
CA GLY A 225 -6.91 36.57 -35.03
C GLY A 225 -6.18 36.83 -33.73
N ALA A 226 -5.02 36.19 -33.60
CA ALA A 226 -4.23 36.30 -32.38
C ALA A 226 -2.76 36.19 -32.77
N GLY A 227 -1.89 36.09 -31.76
CA GLY A 227 -0.46 35.94 -32.03
C GLY A 227 0.13 37.26 -32.49
N ASN A 228 0.88 37.18 -33.60
CA ASN A 228 1.54 38.34 -34.16
C ASN A 228 0.58 39.34 -34.80
N HIS A 229 -0.71 38.99 -34.91
CA HIS A 229 -1.65 39.85 -35.63
C HIS A 229 -1.95 41.11 -34.83
N TYR A 230 -2.20 42.20 -35.56
CA TYR A 230 -2.35 43.50 -34.93
C TYR A 230 -3.13 44.43 -35.84
N ALA A 231 -3.72 45.46 -35.23
CA ALA A 231 -4.22 46.64 -35.91
C ALA A 231 -3.68 47.84 -35.15
N GLU A 232 -2.90 48.68 -35.85
CA GLU A 232 -2.01 49.63 -35.18
C GLU A 232 -2.13 51.00 -35.82
N ILE A 233 -2.46 52.01 -35.02
CA ILE A 233 -2.43 53.40 -35.45
C ILE A 233 -0.99 53.90 -35.38
N GLN A 234 -0.53 54.51 -36.46
CA GLN A 234 0.87 54.88 -36.60
C GLN A 234 1.02 56.33 -37.04
N VAL A 235 2.21 56.86 -36.82
CA VAL A 235 2.55 58.23 -37.16
C VAL A 235 3.83 58.20 -37.99
N VAL A 236 3.83 58.92 -39.12
CA VAL A 236 5.03 59.03 -39.92
C VAL A 236 6.06 59.86 -39.17
N ASP A 237 7.23 59.27 -38.94
CA ASP A 237 8.32 59.98 -38.27
C ASP A 237 9.41 60.44 -39.23
N GLU A 238 9.63 59.72 -40.33
CA GLU A 238 10.69 60.07 -41.26
C GLU A 238 10.33 59.57 -42.65
N ILE A 239 10.68 60.36 -43.66
CA ILE A 239 10.38 60.07 -45.06
C ILE A 239 11.71 60.01 -45.78
N PHE A 240 12.19 58.80 -46.06
CA PHE A 240 13.50 58.66 -46.71
C PHE A 240 13.41 58.89 -48.21
N ASN A 241 12.27 58.59 -48.82
CA ASN A 241 12.05 58.76 -50.26
C ASN A 241 10.76 59.55 -50.44
N GLU A 242 10.88 60.86 -50.69
CA GLU A 242 9.68 61.68 -50.80
C GLU A 242 8.89 61.34 -52.05
N TYR A 243 9.57 61.01 -53.15
CA TYR A 243 8.88 60.66 -54.38
C TYR A 243 8.00 59.43 -54.18
N ALA A 244 8.56 58.37 -53.57
CA ALA A 244 7.77 57.17 -53.31
C ALA A 244 6.65 57.45 -52.32
N ALA A 245 6.94 58.20 -51.25
CA ALA A 245 5.92 58.52 -50.27
C ALA A 245 4.79 59.35 -50.89
N LYS A 246 5.14 60.30 -51.75
CA LYS A 246 4.11 61.11 -52.41
C LYS A 246 3.21 60.23 -53.27
N LYS A 247 3.79 59.27 -54.00
CA LYS A 247 2.98 58.33 -54.77
C LYS A 247 2.09 57.49 -53.86
N MET A 248 2.55 57.22 -52.64
CA MET A 248 1.77 56.48 -51.65
C MET A 248 0.83 57.37 -50.86
N GLY A 249 0.87 58.68 -51.07
CA GLY A 249 -0.02 59.59 -50.38
C GLY A 249 0.49 60.15 -49.07
N ILE A 250 1.75 59.91 -48.73
CA ILE A 250 2.33 60.37 -47.47
C ILE A 250 3.00 61.72 -47.73
N ASP A 251 2.46 62.78 -47.12
CA ASP A 251 2.88 64.14 -47.41
C ASP A 251 3.82 64.72 -46.36
N HIS A 252 3.61 64.41 -45.08
CA HIS A 252 4.36 65.11 -44.04
C HIS A 252 4.63 64.19 -42.86
N LYS A 253 5.73 64.46 -42.18
CA LYS A 253 5.98 63.89 -40.87
C LYS A 253 4.87 64.30 -39.91
N GLY A 254 4.34 63.32 -39.18
CA GLY A 254 3.21 63.53 -38.30
C GLY A 254 1.90 62.98 -38.85
N GLN A 255 1.89 62.56 -40.10
CA GLN A 255 0.67 62.00 -40.70
C GLN A 255 0.34 60.65 -40.08
N VAL A 256 -0.95 60.41 -39.86
CA VAL A 256 -1.40 59.21 -39.17
C VAL A 256 -1.71 58.12 -40.20
N CYS A 257 -1.23 56.91 -39.94
CA CYS A 257 -1.49 55.75 -40.75
C CYS A 257 -2.00 54.61 -39.87
N VAL A 258 -2.61 53.62 -40.51
CA VAL A 258 -3.10 52.43 -39.83
C VAL A 258 -2.54 51.20 -40.54
N MET A 259 -1.91 50.32 -39.78
CA MET A 259 -1.32 49.10 -40.31
C MET A 259 -2.05 47.90 -39.71
N ILE A 260 -2.53 47.01 -40.58
CA ILE A 260 -3.34 45.87 -40.20
C ILE A 260 -2.64 44.60 -40.67
N HIS A 261 -2.64 43.59 -39.80
CA HIS A 261 -1.97 42.32 -40.05
C HIS A 261 -2.92 41.18 -39.68
N SER A 262 -3.38 40.43 -40.67
CA SER A 262 -4.30 39.32 -40.47
C SER A 262 -4.27 38.44 -41.72
N GLY A 263 -4.74 37.21 -41.57
CA GLY A 263 -4.59 36.20 -42.59
C GLY A 263 -5.90 35.49 -42.89
N SER A 264 -5.77 34.22 -43.27
CA SER A 264 -6.88 33.39 -43.72
C SER A 264 -7.60 32.67 -42.58
N ARG A 265 -7.16 32.85 -41.34
CA ARG A 265 -7.84 32.33 -40.15
C ARG A 265 -7.95 30.80 -40.26
N GLY A 266 -9.00 30.23 -39.67
CA GLY A 266 -9.11 28.78 -39.59
C GLY A 266 -9.31 28.10 -40.92
N LEU A 267 -9.90 28.80 -41.89
CA LEU A 267 -10.07 28.23 -43.23
C LEU A 267 -8.72 27.95 -43.86
N GLY A 268 -7.82 28.93 -43.84
CA GLY A 268 -6.49 28.72 -44.41
C GLY A 268 -5.68 27.71 -43.62
N HIS A 269 -5.82 27.70 -42.29
CA HIS A 269 -5.14 26.69 -41.48
C HIS A 269 -5.59 25.29 -41.86
N GLN A 270 -6.90 25.10 -42.06
CA GLN A 270 -7.42 23.79 -42.41
C GLN A 270 -7.03 23.39 -43.83
N VAL A 271 -7.06 24.35 -44.75
CA VAL A 271 -6.65 24.07 -46.13
C VAL A 271 -5.23 23.54 -46.17
N ALA A 272 -4.33 24.19 -45.41
CA ALA A 272 -2.95 23.71 -45.32
C ALA A 272 -2.89 22.35 -44.63
N THR A 273 -3.67 22.17 -43.56
CA THR A 273 -3.68 20.91 -42.84
C THR A 273 -4.18 19.77 -43.72
N ASP A 274 -5.31 20.00 -44.42
CA ASP A 274 -5.84 18.99 -45.32
C ASP A 274 -4.82 18.63 -46.40
N ALA A 275 -4.13 19.64 -46.93
CA ALA A 275 -3.15 19.37 -47.99
C ALA A 275 -1.99 18.54 -47.47
N LEU A 276 -1.48 18.89 -46.28
CA LEU A 276 -0.36 18.12 -45.70
C LEU A 276 -0.74 16.66 -45.53
N VAL A 277 -1.98 16.40 -45.12
CA VAL A 277 -2.43 15.02 -44.97
C VAL A 277 -2.49 14.32 -46.33
N ALA A 278 -2.92 15.04 -47.37
CA ALA A 278 -2.97 14.46 -48.69
C ALA A 278 -1.57 14.17 -49.23
N MET A 279 -0.61 15.07 -48.94
CA MET A 279 0.76 14.87 -49.39
C MET A 279 1.38 13.64 -48.76
N GLU A 280 1.13 13.42 -47.46
CA GLU A 280 1.63 12.22 -46.81
C GLU A 280 1.08 10.96 -47.47
N LYS A 281 -0.22 10.98 -47.80
CA LYS A 281 -0.82 9.85 -48.50
C LYS A 281 -0.21 9.68 -49.88
N ALA A 282 0.03 10.79 -50.58
CA ALA A 282 0.61 10.72 -51.93
C ALA A 282 2.05 10.23 -51.90
N MET A 283 2.80 10.54 -50.83
CA MET A 283 4.20 10.11 -50.75
C MET A 283 4.32 8.60 -50.55
N LYS A 284 3.26 7.93 -50.12
CA LYS A 284 3.27 6.46 -50.16
C LYS A 284 3.30 5.97 -51.60
N ARG A 285 2.62 6.67 -52.50
CA ARG A 285 2.63 6.36 -53.92
C ARG A 285 3.94 6.78 -54.55
N ASP A 286 4.16 8.09 -54.68
CA ASP A 286 5.42 8.64 -55.17
C ASP A 286 6.24 9.07 -53.95
N LYS A 287 7.24 8.26 -53.60
CA LYS A 287 8.00 8.44 -52.36
C LYS A 287 9.10 9.47 -52.59
N ILE A 288 8.82 10.71 -52.22
CA ILE A 288 9.80 11.78 -52.26
C ILE A 288 10.50 11.85 -50.90
N ILE A 289 11.82 11.84 -50.92
CA ILE A 289 12.60 11.84 -49.68
C ILE A 289 12.74 13.27 -49.18
N VAL A 290 12.24 13.54 -47.97
CA VAL A 290 12.35 14.84 -47.34
C VAL A 290 12.97 14.68 -45.97
N ASN A 291 13.78 15.65 -45.57
CA ASN A 291 14.48 15.57 -44.28
C ASN A 291 13.55 15.84 -43.10
N ASP A 292 12.45 16.55 -43.34
CA ASP A 292 11.52 16.94 -42.28
C ASP A 292 10.11 16.57 -42.73
N ARG A 293 9.36 15.91 -41.84
CA ARG A 293 8.04 15.41 -42.20
C ARG A 293 7.08 16.54 -42.52
N GLN A 294 7.27 17.72 -41.92
CA GLN A 294 6.43 18.87 -42.23
C GLN A 294 6.56 19.28 -43.68
N LEU A 295 7.70 19.00 -44.31
CA LEU A 295 7.93 19.31 -45.71
C LEU A 295 7.32 18.29 -46.67
N ALA A 296 6.33 17.53 -46.22
CA ALA A 296 5.66 16.57 -47.09
C ALA A 296 5.10 17.28 -48.32
N CYS A 297 5.39 16.73 -49.49
CA CYS A 297 5.13 17.43 -50.74
C CYS A 297 4.73 16.43 -51.82
N ALA A 298 4.27 16.97 -52.94
CA ALA A 298 3.98 16.20 -54.14
C ALA A 298 4.38 17.02 -55.35
N ARG A 299 4.54 16.33 -56.48
CA ARG A 299 4.86 17.02 -57.73
C ARG A 299 3.80 18.08 -58.01
N ILE A 300 4.23 19.20 -58.60
CA ILE A 300 3.32 20.32 -58.79
C ILE A 300 2.14 19.91 -59.65
N ALA A 301 2.40 19.14 -60.72
CA ALA A 301 1.35 18.70 -61.62
C ALA A 301 0.50 17.57 -61.05
N SER A 302 0.86 17.02 -59.87
CA SER A 302 0.07 15.97 -59.27
C SER A 302 -1.32 16.47 -58.92
N PRO A 303 -2.30 15.58 -58.80
CA PRO A 303 -3.64 16.02 -58.36
C PRO A 303 -3.62 16.67 -56.99
N GLU A 304 -2.77 16.17 -56.08
CA GLU A 304 -2.68 16.79 -54.76
C GLU A 304 -2.10 18.20 -54.85
N GLY A 305 -1.08 18.39 -55.68
CA GLY A 305 -0.48 19.71 -55.83
C GLY A 305 -1.44 20.71 -56.43
N GLN A 306 -2.13 20.32 -57.50
CA GLN A 306 -3.07 21.23 -58.15
C GLN A 306 -4.25 21.55 -57.24
N ASP A 307 -4.75 20.56 -56.50
CA ASP A 307 -5.85 20.81 -55.58
C ASP A 307 -5.43 21.76 -54.47
N TYR A 308 -4.21 21.61 -53.95
CA TYR A 308 -3.75 22.51 -52.89
C TYR A 308 -3.66 23.94 -53.40
N LEU A 309 -3.01 24.13 -54.56
CA LEU A 309 -2.82 25.48 -55.09
C LEU A 309 -4.15 26.17 -55.34
N LYS A 310 -5.15 25.42 -55.79
CA LYS A 310 -6.47 26.02 -56.02
C LYS A 310 -7.17 26.34 -54.71
N GLY A 311 -7.01 25.47 -53.70
CA GLY A 311 -7.55 25.79 -52.39
C GLY A 311 -6.77 26.89 -51.69
N MET A 312 -5.45 26.91 -51.90
CA MET A 312 -4.62 27.97 -51.36
C MET A 312 -5.04 29.33 -51.92
N ALA A 313 -5.36 29.40 -53.22
CA ALA A 313 -5.81 30.65 -53.80
C ALA A 313 -7.15 31.08 -53.21
N ALA A 314 -8.04 30.12 -52.95
CA ALA A 314 -9.30 30.46 -52.29
C ALA A 314 -9.06 30.97 -50.87
N ALA A 315 -8.13 30.35 -50.15
CA ALA A 315 -7.78 30.84 -48.82
C ALA A 315 -7.16 32.23 -48.89
N GLY A 316 -6.43 32.52 -49.98
CA GLY A 316 -5.92 33.87 -50.18
C GLY A 316 -7.03 34.88 -50.38
N ASN A 317 -8.06 34.50 -51.15
CA ASN A 317 -9.21 35.38 -51.34
C ASN A 317 -9.94 35.60 -50.02
N TYR A 318 -10.00 34.56 -49.18
CA TYR A 318 -10.55 34.73 -47.83
C TYR A 318 -9.77 35.78 -47.06
N ALA A 319 -8.43 35.71 -47.10
CA ALA A 319 -7.62 36.65 -46.33
C ALA A 319 -7.82 38.08 -46.82
N TRP A 320 -8.00 38.27 -48.13
CA TRP A 320 -8.26 39.61 -48.64
C TRP A 320 -9.62 40.12 -48.18
N VAL A 321 -10.61 39.22 -48.13
CA VAL A 321 -11.93 39.61 -47.60
C VAL A 321 -11.82 39.97 -46.13
N ASN A 322 -11.02 39.22 -45.37
CA ASN A 322 -10.88 39.49 -43.94
C ASN A 322 -10.18 40.83 -43.72
N ARG A 323 -9.13 41.12 -44.49
CA ARG A 323 -8.43 42.39 -44.32
C ARG A 323 -9.27 43.56 -44.82
N SER A 324 -10.15 43.32 -45.80
CA SER A 324 -11.12 44.35 -46.15
C SER A 324 -12.11 44.59 -45.02
N SER A 325 -12.52 43.52 -44.35
CA SER A 325 -13.39 43.67 -43.18
C SER A 325 -12.68 44.45 -42.08
N MET A 326 -11.39 44.16 -41.85
CA MET A 326 -10.63 44.93 -40.87
C MET A 326 -10.53 46.39 -41.27
N THR A 327 -10.40 46.66 -42.57
CA THR A 327 -10.36 48.05 -43.04
C THR A 327 -11.71 48.73 -42.85
N PHE A 328 -12.80 48.03 -43.19
CA PHE A 328 -14.13 48.58 -43.01
C PHE A 328 -14.40 48.92 -41.54
N LEU A 329 -13.99 48.03 -40.64
CA LEU A 329 -14.21 48.28 -39.22
C LEU A 329 -13.29 49.38 -38.70
N THR A 330 -12.05 49.43 -39.21
CA THR A 330 -11.15 50.52 -38.86
C THR A 330 -11.74 51.86 -39.29
N ARG A 331 -12.31 51.93 -40.50
CA ARG A 331 -12.90 53.16 -40.97
C ARG A 331 -14.12 53.55 -40.14
N GLN A 332 -14.92 52.58 -39.72
CA GLN A 332 -16.05 52.87 -38.86
C GLN A 332 -15.59 53.49 -37.54
N ALA A 333 -14.52 52.95 -36.96
CA ALA A 333 -14.04 53.44 -35.67
C ALA A 333 -13.52 54.86 -35.79
N PHE A 334 -12.71 55.14 -36.82
CA PHE A 334 -12.24 56.50 -37.06
C PHE A 334 -13.39 57.45 -37.29
N ALA A 335 -14.42 56.99 -38.02
CA ALA A 335 -15.57 57.84 -38.32
C ALA A 335 -16.31 58.21 -37.04
N LYS A 336 -16.48 57.26 -36.12
CA LYS A 336 -17.24 57.52 -34.90
C LYS A 336 -16.50 58.50 -33.99
N VAL A 337 -15.18 58.34 -33.84
CA VAL A 337 -14.42 59.20 -32.94
C VAL A 337 -14.37 60.63 -33.47
N PHE A 338 -14.12 60.79 -34.77
CA PHE A 338 -13.93 62.11 -35.36
C PHE A 338 -15.19 62.67 -36.01
N ASN A 339 -16.32 61.95 -35.94
CA ASN A 339 -17.59 62.42 -36.48
C ASN A 339 -17.44 62.88 -37.93
N THR A 340 -16.64 62.14 -38.69
CA THR A 340 -16.30 62.48 -40.05
C THR A 340 -16.33 61.21 -40.90
N THR A 341 -16.77 61.34 -42.14
CA THR A 341 -16.85 60.18 -43.02
C THR A 341 -15.43 59.65 -43.29
N PRO A 342 -15.29 58.35 -43.53
CA PRO A 342 -13.96 57.82 -43.87
C PRO A 342 -13.37 58.41 -45.13
N ASP A 343 -14.20 58.75 -46.12
CA ASP A 343 -13.69 59.40 -47.33
C ASP A 343 -13.11 60.77 -47.01
N ASP A 344 -13.80 61.55 -46.17
CA ASP A 344 -13.29 62.85 -45.75
C ASP A 344 -12.02 62.73 -44.90
N LEU A 345 -11.75 61.54 -44.35
CA LEU A 345 -10.54 61.30 -43.59
C LEU A 345 -9.42 60.69 -44.43
N ASP A 346 -9.65 60.48 -45.73
CA ASP A 346 -8.63 60.00 -46.65
C ASP A 346 -8.11 58.60 -46.27
N LEU A 347 -9.00 57.77 -45.71
CA LEU A 347 -8.63 56.44 -45.21
C LEU A 347 -8.53 55.45 -46.36
N HIS A 348 -7.53 55.68 -47.21
CA HIS A 348 -7.30 54.86 -48.38
C HIS A 348 -6.20 53.84 -48.13
N VAL A 349 -6.23 52.78 -48.93
CA VAL A 349 -5.22 51.71 -48.86
C VAL A 349 -3.97 52.17 -49.60
N ILE A 350 -2.84 52.21 -48.89
CA ILE A 350 -1.57 52.44 -49.56
C ILE A 350 -1.13 51.17 -50.29
N TYR A 351 -1.08 50.05 -49.58
CA TYR A 351 -0.79 48.76 -50.21
C TYR A 351 -1.23 47.63 -49.30
N ASP A 352 -1.41 46.47 -49.91
CA ASP A 352 -1.68 45.22 -49.21
C ASP A 352 -0.77 44.17 -49.82
N VAL A 353 0.10 43.58 -49.00
CA VAL A 353 1.09 42.62 -49.46
C VAL A 353 1.08 41.43 -48.51
N SER A 354 1.27 40.23 -49.05
CA SER A 354 1.05 39.00 -48.31
C SER A 354 2.33 38.18 -48.19
N HIS A 355 2.33 37.33 -47.17
CA HIS A 355 3.33 36.28 -46.96
C HIS A 355 2.61 34.94 -46.82
N ASN A 356 3.39 33.87 -46.71
CA ASN A 356 2.86 32.51 -46.58
C ASN A 356 1.99 32.15 -47.79
N ILE A 357 2.60 32.14 -48.97
CA ILE A 357 1.88 31.76 -50.18
C ILE A 357 2.89 31.39 -51.25
N ALA A 358 2.49 30.50 -52.16
CA ALA A 358 3.28 30.11 -53.32
C ALA A 358 2.67 30.72 -54.58
N LYS A 359 3.53 31.25 -55.45
CA LYS A 359 3.08 31.97 -56.64
C LYS A 359 3.87 31.53 -57.86
N VAL A 360 3.17 31.46 -58.99
CA VAL A 360 3.79 31.19 -60.28
C VAL A 360 4.34 32.50 -60.83
N GLU A 361 5.65 32.54 -61.07
CA GLU A 361 6.31 33.79 -61.44
C GLU A 361 7.38 33.53 -62.47
N GLN A 362 7.62 34.55 -63.30
CA GLN A 362 8.70 34.53 -64.30
C GLN A 362 9.96 35.10 -63.67
N HIS A 363 11.04 34.33 -63.70
CA HIS A 363 12.33 34.76 -63.18
C HIS A 363 13.43 34.23 -64.07
N VAL A 364 14.50 35.02 -64.20
CA VAL A 364 15.66 34.61 -64.98
C VAL A 364 16.56 33.77 -64.08
N VAL A 365 16.86 32.56 -64.51
CA VAL A 365 17.75 31.64 -63.79
C VAL A 365 18.89 31.26 -64.74
N ASP A 366 20.09 31.73 -64.41
CA ASP A 366 21.30 31.45 -65.20
C ASP A 366 21.10 31.86 -66.66
N GLY A 367 20.61 33.09 -66.85
CA GLY A 367 20.45 33.67 -68.17
C GLY A 367 19.21 33.26 -68.92
N LYS A 368 18.41 32.34 -68.39
CA LYS A 368 17.23 31.83 -69.08
C LYS A 368 15.99 32.19 -68.26
N GLU A 369 14.98 32.75 -68.93
CA GLU A 369 13.71 32.98 -68.27
C GLU A 369 13.02 31.66 -67.99
N ARG A 370 12.53 31.50 -66.76
CA ARG A 370 11.91 30.25 -66.35
C ARG A 370 10.63 30.56 -65.58
N THR A 371 9.74 29.58 -65.55
CA THR A 371 8.47 29.67 -64.83
C THR A 371 8.63 28.91 -63.52
N LEU A 372 8.60 29.65 -62.41
CA LEU A 372 8.90 29.10 -61.09
C LEU A 372 7.69 29.20 -60.16
N LEU A 373 7.56 28.21 -59.28
CA LEU A 373 6.60 28.23 -58.18
C LEU A 373 7.36 28.71 -56.94
N VAL A 374 7.16 29.97 -56.59
CA VAL A 374 7.98 30.62 -55.56
C VAL A 374 7.27 30.48 -54.22
N HIS A 375 7.86 29.69 -53.33
CA HIS A 375 7.37 29.59 -51.95
C HIS A 375 7.96 30.71 -51.11
N ARG A 376 7.11 31.46 -50.44
CA ARG A 376 7.55 32.52 -49.52
C ARG A 376 6.90 32.30 -48.16
N LYS A 377 7.68 31.79 -47.20
CA LYS A 377 7.22 31.61 -45.83
C LYS A 377 7.74 32.77 -44.99
N GLY A 378 6.83 33.55 -44.42
CA GLY A 378 7.23 34.70 -43.64
C GLY A 378 8.01 35.72 -44.44
N SER A 379 7.79 35.77 -45.75
CA SER A 379 8.50 36.68 -46.64
C SER A 379 7.55 37.04 -47.77
N THR A 380 7.78 38.21 -48.37
CA THR A 380 6.82 38.79 -49.31
C THR A 380 7.49 39.11 -50.63
N ARG A 381 6.66 39.39 -51.63
CA ARG A 381 7.15 39.94 -52.89
C ARG A 381 7.74 41.32 -52.67
N ALA A 382 8.81 41.63 -53.41
CA ALA A 382 9.44 42.94 -53.41
C ALA A 382 9.80 43.27 -54.85
N PHE A 383 8.77 43.45 -55.67
CA PHE A 383 8.98 43.55 -57.10
C PHE A 383 9.56 44.91 -57.48
N PRO A 384 10.39 44.96 -58.52
CA PRO A 384 11.12 46.18 -58.84
C PRO A 384 10.27 47.15 -59.63
N PRO A 385 10.79 48.35 -59.93
CA PRO A 385 10.10 49.23 -60.88
C PRO A 385 9.90 48.56 -62.23
N HIS A 386 8.82 48.94 -62.90
CA HIS A 386 8.48 48.47 -64.25
C HIS A 386 8.18 46.97 -64.28
N HIS A 387 7.68 46.42 -63.17
CA HIS A 387 7.27 45.02 -63.20
C HIS A 387 5.82 44.92 -63.64
N PRO A 388 5.48 43.97 -64.52
CA PRO A 388 4.10 43.91 -65.03
C PRO A 388 3.07 43.54 -63.98
N LEU A 389 3.46 42.89 -62.89
CA LEU A 389 2.54 42.45 -61.86
C LEU A 389 2.35 43.49 -60.75
N ILE A 390 2.70 44.74 -61.01
CA ILE A 390 2.59 45.83 -60.04
C ILE A 390 1.61 46.86 -60.55
N ALA A 391 0.76 47.37 -59.66
CA ALA A 391 -0.22 48.38 -60.05
C ALA A 391 0.46 49.59 -60.67
N VAL A 392 -0.30 50.33 -61.49
CA VAL A 392 0.26 51.40 -62.29
C VAL A 392 0.87 52.49 -61.40
N ASP A 393 0.23 52.77 -60.27
CA ASP A 393 0.70 53.86 -59.40
C ASP A 393 2.08 53.60 -58.81
N TYR A 394 2.56 52.35 -58.85
CA TYR A 394 3.85 52.00 -58.28
C TYR A 394 4.81 51.46 -59.32
N GLN A 395 4.51 51.66 -60.61
CA GLN A 395 5.40 51.20 -61.67
C GLN A 395 6.75 51.89 -61.62
N LEU A 396 6.79 53.15 -61.20
CA LEU A 396 8.04 53.90 -61.18
C LEU A 396 8.76 53.84 -59.84
N THR A 397 8.00 53.78 -58.74
CA THR A 397 8.62 53.67 -57.43
C THR A 397 9.10 52.26 -57.13
N GLY A 398 8.44 51.26 -57.71
CA GLY A 398 8.61 49.89 -57.27
C GLY A 398 7.52 49.49 -56.29
N GLN A 399 7.46 48.21 -56.00
CA GLN A 399 6.40 47.68 -55.16
C GLN A 399 6.58 48.14 -53.72
N PRO A 400 5.53 48.63 -53.05
CA PRO A 400 5.66 48.97 -51.64
C PRO A 400 5.90 47.73 -50.79
N VAL A 401 6.78 47.88 -49.81
CA VAL A 401 7.09 46.81 -48.86
C VAL A 401 6.71 47.28 -47.47
N LEU A 402 6.03 46.43 -46.71
CA LEU A 402 5.55 46.76 -45.38
C LEU A 402 6.22 45.85 -44.37
N ILE A 403 7.06 46.41 -43.51
CA ILE A 403 7.78 45.67 -42.48
C ILE A 403 7.32 46.21 -41.13
N GLY A 404 6.48 45.44 -40.43
CA GLY A 404 6.04 45.82 -39.12
C GLY A 404 7.05 45.41 -38.06
N GLY A 405 7.34 46.32 -37.15
CA GLY A 405 8.28 46.04 -36.08
C GLY A 405 7.59 45.46 -34.86
N THR A 406 7.30 46.29 -33.85
CA THR A 406 6.56 45.85 -32.68
C THR A 406 5.56 46.94 -32.31
N MET A 407 4.75 46.64 -31.28
CA MET A 407 3.82 47.61 -30.74
C MET A 407 4.51 48.73 -29.96
N GLY A 408 5.83 48.65 -29.74
CA GLY A 408 6.50 49.66 -28.95
C GLY A 408 7.76 50.25 -29.55
N THR A 409 8.05 49.95 -30.83
CA THR A 409 9.25 50.46 -31.47
C THR A 409 8.85 51.17 -32.75
N CYS A 410 9.04 50.54 -33.91
CA CYS A 410 8.89 51.22 -35.19
C CYS A 410 8.32 50.25 -36.24
N SER A 411 7.84 50.82 -37.33
CA SER A 411 7.50 50.07 -38.53
C SER A 411 8.02 50.86 -39.72
N TYR A 412 8.23 50.16 -40.83
CA TYR A 412 8.87 50.78 -41.99
C TYR A 412 8.11 50.44 -43.27
N VAL A 413 8.18 51.36 -44.22
CA VAL A 413 7.74 51.14 -45.60
C VAL A 413 8.96 51.19 -46.49
N LEU A 414 9.07 50.22 -47.40
CA LEU A 414 10.18 50.15 -48.34
C LEU A 414 9.63 49.92 -49.74
N THR A 415 10.54 49.91 -50.73
CA THR A 415 10.18 49.65 -52.12
C THR A 415 11.08 48.56 -52.68
N GLY A 416 10.50 47.70 -53.51
CA GLY A 416 11.29 46.69 -54.18
C GLY A 416 12.30 47.27 -55.14
N THR A 417 13.40 46.55 -55.33
CA THR A 417 14.51 47.01 -56.14
C THR A 417 14.82 45.99 -57.23
N GLU A 418 15.53 46.45 -58.25
CA GLU A 418 15.97 45.55 -59.31
C GLU A 418 16.99 44.53 -58.79
N GLN A 419 17.81 44.92 -57.81
CA GLN A 419 18.76 43.99 -57.22
C GLN A 419 18.07 42.93 -56.40
N GLY A 420 16.95 43.28 -55.75
CA GLY A 420 16.16 42.26 -55.07
C GLY A 420 15.54 41.28 -56.04
N MET A 421 15.09 41.78 -57.20
CA MET A 421 14.56 40.89 -58.24
C MET A 421 15.63 39.92 -58.72
N THR A 422 16.89 40.33 -58.72
CA THR A 422 17.97 39.49 -59.22
C THR A 422 18.46 38.51 -58.17
N GLU A 423 18.63 38.96 -56.92
CA GLU A 423 19.27 38.14 -55.90
C GLU A 423 18.30 37.21 -55.17
N THR A 424 17.10 37.69 -54.87
CA THR A 424 16.17 36.94 -54.01
C THR A 424 14.85 36.63 -54.71
N PHE A 425 14.82 36.68 -56.05
CA PHE A 425 13.58 36.50 -56.81
C PHE A 425 12.52 37.51 -56.37
N GLY A 426 12.96 38.72 -56.06
CA GLY A 426 12.05 39.75 -55.60
C GLY A 426 11.38 39.44 -54.28
N THR A 427 12.15 38.94 -53.31
CA THR A 427 11.62 38.57 -52.00
C THR A 427 12.25 39.44 -50.92
N THR A 428 11.40 39.90 -50.00
CA THR A 428 11.83 40.60 -48.80
C THR A 428 10.98 40.07 -47.64
N CYS A 429 11.07 40.71 -46.49
CA CYS A 429 10.36 40.23 -45.31
C CYS A 429 9.15 41.11 -45.00
N HIS A 430 8.32 40.61 -44.08
CA HIS A 430 7.12 41.30 -43.64
C HIS A 430 7.23 41.90 -42.24
N GLY A 431 8.33 41.64 -41.55
CA GLY A 431 8.47 42.13 -40.19
C GLY A 431 9.87 41.88 -39.68
N ALA A 432 10.04 42.10 -38.37
CA ALA A 432 11.36 41.93 -37.77
C ALA A 432 11.69 40.48 -37.46
N GLY A 433 10.67 39.66 -37.19
CA GLY A 433 10.89 38.32 -36.70
C GLY A 433 11.18 38.31 -35.20
N ARG A 434 11.11 37.13 -34.62
CA ARG A 434 11.28 36.98 -33.18
C ARG A 434 12.74 36.76 -32.81
N ALA A 435 13.17 37.41 -31.73
CA ALA A 435 14.45 37.14 -31.10
C ALA A 435 14.34 36.21 -29.90
N LEU A 436 13.24 36.28 -29.16
CA LEU A 436 12.98 35.40 -28.03
C LEU A 436 11.73 34.58 -28.33
N SER A 437 11.78 33.30 -27.98
CA SER A 437 10.56 32.50 -27.99
C SER A 437 9.57 33.07 -26.97
N ARG A 438 8.29 32.73 -27.16
CA ARG A 438 7.28 33.13 -26.18
C ARG A 438 7.61 32.61 -24.80
N ALA A 439 8.12 31.38 -24.72
CA ALA A 439 8.47 30.80 -23.42
C ALA A 439 9.63 31.53 -22.78
N LYS A 440 10.63 31.91 -23.58
CA LYS A 440 11.78 32.64 -23.04
C LYS A 440 11.41 34.07 -22.68
N SER A 441 10.44 34.67 -23.39
CA SER A 441 9.99 36.01 -23.05
C SER A 441 9.34 36.04 -21.68
N ARG A 442 8.62 34.97 -21.32
CA ARG A 442 7.99 34.92 -20.01
C ARG A 442 9.02 34.92 -18.89
N ARG A 443 10.15 34.24 -19.10
CA ARG A 443 11.18 34.16 -18.07
C ARG A 443 11.89 35.50 -17.87
N ASN A 444 12.03 36.29 -18.94
CA ASN A 444 12.83 37.50 -18.89
C ASN A 444 12.02 38.76 -18.62
N LEU A 445 10.71 38.73 -18.83
CA LEU A 445 9.90 39.93 -18.81
C LEU A 445 8.66 39.73 -17.95
N ASP A 446 8.17 40.83 -17.39
CA ASP A 446 6.97 40.87 -16.57
C ASP A 446 5.90 41.68 -17.27
N PHE A 447 4.66 41.20 -17.20
CA PHE A 447 3.59 41.83 -17.97
C PHE A 447 3.37 43.28 -17.53
N GLN A 448 3.56 43.57 -16.25
CA GLN A 448 3.35 44.92 -15.76
C GLN A 448 4.44 45.86 -16.25
N ASP A 449 5.68 45.37 -16.36
CA ASP A 449 6.76 46.20 -16.88
C ASP A 449 6.51 46.56 -18.34
N VAL A 450 5.96 45.64 -19.12
CA VAL A 450 5.70 45.91 -20.52
C VAL A 450 4.58 46.93 -20.68
N LEU A 451 3.48 46.75 -19.93
CA LEU A 451 2.36 47.69 -20.04
C LEU A 451 2.77 49.09 -19.61
N ASP A 452 3.58 49.20 -18.55
CA ASP A 452 3.94 50.52 -18.02
C ASP A 452 4.86 51.27 -18.96
N LYS A 453 5.86 50.58 -19.51
CA LYS A 453 6.77 51.22 -20.45
C LYS A 453 6.02 51.72 -21.68
N LEU A 454 5.03 50.96 -22.13
CA LEU A 454 4.21 51.38 -23.27
C LEU A 454 3.38 52.61 -22.92
N ALA A 455 2.87 52.68 -21.70
CA ALA A 455 2.13 53.86 -21.26
C ALA A 455 3.05 55.06 -21.13
N ASP A 456 4.26 54.85 -20.59
CA ASP A 456 5.23 55.93 -20.50
C ASP A 456 5.62 56.47 -21.87
N MET A 457 5.49 55.64 -22.91
CA MET A 457 5.75 56.06 -24.28
C MET A 457 4.53 56.67 -24.96
N GLY A 458 3.42 56.80 -24.24
CA GLY A 458 2.21 57.37 -24.83
C GLY A 458 1.55 56.49 -25.86
N ILE A 459 1.79 55.18 -25.81
CA ILE A 459 1.17 54.22 -26.72
C ILE A 459 -0.06 53.65 -26.02
N ALA A 460 -1.22 53.72 -26.68
CA ALA A 460 -2.44 53.15 -26.14
C ALA A 460 -2.58 51.71 -26.59
N ILE A 461 -3.02 50.85 -25.67
CA ILE A 461 -3.05 49.41 -25.91
C ILE A 461 -4.39 48.83 -25.46
N ARG A 462 -4.97 47.98 -26.29
CA ARG A 462 -6.10 47.13 -25.93
C ARG A 462 -5.77 45.72 -26.41
N VAL A 463 -5.58 44.79 -25.48
CA VAL A 463 -5.25 43.41 -25.82
C VAL A 463 -6.23 42.47 -25.14
N ALA A 464 -6.38 41.28 -25.72
CA ALA A 464 -7.38 40.32 -25.23
C ALA A 464 -6.98 39.73 -23.88
N SER A 465 -5.67 39.64 -23.61
CA SER A 465 -5.18 39.05 -22.36
C SER A 465 -3.96 39.82 -21.90
N PRO A 466 -4.15 40.85 -21.06
CA PRO A 466 -3.02 41.72 -20.69
C PRO A 466 -1.91 41.01 -19.92
N LYS A 467 -2.22 39.94 -19.18
CA LYS A 467 -1.20 39.27 -18.39
C LYS A 467 -0.34 38.31 -19.19
N LEU A 468 -0.55 38.22 -20.50
CA LEU A 468 0.32 37.49 -21.41
C LEU A 468 1.04 38.41 -22.38
N VAL A 469 0.98 39.73 -22.17
CA VAL A 469 1.54 40.67 -23.12
C VAL A 469 3.05 40.61 -23.18
N MET A 470 3.70 39.97 -22.20
CA MET A 470 5.15 39.87 -22.23
C MET A 470 5.63 38.96 -23.36
N GLU A 471 4.81 38.00 -23.77
CA GLU A 471 5.15 37.14 -24.89
C GLU A 471 5.14 37.88 -26.23
N GLU A 472 4.56 39.07 -26.28
CA GLU A 472 4.55 39.91 -27.48
C GLU A 472 5.28 41.23 -27.25
N ALA A 473 6.20 41.26 -26.28
CA ALA A 473 6.88 42.50 -25.94
C ALA A 473 7.85 42.89 -27.05
N PRO A 474 8.16 44.19 -27.18
CA PRO A 474 9.14 44.61 -28.19
C PRO A 474 10.50 43.94 -28.02
N GLU A 475 10.89 43.61 -26.79
CA GLU A 475 12.14 42.91 -26.55
C GLU A 475 12.13 41.48 -27.05
N SER A 476 10.95 40.96 -27.42
CA SER A 476 10.84 39.59 -27.93
C SER A 476 11.18 39.49 -29.40
N TYR A 477 11.15 40.60 -30.13
CA TYR A 477 11.40 40.62 -31.56
C TYR A 477 12.76 41.24 -31.85
N LYS A 478 13.28 40.95 -33.04
CA LYS A 478 14.51 41.58 -33.48
C LYS A 478 14.32 43.10 -33.56
N ASN A 479 15.44 43.81 -33.49
CA ASN A 479 15.39 45.24 -33.78
C ASN A 479 14.98 45.43 -35.23
N VAL A 480 13.83 46.07 -35.44
CA VAL A 480 13.30 46.22 -36.80
C VAL A 480 14.20 47.10 -37.64
N THR A 481 14.89 48.07 -37.02
CA THR A 481 15.79 48.93 -37.77
C THR A 481 16.97 48.15 -38.32
N ASP A 482 17.48 47.18 -37.55
CA ASP A 482 18.57 46.35 -38.06
C ASP A 482 18.09 45.45 -39.19
N VAL A 483 16.87 44.94 -39.10
CA VAL A 483 16.30 44.15 -40.19
C VAL A 483 16.13 45.01 -41.44
N VAL A 484 15.58 46.20 -41.26
CA VAL A 484 15.35 47.10 -42.39
C VAL A 484 16.67 47.58 -42.97
N ASN A 485 17.66 47.84 -42.12
CA ASN A 485 18.98 48.24 -42.62
C ASN A 485 19.66 47.12 -43.38
N THR A 486 19.44 45.86 -42.99
CA THR A 486 20.01 44.75 -43.73
C THR A 486 19.41 44.67 -45.13
N CYS A 487 18.08 44.81 -45.23
CA CYS A 487 17.44 44.84 -46.55
C CYS A 487 17.99 45.99 -47.39
N HIS A 488 18.11 47.17 -46.79
CA HIS A 488 18.58 48.34 -47.52
C HIS A 488 20.02 48.16 -47.99
N ASP A 489 20.91 47.82 -47.06
CA ASP A 489 22.33 47.72 -47.42
C ASP A 489 22.61 46.54 -48.33
N ALA A 490 21.78 45.50 -48.29
CA ALA A 490 21.91 44.41 -49.23
C ALA A 490 21.28 44.74 -50.59
N GLY A 491 20.50 45.81 -50.67
CA GLY A 491 19.89 46.19 -51.93
C GLY A 491 18.64 45.42 -52.31
N ILE A 492 18.09 44.62 -51.40
CA ILE A 492 16.88 43.86 -51.70
C ILE A 492 15.61 44.63 -51.36
N SER A 493 15.73 45.78 -50.70
CA SER A 493 14.62 46.69 -50.47
C SER A 493 15.20 48.06 -50.16
N LYS A 494 14.42 49.10 -50.43
CA LYS A 494 14.88 50.48 -50.33
C LYS A 494 13.98 51.26 -49.39
N LYS A 495 14.58 51.89 -48.38
CA LYS A 495 13.81 52.55 -47.33
C LYS A 495 13.01 53.73 -47.90
N ALA A 496 11.77 53.86 -47.45
CA ALA A 496 10.89 54.93 -47.92
C ALA A 496 10.31 55.73 -46.77
N ILE A 497 9.69 55.05 -45.82
CA ILE A 497 8.98 55.69 -44.72
C ILE A 497 9.29 54.97 -43.42
N LYS A 498 9.41 55.74 -42.33
CA LYS A 498 9.51 55.20 -40.98
C LYS A 498 8.29 55.65 -40.18
N LEU A 499 7.61 54.70 -39.56
CA LEU A 499 6.39 54.96 -38.81
C LEU A 499 6.59 54.60 -37.34
N ARG A 500 5.76 55.19 -36.49
CA ARG A 500 5.83 55.01 -35.05
C ARG A 500 4.44 54.71 -34.50
N PRO A 501 4.27 53.63 -33.74
CA PRO A 501 2.94 53.32 -33.20
C PRO A 501 2.53 54.29 -32.10
N ILE A 502 1.25 54.62 -32.10
CA ILE A 502 0.65 55.33 -30.98
C ILE A 502 -0.51 54.58 -30.35
N ALA A 503 -1.12 53.62 -31.05
CA ALA A 503 -2.18 52.80 -30.49
C ALA A 503 -2.18 51.46 -31.21
N VAL A 504 -2.39 50.38 -30.46
CA VAL A 504 -2.35 49.03 -31.02
C VAL A 504 -3.43 48.20 -30.34
N ILE A 505 -4.12 47.38 -31.12
CA ILE A 505 -5.02 46.36 -30.59
C ILE A 505 -4.51 45.00 -31.05
N LYS A 506 -4.47 44.05 -30.13
CA LYS A 506 -3.95 42.72 -30.39
C LYS A 506 -4.81 41.69 -29.67
N GLY A 507 -4.77 40.46 -30.17
CA GLY A 507 -5.56 39.38 -29.61
C GLY A 507 -4.73 38.27 -28.99
N ALA B 32 9.66 10.47 -10.77
CA ALA B 32 10.62 11.02 -11.71
C ALA B 32 10.19 12.39 -12.19
N VAL B 33 11.12 13.35 -12.21
CA VAL B 33 10.84 14.66 -12.77
C VAL B 33 10.96 14.56 -14.29
N MET B 34 9.87 14.87 -14.99
CA MET B 34 9.88 14.87 -16.45
C MET B 34 9.92 16.27 -17.05
N ALA B 35 9.51 17.29 -16.29
CA ALA B 35 9.65 18.67 -16.75
C ALA B 35 11.12 19.00 -17.01
N GLN B 36 11.39 19.61 -18.15
CA GLN B 36 12.73 20.08 -18.47
C GLN B 36 12.97 21.53 -18.07
N GLU B 37 11.92 22.24 -17.68
CA GLU B 37 12.01 23.61 -17.22
C GLU B 37 11.30 23.75 -15.89
N GLU B 38 11.62 24.82 -15.16
CA GLU B 38 10.87 25.14 -13.96
C GLU B 38 9.46 25.57 -14.34
N GLU B 39 8.53 25.39 -13.40
CA GLU B 39 7.13 25.61 -13.71
C GLU B 39 6.85 27.11 -13.93
N ASP B 40 6.26 27.42 -15.07
CA ASP B 40 5.80 28.76 -15.38
C ASP B 40 4.33 28.66 -15.78
N VAL B 41 3.44 29.11 -14.91
CA VAL B 41 2.01 28.97 -15.12
C VAL B 41 1.48 30.21 -15.80
N ARG B 42 0.77 30.03 -16.92
CA ARG B 42 0.24 31.15 -17.66
C ARG B 42 -0.97 31.74 -16.94
N ASP B 43 -1.01 33.08 -16.88
CA ASP B 43 -2.03 33.81 -16.14
C ASP B 43 -3.05 34.37 -17.12
N TYR B 44 -4.32 33.98 -16.93
CA TYR B 44 -5.38 34.34 -17.86
C TYR B 44 -6.29 35.43 -17.32
N ASN B 45 -5.86 36.16 -16.29
CA ASN B 45 -6.56 37.33 -15.80
C ASN B 45 -8.00 36.98 -15.38
N LEU B 46 -8.09 36.04 -14.45
CA LEU B 46 -9.38 35.47 -14.08
C LEU B 46 -10.24 36.48 -13.34
N THR B 47 -11.52 36.52 -13.69
CA THR B 47 -12.50 37.25 -12.92
C THR B 47 -12.85 36.45 -11.66
N GLU B 48 -13.53 37.12 -10.72
CA GLU B 48 -13.88 36.46 -9.47
C GLU B 48 -14.89 35.33 -9.70
N GLU B 49 -15.82 35.51 -10.62
CA GLU B 49 -16.75 34.44 -10.96
C GLU B 49 -16.02 33.25 -11.57
N GLN B 50 -15.05 33.51 -12.45
CA GLN B 50 -14.24 32.44 -13.01
C GLN B 50 -13.42 31.75 -11.94
N LYS B 51 -12.83 32.53 -11.02
CA LYS B 51 -12.12 31.93 -9.90
C LYS B 51 -13.05 31.06 -9.06
N ALA B 52 -14.31 31.46 -8.94
CA ALA B 52 -15.27 30.68 -8.17
C ALA B 52 -15.66 29.40 -8.89
N ILE B 53 -15.80 29.47 -10.22
CA ILE B 53 -16.11 28.27 -11.00
C ILE B 53 -14.99 27.26 -10.88
N LYS B 54 -13.74 27.73 -10.96
CA LYS B 54 -12.60 26.82 -10.83
C LYS B 54 -12.51 26.23 -9.42
N ALA B 55 -12.96 26.98 -8.42
CA ALA B 55 -12.76 26.56 -7.03
C ALA B 55 -13.60 25.36 -6.64
N LYS B 56 -14.70 25.08 -7.35
CA LYS B 56 -15.65 24.06 -6.92
C LYS B 56 -15.44 22.71 -7.59
N TYR B 57 -14.49 22.59 -8.51
CA TYR B 57 -14.17 21.33 -9.13
C TYR B 57 -12.78 20.86 -8.72
N PRO B 58 -12.52 19.55 -8.76
CA PRO B 58 -11.19 19.04 -8.46
C PRO B 58 -10.18 19.57 -9.45
N PRO B 59 -9.00 19.96 -8.99
CA PRO B 59 -7.99 20.51 -9.91
C PRO B 59 -7.49 19.45 -10.87
N VAL B 60 -7.27 19.86 -12.12
CA VAL B 60 -6.73 18.95 -13.12
C VAL B 60 -5.24 18.75 -12.85
N ASN B 61 -4.81 17.48 -12.86
CA ASN B 61 -3.39 17.18 -12.76
C ASN B 61 -2.73 17.53 -14.10
N ARG B 62 -1.72 18.40 -14.05
CA ARG B 62 -1.05 18.88 -15.24
C ARG B 62 0.32 18.21 -15.35
N LYS B 63 0.49 17.41 -16.40
CA LYS B 63 1.78 16.81 -16.71
C LYS B 63 2.28 17.34 -18.04
N TYR B 64 2.37 18.67 -18.16
CA TYR B 64 2.85 19.28 -19.39
C TYR B 64 3.54 20.59 -19.09
N GLU B 65 4.24 21.11 -20.10
CA GLU B 65 4.95 22.37 -20.02
C GLU B 65 5.06 22.94 -21.43
N TYR B 66 5.20 24.26 -21.51
CA TYR B 66 5.33 24.96 -22.79
C TYR B 66 6.78 25.35 -22.98
N LEU B 67 7.43 24.77 -23.99
CA LEU B 67 8.87 24.88 -24.14
C LEU B 67 9.24 25.89 -25.24
N ASP B 68 10.54 26.03 -25.44
CA ASP B 68 11.10 27.09 -26.30
C ASP B 68 10.97 26.68 -27.75
N HIS B 69 10.31 27.52 -28.54
CA HIS B 69 10.39 27.49 -30.00
C HIS B 69 10.31 28.92 -30.48
N THR B 70 11.25 29.31 -31.34
CA THR B 70 11.44 30.73 -31.67
C THR B 70 10.15 31.36 -32.18
N ALA B 71 9.49 30.73 -33.15
CA ALA B 71 8.32 31.33 -33.77
C ALA B 71 7.01 30.97 -33.07
N ASP B 72 6.93 29.78 -32.48
CA ASP B 72 5.66 29.33 -31.91
C ASP B 72 5.86 28.80 -30.48
N VAL B 73 5.41 27.59 -30.20
CA VAL B 73 5.55 27.00 -28.87
C VAL B 73 5.58 25.48 -29.01
N GLN B 74 6.41 24.84 -28.19
CA GLN B 74 6.54 23.40 -28.17
C GLN B 74 5.78 22.83 -26.97
N LEU B 75 4.79 21.98 -27.25
CA LEU B 75 4.10 21.25 -26.20
C LEU B 75 4.94 20.06 -25.77
N HIS B 76 5.22 19.97 -24.46
CA HIS B 76 5.88 18.81 -23.88
C HIS B 76 4.98 18.24 -22.79
N ALA B 77 4.49 17.03 -23.00
CA ALA B 77 3.59 16.37 -22.06
C ALA B 77 4.04 14.94 -21.85
N TRP B 78 3.67 14.40 -20.69
CA TRP B 78 4.14 13.08 -20.29
C TRP B 78 3.09 12.40 -19.43
N GLY B 79 3.33 11.12 -19.15
CA GLY B 79 2.45 10.35 -18.30
C GLY B 79 3.11 9.04 -17.94
N ASP B 80 2.37 8.22 -17.20
CA ASP B 80 2.85 6.87 -16.87
C ASP B 80 2.59 5.87 -17.98
N THR B 81 1.68 6.19 -18.90
CA THR B 81 1.42 5.38 -20.07
C THR B 81 1.46 6.26 -21.32
N LEU B 82 1.55 5.63 -22.49
CA LEU B 82 1.46 6.37 -23.73
C LEU B 82 0.10 7.07 -23.85
N GLU B 83 -0.96 6.40 -23.36
CA GLU B 83 -2.29 7.01 -23.38
C GLU B 83 -2.31 8.32 -22.61
N GLU B 84 -1.68 8.34 -21.43
CA GLU B 84 -1.69 9.56 -20.63
C GLU B 84 -0.81 10.64 -21.25
N ALA B 85 0.32 10.26 -21.83
CA ALA B 85 1.17 11.22 -22.52
C ALA B 85 0.40 11.91 -23.64
N PHE B 86 -0.45 11.17 -24.36
CA PHE B 86 -1.27 11.76 -25.40
C PHE B 86 -2.33 12.70 -24.83
N GLU B 87 -3.06 12.24 -23.81
CA GLU B 87 -4.12 13.06 -23.23
C GLU B 87 -3.57 14.32 -22.57
N GLN B 88 -2.35 14.25 -22.01
CA GLN B 88 -1.76 15.45 -21.43
C GLN B 88 -1.34 16.44 -22.51
N CYS B 89 -0.94 15.94 -23.69
CA CYS B 89 -0.61 16.83 -24.79
C CYS B 89 -1.84 17.59 -25.25
N ALA B 90 -2.97 16.90 -25.36
CA ALA B 90 -4.22 17.56 -25.72
C ALA B 90 -4.60 18.59 -24.67
N MET B 91 -4.48 18.24 -23.39
CA MET B 91 -4.75 19.19 -22.33
C MET B 91 -3.74 20.34 -22.33
N ALA B 92 -2.50 20.06 -22.73
CA ALA B 92 -1.53 21.15 -22.91
C ALA B 92 -1.98 22.09 -24.00
N MET B 93 -2.49 21.54 -25.11
CA MET B 93 -2.97 22.36 -26.21
C MET B 93 -4.15 23.22 -25.78
N PHE B 94 -5.14 22.61 -25.12
CA PHE B 94 -6.30 23.37 -24.67
C PHE B 94 -5.94 24.32 -23.54
N GLY B 95 -4.94 23.97 -22.74
CA GLY B 95 -4.48 24.87 -21.69
C GLY B 95 -3.81 26.12 -22.19
N TYR B 96 -3.41 26.15 -23.46
CA TYR B 96 -2.84 27.34 -24.06
C TYR B 96 -3.89 28.30 -24.57
N MET B 97 -5.12 27.82 -24.82
CA MET B 97 -6.18 28.67 -25.34
C MET B 97 -6.92 29.42 -24.25
N THR B 98 -6.91 28.90 -23.03
CA THR B 98 -7.67 29.48 -21.92
C THR B 98 -7.21 28.79 -20.64
N ASP B 99 -7.80 29.24 -19.52
CA ASP B 99 -7.71 28.52 -18.25
C ASP B 99 -8.77 27.42 -18.28
N THR B 100 -8.34 26.18 -18.50
CA THR B 100 -9.28 25.07 -18.55
C THR B 100 -9.85 24.72 -17.19
N GLY B 101 -9.27 25.24 -16.10
CA GLY B 101 -9.88 25.07 -14.80
C GLY B 101 -11.20 25.79 -14.67
N THR B 102 -11.46 26.77 -15.52
CA THR B 102 -12.72 27.51 -15.53
C THR B 102 -13.79 26.83 -16.37
N VAL B 103 -13.50 25.67 -16.95
CA VAL B 103 -14.44 24.96 -17.80
C VAL B 103 -15.20 23.94 -16.96
N GLU B 104 -16.53 23.98 -17.05
CA GLU B 104 -17.38 23.07 -16.29
C GLU B 104 -17.65 21.79 -17.07
N PRO B 105 -17.68 20.64 -16.39
CA PRO B 105 -17.93 19.34 -17.05
C PRO B 105 -19.41 19.08 -17.28
N LEU B 106 -19.98 19.78 -18.26
CA LEU B 106 -21.41 19.68 -18.54
C LEU B 106 -21.74 18.71 -19.66
N GLN B 107 -20.78 18.35 -20.50
CA GLN B 107 -21.02 17.49 -21.64
C GLN B 107 -19.74 16.72 -21.96
N THR B 108 -19.91 15.52 -22.51
CA THR B 108 -18.78 14.65 -22.86
C THR B 108 -18.77 14.42 -24.36
N VAL B 109 -17.57 14.49 -24.95
CA VAL B 109 -17.37 14.39 -26.39
C VAL B 109 -16.35 13.29 -26.69
N GLU B 110 -16.60 12.53 -27.76
CA GLU B 110 -15.72 11.46 -28.18
C GLU B 110 -14.84 11.90 -29.34
N VAL B 111 -13.58 11.46 -29.34
CA VAL B 111 -12.67 11.67 -30.45
C VAL B 111 -11.96 10.35 -30.73
N GLU B 112 -12.28 9.73 -31.87
CA GLU B 112 -11.56 8.57 -32.38
C GLU B 112 -10.83 8.97 -33.66
N THR B 113 -9.61 8.48 -33.81
CA THR B 113 -8.82 8.79 -35.00
C THR B 113 -7.80 7.66 -35.20
N GLN B 114 -7.03 7.79 -36.28
CA GLN B 114 -6.04 6.78 -36.64
C GLN B 114 -4.91 7.45 -37.41
N GLY B 115 -3.81 6.72 -37.57
CA GLY B 115 -2.68 7.20 -38.34
C GLY B 115 -1.88 6.07 -38.95
N ASP B 116 -0.76 6.39 -39.56
CA ASP B 116 0.16 5.40 -40.10
C ASP B 116 1.29 5.06 -39.13
N ASP B 117 1.49 5.88 -38.10
CA ASP B 117 2.48 5.63 -37.07
C ASP B 117 2.10 6.47 -35.87
N LEU B 118 2.93 6.43 -34.82
CA LEU B 118 2.61 7.16 -33.59
C LEU B 118 2.60 8.66 -33.84
N GLN B 119 3.49 9.15 -34.70
CA GLN B 119 3.54 10.58 -34.97
C GLN B 119 2.27 11.06 -35.65
N SER B 120 1.83 10.36 -36.70
CA SER B 120 0.61 10.78 -37.39
C SER B 120 -0.63 10.49 -36.55
N LEU B 121 -0.59 9.47 -35.70
CA LEU B 121 -1.66 9.27 -34.74
C LEU B 121 -1.75 10.44 -33.77
N LEU B 122 -0.60 10.87 -33.23
CA LEU B 122 -0.56 12.03 -32.37
C LEU B 122 -1.01 13.29 -33.11
N PHE B 123 -0.52 13.46 -34.35
CA PHE B 123 -0.92 14.60 -35.16
C PHE B 123 -2.44 14.65 -35.32
N HIS B 124 -3.04 13.53 -35.74
CA HIS B 124 -4.48 13.52 -35.99
C HIS B 124 -5.27 13.57 -34.70
N PHE B 125 -4.75 13.00 -33.61
CA PHE B 125 -5.43 13.10 -32.33
C PHE B 125 -5.58 14.56 -31.91
N LEU B 126 -4.49 15.31 -31.95
CA LEU B 126 -4.56 16.73 -31.58
C LEU B 126 -5.35 17.53 -32.60
N ASP B 127 -5.31 17.14 -33.88
CA ASP B 127 -6.04 17.89 -34.90
C ASP B 127 -7.54 17.71 -34.74
N GLU B 128 -8.00 16.48 -34.44
CA GLU B 128 -9.42 16.26 -34.26
C GLU B 128 -9.96 17.03 -33.07
N TRP B 129 -9.19 17.09 -31.98
CA TRP B 129 -9.62 17.86 -30.82
C TRP B 129 -9.63 19.35 -31.12
N LEU B 130 -8.61 19.84 -31.83
CA LEU B 130 -8.62 21.23 -32.27
C LEU B 130 -9.85 21.53 -33.11
N TYR B 131 -10.28 20.57 -33.93
CA TYR B 131 -11.46 20.79 -34.75
C TYR B 131 -12.73 20.80 -33.91
N LYS B 132 -12.79 19.98 -32.86
CA LYS B 132 -13.93 20.02 -31.94
C LYS B 132 -14.09 21.42 -31.36
N PHE B 133 -12.98 22.08 -31.05
CA PHE B 133 -13.01 23.42 -30.49
C PHE B 133 -13.32 24.49 -31.53
N SER B 134 -12.89 24.28 -32.78
CA SER B 134 -12.89 25.35 -33.77
C SER B 134 -14.11 25.37 -34.67
N ALA B 135 -14.99 24.37 -34.58
CA ALA B 135 -16.13 24.31 -35.47
C ALA B 135 -17.26 23.54 -34.80
N ASP B 136 -18.40 23.49 -35.48
CA ASP B 136 -19.58 22.76 -35.04
C ASP B 136 -20.08 23.24 -33.68
N GLU B 137 -19.71 22.55 -32.62
CA GLU B 137 -20.21 22.86 -31.28
C GLU B 137 -19.25 23.71 -30.47
N PHE B 138 -18.06 24.01 -31.00
CA PHE B 138 -17.07 24.87 -30.35
C PHE B 138 -16.81 24.41 -28.92
N PHE B 139 -16.49 23.13 -28.79
CA PHE B 139 -16.33 22.47 -27.50
C PHE B 139 -14.91 22.61 -26.98
N ILE B 140 -14.78 22.93 -25.71
CA ILE B 140 -13.50 22.89 -25.00
C ILE B 140 -13.65 21.95 -23.80
N PRO B 141 -12.81 20.94 -23.67
CA PRO B 141 -12.85 20.09 -22.47
C PRO B 141 -11.97 20.64 -21.36
N ARG B 142 -12.43 20.47 -20.11
CA ARG B 142 -11.53 20.73 -19.00
C ARG B 142 -10.54 19.60 -18.79
N GLU B 143 -10.85 18.41 -19.32
CA GLU B 143 -9.98 17.25 -19.22
C GLU B 143 -10.21 16.34 -20.42
N VAL B 144 -9.13 15.72 -20.91
CA VAL B 144 -9.19 14.71 -21.96
C VAL B 144 -8.62 13.42 -21.39
N LYS B 145 -9.26 12.30 -21.71
CA LYS B 145 -8.74 10.99 -21.36
C LYS B 145 -8.67 10.12 -22.60
N VAL B 146 -7.51 9.54 -22.85
CA VAL B 146 -7.33 8.58 -23.94
C VAL B 146 -7.67 7.20 -23.40
N LEU B 147 -8.73 6.60 -23.95
CA LEU B 147 -9.20 5.32 -23.44
C LEU B 147 -8.40 4.14 -23.99
N SER B 148 -7.86 4.27 -25.20
CA SER B 148 -7.11 3.18 -25.80
C SER B 148 -6.27 3.72 -26.96
N ILE B 149 -5.10 3.11 -27.15
CA ILE B 149 -4.26 3.32 -28.31
C ILE B 149 -3.92 1.95 -28.88
N ASP B 150 -4.51 1.62 -30.03
CA ASP B 150 -4.15 0.40 -30.74
C ASP B 150 -2.82 0.64 -31.44
N GLN B 151 -1.76 0.03 -30.92
CA GLN B 151 -0.43 0.24 -31.48
C GLN B 151 -0.10 -0.70 -32.64
N ARG B 152 -0.96 -1.67 -32.92
CA ARG B 152 -0.78 -2.54 -34.08
C ARG B 152 -1.32 -1.92 -35.36
N ASN B 153 -2.44 -1.18 -35.27
CA ASN B 153 -3.03 -0.50 -36.41
C ASN B 153 -2.94 1.02 -36.29
N PHE B 154 -2.40 1.54 -35.19
CA PHE B 154 -2.30 2.97 -34.93
C PHE B 154 -3.68 3.63 -34.97
N LYS B 155 -4.52 3.21 -34.03
CA LYS B 155 -5.84 3.78 -33.82
C LYS B 155 -5.97 4.21 -32.36
N LEU B 156 -6.94 5.07 -32.10
CA LEU B 156 -7.06 5.69 -30.78
C LEU B 156 -8.52 6.01 -30.48
N ARG B 157 -8.89 5.83 -29.21
CA ARG B 157 -10.19 6.27 -28.69
C ARG B 157 -9.94 7.17 -27.50
N SER B 158 -10.63 8.30 -27.46
CA SER B 158 -10.46 9.25 -26.37
C SER B 158 -11.77 9.98 -26.15
N ILE B 159 -11.93 10.52 -24.94
CA ILE B 159 -13.08 11.33 -24.58
C ILE B 159 -12.59 12.58 -23.86
N GLY B 160 -13.47 13.58 -23.82
CA GLY B 160 -13.23 14.79 -23.07
C GLY B 160 -14.54 15.36 -22.54
N TRP B 161 -14.52 15.89 -21.33
CA TRP B 161 -15.71 16.49 -20.74
C TRP B 161 -15.48 17.98 -20.52
N GLY B 162 -16.53 18.76 -20.78
CA GLY B 162 -16.45 20.20 -20.68
C GLY B 162 -17.72 20.87 -21.18
N GLU B 163 -17.60 22.00 -21.85
CA GLU B 163 -18.75 22.76 -22.30
C GLU B 163 -18.36 23.54 -23.54
N GLU B 164 -19.33 24.25 -24.11
CA GLU B 164 -19.04 25.13 -25.23
C GLU B 164 -18.18 26.30 -24.76
N PHE B 165 -17.19 26.66 -25.58
CA PHE B 165 -16.35 27.79 -25.26
C PHE B 165 -17.14 29.09 -25.42
N SER B 166 -17.03 29.97 -24.42
CA SER B 166 -17.78 31.21 -24.41
C SER B 166 -16.88 32.32 -23.87
N LEU B 167 -16.85 33.45 -24.59
CA LEU B 167 -16.07 34.59 -24.15
C LEU B 167 -16.66 35.25 -22.91
N SER B 168 -17.94 34.99 -22.61
CA SER B 168 -18.55 35.49 -21.38
C SER B 168 -18.21 34.62 -20.17
N LYS B 169 -17.76 33.39 -20.39
CA LYS B 169 -17.50 32.44 -19.32
C LYS B 169 -16.05 32.04 -19.19
N HIS B 170 -15.29 32.04 -20.29
CA HIS B 170 -13.93 31.53 -20.26
C HIS B 170 -12.94 32.59 -20.72
N PRO B 171 -11.79 32.70 -20.06
CA PRO B 171 -10.82 33.74 -20.43
C PRO B 171 -10.14 33.43 -21.76
N GLN B 172 -9.61 34.48 -22.38
CA GLN B 172 -8.93 34.37 -23.66
C GLN B 172 -7.45 34.14 -23.45
N GLY B 173 -6.96 32.97 -23.86
CA GLY B 173 -5.54 32.75 -23.99
C GLY B 173 -5.08 32.98 -25.41
N THR B 174 -4.35 32.02 -25.98
CA THR B 174 -3.82 32.14 -27.33
C THR B 174 -4.52 31.15 -28.25
N GLU B 175 -5.00 31.64 -29.40
CA GLU B 175 -5.59 30.78 -30.40
C GLU B 175 -4.52 29.88 -31.03
N VAL B 176 -4.88 28.62 -31.24
CA VAL B 176 -4.00 27.66 -31.89
C VAL B 176 -4.41 27.55 -33.36
N LYS B 177 -3.45 27.75 -34.27
CA LYS B 177 -3.75 27.70 -35.69
C LYS B 177 -3.81 26.26 -36.19
N ALA B 178 -2.80 25.45 -35.86
CA ALA B 178 -2.71 24.12 -36.44
C ALA B 178 -1.67 23.31 -35.66
N ILE B 179 -1.71 22.01 -35.89
CA ILE B 179 -0.70 21.07 -35.40
C ILE B 179 0.37 20.92 -36.47
N THR B 180 1.63 20.85 -36.05
CA THR B 180 2.75 20.68 -36.97
C THR B 180 3.56 19.44 -36.60
N TYR B 181 4.33 18.96 -37.57
CA TYR B 181 5.24 17.84 -37.37
C TYR B 181 6.64 18.29 -36.95
N SER B 182 6.84 19.59 -36.73
CA SER B 182 8.19 20.12 -36.52
C SER B 182 8.81 19.54 -35.26
N ALA B 183 9.93 18.83 -35.43
CA ALA B 183 10.68 18.25 -34.30
C ALA B 183 9.78 17.40 -33.41
N MET B 184 8.72 16.83 -33.99
CA MET B 184 7.80 16.00 -33.21
C MET B 184 8.52 14.75 -32.72
N GLN B 185 8.35 14.44 -31.44
CA GLN B 185 9.02 13.31 -30.81
C GLN B 185 8.02 12.55 -29.96
N VAL B 186 7.94 11.24 -30.17
CA VAL B 186 7.08 10.36 -29.38
C VAL B 186 7.97 9.28 -28.78
N TYR B 187 8.04 9.24 -27.45
CA TYR B 187 8.84 8.26 -26.74
C TYR B 187 7.89 7.31 -26.01
N ASN B 188 7.96 6.03 -26.37
CA ASN B 188 7.04 5.01 -25.88
C ASN B 188 7.78 3.98 -25.01
N GLU B 189 8.61 4.48 -24.09
CA GLU B 189 9.32 3.59 -23.18
C GLU B 189 8.76 3.74 -21.76
N GLU B 190 9.63 3.69 -20.75
CA GLU B 190 9.15 3.54 -19.38
C GLU B 190 8.34 4.76 -18.93
N ASN B 191 8.89 5.96 -19.14
CA ASN B 191 8.20 7.20 -18.83
C ASN B 191 7.81 7.88 -20.13
N PRO B 192 6.65 7.55 -20.71
CA PRO B 192 6.31 8.06 -22.04
C PRO B 192 6.13 9.58 -22.03
N GLU B 193 6.55 10.21 -23.12
CA GLU B 193 6.46 11.66 -23.26
C GLU B 193 6.45 12.01 -24.73
N VAL B 194 5.88 13.17 -25.05
CA VAL B 194 5.80 13.65 -26.42
C VAL B 194 6.24 15.10 -26.48
N PHE B 195 6.73 15.50 -27.65
CA PHE B 195 7.06 16.90 -27.95
C PHE B 195 6.39 17.27 -29.26
N VAL B 196 5.52 18.27 -29.24
CA VAL B 196 4.82 18.72 -30.43
C VAL B 196 4.91 20.23 -30.50
N ILE B 197 5.32 20.74 -31.66
CA ILE B 197 5.27 22.18 -31.93
C ILE B 197 3.96 22.47 -32.64
N ILE B 198 3.22 23.45 -32.13
CA ILE B 198 1.94 23.86 -32.69
C ILE B 198 2.07 25.28 -33.22
N ASP B 199 1.34 25.56 -34.29
CA ASP B 199 1.42 26.88 -34.93
C ASP B 199 0.48 27.84 -34.22
N ILE B 200 1.03 28.94 -33.70
CA ILE B 200 0.23 29.98 -33.07
C ILE B 200 0.51 31.32 -33.75
N ARG C 5 18.86 22.38 -10.14
CA ARG C 5 18.53 23.13 -11.34
C ARG C 5 17.63 22.32 -12.28
N SER C 6 16.92 23.01 -13.17
CA SER C 6 16.15 22.33 -14.19
C SER C 6 17.08 21.65 -15.19
N TYR C 7 16.53 20.64 -15.88
CA TYR C 7 17.31 19.92 -16.88
C TYR C 7 17.85 20.86 -17.94
N ASN C 8 17.04 21.82 -18.39
CA ASN C 8 17.50 22.78 -19.40
C ASN C 8 18.53 23.74 -18.82
N ASP C 9 18.47 24.02 -17.52
CA ASP C 9 19.51 24.83 -16.90
C ASP C 9 20.82 24.08 -16.78
N GLU C 10 20.75 22.77 -16.54
CA GLU C 10 21.97 21.96 -16.52
C GLU C 10 22.66 21.95 -17.88
N LEU C 11 21.89 22.01 -18.97
CA LEU C 11 22.45 21.87 -20.30
C LEU C 11 23.36 23.02 -20.70
N GLN C 12 23.32 24.14 -19.98
CA GLN C 12 24.20 25.26 -20.30
C GLN C 12 25.65 24.96 -19.96
N PHE C 13 25.91 23.95 -19.14
CA PHE C 13 27.26 23.55 -18.80
C PHE C 13 27.75 22.37 -19.62
N LEU C 14 26.92 21.84 -20.52
CA LEU C 14 27.27 20.69 -21.33
C LEU C 14 27.46 21.11 -22.78
N GLU C 15 28.60 20.74 -23.36
CA GLU C 15 28.94 21.12 -24.73
C GLU C 15 29.59 19.94 -25.43
N LYS C 16 29.09 19.60 -26.62
CA LYS C 16 29.67 18.50 -27.39
C LYS C 16 30.99 18.96 -28.01
N ILE C 17 32.08 18.28 -27.66
CA ILE C 17 33.38 18.63 -28.22
C ILE C 17 33.51 18.13 -29.65
N ASN C 18 33.24 16.85 -29.86
CA ASN C 18 33.35 16.25 -31.19
C ASN C 18 32.45 15.02 -31.23
N LYS C 19 32.67 14.18 -32.24
CA LYS C 19 31.79 13.03 -32.48
C LYS C 19 31.73 12.09 -31.29
N ASN C 20 32.77 12.06 -30.45
CA ASN C 20 32.88 11.02 -29.43
C ASN C 20 33.22 11.57 -28.05
N CYS C 21 33.02 12.87 -27.80
CA CYS C 21 33.37 13.41 -26.49
C CYS C 21 32.50 14.61 -26.17
N TRP C 22 32.10 14.71 -24.90
CA TRP C 22 31.33 15.82 -24.38
C TRP C 22 32.14 16.56 -23.33
N ARG C 23 31.79 17.82 -23.10
CA ARG C 23 32.46 18.67 -22.12
C ARG C 23 31.50 19.04 -21.00
N ILE C 24 32.00 18.98 -19.78
CA ILE C 24 31.29 19.47 -18.60
C ILE C 24 32.03 20.72 -18.11
N LYS C 25 31.41 21.88 -18.28
CA LYS C 25 32.05 23.14 -17.93
C LYS C 25 32.12 23.33 -16.41
N LYS C 26 33.04 24.19 -15.99
CA LYS C 26 33.11 24.58 -14.59
C LYS C 26 31.83 25.30 -14.18
N GLY C 27 31.43 25.09 -12.93
CA GLY C 27 30.18 25.59 -12.42
C GLY C 27 29.04 24.59 -12.45
N PHE C 28 29.23 23.46 -13.14
CA PHE C 28 28.23 22.40 -13.12
C PHE C 28 27.96 21.94 -11.68
N VAL C 29 29.02 21.75 -10.92
CA VAL C 29 28.95 21.53 -9.47
C VAL C 29 29.93 22.51 -8.84
N PRO C 30 29.86 22.75 -7.53
CA PRO C 30 30.76 23.74 -6.92
C PRO C 30 32.22 23.32 -6.95
N ASN C 31 33.08 24.32 -7.02
CA ASN C 31 34.51 24.20 -6.69
C ASN C 31 35.29 23.35 -7.69
N MET C 32 34.82 23.25 -8.93
CA MET C 32 35.55 22.48 -9.93
C MET C 32 36.90 23.12 -10.22
N GLN C 33 37.96 22.34 -10.07
CA GLN C 33 39.31 22.81 -10.37
C GLN C 33 39.67 22.65 -11.84
N VAL C 34 39.13 21.63 -12.50
CA VAL C 34 39.29 21.42 -13.93
C VAL C 34 37.91 21.13 -14.50
N GLU C 35 37.85 21.05 -15.83
CA GLU C 35 36.61 20.65 -16.48
C GLU C 35 36.47 19.13 -16.46
N GLY C 36 35.26 18.68 -16.77
CA GLY C 36 34.99 17.26 -16.94
C GLY C 36 34.65 16.97 -18.39
N VAL C 37 35.05 15.79 -18.86
CA VAL C 37 34.67 15.29 -20.17
C VAL C 37 34.19 13.85 -20.02
N PHE C 38 33.40 13.41 -20.98
CA PHE C 38 33.08 11.99 -21.07
C PHE C 38 32.96 11.58 -22.54
N TYR C 39 33.52 10.41 -22.84
CA TYR C 39 33.62 9.91 -24.21
C TYR C 39 32.42 9.00 -24.50
N VAL C 40 31.45 9.52 -25.25
CA VAL C 40 30.32 8.73 -25.74
C VAL C 40 30.02 9.15 -27.17
N ASN C 41 29.65 8.18 -28.00
CA ASN C 41 29.30 8.48 -29.39
C ASN C 41 27.79 8.76 -29.47
N ASP C 42 27.28 8.92 -30.69
CA ASP C 42 25.85 9.18 -30.87
C ASP C 42 25.00 8.07 -30.28
N ALA C 43 25.49 6.83 -30.28
CA ALA C 43 24.68 5.71 -29.80
C ALA C 43 24.62 5.66 -28.28
N LEU C 44 25.71 6.00 -27.59
CA LEU C 44 25.75 6.00 -26.14
C LEU C 44 25.37 7.36 -25.54
N GLU C 45 25.16 8.37 -26.37
CA GLU C 45 25.00 9.74 -25.90
C GLU C 45 23.76 9.89 -25.03
N LYS C 46 22.64 9.32 -25.48
CA LYS C 46 21.36 9.58 -24.83
C LYS C 46 21.32 9.01 -23.42
N LEU C 47 22.08 7.95 -23.16
CA LEU C 47 22.06 7.32 -21.83
C LEU C 47 22.54 8.28 -20.75
N MET C 48 23.57 9.07 -21.05
CA MET C 48 24.12 9.97 -20.03
C MET C 48 23.16 11.12 -19.73
N PHE C 49 22.45 11.62 -20.74
CA PHE C 49 21.53 12.72 -20.52
C PHE C 49 20.21 12.24 -19.92
N GLU C 50 19.77 11.02 -20.24
CA GLU C 50 18.59 10.48 -19.60
C GLU C 50 18.86 10.14 -18.14
N GLU C 51 20.06 9.66 -17.83
CA GLU C 51 20.43 9.43 -16.43
C GLU C 51 20.49 10.75 -15.66
N LEU C 52 20.95 11.81 -16.31
CA LEU C 52 20.94 13.14 -15.69
C LEU C 52 19.53 13.57 -15.33
N ARG C 53 18.54 13.05 -16.05
CA ARG C 53 17.13 13.40 -15.86
C ARG C 53 16.45 12.47 -14.87
N ASN C 54 16.68 11.16 -15.00
CA ASN C 54 15.97 10.19 -14.16
C ASN C 54 16.51 10.15 -12.73
N ALA C 55 17.76 10.57 -12.53
CA ALA C 55 18.33 10.53 -11.19
C ALA C 55 17.61 11.48 -10.24
N CYS C 56 17.16 12.62 -10.76
CA CYS C 56 16.40 13.54 -9.94
C CYS C 56 15.01 12.99 -9.67
N ARG C 57 14.53 13.19 -8.45
CA ARG C 57 13.23 12.69 -8.01
C ARG C 57 12.44 13.84 -7.41
N GLY C 58 11.11 13.71 -7.43
CA GLY C 58 10.20 14.75 -6.98
C GLY C 58 10.46 15.25 -5.57
N GLY C 59 10.53 16.57 -5.41
CA GLY C 59 10.87 17.20 -4.14
C GLY C 59 12.25 16.89 -3.60
N GLY C 60 13.11 16.21 -4.38
CA GLY C 60 14.40 15.80 -3.83
C GLY C 60 14.38 14.59 -2.92
N VAL C 61 13.25 13.91 -2.78
CA VAL C 61 13.13 12.74 -1.94
C VAL C 61 13.50 11.52 -2.78
N GLY C 62 14.61 10.89 -2.44
CA GLY C 62 15.10 9.77 -3.21
C GLY C 62 16.05 10.19 -4.31
N GLY C 63 16.25 9.28 -5.26
CA GLY C 63 17.13 9.52 -6.37
C GLY C 63 18.59 9.30 -6.02
N PHE C 64 19.44 9.50 -7.03
CA PHE C 64 20.87 9.30 -6.89
C PHE C 64 21.60 10.38 -7.68
N LEU C 65 22.93 10.35 -7.60
CA LEU C 65 23.75 11.31 -8.33
C LEU C 65 24.08 10.76 -9.71
N PRO C 66 23.74 11.46 -10.79
CA PRO C 66 24.10 10.98 -12.12
C PRO C 66 25.60 11.07 -12.35
N ALA C 67 26.07 10.32 -13.34
CA ALA C 67 27.51 10.25 -13.61
C ALA C 67 28.09 11.61 -13.94
N MET C 68 27.31 12.48 -14.61
CA MET C 68 27.80 13.82 -14.94
C MET C 68 28.13 14.61 -13.68
N LYS C 69 27.25 14.55 -12.69
CA LYS C 69 27.52 15.23 -11.41
C LYS C 69 28.73 14.61 -10.71
N GLN C 70 28.86 13.28 -10.77
CA GLN C 70 29.97 12.62 -10.11
C GLN C 70 31.30 12.98 -10.77
N ILE C 71 31.33 12.99 -12.11
CA ILE C 71 32.51 13.47 -12.83
C ILE C 71 32.85 14.89 -12.39
N GLY C 72 31.84 15.75 -12.28
CA GLY C 72 32.09 17.11 -11.83
C GLY C 72 32.60 17.19 -10.41
N ASN C 73 32.01 16.41 -9.51
CA ASN C 73 32.46 16.40 -8.12
C ASN C 73 33.92 15.95 -8.02
N VAL C 74 34.31 14.97 -8.84
CA VAL C 74 35.69 14.53 -8.87
C VAL C 74 36.61 15.63 -9.37
N ALA C 75 36.12 16.46 -10.30
CA ALA C 75 36.91 17.57 -10.81
C ALA C 75 37.13 18.66 -9.76
N ALA C 76 36.45 18.59 -8.62
CA ALA C 76 36.62 19.54 -7.54
C ALA C 76 37.60 19.06 -6.48
N LEU C 77 38.12 17.84 -6.61
CA LEU C 77 39.06 17.33 -5.63
C LEU C 77 40.40 18.06 -5.75
N PRO C 78 41.04 18.38 -4.63
CA PRO C 78 42.27 19.18 -4.69
C PRO C 78 43.41 18.41 -5.34
N GLY C 79 44.13 19.09 -6.22
CA GLY C 79 45.30 18.54 -6.86
C GLY C 79 45.07 17.86 -8.18
N ILE C 80 43.83 17.83 -8.68
CA ILE C 80 43.55 17.19 -9.95
C ILE C 80 44.17 18.01 -11.08
N VAL C 81 44.64 17.31 -12.11
CA VAL C 81 45.23 17.96 -13.27
C VAL C 81 44.49 17.49 -14.52
N HIS C 82 44.64 18.27 -15.60
CA HIS C 82 44.01 18.00 -16.88
C HIS C 82 42.49 18.02 -16.78
N ARG C 83 41.86 16.85 -16.68
CA ARG C 83 40.41 16.76 -16.70
C ARG C 83 39.95 15.60 -15.82
N SER C 84 38.71 15.68 -15.39
CA SER C 84 38.00 14.52 -14.83
C SER C 84 37.27 13.83 -15.97
N ILE C 85 37.69 12.60 -16.29
CA ILE C 85 37.36 11.97 -17.56
C ILE C 85 36.46 10.77 -17.32
N GLY C 86 35.34 10.73 -18.05
CA GLY C 86 34.50 9.55 -18.11
C GLY C 86 34.77 8.79 -19.40
N LEU C 87 34.98 7.48 -19.26
CA LEU C 87 35.27 6.61 -20.38
C LEU C 87 33.97 6.05 -20.96
N PRO C 88 34.01 5.46 -22.17
CA PRO C 88 32.77 5.06 -22.85
C PRO C 88 31.81 4.20 -22.04
N ASP C 89 32.27 3.53 -20.99
CA ASP C 89 31.39 2.77 -20.13
C ASP C 89 30.80 3.60 -19.00
N VAL C 90 30.89 4.93 -19.08
CA VAL C 90 30.56 5.79 -17.94
C VAL C 90 29.10 5.65 -17.56
N HIS C 91 28.84 5.49 -16.27
CA HIS C 91 27.50 5.55 -15.70
C HIS C 91 27.63 5.78 -14.20
N SER C 92 26.49 6.06 -13.57
CA SER C 92 26.50 6.52 -12.18
C SER C 92 27.11 5.47 -11.25
N GLY C 93 28.12 5.89 -10.48
CA GLY C 93 28.69 5.06 -9.44
C GLY C 93 28.28 5.54 -8.05
N TYR C 94 29.16 5.41 -7.06
CA TYR C 94 28.87 5.90 -5.73
C TYR C 94 29.76 7.05 -5.28
N GLY C 95 30.85 7.32 -5.97
CA GLY C 95 31.68 8.48 -5.68
C GLY C 95 32.23 9.05 -6.97
N PHE C 96 33.32 8.48 -7.45
CA PHE C 96 33.61 8.53 -8.87
C PHE C 96 32.45 7.90 -9.62
N ALA C 97 32.26 8.32 -10.86
CA ALA C 97 31.38 7.55 -11.72
C ALA C 97 32.05 6.23 -12.06
N ILE C 98 31.24 5.25 -12.47
CA ILE C 98 31.83 4.05 -13.04
C ILE C 98 32.42 4.40 -14.39
N GLY C 99 33.71 4.12 -14.58
CA GLY C 99 34.41 4.55 -15.77
C GLY C 99 34.85 6.00 -15.66
N ASN C 100 35.45 6.34 -14.52
CA ASN C 100 35.85 7.71 -14.21
C ASN C 100 37.31 7.71 -13.80
N MET C 101 38.10 8.58 -14.42
CA MET C 101 39.52 8.69 -14.14
C MET C 101 39.86 10.10 -13.68
N ALA C 102 40.81 10.20 -12.76
CA ALA C 102 41.29 11.49 -12.28
C ALA C 102 42.72 11.33 -11.81
N ALA C 103 43.60 12.21 -12.30
CA ALA C 103 45.01 12.20 -11.96
C ALA C 103 45.33 13.38 -11.05
N PHE C 104 46.19 13.16 -10.06
CA PHE C 104 46.53 14.17 -9.07
C PHE C 104 48.04 14.36 -9.05
N ASP C 105 48.48 15.62 -9.12
CA ASP C 105 49.90 15.95 -9.17
C ASP C 105 50.52 15.68 -7.81
N MET C 106 51.36 14.64 -7.74
CA MET C 106 51.98 14.26 -6.47
C MET C 106 52.99 15.28 -5.96
N ASN C 107 53.41 16.23 -6.79
CA ASN C 107 54.25 17.33 -6.33
C ASN C 107 53.43 18.55 -5.92
N ASP C 108 52.11 18.51 -6.06
CA ASP C 108 51.25 19.47 -5.41
C ASP C 108 50.99 19.01 -3.98
N PRO C 109 51.43 19.76 -2.97
CA PRO C 109 51.25 19.30 -1.58
C PRO C 109 49.80 19.17 -1.15
N GLU C 110 48.86 19.79 -1.88
CA GLU C 110 47.45 19.66 -1.56
C GLU C 110 46.78 18.49 -2.27
N ALA C 111 47.50 17.78 -3.14
CA ALA C 111 46.91 16.66 -3.86
C ALA C 111 46.42 15.59 -2.89
N VAL C 112 45.25 15.03 -3.18
CA VAL C 112 44.59 14.10 -2.30
C VAL C 112 44.52 12.73 -2.96
N VAL C 113 44.19 11.72 -2.15
CA VAL C 113 43.85 10.38 -2.63
C VAL C 113 42.49 10.02 -2.06
N SER C 114 41.60 9.53 -2.91
CA SER C 114 40.23 9.23 -2.52
C SER C 114 39.99 7.73 -2.55
N PRO C 115 39.97 7.05 -1.39
CA PRO C 115 39.70 5.61 -1.41
C PRO C 115 38.28 5.27 -1.79
N GLY C 116 37.30 5.98 -1.24
CA GLY C 116 35.91 5.83 -1.66
C GLY C 116 35.69 6.13 -3.12
N GLY C 117 36.63 6.80 -3.78
CA GLY C 117 36.57 7.01 -5.21
C GLY C 117 37.18 5.87 -6.00
N VAL C 118 38.32 5.35 -5.53
CA VAL C 118 38.97 4.22 -6.18
C VAL C 118 38.00 3.03 -6.27
N GLY C 119 37.17 2.84 -5.26
CA GLY C 119 36.18 1.80 -5.28
C GLY C 119 36.45 0.73 -4.24
N PHE C 120 35.40 -0.04 -3.92
CA PHE C 120 35.51 -1.08 -2.91
C PHE C 120 36.12 -2.35 -3.47
N ASP C 121 35.83 -2.69 -4.73
CA ASP C 121 36.38 -3.89 -5.37
C ASP C 121 37.78 -3.55 -5.89
N ILE C 122 38.71 -3.42 -4.94
CA ILE C 122 40.05 -2.90 -5.25
C ILE C 122 40.78 -3.88 -6.16
N ASN C 123 41.35 -3.34 -7.25
CA ASN C 123 42.12 -4.12 -8.22
C ASN C 123 41.27 -5.23 -8.85
N CYS C 124 39.96 -5.03 -8.91
CA CYS C 124 39.12 -5.91 -9.72
C CYS C 124 39.58 -5.84 -11.16
N GLY C 125 39.69 -7.00 -11.79
CA GLY C 125 40.32 -7.04 -13.10
C GLY C 125 39.74 -8.11 -13.99
N VAL C 126 40.18 -8.08 -15.25
CA VAL C 126 39.76 -9.03 -16.27
C VAL C 126 40.99 -9.76 -16.76
N ARG C 127 40.89 -11.09 -16.85
CA ARG C 127 41.97 -11.93 -17.33
C ARG C 127 41.47 -12.74 -18.51
N LEU C 128 42.25 -12.75 -19.59
CA LEU C 128 41.92 -13.51 -20.79
C LEU C 128 42.87 -14.69 -20.93
N LEU C 129 42.31 -15.87 -21.10
CA LEU C 129 43.07 -17.08 -21.35
C LEU C 129 42.81 -17.55 -22.78
N ARG C 130 43.84 -18.09 -23.42
CA ARG C 130 43.71 -18.69 -24.74
C ARG C 130 43.83 -20.21 -24.59
N THR C 131 43.24 -20.92 -25.55
CA THR C 131 43.37 -22.37 -25.66
C THR C 131 43.69 -22.72 -27.11
N ASN C 132 44.25 -23.91 -27.31
CA ASN C 132 44.44 -24.44 -28.65
C ASN C 132 43.23 -25.23 -29.15
N LEU C 133 42.08 -25.01 -28.53
CA LEU C 133 40.83 -25.67 -28.92
C LEU C 133 40.03 -24.77 -29.85
N ASP C 134 39.12 -25.39 -30.59
CA ASP C 134 38.22 -24.68 -31.49
C ASP C 134 36.78 -24.89 -31.02
N GLU C 135 35.89 -24.06 -31.57
CA GLU C 135 34.48 -24.18 -31.22
C GLU C 135 33.93 -25.56 -31.56
N SER C 136 34.40 -26.14 -32.68
CA SER C 136 33.99 -27.50 -33.04
C SER C 136 34.34 -28.51 -31.95
N ASP C 137 35.42 -28.26 -31.20
CA ASP C 137 35.79 -29.16 -30.11
C ASP C 137 34.89 -28.98 -28.89
N VAL C 138 34.49 -27.74 -28.59
CA VAL C 138 33.77 -27.47 -27.36
C VAL C 138 32.27 -27.74 -27.51
N GLN C 139 31.71 -27.56 -28.70
CA GLN C 139 30.26 -27.70 -28.87
C GLN C 139 29.71 -29.06 -28.44
N PRO C 140 30.35 -30.21 -28.71
CA PRO C 140 29.79 -31.48 -28.23
C PRO C 140 29.75 -31.59 -26.71
N VAL C 141 30.59 -30.85 -25.99
CA VAL C 141 30.68 -30.96 -24.55
C VAL C 141 30.42 -29.60 -23.92
N LYS C 142 29.55 -28.81 -24.54
CA LYS C 142 29.33 -27.44 -24.08
C LYS C 142 28.64 -27.41 -22.72
N GLU C 143 27.55 -28.17 -22.58
CA GLU C 143 26.87 -28.23 -21.29
C GLU C 143 27.73 -28.89 -20.23
N GLN C 144 28.50 -29.91 -20.62
CA GLN C 144 29.40 -30.57 -19.67
C GLN C 144 30.48 -29.61 -19.19
N LEU C 145 31.02 -28.79 -20.10
CA LEU C 145 32.09 -27.89 -19.72
C LEU C 145 31.58 -26.77 -18.82
N ALA C 146 30.38 -26.26 -19.08
CA ALA C 146 29.78 -25.27 -18.20
C ALA C 146 29.55 -25.84 -16.80
N GLN C 147 29.13 -27.11 -16.73
CA GLN C 147 28.93 -27.75 -15.43
C GLN C 147 30.25 -27.97 -14.72
N ALA C 148 31.31 -28.31 -15.45
CA ALA C 148 32.62 -28.51 -14.83
C ALA C 148 33.17 -27.21 -14.30
N MET C 149 33.00 -26.11 -15.04
CA MET C 149 33.38 -24.80 -14.52
C MET C 149 32.59 -24.46 -13.27
N PHE C 150 31.29 -24.76 -13.28
CA PHE C 150 30.44 -24.45 -12.13
C PHE C 150 30.82 -25.30 -10.92
N ASP C 151 31.20 -26.56 -11.15
CA ASP C 151 31.56 -27.43 -10.04
C ASP C 151 32.91 -27.06 -9.44
N HIS C 152 33.81 -26.51 -10.25
CA HIS C 152 35.17 -26.21 -9.79
C HIS C 152 35.31 -24.84 -9.17
N ILE C 153 34.50 -23.87 -9.59
CA ILE C 153 34.68 -22.47 -9.20
C ILE C 153 33.56 -22.09 -8.24
N PRO C 154 33.87 -21.78 -6.98
CA PRO C 154 32.83 -21.32 -6.05
C PRO C 154 32.37 -19.92 -6.44
N VAL C 155 31.06 -19.76 -6.61
CA VAL C 155 30.48 -18.48 -7.01
C VAL C 155 29.36 -18.12 -6.05
N GLY C 156 29.08 -16.82 -5.96
CA GLY C 156 27.92 -16.34 -5.24
C GLY C 156 28.17 -16.09 -3.77
N VAL C 157 27.17 -15.46 -3.15
CA VAL C 157 27.27 -15.09 -1.74
C VAL C 157 27.39 -16.34 -0.88
N GLY C 158 28.25 -16.26 0.13
CA GLY C 158 28.46 -17.36 1.04
C GLY C 158 29.48 -18.39 0.61
N SER C 159 30.02 -18.27 -0.59
CA SER C 159 30.98 -19.25 -1.09
C SER C 159 32.33 -19.09 -0.39
N LYS C 160 33.05 -20.21 -0.29
CA LYS C 160 34.36 -20.25 0.35
C LYS C 160 35.31 -21.05 -0.52
N GLY C 161 36.61 -20.83 -0.30
CA GLY C 161 37.62 -21.48 -1.13
C GLY C 161 37.72 -22.96 -0.85
N VAL C 162 38.07 -23.73 -1.89
CA VAL C 162 38.15 -25.17 -1.76
C VAL C 162 39.47 -25.61 -1.12
N ILE C 163 40.54 -24.83 -1.27
CA ILE C 163 41.82 -25.15 -0.67
C ILE C 163 41.88 -24.50 0.70
N PRO C 164 42.15 -25.25 1.77
CA PRO C 164 42.22 -24.64 3.10
C PRO C 164 43.35 -23.62 3.19
N MET C 165 43.02 -22.42 3.64
CA MET C 165 43.98 -21.34 3.83
C MET C 165 43.99 -20.92 5.29
N ASN C 166 45.14 -20.47 5.76
CA ASN C 166 45.27 -19.95 7.12
C ASN C 166 45.83 -18.53 7.07
N ALA C 167 46.02 -17.95 8.26
CA ALA C 167 46.45 -16.55 8.35
C ALA C 167 47.82 -16.35 7.72
N LYS C 168 48.74 -17.30 7.92
CA LYS C 168 50.06 -17.20 7.31
C LYS C 168 49.96 -17.24 5.79
N ASP C 169 49.10 -18.10 5.24
CA ASP C 169 48.88 -18.14 3.80
C ASP C 169 48.36 -16.81 3.29
N LEU C 170 47.37 -16.24 3.97
CA LEU C 170 46.82 -14.95 3.57
C LEU C 170 47.87 -13.85 3.67
N GLU C 171 48.66 -13.87 4.75
CA GLU C 171 49.66 -12.83 4.95
C GLU C 171 50.70 -12.83 3.84
N GLU C 172 51.11 -14.03 3.40
CA GLU C 172 52.08 -14.11 2.30
C GLU C 172 51.44 -13.79 0.95
N ALA C 173 50.16 -14.11 0.77
CA ALA C 173 49.47 -13.72 -0.46
C ALA C 173 49.35 -12.21 -0.56
N LEU C 174 49.20 -11.52 0.58
CA LEU C 174 49.11 -10.06 0.55
C LEU C 174 50.43 -9.42 0.19
N GLU C 175 51.54 -10.09 0.47
CA GLU C 175 52.87 -9.56 0.18
C GLU C 175 53.37 -9.97 -1.19
N MET C 176 53.07 -11.19 -1.63
CA MET C 176 53.70 -11.77 -2.81
C MET C 176 52.82 -11.73 -4.06
N GLY C 177 51.50 -11.66 -3.91
CA GLY C 177 50.65 -11.71 -5.09
C GLY C 177 50.83 -13.03 -5.81
N VAL C 178 50.96 -12.95 -7.14
CA VAL C 178 51.10 -14.15 -7.96
C VAL C 178 52.36 -14.93 -7.59
N ASP C 179 53.36 -14.28 -6.99
CA ASP C 179 54.55 -15.00 -6.56
C ASP C 179 54.21 -16.10 -5.57
N TRP C 180 53.22 -15.86 -4.71
CA TRP C 180 52.75 -16.91 -3.82
C TRP C 180 52.10 -18.04 -4.60
N SER C 181 51.21 -17.70 -5.54
CA SER C 181 50.58 -18.71 -6.37
C SER C 181 51.61 -19.50 -7.16
N LEU C 182 52.65 -18.83 -7.65
CA LEU C 182 53.75 -19.52 -8.32
C LEU C 182 54.42 -20.51 -7.38
N ARG C 183 54.80 -20.05 -6.19
CA ARG C 183 55.55 -20.90 -5.26
C ARG C 183 54.75 -22.14 -4.88
N GLU C 184 53.44 -22.00 -4.69
CA GLU C 184 52.57 -23.09 -4.29
C GLU C 184 52.04 -23.89 -5.46
N GLY C 185 52.46 -23.58 -6.68
CA GLY C 185 52.08 -24.36 -7.84
C GLY C 185 50.69 -24.12 -8.37
N TYR C 186 50.10 -22.96 -8.08
CA TYR C 186 48.79 -22.62 -8.58
C TYR C 186 48.83 -21.68 -9.79
N ALA C 187 50.01 -21.23 -10.19
CA ALA C 187 50.16 -20.37 -11.36
C ALA C 187 51.40 -20.80 -12.13
N TRP C 188 51.38 -20.55 -13.43
CA TRP C 188 52.52 -20.80 -14.29
C TRP C 188 53.40 -19.56 -14.34
N ALA C 189 54.70 -19.77 -14.61
CA ALA C 189 55.62 -18.65 -14.69
C ALA C 189 55.27 -17.71 -15.84
N GLU C 190 54.63 -18.22 -16.89
CA GLU C 190 54.21 -17.37 -17.99
C GLU C 190 53.02 -16.50 -17.60
N ASP C 191 52.22 -16.93 -16.63
CA ASP C 191 51.09 -16.14 -16.17
C ASP C 191 51.57 -14.80 -15.60
N LYS C 192 52.61 -14.84 -14.77
CA LYS C 192 53.16 -13.62 -14.21
C LYS C 192 53.69 -12.69 -15.29
N GLU C 193 54.29 -13.26 -16.34
CA GLU C 193 54.92 -12.45 -17.37
C GLU C 193 53.89 -11.63 -18.15
N HIS C 194 52.68 -12.14 -18.30
CA HIS C 194 51.62 -11.47 -19.05
C HIS C 194 50.51 -10.99 -18.12
N CYS C 195 50.88 -10.53 -16.93
CA CYS C 195 49.96 -9.97 -15.96
C CYS C 195 50.40 -8.54 -15.66
N GLU C 196 49.43 -7.62 -15.60
CA GLU C 196 49.72 -6.24 -15.24
C GLU C 196 50.39 -6.19 -13.88
N GLU C 197 51.42 -5.35 -13.76
CA GLU C 197 52.27 -5.25 -12.58
C GLU C 197 53.02 -6.55 -12.30
N TYR C 198 53.02 -7.49 -13.26
CA TYR C 198 53.56 -8.83 -13.06
C TYR C 198 52.95 -9.50 -11.83
N GLY C 199 51.68 -9.19 -11.56
CA GLY C 199 50.93 -9.82 -10.49
C GLY C 199 51.43 -9.56 -9.10
N ARG C 200 52.21 -8.51 -8.88
CA ARG C 200 52.70 -8.19 -7.54
C ARG C 200 53.10 -6.73 -7.48
N MET C 201 52.52 -6.00 -6.53
CA MET C 201 52.92 -4.63 -6.24
C MET C 201 53.82 -4.64 -5.01
N LEU C 202 55.06 -4.15 -5.15
CA LEU C 202 55.98 -4.10 -4.03
C LEU C 202 55.59 -3.04 -2.99
N GLN C 203 54.70 -2.11 -3.34
CA GLN C 203 54.23 -1.13 -2.37
C GLN C 203 53.34 -1.75 -1.30
N ALA C 204 52.92 -3.00 -1.47
CA ALA C 204 51.98 -3.62 -0.55
C ALA C 204 52.60 -3.80 0.82
N ASP C 205 51.86 -3.39 1.85
CA ASP C 205 52.24 -3.64 3.25
C ASP C 205 51.08 -4.35 3.91
N PRO C 206 51.16 -5.67 4.10
CA PRO C 206 50.07 -6.38 4.79
C PRO C 206 49.79 -5.87 6.19
N ASN C 207 50.75 -5.20 6.82
CA ASN C 207 50.52 -4.65 8.16
C ASN C 207 49.59 -3.46 8.15
N LYS C 208 49.33 -2.85 6.99
CA LYS C 208 48.37 -1.77 6.88
C LYS C 208 46.97 -2.28 6.56
N VAL C 209 46.78 -3.59 6.49
CA VAL C 209 45.48 -4.20 6.25
C VAL C 209 44.90 -4.64 7.58
N SER C 210 43.64 -4.26 7.84
CA SER C 210 43.06 -4.50 9.15
C SER C 210 42.77 -5.99 9.35
N ALA C 211 42.66 -6.37 10.63
CA ALA C 211 42.27 -7.74 10.96
C ALA C 211 40.87 -8.05 10.45
N ARG C 212 39.98 -7.05 10.42
CA ARG C 212 38.65 -7.25 9.88
C ARG C 212 38.71 -7.62 8.39
N ALA C 213 39.58 -6.93 7.64
CA ALA C 213 39.74 -7.25 6.22
C ALA C 213 40.33 -8.64 6.04
N LYS C 214 41.27 -9.02 6.89
CA LYS C 214 41.87 -10.35 6.80
C LYS C 214 40.89 -11.43 7.22
N LYS C 215 39.98 -11.12 8.15
CA LYS C 215 38.97 -12.09 8.55
C LYS C 215 37.88 -12.22 7.49
N ARG C 216 37.50 -11.10 6.84
CA ARG C 216 36.57 -11.19 5.72
C ARG C 216 37.20 -11.89 4.53
N GLY C 217 38.51 -11.67 4.29
CA GLY C 217 39.14 -12.16 3.09
C GLY C 217 39.59 -13.60 3.13
N LEU C 218 39.85 -14.15 4.32
CA LEU C 218 40.38 -15.51 4.41
C LEU C 218 39.44 -16.55 3.80
N PRO C 219 38.16 -16.65 4.18
CA PRO C 219 37.30 -17.66 3.56
C PRO C 219 36.99 -17.39 2.09
N GLN C 220 37.16 -16.15 1.62
CA GLN C 220 36.75 -15.80 0.26
C GLN C 220 37.88 -15.86 -0.76
N LEU C 221 39.11 -16.13 -0.33
CA LEU C 221 40.19 -16.33 -1.28
C LEU C 221 39.94 -17.62 -2.05
N GLY C 222 39.90 -17.52 -3.38
CA GLY C 222 39.52 -18.64 -4.21
C GLY C 222 38.05 -18.70 -4.57
N THR C 223 37.35 -17.57 -4.52
CA THR C 223 35.94 -17.49 -4.90
C THR C 223 35.76 -16.41 -5.95
N LEU C 224 34.81 -16.64 -6.85
CA LEU C 224 34.61 -15.72 -7.96
C LEU C 224 33.93 -14.43 -7.51
N GLY C 225 32.94 -14.54 -6.63
CA GLY C 225 32.16 -13.40 -6.22
C GLY C 225 30.77 -13.42 -6.83
N ALA C 226 30.15 -12.23 -6.86
CA ALA C 226 28.80 -12.08 -7.37
C ALA C 226 28.74 -10.83 -8.24
N GLY C 227 27.52 -10.41 -8.55
CA GLY C 227 27.34 -9.21 -9.36
C GLY C 227 27.65 -9.46 -10.81
N ASN C 228 28.50 -8.61 -11.39
CA ASN C 228 28.92 -8.76 -12.78
C ASN C 228 30.22 -9.54 -12.92
N HIS C 229 30.69 -10.19 -11.86
CA HIS C 229 31.79 -11.12 -11.98
C HIS C 229 31.36 -12.34 -12.81
N TYR C 230 32.32 -12.95 -13.49
CA TYR C 230 31.99 -14.05 -14.37
C TYR C 230 33.24 -14.85 -14.70
N ALA C 231 33.01 -16.10 -15.12
CA ALA C 231 33.98 -16.92 -15.84
C ALA C 231 33.29 -17.38 -17.11
N GLU C 232 33.80 -16.93 -18.26
CA GLU C 232 33.09 -17.05 -19.52
C GLU C 232 34.00 -17.68 -20.57
N ILE C 233 33.49 -18.73 -21.21
CA ILE C 233 34.19 -19.37 -22.33
C ILE C 233 33.71 -18.72 -23.62
N GLN C 234 34.65 -18.31 -24.47
CA GLN C 234 34.36 -17.47 -25.61
C GLN C 234 34.97 -18.05 -26.88
N VAL C 235 34.49 -17.56 -28.02
CA VAL C 235 34.97 -17.96 -29.33
C VAL C 235 35.36 -16.70 -30.11
N VAL C 236 36.55 -16.72 -30.70
CA VAL C 236 36.97 -15.64 -31.58
C VAL C 236 36.10 -15.64 -32.82
N ASP C 237 35.42 -14.52 -33.08
CA ASP C 237 34.56 -14.40 -34.24
C ASP C 237 35.10 -13.47 -35.32
N GLU C 238 36.08 -12.63 -34.99
CA GLU C 238 36.62 -11.68 -35.95
C GLU C 238 37.94 -11.14 -35.42
N ILE C 239 38.93 -11.03 -36.30
CA ILE C 239 40.27 -10.58 -35.94
C ILE C 239 40.51 -9.27 -36.69
N PHE C 240 40.44 -8.14 -35.96
CA PHE C 240 40.63 -6.84 -36.59
C PHE C 240 42.11 -6.53 -36.81
N ASN C 241 42.99 -7.00 -35.92
CA ASN C 241 44.43 -6.77 -36.03
C ASN C 241 45.12 -8.13 -35.96
N GLU C 242 45.53 -8.66 -37.11
CA GLU C 242 46.15 -9.97 -37.14
C GLU C 242 47.54 -9.95 -36.47
N TYR C 243 48.26 -8.84 -36.60
CA TYR C 243 49.56 -8.71 -35.95
C TYR C 243 49.41 -8.73 -34.43
N ALA C 244 48.46 -7.96 -33.91
CA ALA C 244 48.24 -7.94 -32.46
C ALA C 244 47.76 -9.29 -31.95
N ALA C 245 46.86 -9.93 -32.70
CA ALA C 245 46.29 -11.20 -32.25
C ALA C 245 47.33 -12.32 -32.21
N LYS C 246 48.23 -12.35 -33.21
CA LYS C 246 49.23 -13.40 -33.26
C LYS C 246 50.22 -13.30 -32.11
N LYS C 247 50.57 -12.06 -31.71
CA LYS C 247 51.39 -11.88 -30.52
C LYS C 247 50.67 -12.39 -29.27
N MET C 248 49.33 -12.27 -29.25
CA MET C 248 48.55 -12.77 -28.12
C MET C 248 48.25 -14.25 -28.21
N GLY C 249 48.66 -14.92 -29.30
CA GLY C 249 48.41 -16.33 -29.47
C GLY C 249 47.14 -16.66 -30.23
N ILE C 250 46.40 -15.68 -30.73
CA ILE C 250 45.17 -15.89 -31.48
C ILE C 250 45.50 -15.73 -32.96
N ASP C 251 45.28 -16.78 -33.75
CA ASP C 251 45.58 -16.71 -35.17
C ASP C 251 44.43 -17.08 -36.10
N HIS C 252 43.33 -17.64 -35.58
CA HIS C 252 42.22 -17.99 -36.46
C HIS C 252 40.90 -17.82 -35.73
N LYS C 253 39.85 -17.57 -36.51
CA LYS C 253 38.50 -17.49 -35.96
C LYS C 253 38.01 -18.87 -35.56
N GLY C 254 37.25 -18.93 -34.47
CA GLY C 254 36.82 -20.18 -33.90
C GLY C 254 37.64 -20.64 -32.72
N GLN C 255 38.77 -20.00 -32.45
CA GLN C 255 39.61 -20.37 -31.33
C GLN C 255 38.91 -20.07 -30.01
N VAL C 256 39.01 -21.00 -29.06
CA VAL C 256 38.29 -20.92 -27.81
C VAL C 256 39.14 -20.20 -26.77
N CYS C 257 38.52 -19.25 -26.06
CA CYS C 257 39.19 -18.48 -25.02
C CYS C 257 38.34 -18.52 -23.75
N VAL C 258 38.95 -18.08 -22.65
CA VAL C 258 38.28 -17.96 -21.36
C VAL C 258 38.57 -16.59 -20.80
N MET C 259 37.53 -15.83 -20.48
CA MET C 259 37.66 -14.52 -19.88
C MET C 259 37.13 -14.57 -18.44
N ILE C 260 37.95 -14.11 -17.50
CA ILE C 260 37.63 -14.17 -16.08
C ILE C 260 37.59 -12.76 -15.52
N HIS C 261 36.60 -12.50 -14.68
CA HIS C 261 36.38 -11.18 -14.08
C HIS C 261 36.17 -11.36 -12.59
N SER C 262 37.15 -10.98 -11.78
CA SER C 262 37.07 -11.12 -10.33
C SER C 262 37.94 -10.07 -9.67
N GLY C 263 37.75 -9.89 -8.35
CA GLY C 263 38.49 -8.86 -7.63
C GLY C 263 39.08 -9.30 -6.31
N SER C 264 39.14 -8.37 -5.36
CA SER C 264 39.79 -8.61 -4.07
C SER C 264 38.82 -9.02 -2.97
N ARG C 265 37.55 -9.24 -3.32
CA ARG C 265 36.55 -9.85 -2.42
C ARG C 265 36.43 -9.02 -1.13
N GLY C 266 36.06 -9.68 -0.03
CA GLY C 266 35.79 -8.97 1.21
C GLY C 266 37.00 -8.23 1.76
N LEU C 267 38.20 -8.73 1.48
CA LEU C 267 39.40 -8.06 1.97
C LEU C 267 39.55 -6.68 1.36
N GLY C 268 39.44 -6.59 0.03
CA GLY C 268 39.52 -5.30 -0.62
C GLY C 268 38.39 -4.37 -0.24
N HIS C 269 37.18 -4.92 -0.09
CA HIS C 269 36.05 -4.11 0.31
C HIS C 269 36.28 -3.48 1.69
N GLN C 270 36.79 -4.27 2.63
CA GLN C 270 37.02 -3.75 3.97
C GLN C 270 38.19 -2.77 4.00
N VAL C 271 39.23 -3.04 3.21
CA VAL C 271 40.34 -2.10 3.10
C VAL C 271 39.84 -0.74 2.61
N ALA C 272 38.94 -0.74 1.63
CA ALA C 272 38.35 0.51 1.18
C ALA C 272 37.46 1.12 2.25
N THR C 273 36.63 0.31 2.89
CA THR C 273 35.75 0.80 3.95
C THR C 273 36.56 1.38 5.10
N ASP C 274 37.62 0.69 5.52
CA ASP C 274 38.44 1.18 6.63
C ASP C 274 39.07 2.53 6.28
N ALA C 275 39.51 2.71 5.03
CA ALA C 275 40.10 3.97 4.64
C ALA C 275 39.07 5.09 4.63
N LEU C 276 37.88 4.82 4.09
CA LEU C 276 36.83 5.83 4.06
C LEU C 276 36.52 6.35 5.47
N VAL C 277 36.44 5.45 6.45
CA VAL C 277 36.26 5.87 7.83
C VAL C 277 37.42 6.73 8.30
N ALA C 278 38.64 6.36 7.92
CA ALA C 278 39.82 7.09 8.37
C ALA C 278 39.93 8.46 7.69
N MET C 279 39.54 8.55 6.42
CA MET C 279 39.61 9.82 5.71
C MET C 279 38.69 10.86 6.34
N GLU C 280 37.52 10.44 6.81
CA GLU C 280 36.57 11.39 7.39
C GLU C 280 37.16 12.09 8.60
N LYS C 281 37.89 11.36 9.44
CA LYS C 281 38.51 11.98 10.61
C LYS C 281 39.68 12.86 10.19
N ALA C 282 40.41 12.46 9.14
CA ALA C 282 41.56 13.24 8.70
C ALA C 282 41.15 14.54 8.01
N MET C 283 39.97 14.57 7.39
CA MET C 283 39.56 15.76 6.66
C MET C 283 39.40 16.96 7.58
N LYS C 284 38.98 16.73 8.82
CA LYS C 284 38.92 17.81 9.80
C LYS C 284 40.31 18.39 10.06
N ARG C 285 41.33 17.54 10.14
CA ARG C 285 42.67 17.99 10.50
C ARG C 285 43.30 18.82 9.39
N ASP C 286 43.19 18.36 8.13
CA ASP C 286 43.85 19.02 7.02
C ASP C 286 42.90 19.86 6.17
N LYS C 287 41.66 20.06 6.62
CA LYS C 287 40.66 21.04 6.17
C LYS C 287 39.96 20.71 4.85
N ILE C 288 40.22 19.55 4.24
CA ILE C 288 39.71 19.27 2.90
C ILE C 288 38.18 19.31 2.88
N ILE C 289 37.64 19.90 1.82
CA ILE C 289 36.20 20.01 1.60
C ILE C 289 35.86 19.27 0.31
N VAL C 290 34.84 18.42 0.37
CA VAL C 290 34.40 17.65 -0.79
C VAL C 290 32.92 17.92 -1.03
N ASN C 291 32.50 17.71 -2.28
CA ASN C 291 31.09 17.87 -2.65
C ASN C 291 30.26 16.64 -2.36
N ASP C 292 30.90 15.48 -2.16
CA ASP C 292 30.20 14.22 -1.97
C ASP C 292 30.89 13.47 -0.84
N ARG C 293 30.13 13.12 0.20
CA ARG C 293 30.72 12.48 1.38
C ARG C 293 31.50 11.23 1.01
N GLN C 294 31.06 10.50 -0.01
CA GLN C 294 31.77 9.30 -0.44
C GLN C 294 33.17 9.62 -0.96
N LEU C 295 33.44 10.86 -1.34
CA LEU C 295 34.74 11.27 -1.85
C LEU C 295 35.71 11.66 -0.74
N ALA C 296 35.43 11.25 0.51
CA ALA C 296 36.31 11.56 1.64
C ALA C 296 37.74 11.14 1.32
N CYS C 297 38.68 12.05 1.59
CA CYS C 297 40.04 11.91 1.07
C CYS C 297 41.03 12.54 2.03
N ALA C 298 42.30 12.26 1.80
CA ALA C 298 43.40 12.86 2.56
C ALA C 298 44.52 13.22 1.61
N ARG C 299 45.38 14.13 2.05
CA ARG C 299 46.58 14.46 1.30
C ARG C 299 47.40 13.20 1.08
N ILE C 300 48.07 13.13 -0.08
CA ILE C 300 48.74 11.90 -0.48
C ILE C 300 49.84 11.52 0.49
N ALA C 301 50.59 12.51 0.99
CA ALA C 301 51.69 12.24 1.90
C ALA C 301 51.25 12.00 3.34
N SER C 302 49.97 12.18 3.65
CA SER C 302 49.49 12.03 5.02
C SER C 302 49.55 10.56 5.45
N PRO C 303 49.55 10.30 6.76
CA PRO C 303 49.53 8.90 7.21
C PRO C 303 48.32 8.12 6.71
N GLU C 304 47.13 8.73 6.74
CA GLU C 304 45.95 8.06 6.23
C GLU C 304 46.09 7.73 4.75
N GLY C 305 46.60 8.69 3.97
CA GLY C 305 46.79 8.44 2.54
C GLY C 305 47.81 7.35 2.28
N GLN C 306 48.94 7.41 2.99
CA GLN C 306 49.97 6.38 2.81
C GLN C 306 49.51 5.03 3.32
N ASP C 307 48.80 5.01 4.45
CA ASP C 307 48.27 3.74 4.96
C ASP C 307 47.33 3.10 3.95
N TYR C 308 46.45 3.89 3.35
CA TYR C 308 45.49 3.34 2.39
C TYR C 308 46.20 2.79 1.16
N LEU C 309 47.10 3.57 0.56
CA LEU C 309 47.77 3.15 -0.66
C LEU C 309 48.57 1.87 -0.44
N LYS C 310 49.20 1.74 0.73
CA LYS C 310 49.91 0.50 1.02
C LYS C 310 48.96 -0.68 1.20
N GLY C 311 47.82 -0.45 1.86
CA GLY C 311 46.83 -1.50 1.98
C GLY C 311 46.11 -1.76 0.67
N MET C 312 45.88 -0.70 -0.11
CA MET C 312 45.30 -0.86 -1.43
C MET C 312 46.14 -1.81 -2.28
N ALA C 313 47.47 -1.62 -2.28
CA ALA C 313 48.34 -2.51 -3.03
C ALA C 313 48.30 -3.92 -2.47
N ALA C 314 48.19 -4.07 -1.15
CA ALA C 314 48.06 -5.40 -0.56
C ALA C 314 46.79 -6.09 -1.02
N ALA C 315 45.68 -5.34 -1.09
CA ALA C 315 44.46 -5.90 -1.65
C ALA C 315 44.62 -6.25 -3.13
N GLY C 316 45.46 -5.50 -3.84
CA GLY C 316 45.73 -5.82 -5.23
C GLY C 316 46.40 -7.17 -5.38
N ASN C 317 47.38 -7.46 -4.53
CA ASN C 317 48.03 -8.76 -4.55
C ASN C 317 47.05 -9.88 -4.22
N TYR C 318 46.14 -9.63 -3.27
CA TYR C 318 45.05 -10.56 -3.02
C TYR C 318 44.25 -10.82 -4.29
N ALA C 319 43.90 -9.74 -5.01
CA ALA C 319 43.13 -9.90 -6.24
C ALA C 319 43.86 -10.75 -7.26
N TRP C 320 45.18 -10.57 -7.38
CA TRP C 320 45.95 -11.37 -8.33
C TRP C 320 46.02 -12.83 -7.90
N VAL C 321 46.20 -13.09 -6.60
CA VAL C 321 46.16 -14.46 -6.10
C VAL C 321 44.80 -15.08 -6.40
N ASN C 322 43.73 -14.33 -6.18
CA ASN C 322 42.39 -14.87 -6.40
C ASN C 322 42.13 -15.17 -7.87
N ARG C 323 42.65 -14.32 -8.77
CA ARG C 323 42.46 -14.60 -10.19
C ARG C 323 43.35 -15.74 -10.66
N SER C 324 44.51 -15.92 -10.05
CA SER C 324 45.29 -17.13 -10.31
C SER C 324 44.53 -18.37 -9.85
N SER C 325 43.80 -18.25 -8.74
CA SER C 325 42.95 -19.36 -8.29
C SER C 325 41.88 -19.68 -9.32
N MET C 326 41.19 -18.65 -9.82
CA MET C 326 40.18 -18.86 -10.86
C MET C 326 40.80 -19.49 -12.11
N THR C 327 42.05 -19.10 -12.43
CA THR C 327 42.72 -19.70 -13.57
C THR C 327 43.07 -21.15 -13.31
N PHE C 328 43.57 -21.45 -12.11
CA PHE C 328 43.88 -22.83 -11.74
C PHE C 328 42.63 -23.70 -11.81
N LEU C 329 41.50 -23.19 -11.32
CA LEU C 329 40.26 -23.97 -11.34
C LEU C 329 39.71 -24.11 -12.76
N THR C 330 39.86 -23.06 -13.58
CA THR C 330 39.45 -23.16 -14.97
C THR C 330 40.24 -24.24 -15.70
N ARG C 331 41.55 -24.31 -15.45
CA ARG C 331 42.38 -25.30 -16.10
C ARG C 331 42.00 -26.71 -15.67
N GLN C 332 41.65 -26.90 -14.39
CA GLN C 332 41.19 -28.20 -13.94
C GLN C 332 39.91 -28.61 -14.65
N ALA C 333 38.94 -27.68 -14.73
CA ALA C 333 37.66 -27.99 -15.38
C ALA C 333 37.87 -28.38 -16.84
N PHE C 334 38.69 -27.61 -17.56
CA PHE C 334 39.00 -27.97 -18.94
C PHE C 334 39.72 -29.31 -19.01
N ALA C 335 40.69 -29.54 -18.13
CA ALA C 335 41.43 -30.79 -18.15
C ALA C 335 40.52 -31.99 -17.91
N LYS C 336 39.52 -31.82 -17.03
CA LYS C 336 38.60 -32.91 -16.75
C LYS C 336 37.73 -33.23 -17.97
N VAL C 337 37.20 -32.21 -18.62
CA VAL C 337 36.24 -32.43 -19.70
C VAL C 337 36.94 -33.00 -20.93
N PHE C 338 38.16 -32.55 -21.21
CA PHE C 338 38.87 -32.96 -22.41
C PHE C 338 39.95 -34.01 -22.16
N ASN C 339 40.11 -34.46 -20.92
CA ASN C 339 41.05 -35.52 -20.55
C ASN C 339 42.45 -35.25 -21.12
N THR C 340 42.87 -33.99 -21.08
CA THR C 340 44.20 -33.58 -21.49
C THR C 340 44.75 -32.62 -20.44
N THR C 341 46.06 -32.47 -20.41
CA THR C 341 46.61 -31.58 -19.41
C THR C 341 46.44 -30.11 -19.81
N PRO C 342 46.35 -29.21 -18.85
CA PRO C 342 46.24 -27.78 -19.19
C PRO C 342 47.34 -27.28 -20.11
N ASP C 343 48.58 -27.77 -19.93
CA ASP C 343 49.67 -27.34 -20.81
C ASP C 343 49.48 -27.85 -22.23
N ASP C 344 48.99 -29.08 -22.38
CA ASP C 344 48.73 -29.62 -23.70
C ASP C 344 47.53 -28.95 -24.38
N LEU C 345 46.70 -28.25 -23.62
CA LEU C 345 45.63 -27.44 -24.19
C LEU C 345 46.05 -25.99 -24.41
N ASP C 346 47.32 -25.66 -24.14
CA ASP C 346 47.85 -24.31 -24.33
C ASP C 346 46.99 -23.27 -23.62
N LEU C 347 46.55 -23.60 -22.40
CA LEU C 347 45.68 -22.75 -21.61
C LEU C 347 46.50 -21.66 -20.91
N HIS C 348 47.00 -20.73 -21.72
CA HIS C 348 47.91 -19.70 -21.26
C HIS C 348 47.21 -18.36 -21.10
N VAL C 349 47.86 -17.46 -20.37
CA VAL C 349 47.34 -16.13 -20.08
C VAL C 349 47.73 -15.20 -21.22
N ILE C 350 46.74 -14.56 -21.83
CA ILE C 350 47.02 -13.49 -22.78
C ILE C 350 47.36 -12.21 -22.05
N TYR C 351 46.48 -11.78 -21.13
CA TYR C 351 46.77 -10.62 -20.31
C TYR C 351 45.80 -10.58 -19.14
N ASP C 352 46.23 -9.88 -18.09
CA ASP C 352 45.42 -9.61 -16.91
C ASP C 352 45.54 -8.12 -16.62
N VAL C 353 44.41 -7.41 -16.70
CA VAL C 353 44.37 -5.96 -16.52
C VAL C 353 43.30 -5.63 -15.50
N SER C 354 43.57 -4.62 -14.66
CA SER C 354 42.73 -4.31 -13.52
C SER C 354 42.16 -2.90 -13.61
N HIS C 355 41.00 -2.73 -12.98
CA HIS C 355 40.39 -1.44 -12.71
C HIS C 355 40.25 -1.28 -11.19
N ASN C 356 39.70 -0.13 -10.77
CA ASN C 356 39.52 0.20 -9.36
C ASN C 356 40.87 0.18 -8.62
N ILE C 357 41.79 1.03 -9.07
CA ILE C 357 43.12 1.09 -8.48
C ILE C 357 43.72 2.46 -8.76
N ALA C 358 44.50 2.96 -7.81
CA ALA C 358 45.26 4.20 -7.97
C ALA C 358 46.72 3.85 -8.14
N LYS C 359 47.38 4.48 -9.12
CA LYS C 359 48.76 4.17 -9.45
C LYS C 359 49.57 5.46 -9.57
N VAL C 360 50.82 5.39 -9.12
CA VAL C 360 51.80 6.44 -9.39
C VAL C 360 52.33 6.24 -10.81
N GLU C 361 52.22 7.27 -11.64
CA GLU C 361 52.56 7.15 -13.05
C GLU C 361 53.20 8.43 -13.56
N GLN C 362 54.02 8.28 -14.60
CA GLN C 362 54.68 9.39 -15.27
C GLN C 362 53.86 9.79 -16.49
N HIS C 363 53.41 11.05 -16.53
CA HIS C 363 52.62 11.55 -17.63
C HIS C 363 53.03 12.98 -17.95
N VAL C 364 52.98 13.33 -19.23
CA VAL C 364 53.26 14.69 -19.68
C VAL C 364 52.02 15.53 -19.49
N VAL C 365 52.15 16.63 -18.74
CA VAL C 365 51.06 17.57 -18.51
C VAL C 365 51.58 18.95 -18.87
N ASP C 366 50.95 19.58 -19.87
CA ASP C 366 51.34 20.91 -20.35
C ASP C 366 52.81 20.92 -20.80
N GLY C 367 53.22 19.87 -21.50
CA GLY C 367 54.57 19.79 -22.04
C GLY C 367 55.63 19.34 -21.07
N LYS C 368 55.34 19.25 -19.78
CA LYS C 368 56.30 18.82 -18.78
C LYS C 368 55.90 17.45 -18.22
N GLU C 369 56.90 16.61 -17.97
CA GLU C 369 56.65 15.31 -17.38
C GLU C 369 56.34 15.46 -15.90
N ARG C 370 55.25 14.85 -15.46
CA ARG C 370 54.79 14.97 -14.08
C ARG C 370 54.62 13.58 -13.47
N THR C 371 54.73 13.53 -12.15
CA THR C 371 54.42 12.34 -11.38
C THR C 371 52.98 12.48 -10.86
N LEU C 372 52.09 11.62 -11.33
CA LEU C 372 50.68 11.72 -11.05
C LEU C 372 50.17 10.46 -10.35
N LEU C 373 49.26 10.65 -9.41
CA LEU C 373 48.50 9.54 -8.82
C LEU C 373 47.19 9.42 -9.58
N VAL C 374 47.07 8.38 -10.40
CA VAL C 374 45.97 8.25 -11.34
C VAL C 374 44.93 7.31 -10.73
N HIS C 375 43.77 7.87 -10.38
CA HIS C 375 42.64 7.06 -9.93
C HIS C 375 41.87 6.58 -11.15
N ARG C 376 41.57 5.28 -11.19
CA ARG C 376 40.79 4.69 -12.28
C ARG C 376 39.68 3.84 -11.67
N LYS C 377 38.45 4.37 -11.65
CA LYS C 377 37.27 3.67 -11.16
C LYS C 377 36.51 3.11 -12.35
N GLY C 378 36.32 1.79 -12.37
CA GLY C 378 35.69 1.14 -13.51
C GLY C 378 36.39 1.43 -14.82
N SER C 379 37.69 1.69 -14.78
CA SER C 379 38.49 1.99 -15.97
C SER C 379 39.89 1.47 -15.74
N THR C 380 40.58 1.14 -16.83
CA THR C 380 41.85 0.44 -16.74
C THR C 380 42.95 1.20 -17.46
N ARG C 381 44.18 0.74 -17.27
CA ARG C 381 45.29 1.22 -18.09
C ARG C 381 45.10 0.79 -19.54
N ALA C 382 45.56 1.64 -20.46
CA ALA C 382 45.62 1.33 -21.88
C ALA C 382 46.91 1.95 -22.41
N PHE C 383 48.03 1.33 -22.06
CA PHE C 383 49.32 1.94 -22.35
C PHE C 383 49.73 1.69 -23.80
N PRO C 384 50.45 2.64 -24.41
CA PRO C 384 50.73 2.57 -25.84
C PRO C 384 51.90 1.63 -26.14
N PRO C 385 52.20 1.39 -27.42
CA PRO C 385 53.40 0.61 -27.74
C PRO C 385 54.66 1.24 -27.19
N HIS C 386 55.63 0.39 -26.85
CA HIS C 386 56.94 0.81 -26.35
C HIS C 386 56.84 1.54 -25.02
N HIS C 387 55.83 1.21 -24.21
CA HIS C 387 55.80 1.79 -22.88
C HIS C 387 56.58 0.89 -21.91
N PRO C 388 57.45 1.45 -21.07
CA PRO C 388 58.32 0.59 -20.24
C PRO C 388 57.58 -0.24 -19.21
N LEU C 389 56.32 0.09 -18.89
CA LEU C 389 55.57 -0.62 -17.88
C LEU C 389 54.66 -1.69 -18.45
N ILE C 390 54.85 -2.07 -19.72
CA ILE C 390 54.13 -3.19 -20.31
C ILE C 390 55.14 -4.26 -20.69
N ALA C 391 54.64 -5.48 -20.84
CA ALA C 391 55.50 -6.64 -21.04
C ALA C 391 56.21 -6.58 -22.39
N VAL C 392 57.28 -7.36 -22.50
CA VAL C 392 58.10 -7.36 -23.71
C VAL C 392 57.30 -7.83 -24.91
N ASP C 393 56.48 -8.87 -24.71
CA ASP C 393 55.70 -9.43 -25.81
C ASP C 393 54.70 -8.44 -26.39
N TYR C 394 54.41 -7.33 -25.68
CA TYR C 394 53.44 -6.35 -26.13
C TYR C 394 54.08 -4.97 -26.35
N GLN C 395 55.41 -4.91 -26.40
CA GLN C 395 56.09 -3.64 -26.66
C GLN C 395 55.74 -3.08 -28.04
N LEU C 396 55.45 -3.96 -29.00
CA LEU C 396 55.15 -3.53 -30.37
C LEU C 396 53.66 -3.35 -30.64
N THR C 397 52.80 -4.11 -29.98
CA THR C 397 51.36 -3.98 -30.20
C THR C 397 50.71 -2.97 -29.28
N GLY C 398 51.33 -2.66 -28.16
CA GLY C 398 50.68 -1.92 -27.11
C GLY C 398 49.97 -2.85 -26.13
N GLN C 399 49.57 -2.27 -25.01
CA GLN C 399 48.99 -3.05 -23.93
C GLN C 399 47.65 -3.64 -24.34
N PRO C 400 47.43 -4.94 -24.12
CA PRO C 400 46.11 -5.52 -24.40
C PRO C 400 45.02 -4.91 -23.51
N VAL C 401 43.86 -4.67 -24.11
CA VAL C 401 42.71 -4.11 -23.43
C VAL C 401 41.57 -5.12 -23.52
N LEU C 402 40.98 -5.46 -22.36
CA LEU C 402 39.93 -6.46 -22.28
C LEU C 402 38.62 -5.77 -21.92
N ILE C 403 37.64 -5.85 -22.82
CA ILE C 403 36.34 -5.21 -22.64
C ILE C 403 35.28 -6.31 -22.70
N GLY C 404 34.78 -6.71 -21.54
CA GLY C 404 33.68 -7.65 -21.49
C GLY C 404 32.35 -6.97 -21.76
N GLY C 405 31.55 -7.61 -22.60
CA GLY C 405 30.24 -7.07 -22.95
C GLY C 405 29.15 -7.63 -22.06
N THR C 406 28.46 -8.67 -22.53
CA THR C 406 27.47 -9.36 -21.71
C THR C 406 27.62 -10.87 -21.94
N MET C 407 26.89 -11.65 -21.15
CA MET C 407 26.86 -13.09 -21.31
C MET C 407 26.17 -13.53 -22.61
N GLY C 408 25.45 -12.63 -23.28
CA GLY C 408 24.71 -12.99 -24.47
C GLY C 408 24.99 -12.11 -25.68
N THR C 409 26.03 -11.28 -25.61
CA THR C 409 26.38 -10.47 -26.77
C THR C 409 27.80 -10.73 -27.23
N CYS C 410 28.72 -9.81 -26.95
CA CYS C 410 30.09 -9.94 -27.42
C CYS C 410 31.04 -9.39 -26.36
N SER C 411 32.32 -9.76 -26.51
CA SER C 411 33.43 -9.15 -25.80
C SER C 411 34.54 -8.84 -26.79
N TYR C 412 35.39 -7.89 -26.42
CA TYR C 412 36.40 -7.36 -27.34
C TYR C 412 37.76 -7.30 -26.68
N VAL C 413 38.79 -7.45 -27.50
CA VAL C 413 40.18 -7.20 -27.12
C VAL C 413 40.69 -6.03 -27.95
N LEU C 414 41.37 -5.10 -27.28
CA LEU C 414 41.91 -3.91 -27.94
C LEU C 414 43.37 -3.73 -27.52
N THR C 415 43.98 -2.67 -28.03
CA THR C 415 45.35 -2.32 -27.66
C THR C 415 45.44 -0.84 -27.36
N GLY C 416 46.29 -0.50 -26.39
CA GLY C 416 46.51 0.89 -26.06
C GLY C 416 47.20 1.64 -27.18
N THR C 417 46.94 2.94 -27.25
CA THR C 417 47.47 3.79 -28.31
C THR C 417 48.17 5.00 -27.70
N GLU C 418 49.00 5.65 -28.53
CA GLU C 418 49.67 6.87 -28.08
C GLU C 418 48.69 8.01 -27.89
N GLN C 419 47.57 8.00 -28.61
CA GLN C 419 46.57 9.04 -28.44
C GLN C 419 45.83 8.90 -27.11
N GLY C 420 45.53 7.66 -26.70
CA GLY C 420 44.96 7.46 -25.39
C GLY C 420 45.89 7.90 -24.28
N MET C 421 47.19 7.61 -24.44
CA MET C 421 48.19 8.07 -23.49
C MET C 421 48.18 9.59 -23.36
N THR C 422 47.95 10.28 -24.48
CA THR C 422 47.95 11.74 -24.46
C THR C 422 46.63 12.29 -23.92
N GLU C 423 45.50 11.72 -24.31
CA GLU C 423 44.20 12.30 -24.01
C GLU C 423 43.63 11.87 -22.67
N THR C 424 43.75 10.59 -22.31
CA THR C 424 43.14 10.08 -21.10
C THR C 424 44.18 9.50 -20.12
N PHE C 425 45.43 9.94 -20.21
CA PHE C 425 46.51 9.39 -19.38
C PHE C 425 46.60 7.87 -19.52
N GLY C 426 46.36 7.39 -20.75
CA GLY C 426 46.38 5.97 -21.03
C GLY C 426 45.28 5.19 -20.35
N THR C 427 44.05 5.68 -20.38
CA THR C 427 42.93 5.05 -19.70
C THR C 427 41.85 4.67 -20.71
N THR C 428 41.35 3.44 -20.58
CA THR C 428 40.18 2.99 -21.31
C THR C 428 39.25 2.29 -20.34
N CYS C 429 38.25 1.57 -20.83
CA CYS C 429 37.28 0.89 -19.98
C CYS C 429 37.57 -0.60 -19.90
N HIS C 430 36.88 -1.26 -18.97
CA HIS C 430 36.97 -2.69 -18.76
C HIS C 430 35.75 -3.43 -19.26
N GLY C 431 34.70 -2.72 -19.65
CA GLY C 431 33.48 -3.36 -20.09
C GLY C 431 32.54 -2.35 -20.70
N ALA C 432 31.31 -2.79 -20.93
CA ALA C 432 30.32 -1.94 -21.58
C ALA C 432 29.68 -0.93 -20.62
N GLY C 433 29.53 -1.30 -19.35
CA GLY C 433 28.79 -0.48 -18.42
C GLY C 433 27.29 -0.72 -18.52
N ARG C 434 26.58 -0.30 -17.49
CA ARG C 434 25.14 -0.57 -17.41
C ARG C 434 24.32 0.53 -18.07
N ALA C 435 23.28 0.11 -18.80
CA ALA C 435 22.29 1.01 -19.36
C ALA C 435 21.00 1.02 -18.56
N LEU C 436 20.65 -0.10 -17.94
CA LEU C 436 19.50 -0.21 -17.07
C LEU C 436 19.95 -0.54 -15.65
N SER C 437 19.37 0.12 -14.67
CA SER C 437 19.56 -0.31 -13.28
C SER C 437 18.95 -1.69 -13.09
N ARG C 438 19.41 -2.39 -12.05
CA ARG C 438 18.83 -3.68 -11.73
C ARG C 438 17.33 -3.56 -11.49
N ALA C 439 16.90 -2.47 -10.87
CA ALA C 439 15.48 -2.23 -10.66
C ALA C 439 14.75 -2.08 -12.00
N LYS C 440 15.30 -1.24 -12.90
CA LYS C 440 14.68 -1.07 -14.20
C LYS C 440 14.72 -2.37 -15.01
N SER C 441 15.76 -3.17 -14.84
CA SER C 441 15.83 -4.46 -15.54
C SER C 441 14.71 -5.38 -15.09
N ARG C 442 14.45 -5.44 -13.78
CA ARG C 442 13.49 -6.39 -13.25
C ARG C 442 12.08 -6.12 -13.77
N ARG C 443 11.69 -4.85 -13.84
CA ARG C 443 10.34 -4.50 -14.25
C ARG C 443 10.19 -4.37 -15.77
N ASN C 444 11.24 -4.67 -16.53
CA ASN C 444 11.16 -4.67 -17.99
C ASN C 444 11.62 -5.97 -18.62
N LEU C 445 12.25 -6.88 -17.86
CA LEU C 445 12.76 -8.13 -18.38
C LEU C 445 12.30 -9.28 -17.50
N ASP C 446 12.03 -10.42 -18.13
CA ASP C 446 11.58 -11.62 -17.44
C ASP C 446 12.71 -12.64 -17.43
N PHE C 447 12.89 -13.32 -16.29
CA PHE C 447 14.02 -14.22 -16.13
C PHE C 447 13.95 -15.40 -17.08
N GLN C 448 12.75 -15.93 -17.32
CA GLN C 448 12.63 -17.08 -18.21
C GLN C 448 12.90 -16.68 -19.66
N ASP C 449 12.47 -15.48 -20.05
CA ASP C 449 12.79 -14.99 -21.40
C ASP C 449 14.29 -14.86 -21.59
N VAL C 450 15.01 -14.39 -20.58
CA VAL C 450 16.46 -14.27 -20.67
C VAL C 450 17.09 -15.66 -20.78
N LEU C 451 16.66 -16.59 -19.94
CA LEU C 451 17.20 -17.95 -20.00
C LEU C 451 16.86 -18.62 -21.32
N ASP C 452 15.64 -18.44 -21.81
CA ASP C 452 15.25 -19.07 -23.08
C ASP C 452 15.98 -18.45 -24.25
N LYS C 453 16.16 -17.12 -24.25
CA LYS C 453 16.92 -16.48 -25.32
C LYS C 453 18.37 -16.91 -25.31
N LEU C 454 18.94 -17.16 -24.13
CA LEU C 454 20.33 -17.63 -24.06
C LEU C 454 20.46 -19.07 -24.56
N ALA C 455 19.42 -19.87 -24.39
CA ALA C 455 19.46 -21.23 -24.92
C ALA C 455 19.28 -21.24 -26.44
N ASP C 456 18.38 -20.41 -26.96
CA ASP C 456 18.19 -20.31 -28.40
C ASP C 456 19.46 -19.84 -29.10
N MET C 457 20.31 -19.09 -28.39
CA MET C 457 21.60 -18.66 -28.91
C MET C 457 22.70 -19.69 -28.71
N GLY C 458 22.37 -20.85 -28.12
CA GLY C 458 23.36 -21.87 -27.89
C GLY C 458 24.40 -21.51 -26.85
N ILE C 459 24.05 -20.66 -25.89
CA ILE C 459 24.96 -20.24 -24.84
C ILE C 459 24.60 -21.00 -23.57
N ALA C 460 25.51 -21.87 -23.11
CA ALA C 460 25.30 -22.61 -21.89
C ALA C 460 25.56 -21.72 -20.68
N ILE C 461 24.74 -21.86 -19.64
CA ILE C 461 24.76 -20.94 -18.52
C ILE C 461 24.60 -21.71 -17.22
N ARG C 462 25.42 -21.37 -16.22
CA ARG C 462 25.26 -21.83 -14.85
C ARG C 462 25.34 -20.61 -13.94
N VAL C 463 24.25 -20.32 -13.23
CA VAL C 463 24.19 -19.15 -12.37
C VAL C 463 23.72 -19.57 -10.99
N ALA C 464 24.08 -18.77 -9.99
CA ALA C 464 23.79 -19.11 -8.60
C ALA C 464 22.30 -18.96 -8.30
N SER C 465 21.65 -17.96 -8.89
CA SER C 465 20.22 -17.73 -8.70
C SER C 465 19.60 -17.45 -10.06
N PRO C 466 19.03 -18.47 -10.72
CA PRO C 466 18.55 -18.28 -12.10
C PRO C 466 17.39 -17.30 -12.20
N LYS C 467 16.57 -17.16 -11.17
CA LYS C 467 15.41 -16.29 -11.25
C LYS C 467 15.74 -14.82 -11.01
N LEU C 468 17.02 -14.50 -10.79
CA LEU C 468 17.49 -13.11 -10.73
C LEU C 468 18.33 -12.74 -11.94
N VAL C 469 18.31 -13.56 -13.00
CA VAL C 469 19.22 -13.38 -14.11
C VAL C 469 18.84 -12.20 -15.00
N MET C 470 17.59 -11.71 -14.91
CA MET C 470 17.21 -10.55 -15.70
C MET C 470 17.97 -9.30 -15.26
N GLU C 471 18.39 -9.25 -14.00
CA GLU C 471 19.20 -8.13 -13.52
C GLU C 471 20.56 -8.08 -14.20
N GLU C 472 20.99 -9.18 -14.83
CA GLU C 472 22.26 -9.24 -15.54
C GLU C 472 22.07 -9.56 -17.02
N ALA C 473 20.88 -9.34 -17.56
CA ALA C 473 20.60 -9.65 -18.95
C ALA C 473 21.46 -8.79 -19.87
N PRO C 474 21.69 -9.25 -21.10
CA PRO C 474 22.41 -8.41 -22.07
C PRO C 474 21.79 -7.03 -22.25
N GLU C 475 20.46 -6.95 -22.15
CA GLU C 475 19.78 -5.67 -22.30
C GLU C 475 20.03 -4.73 -21.13
N SER C 476 20.56 -5.24 -20.02
CA SER C 476 20.87 -4.38 -18.89
C SER C 476 22.08 -3.49 -19.14
N TYR C 477 22.96 -3.90 -20.05
CA TYR C 477 24.22 -3.20 -20.27
C TYR C 477 24.18 -2.45 -21.61
N LYS C 478 25.09 -1.49 -21.74
CA LYS C 478 25.24 -0.79 -23.01
C LYS C 478 25.63 -1.76 -24.11
N ASN C 479 25.35 -1.36 -25.35
CA ASN C 479 25.84 -2.12 -26.50
C ASN C 479 27.36 -2.09 -26.51
N VAL C 480 27.99 -3.26 -26.31
CA VAL C 480 29.45 -3.30 -26.20
C VAL C 480 30.11 -2.86 -27.49
N THR C 481 29.47 -3.11 -28.64
CA THR C 481 30.02 -2.66 -29.91
C THR C 481 30.06 -1.14 -29.97
N ASP C 482 29.01 -0.48 -29.47
CA ASP C 482 29.01 0.97 -29.44
C ASP C 482 30.07 1.51 -28.48
N VAL C 483 30.26 0.85 -27.34
CA VAL C 483 31.32 1.24 -26.41
C VAL C 483 32.68 1.11 -27.07
N VAL C 484 32.91 -0.04 -27.71
CA VAL C 484 34.20 -0.29 -28.35
C VAL C 484 34.43 0.65 -29.53
N ASN C 485 33.36 0.94 -30.30
CA ASN C 485 33.51 1.89 -31.40
C ASN C 485 33.83 3.29 -30.90
N THR C 486 33.32 3.67 -29.73
CA THR C 486 33.68 4.96 -29.15
C THR C 486 35.16 5.00 -28.80
N CYS C 487 35.68 3.94 -28.17
CA CYS C 487 37.11 3.88 -27.87
C CYS C 487 37.94 3.93 -29.15
N HIS C 488 37.53 3.18 -30.17
CA HIS C 488 38.29 3.12 -31.41
C HIS C 488 38.26 4.45 -32.15
N ASP C 489 37.06 4.99 -32.39
CA ASP C 489 36.94 6.21 -33.17
C ASP C 489 37.55 7.40 -32.45
N ALA C 490 37.50 7.42 -31.12
CA ALA C 490 38.19 8.46 -30.36
C ALA C 490 39.70 8.23 -30.31
N GLY C 491 40.18 7.05 -30.69
CA GLY C 491 41.60 6.81 -30.75
C GLY C 491 42.26 6.46 -29.44
N ILE C 492 41.48 6.11 -28.40
CA ILE C 492 42.08 5.77 -27.12
C ILE C 492 42.27 4.27 -26.93
N SER C 493 41.74 3.45 -27.84
CA SER C 493 41.96 2.01 -27.84
C SER C 493 41.67 1.48 -29.23
N LYS C 494 42.50 0.56 -29.71
CA LYS C 494 42.42 0.07 -31.09
C LYS C 494 41.91 -1.37 -31.10
N LYS C 495 40.80 -1.59 -31.80
CA LYS C 495 40.20 -2.92 -31.88
C LYS C 495 41.18 -3.94 -32.41
N ALA C 496 41.13 -5.15 -31.84
CA ALA C 496 42.03 -6.21 -32.26
C ALA C 496 41.27 -7.52 -32.48
N ILE C 497 40.48 -7.93 -31.50
CA ILE C 497 39.77 -9.21 -31.54
C ILE C 497 38.35 -9.02 -31.05
N LYS C 498 37.40 -9.71 -31.67
CA LYS C 498 36.03 -9.80 -31.21
C LYS C 498 35.73 -11.23 -30.80
N LEU C 499 35.11 -11.40 -29.63
CA LEU C 499 34.82 -12.71 -29.08
C LEU C 499 33.31 -12.88 -28.90
N ARG C 500 32.89 -14.15 -28.84
CA ARG C 500 31.49 -14.50 -28.70
C ARG C 500 31.35 -15.55 -27.61
N PRO C 501 30.50 -15.33 -26.60
CA PRO C 501 30.38 -16.31 -25.51
C PRO C 501 29.63 -17.55 -25.95
N ILE C 502 30.07 -18.69 -25.40
CA ILE C 502 29.35 -19.95 -25.54
C ILE C 502 29.01 -20.58 -24.20
N ALA C 503 29.74 -20.26 -23.13
CA ALA C 503 29.43 -20.77 -21.80
C ALA C 503 29.84 -19.71 -20.79
N VAL C 504 29.06 -19.56 -19.72
CA VAL C 504 29.35 -18.56 -18.71
C VAL C 504 28.83 -19.06 -17.37
N ILE C 505 29.61 -18.85 -16.30
CA ILE C 505 29.15 -19.08 -14.94
C ILE C 505 29.22 -17.77 -14.19
N LYS C 506 28.18 -17.49 -13.42
CA LYS C 506 28.10 -16.26 -12.64
C LYS C 506 27.53 -16.60 -11.26
N GLY C 507 27.84 -15.74 -10.30
CA GLY C 507 27.38 -15.91 -8.93
C GLY C 507 26.28 -14.93 -8.56
N VAL D 33 1.40 5.99 2.46
CA VAL D 33 2.16 5.38 1.38
C VAL D 33 3.54 6.01 1.26
N MET D 34 4.57 5.21 1.51
CA MET D 34 5.95 5.67 1.37
C MET D 34 6.69 5.03 0.21
N ALA D 35 6.21 3.91 -0.32
CA ALA D 35 6.86 3.28 -1.45
C ALA D 35 6.80 4.18 -2.67
N GLN D 36 7.92 4.24 -3.41
CA GLN D 36 7.98 5.02 -4.64
C GLN D 36 7.69 4.20 -5.88
N GLU D 37 7.81 2.87 -5.79
CA GLU D 37 7.52 1.97 -6.89
C GLU D 37 6.68 0.81 -6.35
N GLU D 38 5.93 0.18 -7.25
CA GLU D 38 5.05 -0.91 -6.84
C GLU D 38 5.87 -2.14 -6.46
N GLU D 39 5.21 -3.06 -5.75
CA GLU D 39 5.89 -4.20 -5.14
C GLU D 39 6.55 -5.07 -6.20
N ASP D 40 7.79 -5.51 -5.91
CA ASP D 40 8.55 -6.38 -6.79
C ASP D 40 9.40 -7.28 -5.90
N VAL D 41 8.86 -8.43 -5.55
CA VAL D 41 9.55 -9.38 -4.69
C VAL D 41 10.57 -10.15 -5.52
N ARG D 42 11.79 -10.28 -4.99
CA ARG D 42 12.82 -11.07 -5.64
C ARG D 42 12.63 -12.55 -5.33
N ASP D 43 12.79 -13.39 -6.35
CA ASP D 43 12.60 -14.83 -6.22
C ASP D 43 13.96 -15.50 -6.11
N TYR D 44 14.18 -16.21 -5.00
CA TYR D 44 15.46 -16.86 -4.73
C TYR D 44 15.42 -18.36 -5.02
N ASN D 45 14.47 -18.81 -5.82
CA ASN D 45 14.39 -20.18 -6.33
C ASN D 45 14.47 -21.20 -5.19
N LEU D 46 13.40 -21.19 -4.38
CA LEU D 46 13.37 -22.00 -3.16
C LEU D 46 13.14 -23.47 -3.47
N THR D 47 13.92 -24.33 -2.82
CA THR D 47 13.59 -25.74 -2.77
C THR D 47 12.38 -25.94 -1.87
N GLU D 48 11.75 -27.12 -2.01
CA GLU D 48 10.57 -27.41 -1.20
C GLU D 48 10.91 -27.54 0.27
N GLU D 49 12.13 -28.00 0.59
CA GLU D 49 12.58 -28.02 1.98
C GLU D 49 12.70 -26.60 2.53
N GLN D 50 13.25 -25.68 1.72
CA GLN D 50 13.31 -24.29 2.14
C GLN D 50 11.93 -23.68 2.28
N LYS D 51 11.01 -24.03 1.38
CA LYS D 51 9.63 -23.57 1.51
C LYS D 51 9.01 -24.04 2.81
N ALA D 52 9.35 -25.26 3.24
CA ALA D 52 8.81 -25.78 4.49
C ALA D 52 9.32 -24.99 5.68
N ILE D 53 10.60 -24.60 5.66
CA ILE D 53 11.16 -23.82 6.74
C ILE D 53 10.46 -22.47 6.84
N LYS D 54 10.29 -21.81 5.69
CA LYS D 54 9.65 -20.50 5.65
C LYS D 54 8.24 -20.54 6.20
N ALA D 55 7.55 -21.67 6.05
CA ALA D 55 6.14 -21.74 6.41
C ALA D 55 5.94 -21.87 7.92
N LYS D 56 6.93 -22.36 8.65
CA LYS D 56 6.78 -22.62 10.08
C LYS D 56 7.08 -21.39 10.94
N TYR D 57 7.46 -20.26 10.34
CA TYR D 57 7.73 -19.06 11.09
C TYR D 57 6.87 -17.91 10.57
N PRO D 58 6.46 -17.00 11.45
CA PRO D 58 5.64 -15.85 11.02
C PRO D 58 6.37 -15.00 10.01
N PRO D 59 5.70 -14.60 8.94
CA PRO D 59 6.38 -13.78 7.91
C PRO D 59 6.67 -12.38 8.42
N VAL D 60 7.82 -11.85 8.01
CA VAL D 60 8.32 -10.58 8.50
C VAL D 60 7.70 -9.44 7.70
N ASN D 61 7.22 -8.42 8.41
CA ASN D 61 6.63 -7.26 7.76
C ASN D 61 7.69 -6.47 7.00
N ARG D 62 7.50 -6.34 5.68
CA ARG D 62 8.46 -5.66 4.81
C ARG D 62 8.03 -4.21 4.62
N LYS D 63 8.86 -3.29 5.11
CA LYS D 63 8.68 -1.88 4.80
C LYS D 63 9.90 -1.35 4.06
N TYR D 64 10.31 -2.05 3.01
CA TYR D 64 11.47 -1.64 2.23
C TYR D 64 11.25 -1.98 0.77
N GLU D 65 12.10 -1.41 -0.08
CA GLU D 65 12.08 -1.66 -1.51
C GLU D 65 13.45 -1.36 -2.09
N TYR D 66 13.74 -1.98 -3.22
CA TYR D 66 15.02 -1.82 -3.90
C TYR D 66 14.80 -0.88 -5.10
N LEU D 67 15.35 0.32 -5.01
CA LEU D 67 15.11 1.37 -5.99
C LEU D 67 16.27 1.48 -6.98
N ASP D 68 16.09 2.34 -7.97
CA ASP D 68 16.99 2.41 -9.10
C ASP D 68 18.32 3.04 -8.72
N HIS D 69 19.41 2.36 -9.08
CA HIS D 69 20.73 2.98 -9.19
C HIS D 69 21.46 2.27 -10.31
N THR D 70 22.08 3.05 -11.21
CA THR D 70 22.55 2.50 -12.47
C THR D 70 23.52 1.34 -12.25
N ALA D 71 24.56 1.54 -11.45
CA ALA D 71 25.58 0.51 -11.26
C ALA D 71 25.25 -0.48 -10.16
N ASP D 72 24.55 -0.05 -9.11
CA ASP D 72 24.33 -0.92 -7.96
C ASP D 72 22.86 -0.93 -7.57
N VAL D 73 22.54 -0.70 -6.30
CA VAL D 73 21.17 -0.79 -5.82
C VAL D 73 20.98 0.20 -4.68
N GLN D 74 19.80 0.82 -4.63
CA GLN D 74 19.44 1.75 -3.57
C GLN D 74 18.41 1.13 -2.64
N LEU D 75 18.69 1.15 -1.35
CA LEU D 75 17.75 0.70 -0.34
C LEU D 75 16.85 1.86 0.06
N HIS D 76 15.55 1.63 0.01
CA HIS D 76 14.57 2.58 0.53
C HIS D 76 13.79 1.88 1.64
N ALA D 77 13.87 2.41 2.85
CA ALA D 77 13.18 1.86 4.00
C ALA D 77 12.43 2.96 4.73
N TRP D 78 11.41 2.57 5.48
CA TRP D 78 10.58 3.53 6.19
C TRP D 78 9.92 2.85 7.38
N GLY D 79 9.24 3.65 8.19
CA GLY D 79 8.54 3.13 9.34
C GLY D 79 7.84 4.25 10.08
N ASP D 80 7.24 3.89 11.22
CA ASP D 80 6.56 4.87 12.05
C ASP D 80 7.51 5.63 12.96
N THR D 81 8.72 5.11 13.17
CA THR D 81 9.75 5.77 13.95
C THR D 81 11.08 5.69 13.21
N LEU D 82 12.03 6.53 13.62
CA LEU D 82 13.37 6.45 13.07
C LEU D 82 13.99 5.08 13.30
N GLU D 83 13.72 4.50 14.47
CA GLU D 83 14.22 3.15 14.76
C GLU D 83 13.69 2.13 13.78
N GLU D 84 12.40 2.22 13.43
CA GLU D 84 11.83 1.25 12.50
C GLU D 84 12.38 1.44 11.10
N ALA D 85 12.61 2.69 10.69
CA ALA D 85 13.21 2.92 9.38
C ALA D 85 14.61 2.33 9.31
N PHE D 86 15.40 2.48 10.37
CA PHE D 86 16.75 1.92 10.40
C PHE D 86 16.72 0.40 10.34
N GLU D 87 15.85 -0.23 11.15
CA GLU D 87 15.80 -1.68 11.18
C GLU D 87 15.31 -2.25 9.86
N GLN D 88 14.35 -1.58 9.22
CA GLN D 88 13.88 -2.04 7.91
C GLN D 88 14.97 -1.90 6.85
N CYS D 89 15.88 -0.94 7.03
CA CYS D 89 16.98 -0.80 6.08
C CYS D 89 17.98 -1.94 6.22
N ALA D 90 18.21 -2.38 7.47
CA ALA D 90 19.07 -3.55 7.67
C ALA D 90 18.44 -4.80 7.10
N MET D 91 17.12 -4.97 7.28
CA MET D 91 16.43 -6.11 6.70
C MET D 91 16.34 -6.00 5.19
N ALA D 92 16.30 -4.79 4.65
CA ALA D 92 16.39 -4.61 3.21
C ALA D 92 17.72 -5.14 2.69
N MET D 93 18.82 -4.78 3.36
CA MET D 93 20.14 -5.22 2.94
C MET D 93 20.27 -6.73 3.01
N PHE D 94 19.88 -7.33 4.13
CA PHE D 94 19.96 -8.78 4.26
C PHE D 94 18.99 -9.47 3.31
N GLY D 95 17.82 -8.87 3.07
CA GLY D 95 16.87 -9.44 2.13
C GLY D 95 17.38 -9.47 0.70
N TYR D 96 18.44 -8.73 0.41
CA TYR D 96 19.08 -8.77 -0.90
C TYR D 96 20.08 -9.91 -1.01
N MET D 97 20.55 -10.45 0.12
CA MET D 97 21.53 -11.54 0.10
C MET D 97 20.88 -12.91 0.00
N THR D 98 19.65 -13.06 0.45
CA THR D 98 18.97 -14.35 0.49
C THR D 98 17.50 -14.09 0.79
N ASP D 99 16.73 -15.17 0.87
CA ASP D 99 15.36 -15.11 1.37
C ASP D 99 15.44 -15.26 2.89
N THR D 100 15.38 -14.13 3.60
CA THR D 100 15.46 -14.16 5.05
C THR D 100 14.30 -14.92 5.68
N GLY D 101 13.23 -15.17 4.93
CA GLY D 101 12.15 -15.99 5.44
C GLY D 101 12.52 -17.44 5.67
N THR D 102 13.61 -17.90 5.04
CA THR D 102 14.12 -19.24 5.25
C THR D 102 15.17 -19.32 6.36
N VAL D 103 15.42 -18.20 7.04
CA VAL D 103 16.40 -18.16 8.13
C VAL D 103 15.68 -18.50 9.43
N GLU D 104 16.23 -19.47 10.16
CA GLU D 104 15.52 -19.85 11.39
C GLU D 104 16.06 -19.06 12.57
N PRO D 105 15.18 -18.64 13.48
CA PRO D 105 15.57 -17.80 14.63
C PRO D 105 16.16 -18.61 15.78
N LEU D 106 17.41 -19.06 15.60
CA LEU D 106 18.06 -19.93 16.56
C LEU D 106 19.00 -19.20 17.50
N GLN D 107 19.43 -17.99 17.15
CA GLN D 107 20.42 -17.26 17.93
C GLN D 107 20.12 -15.77 17.80
N THR D 108 20.48 -15.01 18.83
CA THR D 108 20.29 -13.57 18.84
C THR D 108 21.64 -12.87 18.94
N VAL D 109 21.82 -11.84 18.10
CA VAL D 109 23.08 -11.10 18.00
C VAL D 109 22.80 -9.62 18.23
N GLU D 110 23.71 -8.95 18.94
CA GLU D 110 23.58 -7.53 19.24
C GLU D 110 24.54 -6.71 18.39
N VAL D 111 24.08 -5.54 17.96
CA VAL D 111 24.92 -4.56 17.28
C VAL D 111 24.65 -3.20 17.92
N GLU D 112 25.65 -2.66 18.61
CA GLU D 112 25.65 -1.29 19.08
C GLU D 112 26.66 -0.48 18.28
N THR D 113 26.28 0.74 17.92
CA THR D 113 27.18 1.60 17.15
C THR D 113 26.84 3.05 17.42
N GLN D 114 27.57 3.93 16.75
CA GLN D 114 27.51 5.37 16.99
C GLN D 114 27.93 6.10 15.73
N GLY D 115 27.74 7.42 15.74
CA GLY D 115 28.13 8.23 14.60
C GLY D 115 28.25 9.68 14.99
N ASP D 116 28.74 10.47 14.04
CA ASP D 116 28.82 11.92 14.20
C ASP D 116 27.56 12.62 13.70
N ASP D 117 26.61 11.87 13.15
CA ASP D 117 25.37 12.39 12.59
C ASP D 117 24.47 11.22 12.22
N LEU D 118 23.26 11.48 11.74
CA LEU D 118 22.37 10.38 11.40
C LEU D 118 22.87 9.59 10.20
N GLN D 119 23.51 10.26 9.24
CA GLN D 119 24.01 9.55 8.06
C GLN D 119 25.10 8.55 8.45
N SER D 120 26.13 9.02 9.17
CA SER D 120 27.21 8.12 9.58
C SER D 120 26.72 7.06 10.56
N LEU D 121 25.72 7.40 11.39
CA LEU D 121 25.13 6.40 12.27
C LEU D 121 24.48 5.29 11.46
N LEU D 122 23.77 5.65 10.38
CA LEU D 122 23.18 4.65 9.51
C LEU D 122 24.26 3.84 8.79
N PHE D 123 25.33 4.51 8.34
CA PHE D 123 26.42 3.82 7.66
C PHE D 123 27.05 2.76 8.56
N HIS D 124 27.46 3.16 9.77
CA HIS D 124 28.11 2.21 10.68
C HIS D 124 27.14 1.12 11.13
N PHE D 125 25.87 1.46 11.30
CA PHE D 125 24.87 0.46 11.67
C PHE D 125 24.77 -0.64 10.62
N LEU D 126 24.70 -0.25 9.34
CA LEU D 126 24.64 -1.24 8.28
C LEU D 126 25.98 -1.94 8.09
N ASP D 127 27.09 -1.25 8.33
CA ASP D 127 28.40 -1.86 8.14
C ASP D 127 28.67 -2.94 9.18
N GLU D 128 28.30 -2.67 10.45
CA GLU D 128 28.49 -3.67 11.49
C GLU D 128 27.66 -4.92 11.23
N TRP D 129 26.42 -4.75 10.77
CA TRP D 129 25.60 -5.90 10.43
C TRP D 129 26.17 -6.66 9.24
N LEU D 130 26.71 -5.94 8.26
CA LEU D 130 27.36 -6.61 7.13
C LEU D 130 28.56 -7.41 7.58
N TYR D 131 29.32 -6.88 8.55
CA TYR D 131 30.50 -7.60 9.02
C TYR D 131 30.12 -8.84 9.83
N LYS D 132 29.01 -8.76 10.58
CA LYS D 132 28.53 -9.96 11.29
C LYS D 132 28.23 -11.08 10.32
N PHE D 133 27.77 -10.75 9.11
CA PHE D 133 27.44 -11.75 8.11
C PHE D 133 28.67 -12.27 7.39
N SER D 134 29.72 -11.45 7.27
CA SER D 134 30.84 -11.75 6.38
C SER D 134 32.08 -12.25 7.12
N ALA D 135 32.02 -12.39 8.44
CA ALA D 135 33.19 -12.82 9.20
C ALA D 135 32.74 -13.51 10.48
N ASP D 136 33.71 -14.10 11.17
CA ASP D 136 33.53 -14.71 12.49
C ASP D 136 32.50 -15.83 12.45
N GLU D 137 31.26 -15.52 12.83
CA GLU D 137 30.21 -16.51 12.93
C GLU D 137 29.30 -16.55 11.71
N PHE D 138 29.51 -15.66 10.75
CA PHE D 138 28.76 -15.64 9.48
C PHE D 138 27.25 -15.69 9.74
N PHE D 139 26.79 -14.73 10.53
CA PHE D 139 25.43 -14.73 11.04
C PHE D 139 24.52 -13.92 10.13
N ILE D 140 23.34 -14.45 9.86
CA ILE D 140 22.32 -13.69 9.12
C ILE D 140 21.04 -13.67 9.95
N PRO D 141 20.47 -12.49 10.21
CA PRO D 141 19.17 -12.42 10.88
C PRO D 141 18.02 -12.52 9.89
N ARG D 142 16.96 -13.22 10.31
CA ARG D 142 15.71 -13.15 9.57
C ARG D 142 14.96 -11.87 9.85
N GLU D 143 15.34 -11.16 10.91
CA GLU D 143 14.69 -9.91 11.29
C GLU D 143 15.65 -9.14 12.19
N VAL D 144 15.59 -7.82 12.09
CA VAL D 144 16.40 -6.91 12.90
C VAL D 144 15.44 -5.94 13.58
N LYS D 145 15.72 -5.62 14.85
CA LYS D 145 14.98 -4.60 15.56
C LYS D 145 15.96 -3.61 16.18
N VAL D 146 15.74 -2.33 15.92
CA VAL D 146 16.47 -1.25 16.57
C VAL D 146 15.74 -0.90 17.86
N LEU D 147 16.40 -1.12 19.00
CA LEU D 147 15.75 -0.92 20.28
C LEU D 147 15.75 0.55 20.69
N SER D 148 16.73 1.32 20.24
CA SER D 148 16.84 2.72 20.66
C SER D 148 17.79 3.46 19.73
N ILE D 149 17.50 4.74 19.52
CA ILE D 149 18.42 5.67 18.86
C ILE D 149 18.44 6.96 19.68
N ASP D 150 19.61 7.28 20.22
CA ASP D 150 19.84 8.59 20.83
C ASP D 150 20.13 9.57 19.71
N GLN D 151 19.15 10.40 19.37
CA GLN D 151 19.28 11.31 18.24
C GLN D 151 20.09 12.57 18.58
N ARG D 152 20.52 12.74 19.81
CA ARG D 152 21.34 13.87 20.18
C ARG D 152 22.83 13.54 20.14
N ASN D 153 23.20 12.36 20.63
CA ASN D 153 24.59 11.91 20.61
C ASN D 153 24.84 10.85 19.56
N PHE D 154 23.82 10.48 18.77
CA PHE D 154 23.95 9.61 17.60
C PHE D 154 24.53 8.25 18.00
N LYS D 155 23.75 7.54 18.81
CA LYS D 155 24.09 6.20 19.26
C LYS D 155 22.89 5.27 19.07
N LEU D 156 23.17 4.00 18.81
CA LEU D 156 22.14 3.06 18.43
C LEU D 156 22.35 1.73 19.14
N ARG D 157 21.24 1.10 19.54
CA ARG D 157 21.21 -0.27 20.01
C ARG D 157 20.28 -1.07 19.13
N SER D 158 20.70 -2.28 18.76
CA SER D 158 19.86 -3.15 17.94
C SER D 158 20.18 -4.61 18.24
N ILE D 159 19.25 -5.46 17.86
CA ILE D 159 19.43 -6.92 17.93
C ILE D 159 18.90 -7.53 16.65
N GLY D 160 19.36 -8.74 16.38
CA GLY D 160 18.83 -9.53 15.28
C GLY D 160 18.86 -10.99 15.66
N TRP D 161 17.83 -11.72 15.22
CA TRP D 161 17.73 -13.14 15.51
C TRP D 161 17.73 -13.95 14.21
N GLY D 162 18.53 -15.00 14.20
CA GLY D 162 18.67 -15.85 13.03
C GLY D 162 19.64 -16.99 13.29
N GLU D 163 20.47 -17.30 12.30
CA GLU D 163 21.39 -18.42 12.38
C GLU D 163 22.57 -18.15 11.46
N GLU D 164 23.54 -19.06 11.47
CA GLU D 164 24.68 -18.95 10.58
C GLU D 164 24.24 -19.22 9.15
N PHE D 165 24.63 -18.34 8.23
CA PHE D 165 24.33 -18.53 6.83
C PHE D 165 24.98 -19.81 6.32
N SER D 166 24.23 -20.59 5.54
CA SER D 166 24.71 -21.86 5.03
C SER D 166 24.13 -22.10 3.65
N LEU D 167 25.01 -22.45 2.70
CA LEU D 167 24.54 -22.74 1.35
C LEU D 167 23.70 -24.00 1.27
N SER D 168 23.79 -24.87 2.28
CA SER D 168 22.94 -26.05 2.34
C SER D 168 21.52 -25.71 2.79
N LYS D 169 21.33 -24.57 3.45
CA LYS D 169 20.03 -24.17 3.98
C LYS D 169 19.43 -22.96 3.29
N HIS D 170 20.25 -21.96 2.96
CA HIS D 170 19.69 -20.69 2.54
C HIS D 170 20.00 -20.41 1.07
N PRO D 171 19.03 -19.89 0.32
CA PRO D 171 19.26 -19.64 -1.11
C PRO D 171 20.21 -18.49 -1.34
N GLN D 172 20.82 -18.49 -2.52
CA GLN D 172 21.81 -17.48 -2.88
C GLN D 172 21.14 -16.30 -3.55
N GLY D 173 21.28 -15.12 -2.94
CA GLY D 173 20.89 -13.89 -3.59
C GLY D 173 22.10 -13.19 -4.16
N THR D 174 22.28 -11.92 -3.81
CA THR D 174 23.42 -11.13 -4.26
C THR D 174 24.30 -10.80 -3.06
N GLU D 175 25.60 -11.04 -3.19
CA GLU D 175 26.53 -10.62 -2.16
C GLU D 175 26.63 -9.11 -2.13
N VAL D 176 26.57 -8.54 -0.93
CA VAL D 176 26.74 -7.10 -0.74
C VAL D 176 28.21 -6.83 -0.48
N LYS D 177 28.80 -5.93 -1.27
CA LYS D 177 30.22 -5.63 -1.14
C LYS D 177 30.47 -4.66 0.02
N ALA D 178 29.70 -3.57 0.10
CA ALA D 178 29.97 -2.54 1.08
C ALA D 178 28.80 -1.57 1.15
N ILE D 179 28.81 -0.74 2.20
CA ILE D 179 27.90 0.39 2.34
C ILE D 179 28.57 1.61 1.72
N THR D 180 27.79 2.48 1.10
CA THR D 180 28.31 3.72 0.55
C THR D 180 27.48 4.89 1.04
N TYR D 181 28.07 6.08 0.98
CA TYR D 181 27.40 7.33 1.32
C TYR D 181 26.69 7.97 0.13
N SER D 182 26.73 7.34 -1.04
CA SER D 182 26.22 7.96 -2.25
C SER D 182 24.73 8.27 -2.12
N ALA D 183 24.41 9.56 -2.17
CA ALA D 183 23.03 10.04 -2.14
C ALA D 183 22.29 9.55 -0.90
N MET D 184 23.01 9.29 0.19
CA MET D 184 22.37 8.82 1.39
C MET D 184 21.47 9.90 1.97
N GLN D 185 20.24 9.53 2.29
CA GLN D 185 19.24 10.46 2.80
C GLN D 185 18.55 9.85 4.00
N VAL D 186 18.49 10.61 5.10
CA VAL D 186 17.75 10.23 6.29
C VAL D 186 16.71 11.30 6.54
N TYR D 187 15.44 10.92 6.45
CA TYR D 187 14.33 11.83 6.70
C TYR D 187 13.73 11.46 8.06
N ASN D 188 13.75 12.43 8.98
CA ASN D 188 13.41 12.19 10.38
C ASN D 188 12.28 13.12 10.84
N GLU D 189 11.30 13.35 9.97
CA GLU D 189 10.10 14.09 10.36
C GLU D 189 8.97 13.10 10.58
N GLU D 190 7.73 13.53 10.39
CA GLU D 190 6.63 12.58 10.34
C GLU D 190 6.82 11.67 9.13
N ASN D 191 6.58 10.37 9.34
CA ASN D 191 6.81 9.33 8.35
C ASN D 191 8.30 9.26 8.01
N PRO D 192 9.13 8.72 8.91
CA PRO D 192 10.56 8.64 8.64
C PRO D 192 10.89 7.62 7.56
N GLU D 193 11.98 7.90 6.83
CA GLU D 193 12.42 7.04 5.74
C GLU D 193 13.90 7.28 5.48
N VAL D 194 14.55 6.28 4.88
CA VAL D 194 15.98 6.35 4.57
C VAL D 194 16.21 5.87 3.14
N PHE D 195 17.26 6.41 2.52
CA PHE D 195 17.72 5.99 1.20
C PHE D 195 19.21 5.72 1.28
N VAL D 196 19.62 4.48 0.98
CA VAL D 196 21.02 4.07 1.10
C VAL D 196 21.41 3.28 -0.13
N ILE D 197 22.51 3.68 -0.78
CA ILE D 197 23.10 2.94 -1.89
C ILE D 197 24.21 2.06 -1.35
N ILE D 198 24.15 0.77 -1.67
CA ILE D 198 25.17 -0.19 -1.28
C ILE D 198 25.86 -0.71 -2.54
N ASP D 199 27.15 -0.99 -2.41
CA ASP D 199 27.91 -1.54 -3.52
C ASP D 199 27.65 -3.03 -3.65
N ILE D 200 27.22 -3.46 -4.82
CA ILE D 200 26.99 -4.87 -5.11
C ILE D 200 27.77 -5.27 -6.36
N ARG E 5 -20.35 1.07 23.19
CA ARG E 5 -20.54 0.10 24.25
C ARG E 5 -19.60 -1.09 24.07
N SER E 6 -18.96 -1.50 25.16
CA SER E 6 -18.02 -2.61 25.09
C SER E 6 -18.78 -3.94 24.95
N TYR E 7 -18.04 -4.96 24.50
CA TYR E 7 -18.60 -6.30 24.36
C TYR E 7 -19.22 -6.77 25.67
N ASN E 8 -18.46 -6.65 26.77
CA ASN E 8 -18.98 -7.06 28.08
C ASN E 8 -20.16 -6.21 28.52
N ASP E 9 -20.22 -4.95 28.07
CA ASP E 9 -21.40 -4.14 28.36
C ASP E 9 -22.63 -4.61 27.60
N GLU E 10 -22.44 -5.11 26.37
CA GLU E 10 -23.56 -5.61 25.59
C GLU E 10 -24.17 -6.85 26.23
N LEU E 11 -23.33 -7.71 26.82
CA LEU E 11 -23.80 -8.96 27.40
C LEU E 11 -24.75 -8.75 28.58
N GLN E 12 -24.89 -7.52 29.06
CA GLN E 12 -25.85 -7.22 30.12
C GLN E 12 -27.29 -7.22 29.64
N PHE E 13 -27.51 -7.32 28.32
CA PHE E 13 -28.84 -7.42 27.75
C PHE E 13 -29.13 -8.80 27.20
N LEU E 14 -28.21 -9.75 27.36
CA LEU E 14 -28.32 -11.06 26.75
C LEU E 14 -28.38 -12.12 27.84
N GLU E 15 -29.38 -13.00 27.75
CA GLU E 15 -29.62 -14.02 28.76
C GLU E 15 -30.12 -15.29 28.07
N LYS E 16 -29.53 -16.42 28.43
CA LYS E 16 -29.91 -17.71 27.86
C LYS E 16 -31.20 -18.18 28.49
N ILE E 17 -32.22 -18.41 27.65
CA ILE E 17 -33.52 -18.85 28.16
C ILE E 17 -33.50 -20.34 28.47
N ASN E 18 -33.11 -21.16 27.49
CA ASN E 18 -33.05 -22.61 27.66
C ASN E 18 -31.89 -23.15 26.85
N LYS E 19 -31.89 -24.46 26.63
CA LYS E 19 -30.78 -25.11 25.96
C LYS E 19 -30.67 -24.69 24.49
N ASN E 20 -31.76 -24.18 23.90
CA ASN E 20 -31.80 -23.91 22.47
C ASN E 20 -32.32 -22.51 22.16
N CYS E 21 -32.25 -21.56 23.09
CA CYS E 21 -32.79 -20.24 22.83
C CYS E 21 -32.15 -19.21 23.74
N TRP E 22 -31.90 -18.02 23.19
CA TRP E 22 -31.36 -16.88 23.92
C TRP E 22 -32.34 -15.73 23.91
N ARG E 23 -32.15 -14.78 24.82
CA ARG E 23 -33.02 -13.62 24.96
C ARG E 23 -32.22 -12.34 24.76
N ILE E 24 -32.86 -11.34 24.15
CA ILE E 24 -32.31 -10.01 23.99
C ILE E 24 -33.24 -9.05 24.71
N LYS E 25 -32.78 -8.49 25.82
CA LYS E 25 -33.62 -7.64 26.65
C LYS E 25 -33.73 -6.24 26.07
N LYS E 26 -34.77 -5.52 26.51
CA LYS E 26 -35.00 -4.17 26.02
C LYS E 26 -33.89 -3.24 26.48
N GLY E 27 -33.58 -2.24 25.65
CA GLY E 27 -32.47 -1.35 25.88
C GLY E 27 -31.20 -1.73 25.15
N PHE E 28 -31.12 -2.97 24.64
CA PHE E 28 -30.00 -3.38 23.80
C PHE E 28 -29.81 -2.39 22.66
N VAL E 29 -30.90 -2.03 21.98
CA VAL E 29 -30.91 -0.93 21.00
C VAL E 29 -32.04 0.01 21.41
N PRO E 30 -32.02 1.25 20.90
CA PRO E 30 -33.03 2.23 21.33
C PRO E 30 -34.44 1.83 20.92
N ASN E 31 -35.39 2.20 21.77
CA ASN E 31 -36.82 2.20 21.45
C ASN E 31 -37.38 0.81 21.20
N MET E 32 -36.81 -0.22 21.83
CA MET E 32 -37.37 -1.56 21.70
C MET E 32 -38.75 -1.63 22.33
N GLN E 33 -39.76 -1.94 21.52
CA GLN E 33 -41.12 -2.11 22.02
C GLN E 33 -41.40 -3.52 22.50
N VAL E 34 -40.66 -4.51 22.01
CA VAL E 34 -40.75 -5.89 22.48
C VAL E 34 -39.33 -6.43 22.67
N GLU E 35 -39.26 -7.62 23.26
CA GLU E 35 -37.97 -8.27 23.44
C GLU E 35 -37.56 -9.00 22.16
N GLY E 36 -36.30 -9.44 22.13
CA GLY E 36 -35.79 -10.24 21.03
C GLY E 36 -35.24 -11.56 21.55
N VAL E 37 -35.30 -12.58 20.69
CA VAL E 37 -34.79 -13.92 21.00
C VAL E 37 -34.15 -14.50 19.75
N PHE E 38 -33.22 -15.43 19.96
CA PHE E 38 -32.67 -16.21 18.85
C PHE E 38 -32.41 -17.64 19.31
N TYR E 39 -32.84 -18.61 18.49
CA TYR E 39 -32.76 -20.02 18.82
C TYR E 39 -31.43 -20.57 18.32
N VAL E 40 -30.53 -20.87 19.25
CA VAL E 40 -29.24 -21.49 18.92
C VAL E 40 -28.95 -22.57 19.96
N ASN E 41 -28.36 -23.67 19.51
CA ASN E 41 -27.87 -24.68 20.45
C ASN E 41 -26.45 -24.32 20.86
N ASP E 42 -25.82 -25.17 21.67
CA ASP E 42 -24.49 -24.86 22.19
C ASP E 42 -23.45 -24.81 21.08
N ALA E 43 -23.65 -25.56 19.99
CA ALA E 43 -22.68 -25.54 18.90
C ALA E 43 -22.78 -24.26 18.08
N LEU E 44 -23.96 -23.64 18.01
CA LEU E 44 -24.18 -22.45 17.22
C LEU E 44 -24.12 -21.17 18.04
N GLU E 45 -24.11 -21.26 19.38
CA GLU E 45 -24.05 -20.08 20.23
C GLU E 45 -22.88 -19.18 19.86
N LYS E 46 -21.68 -19.75 19.76
CA LYS E 46 -20.46 -18.95 19.68
C LYS E 46 -20.44 -18.07 18.44
N LEU E 47 -21.07 -18.51 17.35
CA LEU E 47 -21.06 -17.73 16.12
C LEU E 47 -21.81 -16.41 16.29
N MET E 48 -22.88 -16.43 17.09
CA MET E 48 -23.67 -15.21 17.29
C MET E 48 -22.94 -14.20 18.16
N PHE E 49 -22.20 -14.68 19.17
CA PHE E 49 -21.46 -13.77 20.04
C PHE E 49 -20.15 -13.31 19.41
N GLU E 50 -19.53 -14.16 18.59
CA GLU E 50 -18.34 -13.73 17.86
C GLU E 50 -18.69 -12.69 16.80
N GLU E 51 -19.86 -12.84 16.17
CA GLU E 51 -20.29 -11.84 15.21
C GLU E 51 -20.59 -10.51 15.89
N LEU E 52 -21.10 -10.55 17.12
CA LEU E 52 -21.31 -9.32 17.89
C LEU E 52 -20.01 -8.58 18.14
N ARG E 53 -18.90 -9.31 18.29
CA ARG E 53 -17.60 -8.72 18.54
C ARG E 53 -16.85 -8.39 17.24
N ASN E 54 -16.96 -9.25 16.24
CA ASN E 54 -16.21 -9.04 15.00
C ASN E 54 -16.76 -7.87 14.20
N ALA E 55 -18.08 -7.71 14.19
CA ALA E 55 -18.69 -6.67 13.36
C ALA E 55 -18.21 -5.28 13.73
N CYS E 56 -17.92 -5.04 15.00
CA CYS E 56 -17.43 -3.74 15.42
C CYS E 56 -15.99 -3.52 14.95
N ARG E 57 -15.71 -2.32 14.48
CA ARG E 57 -14.36 -1.92 14.07
C ARG E 57 -13.99 -0.62 14.75
N GLY E 58 -12.68 -0.37 14.85
CA GLY E 58 -12.15 0.76 15.56
C GLY E 58 -12.66 2.12 15.10
N GLY E 59 -13.12 2.93 16.06
CA GLY E 59 -13.68 4.23 15.78
C GLY E 59 -15.02 4.24 15.07
N GLY E 60 -15.72 3.11 15.00
CA GLY E 60 -16.89 3.04 14.17
C GLY E 60 -16.64 3.15 12.68
N VAL E 61 -15.38 3.09 12.26
CA VAL E 61 -15.04 3.20 10.84
C VAL E 61 -15.11 1.81 10.22
N GLY E 62 -16.14 1.57 9.41
CA GLY E 62 -16.36 0.24 8.87
C GLY E 62 -17.26 -0.61 9.75
N GLY E 63 -17.26 -1.90 9.45
CA GLY E 63 -18.08 -2.84 10.18
C GLY E 63 -19.51 -2.88 9.69
N PHE E 64 -20.30 -3.72 10.35
CA PHE E 64 -21.70 -3.91 10.02
C PHE E 64 -22.46 -4.14 11.32
N LEU E 65 -23.79 -4.12 11.22
CA LEU E 65 -24.62 -4.46 12.36
C LEU E 65 -24.67 -5.98 12.53
N PRO E 66 -24.24 -6.53 13.65
CA PRO E 66 -24.40 -7.97 13.86
C PRO E 66 -25.87 -8.33 13.94
N ALA E 67 -26.14 -9.64 13.81
CA ALA E 67 -27.53 -10.11 13.80
C ALA E 67 -28.26 -9.72 15.08
N MET E 68 -27.56 -9.74 16.22
CA MET E 68 -28.19 -9.40 17.50
C MET E 68 -28.73 -7.97 17.49
N LYS E 69 -27.95 -7.03 16.93
CA LYS E 69 -28.41 -5.64 16.88
C LYS E 69 -29.56 -5.48 15.91
N GLN E 70 -29.53 -6.21 14.79
CA GLN E 70 -30.61 -6.12 13.82
C GLN E 70 -31.91 -6.69 14.38
N ILE E 71 -31.82 -7.82 15.09
CA ILE E 71 -33.00 -8.36 15.77
C ILE E 71 -33.57 -7.34 16.75
N GLY E 72 -32.69 -6.63 17.46
CA GLY E 72 -33.16 -5.57 18.34
C GLY E 72 -33.82 -4.44 17.58
N ASN E 73 -33.19 -3.99 16.50
CA ASN E 73 -33.77 -2.90 15.70
C ASN E 73 -35.15 -3.27 15.16
N VAL E 74 -35.36 -4.55 14.84
CA VAL E 74 -36.67 -4.99 14.39
C VAL E 74 -37.69 -4.88 15.52
N ALA E 75 -37.26 -5.19 16.75
CA ALA E 75 -38.15 -5.09 17.90
C ALA E 75 -38.59 -3.66 18.18
N ALA E 76 -38.00 -2.67 17.51
CA ALA E 76 -38.37 -1.28 17.69
C ALA E 76 -39.34 -0.77 16.64
N LEU E 77 -39.74 -1.62 15.69
CA LEU E 77 -40.68 -1.19 14.67
C LEU E 77 -42.09 -1.15 15.25
N PRO E 78 -42.86 -0.10 14.96
CA PRO E 78 -44.18 0.04 15.58
C PRO E 78 -45.13 -1.06 15.12
N GLY E 79 -45.95 -1.52 16.06
CA GLY E 79 -46.93 -2.55 15.78
C GLY E 79 -46.46 -3.97 16.00
N ILE E 80 -45.17 -4.18 16.25
CA ILE E 80 -44.67 -5.52 16.48
C ILE E 80 -45.30 -6.09 17.75
N VAL E 81 -45.64 -7.37 17.71
CA VAL E 81 -46.21 -8.07 18.86
C VAL E 81 -45.32 -9.26 19.18
N HIS E 82 -45.51 -9.80 20.38
CA HIS E 82 -44.72 -10.92 20.89
C HIS E 82 -43.26 -10.54 20.99
N ARG E 83 -42.44 -10.94 20.01
CA ARG E 83 -41.02 -10.66 20.07
C ARG E 83 -40.39 -10.81 18.69
N SER E 84 -39.23 -10.18 18.53
CA SER E 84 -38.41 -10.34 17.34
C SER E 84 -37.62 -11.64 17.45
N ILE E 85 -37.87 -12.58 16.54
CA ILE E 85 -37.40 -13.95 16.66
C ILE E 85 -36.32 -14.22 15.62
N GLY E 86 -35.17 -14.70 16.09
CA GLY E 86 -34.12 -15.20 15.21
C GLY E 86 -34.13 -16.72 15.21
N LEU E 87 -34.07 -17.28 14.01
CA LEU E 87 -34.15 -18.73 13.82
C LEU E 87 -32.76 -19.34 13.81
N PRO E 88 -32.65 -20.68 13.92
CA PRO E 88 -31.32 -21.33 14.00
C PRO E 88 -30.32 -20.96 12.92
N ASP E 89 -30.78 -20.46 11.77
CA ASP E 89 -29.89 -20.04 10.70
C ASP E 89 -29.46 -18.58 10.84
N VAL E 90 -29.66 -17.98 12.01
CA VAL E 90 -29.53 -16.54 12.15
C VAL E 90 -28.08 -16.10 11.92
N HIS E 91 -27.92 -15.04 11.13
CA HIS E 91 -26.65 -14.34 11.02
C HIS E 91 -26.96 -12.95 10.46
N SER E 92 -25.92 -12.11 10.40
CA SER E 92 -26.11 -10.70 10.05
C SER E 92 -26.67 -10.54 8.64
N GLY E 93 -27.66 -9.67 8.50
CA GLY E 93 -28.23 -9.32 7.22
C GLY E 93 -28.04 -7.85 6.89
N TYR E 94 -29.01 -7.23 6.20
CA TYR E 94 -28.93 -5.81 5.89
C TYR E 94 -30.03 -4.97 6.52
N GLY E 95 -31.13 -5.57 6.97
CA GLY E 95 -32.15 -4.84 7.71
C GLY E 95 -32.68 -5.69 8.84
N PHE E 96 -33.59 -6.59 8.51
CA PHE E 96 -33.77 -7.78 9.33
C PHE E 96 -32.48 -8.59 9.31
N ALA E 97 -32.26 -9.36 10.36
CA ALA E 97 -31.22 -10.36 10.28
C ALA E 97 -31.67 -11.48 9.34
N ILE E 98 -30.71 -12.22 8.81
CA ILE E 98 -31.07 -13.42 8.06
C ILE E 98 -31.60 -14.44 9.04
N GLY E 99 -32.81 -14.95 8.77
CA GLY E 99 -33.48 -15.81 9.72
C GLY E 99 -34.08 -15.01 10.86
N ASN E 100 -34.89 -14.00 10.52
CA ASN E 100 -35.47 -13.10 11.50
C ASN E 100 -36.94 -12.91 11.17
N MET E 101 -37.80 -13.08 12.19
CA MET E 101 -39.24 -13.02 12.03
C MET E 101 -39.77 -11.83 12.83
N ALA E 102 -40.89 -11.26 12.34
CA ALA E 102 -41.54 -10.15 13.02
C ALA E 102 -43.00 -10.07 12.56
N ALA E 103 -43.92 -10.08 13.52
CA ALA E 103 -45.34 -10.00 13.25
C ALA E 103 -45.89 -8.69 13.80
N PHE E 104 -46.77 -8.06 13.02
CA PHE E 104 -47.31 -6.74 13.33
C PHE E 104 -48.84 -6.80 13.39
N ASP E 105 -49.41 -6.12 14.38
CA ASP E 105 -50.86 -6.12 14.59
C ASP E 105 -51.50 -5.15 13.61
N MET E 106 -52.13 -5.69 12.56
CA MET E 106 -52.76 -4.86 11.55
C MET E 106 -53.89 -4.00 12.11
N ASN E 107 -54.48 -4.40 13.24
CA ASN E 107 -55.51 -3.58 13.86
C ASN E 107 -54.91 -2.34 14.51
N ASP E 108 -53.66 -2.41 14.94
CA ASP E 108 -52.95 -1.21 15.35
C ASP E 108 -52.69 -0.34 14.13
N PRO E 109 -53.18 0.90 14.10
CA PRO E 109 -52.89 1.76 12.93
C PRO E 109 -51.42 2.03 12.75
N GLU E 110 -50.65 2.14 13.83
CA GLU E 110 -49.22 2.42 13.75
C GLU E 110 -48.40 1.22 13.31
N ALA E 111 -49.03 0.08 13.03
CA ALA E 111 -48.31 -1.06 12.47
C ALA E 111 -47.73 -0.71 11.12
N VAL E 112 -46.50 -1.14 10.87
CA VAL E 112 -45.76 -0.78 9.67
C VAL E 112 -45.47 -2.04 8.85
N VAL E 113 -45.03 -1.81 7.62
CA VAL E 113 -44.51 -2.86 6.75
C VAL E 113 -43.13 -2.41 6.26
N SER E 114 -42.15 -3.29 6.37
CA SER E 114 -40.78 -2.94 6.05
C SER E 114 -40.31 -3.70 4.81
N PRO E 115 -40.19 -3.03 3.66
CA PRO E 115 -39.68 -3.75 2.48
C PRO E 115 -38.22 -4.11 2.61
N GLY E 116 -37.40 -3.20 3.15
CA GLY E 116 -36.00 -3.50 3.38
C GLY E 116 -35.79 -4.66 4.33
N GLY E 117 -36.81 -5.01 5.11
CA GLY E 117 -36.73 -6.14 6.00
C GLY E 117 -37.13 -7.44 5.34
N VAL E 118 -38.20 -7.40 4.53
CA VAL E 118 -38.63 -8.58 3.80
C VAL E 118 -37.50 -9.12 2.94
N GLY E 119 -36.72 -8.23 2.35
CA GLY E 119 -35.58 -8.63 1.55
C GLY E 119 -35.77 -8.34 0.07
N PHE E 120 -34.64 -8.22 -0.63
CA PHE E 120 -34.70 -7.90 -2.05
C PHE E 120 -35.07 -9.12 -2.90
N ASP E 121 -34.67 -10.32 -2.48
CA ASP E 121 -35.03 -11.54 -3.20
C ASP E 121 -36.40 -12.01 -2.73
N ILE E 122 -37.43 -11.26 -3.17
CA ILE E 122 -38.78 -11.46 -2.67
C ILE E 122 -39.29 -12.84 -3.03
N ASN E 123 -39.86 -13.53 -2.04
CA ASN E 123 -40.41 -14.88 -2.20
C ASN E 123 -39.38 -15.85 -2.75
N CYS E 124 -38.10 -15.61 -2.47
CA CYS E 124 -37.08 -16.61 -2.75
C CYS E 124 -37.39 -17.87 -1.96
N GLY E 125 -37.30 -19.02 -2.63
CA GLY E 125 -37.77 -20.24 -2.00
C GLY E 125 -36.97 -21.45 -2.41
N VAL E 126 -37.33 -22.57 -1.79
CA VAL E 126 -36.74 -23.88 -2.06
C VAL E 126 -37.85 -24.82 -2.50
N ARG E 127 -37.60 -25.59 -3.54
CA ARG E 127 -38.54 -26.57 -4.05
C ARG E 127 -37.85 -27.91 -4.18
N LEU E 128 -38.43 -28.94 -3.57
CA LEU E 128 -37.87 -30.28 -3.59
C LEU E 128 -38.63 -31.15 -4.58
N LEU E 129 -37.90 -31.82 -5.46
CA LEU E 129 -38.46 -32.77 -6.40
C LEU E 129 -38.01 -34.17 -6.00
N ARG E 130 -38.88 -35.15 -6.22
CA ARG E 130 -38.55 -36.55 -6.01
C ARG E 130 -38.44 -37.26 -7.34
N THR E 131 -37.58 -38.28 -7.38
CA THR E 131 -37.46 -39.15 -8.54
C THR E 131 -37.57 -40.60 -8.08
N ASN E 132 -38.11 -41.46 -8.93
CA ASN E 132 -38.14 -42.89 -8.62
C ASN E 132 -36.86 -43.58 -9.06
N LEU E 133 -35.72 -42.91 -8.89
CA LEU E 133 -34.41 -43.44 -9.25
C LEU E 133 -33.56 -43.63 -8.00
N ASP E 134 -32.49 -44.39 -8.16
CA ASP E 134 -31.58 -44.73 -7.08
C ASP E 134 -30.22 -44.11 -7.35
N GLU E 135 -29.38 -44.06 -6.29
CA GLU E 135 -28.00 -43.62 -6.49
C GLU E 135 -27.28 -44.54 -7.47
N SER E 136 -27.61 -45.83 -7.45
CA SER E 136 -27.10 -46.76 -8.45
C SER E 136 -27.48 -46.32 -9.86
N ASP E 137 -28.69 -45.76 -10.02
CA ASP E 137 -29.12 -45.31 -11.33
C ASP E 137 -28.36 -44.07 -11.78
N VAL E 138 -27.90 -43.24 -10.84
CA VAL E 138 -27.42 -41.91 -11.17
C VAL E 138 -25.90 -41.86 -11.18
N GLN E 139 -25.25 -42.62 -10.30
CA GLN E 139 -23.79 -42.51 -10.16
C GLN E 139 -23.03 -42.78 -11.46
N PRO E 140 -23.39 -43.74 -12.31
CA PRO E 140 -22.61 -43.92 -13.54
C PRO E 140 -22.67 -42.75 -14.50
N VAL E 141 -23.78 -41.99 -14.50
CA VAL E 141 -23.95 -40.89 -15.43
C VAL E 141 -24.03 -39.54 -14.71
N LYS E 142 -23.46 -39.46 -13.50
CA LYS E 142 -23.67 -38.26 -12.68
C LYS E 142 -22.98 -37.04 -13.27
N GLU E 143 -21.73 -37.20 -13.73
CA GLU E 143 -21.02 -36.09 -14.36
C GLU E 143 -21.75 -35.63 -15.62
N GLN E 144 -22.30 -36.58 -16.39
CA GLN E 144 -23.09 -36.22 -17.55
C GLN E 144 -24.40 -35.56 -17.14
N LEU E 145 -25.01 -36.04 -16.05
CA LEU E 145 -26.24 -35.43 -15.56
C LEU E 145 -25.99 -34.02 -15.05
N ALA E 146 -24.86 -33.79 -14.39
CA ALA E 146 -24.51 -32.44 -13.95
C ALA E 146 -24.29 -31.52 -15.14
N GLN E 147 -23.59 -32.00 -16.17
CA GLN E 147 -23.40 -31.21 -17.38
C GLN E 147 -24.75 -30.92 -18.04
N ALA E 148 -25.66 -31.89 -18.05
CA ALA E 148 -26.98 -31.68 -18.62
C ALA E 148 -27.75 -30.61 -17.85
N MET E 149 -27.67 -30.64 -16.52
CA MET E 149 -28.27 -29.57 -15.71
C MET E 149 -27.62 -28.23 -16.02
N PHE E 150 -26.29 -28.21 -16.13
CA PHE E 150 -25.58 -26.98 -16.44
C PHE E 150 -25.91 -26.48 -17.84
N ASP E 151 -26.10 -27.40 -18.79
CA ASP E 151 -26.41 -27.00 -20.16
C ASP E 151 -27.85 -26.56 -20.33
N HIS E 152 -28.77 -27.07 -19.51
CA HIS E 152 -30.17 -26.72 -19.63
C HIS E 152 -30.54 -25.47 -18.83
N ILE E 153 -29.88 -25.24 -17.71
CA ILE E 153 -30.28 -24.22 -16.75
C ILE E 153 -29.31 -23.05 -16.85
N PRO E 154 -29.77 -21.84 -17.20
CA PRO E 154 -28.89 -20.67 -17.19
C PRO E 154 -28.57 -20.27 -15.74
N VAL E 155 -27.28 -20.13 -15.45
CA VAL E 155 -26.82 -19.78 -14.12
C VAL E 155 -25.83 -18.63 -14.22
N GLY E 156 -25.66 -17.91 -13.13
CA GLY E 156 -24.64 -16.88 -13.01
C GLY E 156 -25.08 -15.54 -13.59
N VAL E 157 -24.23 -14.54 -13.35
CA VAL E 157 -24.51 -13.18 -13.80
C VAL E 157 -24.60 -13.14 -15.31
N GLY E 158 -25.56 -12.36 -15.81
CA GLY E 158 -25.71 -12.15 -17.24
C GLY E 158 -26.50 -13.20 -17.98
N SER E 159 -26.88 -14.29 -17.34
CA SER E 159 -27.64 -15.33 -18.03
C SER E 159 -29.05 -14.84 -18.35
N LYS E 160 -29.61 -15.38 -19.44
CA LYS E 160 -30.96 -15.05 -19.88
C LYS E 160 -31.74 -16.33 -20.13
N GLY E 161 -33.06 -16.21 -20.01
CA GLY E 161 -33.92 -17.37 -20.21
C GLY E 161 -33.84 -17.87 -21.64
N VAL E 162 -33.78 -19.20 -21.79
CA VAL E 162 -33.63 -19.79 -23.12
C VAL E 162 -34.91 -19.65 -23.92
N ILE E 163 -36.06 -19.59 -23.26
CA ILE E 163 -37.34 -19.50 -23.95
C ILE E 163 -37.72 -18.03 -24.10
N PRO E 164 -38.10 -17.58 -25.30
CA PRO E 164 -38.43 -16.16 -25.48
C PRO E 164 -39.63 -15.73 -24.65
N MET E 165 -39.53 -14.54 -24.07
CA MET E 165 -40.58 -13.96 -23.26
C MET E 165 -40.81 -12.52 -23.68
N ASN E 166 -42.06 -12.07 -23.59
CA ASN E 166 -42.45 -10.71 -23.97
C ASN E 166 -43.16 -10.04 -22.80
N ALA E 167 -43.49 -8.76 -23.01
CA ALA E 167 -44.07 -7.95 -21.94
C ALA E 167 -45.43 -8.49 -21.51
N LYS E 168 -46.27 -8.87 -22.48
CA LYS E 168 -47.59 -9.42 -22.16
C LYS E 168 -47.46 -10.70 -21.35
N ASP E 169 -46.54 -11.59 -21.73
CA ASP E 169 -46.33 -12.83 -20.98
C ASP E 169 -45.91 -12.55 -19.55
N LEU E 170 -45.07 -11.52 -19.34
CA LEU E 170 -44.63 -11.19 -18.00
C LEU E 170 -45.76 -10.57 -17.18
N GLU E 171 -46.57 -9.71 -17.81
CA GLU E 171 -47.71 -9.13 -17.11
C GLU E 171 -48.67 -10.21 -16.63
N GLU E 172 -48.86 -11.26 -17.42
CA GLU E 172 -49.74 -12.36 -17.01
C GLU E 172 -49.08 -13.24 -15.96
N ALA E 173 -47.76 -13.42 -16.04
CA ALA E 173 -47.06 -14.18 -15.01
C ALA E 173 -47.13 -13.47 -13.66
N LEU E 174 -47.17 -12.13 -13.67
CA LEU E 174 -47.33 -11.39 -12.43
C LEU E 174 -48.72 -11.57 -11.84
N GLU E 175 -49.73 -11.77 -12.70
CA GLU E 175 -51.10 -11.92 -12.22
C GLU E 175 -51.39 -13.38 -11.84
N MET E 176 -50.89 -14.32 -12.63
CA MET E 176 -51.32 -15.71 -12.52
C MET E 176 -50.35 -16.61 -11.79
N GLY E 177 -49.06 -16.28 -11.76
CA GLY E 177 -48.10 -17.15 -11.11
C GLY E 177 -47.99 -18.47 -11.86
N VAL E 178 -48.00 -19.57 -11.09
CA VAL E 178 -47.90 -20.89 -11.68
C VAL E 178 -49.10 -21.19 -12.58
N ASP E 179 -50.21 -20.47 -12.38
CA ASP E 179 -51.34 -20.62 -13.30
C ASP E 179 -50.94 -20.27 -14.72
N TRP E 180 -50.11 -19.23 -14.89
CA TRP E 180 -49.57 -18.92 -16.21
C TRP E 180 -48.73 -20.08 -16.73
N SER E 181 -47.92 -20.69 -15.86
CA SER E 181 -47.13 -21.84 -16.26
C SER E 181 -48.03 -23.02 -16.62
N LEU E 182 -49.16 -23.16 -15.92
CA LEU E 182 -50.11 -24.22 -16.23
C LEU E 182 -50.72 -24.02 -17.61
N ARG E 183 -51.19 -22.79 -17.88
CA ARG E 183 -51.85 -22.50 -19.15
C ARG E 183 -50.93 -22.72 -20.33
N GLU E 184 -49.66 -22.34 -20.20
CA GLU E 184 -48.68 -22.49 -21.26
C GLU E 184 -48.00 -23.87 -21.23
N GLY E 185 -48.46 -24.77 -20.37
CA GLY E 185 -47.94 -26.12 -20.36
C GLY E 185 -46.54 -26.28 -19.79
N TYR E 186 -46.10 -25.36 -18.95
CA TYR E 186 -44.80 -25.48 -18.29
C TYR E 186 -44.91 -26.03 -16.88
N ALA E 187 -46.12 -26.21 -16.36
CA ALA E 187 -46.31 -26.70 -15.00
C ALA E 187 -47.43 -27.72 -14.97
N TRP E 188 -47.28 -28.72 -14.09
CA TRP E 188 -48.32 -29.70 -13.84
C TRP E 188 -49.23 -29.20 -12.73
N ALA E 189 -50.49 -29.61 -12.79
CA ALA E 189 -51.45 -29.19 -11.77
C ALA E 189 -51.09 -29.78 -10.41
N GLU E 190 -50.48 -30.97 -10.38
CA GLU E 190 -50.01 -31.52 -9.11
C GLU E 190 -48.95 -30.63 -8.48
N ASP E 191 -48.08 -30.03 -9.30
CA ASP E 191 -47.06 -29.13 -8.78
C ASP E 191 -47.70 -27.96 -8.03
N LYS E 192 -48.81 -27.44 -8.54
CA LYS E 192 -49.48 -26.33 -7.87
C LYS E 192 -50.01 -26.73 -6.51
N GLU E 193 -50.55 -27.95 -6.39
CA GLU E 193 -51.12 -28.39 -5.12
C GLU E 193 -50.04 -28.57 -4.06
N HIS E 194 -48.86 -29.05 -4.46
CA HIS E 194 -47.73 -29.18 -3.57
C HIS E 194 -46.86 -27.91 -3.54
N CYS E 195 -47.49 -26.74 -3.66
CA CYS E 195 -46.79 -25.46 -3.68
C CYS E 195 -47.46 -24.53 -2.68
N GLU E 196 -46.65 -23.87 -1.86
CA GLU E 196 -47.18 -22.91 -0.90
C GLU E 196 -47.97 -21.82 -1.61
N GLU E 197 -49.09 -21.42 -1.01
CA GLU E 197 -50.03 -20.46 -1.58
C GLU E 197 -50.62 -20.92 -2.90
N TYR E 198 -50.38 -22.18 -3.27
CA TYR E 198 -50.81 -22.75 -4.55
C TYR E 198 -50.29 -21.94 -5.74
N GLY E 199 -49.08 -21.39 -5.58
CA GLY E 199 -48.38 -20.76 -6.68
C GLY E 199 -49.02 -19.50 -7.22
N ARG E 200 -49.87 -18.84 -6.44
CA ARG E 200 -50.48 -17.59 -6.88
C ARG E 200 -51.04 -16.85 -5.68
N MET E 201 -50.74 -15.56 -5.59
CA MET E 201 -51.32 -14.67 -4.59
C MET E 201 -52.26 -13.70 -5.28
N LEU E 202 -53.53 -13.73 -4.89
CA LEU E 202 -54.55 -12.91 -5.54
C LEU E 202 -54.45 -11.44 -5.18
N GLN E 203 -53.66 -11.09 -4.17
CA GLN E 203 -53.42 -9.69 -3.83
C GLN E 203 -52.49 -9.00 -4.81
N ALA E 204 -51.92 -9.75 -5.74
CA ALA E 204 -50.93 -9.18 -6.66
C ALA E 204 -51.59 -8.22 -7.64
N ASP E 205 -51.02 -7.03 -7.76
CA ASP E 205 -51.40 -6.07 -8.80
C ASP E 205 -50.18 -5.80 -9.65
N PRO E 206 -50.11 -6.34 -10.87
CA PRO E 206 -48.97 -6.03 -11.75
C PRO E 206 -48.82 -4.54 -12.04
N ASN E 207 -49.90 -3.76 -11.92
CA ASN E 207 -49.81 -2.32 -12.11
C ASN E 207 -48.98 -1.64 -11.03
N LYS E 208 -48.83 -2.28 -9.86
CA LYS E 208 -48.01 -1.74 -8.80
C LYS E 208 -46.53 -2.05 -8.98
N VAL E 209 -46.17 -2.86 -9.97
CA VAL E 209 -44.78 -3.17 -10.26
C VAL E 209 -44.25 -2.13 -11.24
N SER E 210 -43.12 -1.52 -10.89
CA SER E 210 -42.56 -0.45 -11.69
C SER E 210 -42.12 -0.95 -13.06
N ALA E 211 -41.98 -0.02 -14.00
CA ALA E 211 -41.49 -0.37 -15.33
C ALA E 211 -40.05 -0.86 -15.27
N ARG E 212 -39.25 -0.29 -14.37
CA ARG E 212 -37.86 -0.72 -14.25
C ARG E 212 -37.77 -2.18 -13.79
N ALA E 213 -38.67 -2.60 -12.90
CA ALA E 213 -38.66 -3.98 -12.43
C ALA E 213 -39.04 -4.94 -13.55
N LYS E 214 -39.97 -4.53 -14.42
CA LYS E 214 -40.38 -5.40 -15.51
C LYS E 214 -39.28 -5.50 -16.57
N LYS E 215 -38.57 -4.40 -16.83
CA LYS E 215 -37.49 -4.44 -17.81
C LYS E 215 -36.29 -5.22 -17.28
N ARG E 216 -36.11 -5.25 -15.95
CA ARG E 216 -35.06 -6.08 -15.39
C ARG E 216 -35.47 -7.56 -15.35
N GLY E 217 -36.75 -7.82 -15.05
CA GLY E 217 -37.18 -9.18 -14.83
C GLY E 217 -37.45 -9.98 -16.09
N LEU E 218 -37.77 -9.30 -17.19
CA LEU E 218 -38.09 -10.00 -18.42
C LEU E 218 -36.94 -10.89 -18.92
N PRO E 219 -35.69 -10.41 -19.04
CA PRO E 219 -34.62 -11.31 -19.51
C PRO E 219 -34.21 -12.36 -18.50
N GLN E 220 -34.45 -12.13 -17.21
CA GLN E 220 -33.96 -13.05 -16.17
C GLN E 220 -34.98 -14.09 -15.75
N LEU E 221 -36.22 -14.01 -16.24
CA LEU E 221 -37.19 -15.05 -15.95
C LEU E 221 -36.78 -16.33 -16.66
N GLY E 222 -36.68 -17.42 -15.90
CA GLY E 222 -36.10 -18.65 -16.42
C GLY E 222 -34.61 -18.77 -16.21
N THR E 223 -34.04 -18.01 -15.28
CA THR E 223 -32.64 -18.11 -14.91
C THR E 223 -32.53 -18.42 -13.42
N LEU E 224 -31.47 -19.15 -13.05
CA LEU E 224 -31.33 -19.59 -11.67
C LEU E 224 -30.89 -18.46 -10.76
N GLY E 225 -29.96 -17.63 -11.23
CA GLY E 225 -29.36 -16.61 -10.41
C GLY E 225 -27.97 -17.01 -9.94
N ALA E 226 -27.52 -16.32 -8.89
CA ALA E 226 -26.20 -16.55 -8.34
C ALA E 226 -26.31 -16.58 -6.82
N GLY E 227 -25.17 -16.44 -6.14
CA GLY E 227 -25.13 -16.39 -4.70
C GLY E 227 -25.47 -17.71 -4.04
N ASN E 228 -26.50 -17.70 -3.19
CA ASN E 228 -26.93 -18.91 -2.49
C ASN E 228 -27.75 -19.85 -3.36
N HIS E 229 -28.12 -19.43 -4.56
CA HIS E 229 -29.02 -20.23 -5.37
C HIS E 229 -28.31 -21.46 -5.92
N TYR E 230 -29.08 -22.54 -6.12
CA TYR E 230 -28.51 -23.81 -6.53
C TYR E 230 -29.60 -24.70 -7.10
N ALA E 231 -29.17 -25.70 -7.86
CA ALA E 231 -29.98 -26.86 -8.23
C ALA E 231 -29.14 -28.08 -7.90
N GLU E 232 -29.54 -28.84 -6.89
CA GLU E 232 -28.72 -29.90 -6.33
C GLU E 232 -29.45 -31.23 -6.40
N ILE E 233 -28.79 -32.22 -6.99
CA ILE E 233 -29.28 -33.60 -7.00
C ILE E 233 -28.80 -34.28 -5.72
N GLN E 234 -29.73 -34.86 -4.97
CA GLN E 234 -29.45 -35.37 -3.63
C GLN E 234 -29.92 -36.80 -3.51
N VAL E 235 -29.37 -37.49 -2.50
CA VAL E 235 -29.70 -38.89 -2.22
C VAL E 235 -30.19 -38.98 -0.79
N VAL E 236 -31.29 -39.71 -0.58
CA VAL E 236 -31.85 -39.91 0.76
C VAL E 236 -30.91 -40.81 1.55
N ASP E 237 -30.55 -40.37 2.76
CA ASP E 237 -29.67 -41.13 3.63
C ASP E 237 -30.29 -41.52 4.97
N GLU E 238 -31.39 -40.90 5.37
CA GLU E 238 -32.03 -41.22 6.64
C GLU E 238 -33.46 -40.70 6.62
N ILE E 239 -34.38 -41.51 7.16
CA ILE E 239 -35.81 -41.18 7.21
C ILE E 239 -36.20 -41.18 8.69
N PHE E 240 -36.38 -39.99 9.26
CA PHE E 240 -36.72 -39.88 10.67
C PHE E 240 -38.19 -40.17 10.93
N ASN E 241 -39.06 -39.87 9.96
CA ASN E 241 -40.50 -40.15 10.06
C ASN E 241 -40.91 -40.90 8.81
N GLU E 242 -41.17 -42.21 8.96
CA GLU E 242 -41.60 -43.01 7.81
C GLU E 242 -42.93 -42.52 7.26
N TYR E 243 -43.86 -42.15 8.15
CA TYR E 243 -45.17 -41.69 7.68
C TYR E 243 -45.06 -40.38 6.93
N ALA E 244 -44.23 -39.45 7.40
CA ALA E 244 -44.06 -38.19 6.70
C ALA E 244 -43.40 -38.41 5.35
N ALA E 245 -42.38 -39.26 5.28
CA ALA E 245 -41.71 -39.51 4.01
C ALA E 245 -42.63 -40.18 3.01
N LYS E 246 -43.50 -41.09 3.47
CA LYS E 246 -44.39 -41.79 2.56
C LYS E 246 -45.37 -40.83 1.89
N LYS E 247 -45.98 -39.94 2.69
CA LYS E 247 -46.91 -38.97 2.12
C LYS E 247 -46.20 -38.05 1.14
N MET E 248 -44.94 -37.71 1.41
CA MET E 248 -44.16 -36.91 0.48
C MET E 248 -43.76 -37.71 -0.75
N GLY E 249 -43.68 -39.03 -0.64
CA GLY E 249 -43.29 -39.88 -1.75
C GLY E 249 -41.92 -40.51 -1.65
N ILE E 250 -41.27 -40.44 -0.48
CA ILE E 250 -39.97 -41.04 -0.26
C ILE E 250 -40.18 -42.34 0.51
N ASP E 251 -39.75 -43.46 -0.07
CA ASP E 251 -40.00 -44.77 0.52
C ASP E 251 -38.75 -45.56 0.87
N HIS E 252 -37.58 -45.22 0.34
CA HIS E 252 -36.40 -46.02 0.62
C HIS E 252 -35.15 -45.16 0.56
N LYS E 253 -34.07 -45.70 1.11
CA LYS E 253 -32.76 -45.08 1.00
C LYS E 253 -32.22 -45.22 -0.42
N GLY E 254 -31.49 -44.20 -0.88
CA GLY E 254 -30.99 -44.15 -2.23
C GLY E 254 -31.90 -43.45 -3.21
N GLN E 255 -33.16 -43.20 -2.83
CA GLN E 255 -34.07 -42.46 -3.69
C GLN E 255 -33.50 -41.08 -4.00
N VAL E 256 -33.33 -40.79 -5.28
CA VAL E 256 -32.68 -39.57 -5.73
C VAL E 256 -33.70 -38.44 -5.78
N CYS E 257 -33.30 -37.27 -5.26
CA CYS E 257 -34.13 -36.07 -5.27
C CYS E 257 -33.34 -34.93 -5.88
N VAL E 258 -34.06 -33.85 -6.20
CA VAL E 258 -33.47 -32.62 -6.70
C VAL E 258 -34.00 -31.47 -5.86
N MET E 259 -33.10 -30.69 -5.28
CA MET E 259 -33.46 -29.52 -4.49
C MET E 259 -33.02 -28.27 -5.25
N ILE E 260 -33.93 -27.31 -5.39
CA ILE E 260 -33.70 -26.11 -6.17
C ILE E 260 -33.99 -24.89 -5.30
N HIS E 261 -33.11 -23.88 -5.41
CA HIS E 261 -33.22 -22.65 -4.62
C HIS E 261 -33.12 -21.47 -5.58
N SER E 262 -34.22 -20.73 -5.74
CA SER E 262 -34.27 -19.60 -6.64
C SER E 262 -35.35 -18.64 -6.16
N GLY E 263 -35.32 -17.44 -6.70
CA GLY E 263 -36.14 -16.34 -6.23
C GLY E 263 -36.80 -15.57 -7.36
N SER E 264 -37.08 -14.30 -7.07
CA SER E 264 -37.79 -13.41 -7.98
C SER E 264 -36.86 -12.56 -8.84
N ARG E 265 -35.55 -12.75 -8.72
CA ARG E 265 -34.55 -12.16 -9.61
C ARG E 265 -34.70 -10.64 -9.64
N GLY E 266 -34.39 -10.02 -10.78
CA GLY E 266 -34.28 -8.57 -10.83
C GLY E 266 -35.60 -7.85 -10.62
N LEU E 267 -36.72 -8.49 -10.96
CA LEU E 267 -38.02 -7.88 -10.74
C LEU E 267 -38.29 -7.69 -9.25
N GLY E 268 -38.10 -8.74 -8.47
CA GLY E 268 -38.30 -8.64 -7.03
C GLY E 268 -37.33 -7.68 -6.38
N HIS E 269 -36.08 -7.66 -6.87
CA HIS E 269 -35.09 -6.74 -6.30
C HIS E 269 -35.49 -5.29 -6.54
N GLN E 270 -36.02 -4.99 -7.72
CA GLN E 270 -36.42 -3.61 -8.02
C GLN E 270 -37.71 -3.25 -7.30
N VAL E 271 -38.63 -4.21 -7.16
CA VAL E 271 -39.83 -3.98 -6.38
C VAL E 271 -39.47 -3.59 -4.95
N ALA E 272 -38.50 -4.29 -4.36
CA ALA E 272 -38.05 -3.95 -3.01
C ALA E 272 -37.35 -2.60 -3.00
N THR E 273 -36.50 -2.35 -3.99
CA THR E 273 -35.77 -1.07 -4.04
C THR E 273 -36.72 0.10 -4.18
N ASP E 274 -37.73 -0.02 -5.05
CA ASP E 274 -38.66 1.08 -5.27
C ASP E 274 -39.48 1.39 -4.02
N ALA E 275 -39.96 0.35 -3.33
CA ALA E 275 -40.69 0.56 -2.10
C ALA E 275 -39.82 1.22 -1.04
N LEU E 276 -38.58 0.77 -0.90
CA LEU E 276 -37.65 1.37 0.05
C LEU E 276 -37.48 2.87 -0.21
N VAL E 277 -37.36 3.24 -1.49
CA VAL E 277 -37.24 4.66 -1.85
C VAL E 277 -38.52 5.40 -1.53
N ALA E 278 -39.68 4.74 -1.67
CA ALA E 278 -40.95 5.40 -1.38
C ALA E 278 -41.13 5.64 0.11
N MET E 279 -40.66 4.70 0.94
CA MET E 279 -40.86 4.81 2.39
C MET E 279 -40.18 6.04 2.96
N GLU E 280 -39.09 6.50 2.34
CA GLU E 280 -38.32 7.59 2.91
C GLU E 280 -39.12 8.89 2.91
N LYS E 281 -39.68 9.27 1.76
CA LYS E 281 -40.55 10.44 1.72
C LYS E 281 -41.81 10.22 2.55
N ALA E 282 -42.33 8.99 2.60
CA ALA E 282 -43.50 8.68 3.41
C ALA E 282 -43.24 8.88 4.90
N MET E 283 -41.98 8.80 5.34
CA MET E 283 -41.66 8.98 6.74
C MET E 283 -41.59 10.45 7.16
N LYS E 284 -41.37 11.37 6.22
CA LYS E 284 -41.44 12.79 6.54
C LYS E 284 -42.81 13.17 7.10
N ARG E 285 -43.87 12.48 6.67
CA ARG E 285 -45.22 12.82 7.06
C ARG E 285 -45.83 11.88 8.09
N ASP E 286 -45.67 10.57 7.92
CA ASP E 286 -46.31 9.62 8.83
C ASP E 286 -45.68 9.60 10.21
N LYS E 287 -44.52 10.25 10.39
CA LYS E 287 -43.85 10.41 11.68
C LYS E 287 -43.24 9.11 12.21
N ILE E 288 -42.82 8.23 11.33
CA ILE E 288 -42.20 6.97 11.73
C ILE E 288 -40.70 7.19 11.88
N ILE E 289 -40.14 6.66 12.97
CA ILE E 289 -38.71 6.72 13.24
C ILE E 289 -38.18 5.30 13.37
N VAL E 290 -37.04 5.03 12.75
CA VAL E 290 -36.43 3.71 12.79
C VAL E 290 -34.96 3.85 13.21
N ASN E 291 -34.40 2.73 13.66
CA ASN E 291 -33.01 2.68 14.08
C ASN E 291 -32.04 2.40 12.94
N ASP E 292 -32.53 1.89 11.81
CA ASP E 292 -31.70 1.54 10.67
C ASP E 292 -32.41 1.99 9.41
N ARG E 293 -31.69 2.72 8.55
CA ARG E 293 -32.32 3.28 7.35
C ARG E 293 -32.90 2.18 6.47
N GLN E 294 -32.26 1.01 6.42
CA GLN E 294 -32.77 -0.10 5.63
C GLN E 294 -34.15 -0.54 6.09
N LEU E 295 -34.47 -0.33 7.36
CA LEU E 295 -35.78 -0.68 7.91
C LEU E 295 -36.86 0.34 7.58
N ALA E 296 -36.62 1.22 6.60
CA ALA E 296 -37.61 2.22 6.22
C ALA E 296 -38.95 1.55 5.94
N CYS E 297 -40.01 2.10 6.54
CA CYS E 297 -41.31 1.45 6.55
C CYS E 297 -42.39 2.52 6.48
N ALA E 298 -43.62 2.06 6.21
CA ALA E 298 -44.79 2.92 6.27
C ALA E 298 -45.92 2.16 6.96
N ARG E 299 -46.85 2.91 7.54
CA ARG E 299 -48.05 2.33 8.10
C ARG E 299 -48.71 1.42 7.07
N ILE E 300 -49.23 0.28 7.53
CA ILE E 300 -49.73 -0.73 6.60
C ILE E 300 -50.85 -0.17 5.73
N ALA E 301 -51.73 0.64 6.31
CA ALA E 301 -52.85 1.20 5.58
C ALA E 301 -52.48 2.41 4.72
N SER E 302 -51.22 2.86 4.77
CA SER E 302 -50.81 3.99 3.97
C SER E 302 -50.77 3.60 2.49
N PRO E 303 -50.86 4.58 1.58
CA PRO E 303 -50.77 4.25 0.15
C PRO E 303 -49.45 3.61 -0.24
N GLU E 304 -48.34 4.05 0.36
CA GLU E 304 -47.05 3.45 0.04
C GLU E 304 -46.98 2.00 0.49
N GLY E 305 -47.45 1.72 1.71
CA GLY E 305 -47.43 0.34 2.20
C GLY E 305 -48.33 -0.57 1.39
N GLN E 306 -49.51 -0.09 1.02
CA GLN E 306 -50.44 -0.92 0.24
C GLN E 306 -49.89 -1.21 -1.14
N ASP E 307 -49.27 -0.21 -1.78
CA ASP E 307 -48.67 -0.44 -3.10
C ASP E 307 -47.58 -1.49 -3.05
N TYR E 308 -46.75 -1.46 -2.00
CA TYR E 308 -45.63 -2.40 -1.90
C TYR E 308 -46.13 -3.83 -1.74
N LEU E 309 -47.08 -4.04 -0.83
CA LEU E 309 -47.58 -5.40 -0.59
C LEU E 309 -48.17 -6.01 -1.86
N LYS E 310 -48.90 -5.20 -2.65
CA LYS E 310 -49.43 -5.70 -3.92
C LYS E 310 -48.31 -6.06 -4.87
N GLY E 311 -47.29 -5.20 -4.98
CA GLY E 311 -46.15 -5.51 -5.83
C GLY E 311 -45.33 -6.67 -5.32
N MET E 312 -45.24 -6.82 -4.00
CA MET E 312 -44.54 -7.96 -3.42
C MET E 312 -45.23 -9.27 -3.78
N ALA E 313 -46.56 -9.30 -3.71
CA ALA E 313 -47.30 -10.49 -4.12
C ALA E 313 -47.07 -10.80 -5.59
N ALA E 314 -46.97 -9.75 -6.43
CA ALA E 314 -46.66 -9.97 -7.84
C ALA E 314 -45.28 -10.56 -8.04
N ALA E 315 -44.29 -10.04 -7.31
CA ALA E 315 -42.94 -10.62 -7.38
C ALA E 315 -42.96 -12.07 -6.92
N GLY E 316 -43.81 -12.40 -5.96
CA GLY E 316 -43.95 -13.78 -5.54
C GLY E 316 -44.45 -14.67 -6.67
N ASN E 317 -45.45 -14.20 -7.41
CA ASN E 317 -45.91 -14.95 -8.58
C ASN E 317 -44.79 -15.12 -9.60
N TYR E 318 -44.00 -14.07 -9.81
CA TYR E 318 -42.82 -14.17 -10.67
C TYR E 318 -41.88 -15.28 -10.17
N ALA E 319 -41.63 -15.30 -8.85
CA ALA E 319 -40.71 -16.28 -8.29
C ALA E 319 -41.22 -17.71 -8.51
N TRP E 320 -42.53 -17.91 -8.40
CA TRP E 320 -43.09 -19.23 -8.63
C TRP E 320 -42.97 -19.63 -10.10
N VAL E 321 -43.20 -18.69 -11.02
CA VAL E 321 -42.97 -18.97 -12.44
C VAL E 321 -41.51 -19.32 -12.68
N ASN E 322 -40.59 -18.58 -12.04
CA ASN E 322 -39.17 -18.85 -12.22
C ASN E 322 -38.80 -20.23 -11.69
N ARG E 323 -39.27 -20.56 -10.48
CA ARG E 323 -39.00 -21.88 -9.93
C ARG E 323 -39.70 -22.97 -10.74
N SER E 324 -40.88 -22.67 -11.28
CA SER E 324 -41.52 -23.62 -12.19
C SER E 324 -40.68 -23.81 -13.45
N SER E 325 -40.07 -22.74 -13.95
CA SER E 325 -39.16 -22.87 -15.08
C SER E 325 -37.93 -23.69 -14.70
N MET E 326 -37.44 -23.53 -13.46
CA MET E 326 -36.28 -24.28 -13.02
C MET E 326 -36.58 -25.78 -12.93
N THR E 327 -37.82 -26.14 -12.61
CA THR E 327 -38.19 -27.56 -12.59
C THR E 327 -38.39 -28.10 -14.00
N PHE E 328 -38.99 -27.29 -14.88
CA PHE E 328 -39.20 -27.69 -16.26
C PHE E 328 -37.88 -28.02 -16.95
N LEU E 329 -36.84 -27.25 -16.65
CA LEU E 329 -35.53 -27.51 -17.24
C LEU E 329 -34.88 -28.74 -16.60
N THR E 330 -35.03 -28.89 -15.28
CA THR E 330 -34.48 -30.06 -14.60
C THR E 330 -35.11 -31.34 -15.14
N ARG E 331 -36.43 -31.33 -15.36
CA ARG E 331 -37.10 -32.51 -15.91
C ARG E 331 -36.61 -32.81 -17.32
N GLN E 332 -36.38 -31.77 -18.13
CA GLN E 332 -35.89 -31.98 -19.49
C GLN E 332 -34.50 -32.60 -19.49
N ALA E 333 -33.61 -32.09 -18.63
CA ALA E 333 -32.26 -32.64 -18.56
C ALA E 333 -32.26 -34.07 -18.06
N PHE E 334 -33.10 -34.37 -17.06
CA PHE E 334 -33.23 -35.75 -16.60
C PHE E 334 -33.73 -36.66 -17.71
N ALA E 335 -34.72 -36.21 -18.47
CA ALA E 335 -35.27 -37.02 -19.55
C ALA E 335 -34.23 -37.32 -20.62
N LYS E 336 -33.41 -36.33 -20.97
CA LYS E 336 -32.39 -36.54 -22.00
C LYS E 336 -31.38 -37.59 -21.58
N VAL E 337 -30.93 -37.54 -20.32
CA VAL E 337 -29.90 -38.46 -19.87
C VAL E 337 -30.45 -39.88 -19.74
N PHE E 338 -31.69 -40.00 -19.24
CA PHE E 338 -32.26 -41.31 -18.96
C PHE E 338 -33.27 -41.77 -20.01
N ASN E 339 -33.50 -40.98 -21.06
CA ASN E 339 -34.36 -41.36 -22.18
C ASN E 339 -35.76 -41.75 -21.71
N THR E 340 -36.24 -41.12 -20.64
CA THR E 340 -37.50 -41.46 -20.01
C THR E 340 -38.27 -40.19 -19.73
N THR E 341 -39.58 -40.19 -20.00
CA THR E 341 -40.37 -38.98 -19.87
C THR E 341 -40.42 -38.53 -18.41
N PRO E 342 -40.49 -37.21 -18.17
CA PRO E 342 -40.57 -36.70 -16.79
C PRO E 342 -41.65 -37.37 -15.95
N ASP E 343 -42.70 -37.91 -16.58
CA ASP E 343 -43.74 -38.60 -15.83
C ASP E 343 -43.34 -40.02 -15.45
N ASP E 344 -42.67 -40.75 -16.36
CA ASP E 344 -42.22 -42.10 -16.03
C ASP E 344 -41.06 -42.10 -15.05
N LEU E 345 -40.42 -40.95 -14.81
CA LEU E 345 -39.41 -40.80 -13.77
C LEU E 345 -39.98 -40.24 -12.47
N ASP E 346 -41.25 -39.82 -12.47
CA ASP E 346 -41.98 -39.42 -11.26
C ASP E 346 -41.39 -38.17 -10.65
N LEU E 347 -41.04 -37.20 -11.50
CA LEU E 347 -40.41 -35.96 -11.07
C LEU E 347 -41.49 -34.97 -10.64
N HIS E 348 -42.14 -35.27 -9.52
CA HIS E 348 -43.18 -34.42 -8.96
C HIS E 348 -42.62 -33.57 -7.83
N VAL E 349 -43.31 -32.45 -7.57
CA VAL E 349 -42.93 -31.57 -6.47
C VAL E 349 -43.39 -32.17 -5.16
N ILE E 350 -42.46 -32.27 -4.21
CA ILE E 350 -42.84 -32.63 -2.84
C ILE E 350 -43.46 -31.43 -2.14
N TYR E 351 -42.74 -30.31 -2.11
CA TYR E 351 -43.28 -29.08 -1.58
C TYR E 351 -42.42 -27.92 -2.07
N ASP E 352 -43.01 -26.74 -2.11
CA ASP E 352 -42.33 -25.50 -2.48
C ASP E 352 -42.60 -24.47 -1.40
N VAL E 353 -41.57 -24.10 -0.65
CA VAL E 353 -41.70 -23.16 0.47
C VAL E 353 -40.75 -21.99 0.22
N SER E 354 -41.21 -20.78 0.56
CA SER E 354 -40.49 -19.56 0.26
C SER E 354 -40.10 -18.82 1.52
N HIS E 355 -39.06 -17.99 1.39
CA HIS E 355 -38.63 -17.03 2.38
C HIS E 355 -38.63 -15.64 1.75
N ASN E 356 -38.29 -14.63 2.55
CA ASN E 356 -38.27 -13.23 2.11
C ASN E 356 -39.65 -12.79 1.58
N ILE E 357 -40.65 -12.91 2.44
CA ILE E 357 -42.03 -12.59 2.05
C ILE E 357 -42.82 -12.21 3.31
N ALA E 358 -43.73 -11.27 3.15
CA ALA E 358 -44.63 -10.83 4.21
C ALA E 358 -46.04 -11.30 3.89
N LYS E 359 -46.69 -11.93 4.87
CA LYS E 359 -48.00 -12.52 4.67
C LYS E 359 -48.92 -12.18 5.84
N VAL E 360 -50.17 -11.86 5.52
CA VAL E 360 -51.19 -11.63 6.52
C VAL E 360 -51.68 -12.98 7.04
N GLU E 361 -51.55 -13.21 8.34
CA GLU E 361 -51.87 -14.50 8.92
C GLU E 361 -52.63 -14.32 10.23
N GLN E 362 -53.48 -15.29 10.53
CA GLN E 362 -54.25 -15.30 11.78
C GLN E 362 -53.46 -16.07 12.84
N HIS E 363 -53.13 -15.40 13.94
CA HIS E 363 -52.37 -16.01 15.02
C HIS E 363 -52.97 -15.64 16.36
N VAL E 364 -52.91 -16.57 17.30
CA VAL E 364 -53.35 -16.33 18.66
C VAL E 364 -52.24 -15.65 19.43
N VAL E 365 -52.53 -14.50 20.03
CA VAL E 365 -51.57 -13.74 20.80
C VAL E 365 -52.15 -13.49 22.19
N ASP E 366 -51.52 -14.06 23.21
CA ASP E 366 -51.98 -13.96 24.60
C ASP E 366 -53.43 -14.43 24.72
N GLY E 367 -53.76 -15.52 24.04
CA GLY E 367 -55.10 -16.05 24.01
C GLY E 367 -56.06 -15.33 23.08
N LYS E 368 -55.73 -14.13 22.65
CA LYS E 368 -56.60 -13.32 21.79
C LYS E 368 -56.07 -13.41 20.37
N GLU E 369 -56.80 -14.14 19.52
CA GLU E 369 -56.40 -14.25 18.11
C GLU E 369 -56.53 -12.89 17.43
N ARG E 370 -55.45 -12.48 16.76
CA ARG E 370 -55.37 -11.18 16.13
C ARG E 370 -54.82 -11.32 14.72
N THR E 371 -55.16 -10.36 13.87
CA THR E 371 -54.74 -10.36 12.47
C THR E 371 -53.35 -9.73 12.37
N LEU E 372 -52.37 -10.51 11.91
CA LEU E 372 -50.97 -10.12 11.93
C LEU E 372 -50.35 -10.23 10.55
N LEU E 373 -49.51 -9.26 10.22
CA LEU E 373 -48.68 -9.28 9.01
C LEU E 373 -47.30 -9.78 9.42
N VAL E 374 -46.96 -10.99 8.99
CA VAL E 374 -45.76 -11.69 9.44
C VAL E 374 -44.65 -11.47 8.42
N HIS E 375 -43.62 -10.72 8.81
CA HIS E 375 -42.43 -10.56 8.00
C HIS E 375 -41.46 -11.70 8.32
N ARG E 376 -40.99 -12.39 7.29
CA ARG E 376 -40.06 -13.52 7.43
C ARG E 376 -38.87 -13.30 6.50
N LYS E 377 -37.76 -12.82 7.06
CA LYS E 377 -36.52 -12.64 6.30
C LYS E 377 -35.63 -13.85 6.53
N GLY E 378 -35.27 -14.54 5.46
CA GLY E 378 -34.45 -15.73 5.59
C GLY E 378 -35.08 -16.83 6.41
N SER E 379 -36.38 -16.78 6.61
CA SER E 379 -37.11 -17.77 7.38
C SER E 379 -38.43 -18.06 6.69
N THR E 380 -38.97 -19.26 6.91
CA THR E 380 -40.11 -19.75 6.16
C THR E 380 -41.25 -20.12 7.10
N ARG E 381 -42.39 -20.44 6.51
CA ARG E 381 -43.49 -21.03 7.26
C ARG E 381 -43.17 -22.46 7.63
N ALA E 382 -43.54 -22.85 8.85
CA ALA E 382 -43.45 -24.24 9.31
C ALA E 382 -44.80 -24.62 9.92
N PHE E 383 -45.84 -24.55 9.11
CA PHE E 383 -47.19 -24.67 9.64
C PHE E 383 -47.46 -26.09 10.11
N PRO E 384 -48.22 -26.26 11.20
CA PRO E 384 -48.38 -27.57 11.81
C PRO E 384 -49.37 -28.42 11.03
N PRO E 385 -49.53 -29.70 11.40
CA PRO E 385 -50.61 -30.49 10.81
C PRO E 385 -51.98 -29.92 11.13
N HIS E 386 -52.91 -30.14 10.20
CA HIS E 386 -54.30 -29.72 10.35
C HIS E 386 -54.45 -28.19 10.36
N HIS E 387 -53.69 -27.51 9.49
CA HIS E 387 -53.85 -26.08 9.32
C HIS E 387 -54.61 -25.78 8.04
N PRO E 388 -55.52 -24.79 8.06
CA PRO E 388 -56.37 -24.56 6.88
C PRO E 388 -55.62 -24.08 5.64
N LEU E 389 -54.48 -23.41 5.80
CA LEU E 389 -53.71 -22.93 4.66
C LEU E 389 -52.67 -23.94 4.17
N ILE E 390 -52.83 -25.21 4.52
CA ILE E 390 -51.93 -26.28 4.09
C ILE E 390 -52.74 -27.27 3.27
N ALA E 391 -52.09 -27.85 2.26
CA ALA E 391 -52.76 -28.79 1.36
C ALA E 391 -53.32 -29.98 2.14
N VAL E 392 -54.37 -30.59 1.57
CA VAL E 392 -54.98 -31.74 2.22
C VAL E 392 -54.02 -32.92 2.25
N ASP E 393 -53.10 -32.98 1.28
CA ASP E 393 -52.14 -34.08 1.23
C ASP E 393 -51.10 -33.99 2.35
N TYR E 394 -50.96 -32.84 2.98
CA TYR E 394 -50.03 -32.66 4.09
C TYR E 394 -50.74 -32.24 5.38
N GLN E 395 -52.07 -32.36 5.42
CA GLN E 395 -52.83 -31.97 6.61
C GLN E 395 -52.50 -32.83 7.82
N LEU E 396 -51.89 -34.00 7.61
CA LEU E 396 -51.57 -34.94 8.70
C LEU E 396 -50.12 -34.85 9.14
N THR E 397 -49.18 -34.84 8.19
CA THR E 397 -47.76 -34.77 8.52
C THR E 397 -47.33 -33.37 8.93
N GLY E 398 -48.11 -32.34 8.59
CA GLY E 398 -47.67 -30.97 8.75
C GLY E 398 -47.02 -30.44 7.49
N GLN E 399 -46.78 -29.15 7.48
CA GLN E 399 -46.18 -28.52 6.31
C GLN E 399 -44.75 -29.02 6.13
N PRO E 400 -44.39 -29.54 4.96
CA PRO E 400 -42.98 -29.90 4.72
C PRO E 400 -42.09 -28.68 4.79
N VAL E 401 -40.92 -28.87 5.38
CA VAL E 401 -39.96 -27.79 5.59
C VAL E 401 -38.63 -28.21 4.97
N LEU E 402 -38.07 -27.34 4.14
CA LEU E 402 -36.84 -27.62 3.40
C LEU E 402 -35.71 -26.75 3.94
N ILE E 403 -34.72 -27.40 4.54
CA ILE E 403 -33.52 -26.74 5.06
C ILE E 403 -32.33 -27.32 4.31
N GLY E 404 -31.78 -26.54 3.38
CA GLY E 404 -30.59 -26.90 2.69
C GLY E 404 -29.33 -26.54 3.44
N GLY E 405 -28.33 -27.40 3.28
CA GLY E 405 -27.06 -27.24 3.97
C GLY E 405 -26.00 -26.64 3.08
N THR E 406 -25.08 -27.45 2.54
CA THR E 406 -24.08 -26.96 1.59
C THR E 406 -23.98 -27.96 0.45
N MET E 407 -23.19 -27.62 -0.55
CA MET E 407 -22.89 -28.53 -1.64
C MET E 407 -22.04 -29.72 -1.23
N GLY E 408 -21.53 -29.73 0.01
CA GLY E 408 -20.63 -30.79 0.43
C GLY E 408 -20.93 -31.39 1.78
N THR E 409 -22.08 -31.05 2.38
CA THR E 409 -22.44 -31.64 3.65
C THR E 409 -23.76 -32.40 3.55
N CYS E 410 -24.85 -31.82 4.08
CA CYS E 410 -26.13 -32.50 4.08
C CYS E 410 -27.24 -31.48 3.88
N SER E 411 -28.43 -32.00 3.57
CA SER E 411 -29.67 -31.24 3.61
C SER E 411 -30.74 -32.08 4.29
N TYR E 412 -31.76 -31.41 4.81
CA TYR E 412 -32.76 -32.08 5.62
C TYR E 412 -34.17 -31.63 5.22
N VAL E 413 -35.12 -32.55 5.40
CA VAL E 413 -36.54 -32.27 5.26
C VAL E 413 -37.18 -32.37 6.63
N LEU E 414 -38.07 -31.43 6.95
CA LEU E 414 -38.71 -31.38 8.24
C LEU E 414 -40.21 -31.14 8.06
N THR E 415 -40.93 -31.11 9.18
CA THR E 415 -42.36 -30.86 9.20
C THR E 415 -42.67 -29.86 10.30
N GLY E 416 -43.74 -29.10 10.11
CA GLY E 416 -44.15 -28.13 11.09
C GLY E 416 -44.74 -28.75 12.33
N THR E 417 -44.71 -27.99 13.43
CA THR E 417 -45.20 -28.43 14.72
C THR E 417 -46.08 -27.35 15.34
N GLU E 418 -47.00 -27.78 16.20
CA GLU E 418 -47.87 -26.81 16.88
C GLU E 418 -47.11 -26.01 17.93
N GLN E 419 -46.04 -26.58 18.49
CA GLN E 419 -45.17 -25.78 19.35
C GLN E 419 -44.50 -24.65 18.56
N GLY E 420 -44.03 -24.96 17.34
CA GLY E 420 -43.52 -23.92 16.47
C GLY E 420 -44.58 -22.89 16.10
N MET E 421 -45.81 -23.36 15.87
CA MET E 421 -46.91 -22.44 15.60
C MET E 421 -47.13 -21.49 16.76
N THR E 422 -46.90 -21.97 17.99
CA THR E 422 -47.08 -21.11 19.16
C THR E 422 -45.85 -20.25 19.41
N GLU E 423 -44.67 -20.87 19.47
CA GLU E 423 -43.48 -20.14 19.90
C GLU E 423 -42.94 -19.22 18.81
N THR E 424 -42.93 -19.67 17.55
CA THR E 424 -42.32 -18.92 16.47
C THR E 424 -43.33 -18.45 15.42
N PHE E 425 -44.63 -18.47 15.75
CA PHE E 425 -45.68 -18.14 14.79
C PHE E 425 -45.54 -18.98 13.52
N GLY E 426 -45.19 -20.26 13.71
CA GLY E 426 -45.04 -21.19 12.60
C GLY E 426 -43.88 -20.89 11.68
N THR E 427 -42.74 -20.47 12.21
CA THR E 427 -41.60 -20.04 11.42
C THR E 427 -40.39 -20.94 11.70
N THR E 428 -39.68 -21.30 10.63
CA THR E 428 -38.46 -22.11 10.74
C THR E 428 -37.43 -21.53 9.77
N CYS E 429 -36.40 -22.31 9.48
CA CYS E 429 -35.33 -21.90 8.57
C CYS E 429 -35.55 -22.48 7.19
N HIS E 430 -34.81 -21.94 6.23
CA HIS E 430 -34.69 -22.50 4.89
C HIS E 430 -33.31 -23.07 4.62
N GLY E 431 -32.37 -22.87 5.53
CA GLY E 431 -31.01 -23.34 5.31
C GLY E 431 -30.20 -23.24 6.58
N ALA E 432 -28.91 -23.54 6.45
CA ALA E 432 -28.02 -23.51 7.61
C ALA E 432 -27.58 -22.09 7.99
N GLY E 433 -27.44 -21.21 7.01
CA GLY E 433 -26.87 -19.90 7.25
C GLY E 433 -25.36 -19.89 7.16
N ARG E 434 -24.81 -18.69 7.06
CA ARG E 434 -23.36 -18.54 6.90
C ARG E 434 -22.66 -18.43 8.23
N ALA E 435 -21.54 -19.15 8.36
CA ALA E 435 -20.63 -19.02 9.50
C ALA E 435 -19.44 -18.12 9.19
N LEU E 436 -18.97 -18.12 7.94
CA LEU E 436 -17.89 -17.25 7.50
C LEU E 436 -18.43 -16.29 6.45
N SER E 437 -18.07 -15.01 6.58
CA SER E 437 -18.32 -14.08 5.49
C SER E 437 -17.55 -14.55 4.25
N ARG E 438 -18.01 -14.12 3.07
CA ARG E 438 -17.31 -14.48 1.84
C ARG E 438 -15.88 -13.98 1.87
N ALA E 439 -15.65 -12.79 2.44
CA ALA E 439 -14.29 -12.29 2.58
C ALA E 439 -13.47 -13.17 3.51
N LYS E 440 -14.05 -13.57 4.65
CA LYS E 440 -13.33 -14.45 5.57
C LYS E 440 -13.14 -15.84 4.95
N SER E 441 -14.16 -16.33 4.23
CA SER E 441 -14.01 -17.60 3.53
C SER E 441 -12.86 -17.56 2.54
N ARG E 442 -12.84 -16.53 1.69
CA ARG E 442 -11.75 -16.35 0.73
C ARG E 442 -10.39 -16.25 1.43
N ARG E 443 -10.37 -15.72 2.66
CA ARG E 443 -9.14 -15.48 3.38
C ARG E 443 -8.58 -16.74 4.04
N ASN E 444 -9.39 -17.79 4.22
CA ASN E 444 -8.97 -18.99 4.91
C ASN E 444 -9.03 -20.25 4.05
N LEU E 445 -9.66 -20.21 2.88
CA LEU E 445 -9.87 -21.40 2.08
C LEU E 445 -9.36 -21.18 0.65
N ASP E 446 -8.84 -22.25 0.06
CA ASP E 446 -8.31 -22.23 -1.30
C ASP E 446 -9.28 -22.96 -2.21
N PHE E 447 -9.53 -22.38 -3.39
CA PHE E 447 -10.54 -22.93 -4.30
C PHE E 447 -10.18 -24.32 -4.76
N GLN E 448 -8.88 -24.59 -4.95
CA GLN E 448 -8.47 -25.92 -5.43
C GLN E 448 -8.64 -26.96 -4.34
N ASP E 449 -8.41 -26.58 -3.08
CA ASP E 449 -8.64 -27.52 -1.98
C ASP E 449 -10.12 -27.88 -1.87
N VAL E 450 -11.01 -26.91 -2.10
CA VAL E 450 -12.44 -27.18 -2.04
C VAL E 450 -12.86 -28.11 -3.17
N LEU E 451 -12.40 -27.83 -4.39
CA LEU E 451 -12.77 -28.67 -5.53
C LEU E 451 -12.20 -30.08 -5.40
N ASP E 452 -10.93 -30.18 -4.97
CA ASP E 452 -10.32 -31.50 -4.82
C ASP E 452 -11.05 -32.32 -3.76
N LYS E 453 -11.45 -31.69 -2.66
CA LYS E 453 -12.16 -32.41 -1.61
C LYS E 453 -13.53 -32.88 -2.09
N LEU E 454 -14.25 -32.01 -2.81
CA LEU E 454 -15.55 -32.40 -3.34
C LEU E 454 -15.42 -33.54 -4.35
N ALA E 455 -14.34 -33.57 -5.12
CA ALA E 455 -14.10 -34.70 -6.02
C ALA E 455 -13.81 -35.98 -5.24
N ASP E 456 -13.07 -35.86 -4.13
CA ASP E 456 -12.81 -37.03 -3.29
C ASP E 456 -14.09 -37.51 -2.60
N MET E 457 -15.05 -36.61 -2.37
CA MET E 457 -16.37 -37.01 -1.91
C MET E 457 -17.24 -37.55 -3.03
N GLY E 458 -16.81 -37.44 -4.28
CA GLY E 458 -17.61 -37.92 -5.39
C GLY E 458 -18.80 -37.05 -5.73
N ILE E 459 -18.73 -35.75 -5.45
CA ILE E 459 -19.81 -34.83 -5.71
C ILE E 459 -19.55 -34.10 -7.03
N ALA E 460 -20.44 -34.27 -8.00
CA ALA E 460 -20.29 -33.60 -9.28
C ALA E 460 -20.58 -32.11 -9.12
N ILE E 461 -19.77 -31.28 -9.80
CA ILE E 461 -19.85 -29.83 -9.62
C ILE E 461 -19.72 -29.16 -10.99
N ARG E 462 -20.64 -28.24 -11.27
CA ARG E 462 -20.60 -27.39 -12.45
C ARG E 462 -20.90 -25.97 -12.00
N VAL E 463 -19.87 -25.13 -11.94
CA VAL E 463 -19.98 -23.79 -11.39
C VAL E 463 -19.62 -22.77 -12.46
N ALA E 464 -20.25 -21.61 -12.37
CA ALA E 464 -19.95 -20.53 -13.30
C ALA E 464 -18.58 -19.93 -13.05
N SER E 465 -18.20 -19.79 -11.78
CA SER E 465 -16.92 -19.19 -11.39
C SER E 465 -16.15 -20.20 -10.55
N PRO E 466 -15.33 -21.05 -11.17
CA PRO E 466 -14.65 -22.12 -10.42
C PRO E 466 -13.68 -21.60 -9.36
N LYS E 467 -12.92 -20.55 -9.67
CA LYS E 467 -11.93 -20.02 -8.76
C LYS E 467 -12.54 -19.14 -7.66
N LEU E 468 -13.87 -19.03 -7.61
CA LEU E 468 -14.57 -18.36 -6.52
C LEU E 468 -15.33 -19.35 -5.64
N VAL E 469 -15.08 -20.65 -5.79
CA VAL E 469 -15.89 -21.65 -5.11
C VAL E 469 -15.62 -21.67 -3.60
N MET E 470 -14.47 -21.17 -3.16
CA MET E 470 -14.20 -21.15 -1.73
C MET E 470 -15.16 -20.24 -0.98
N GLU E 471 -15.68 -19.21 -1.65
CA GLU E 471 -16.64 -18.30 -1.03
C GLU E 471 -18.00 -18.97 -0.79
N GLU E 472 -18.21 -20.17 -1.33
CA GLU E 472 -19.43 -20.95 -1.13
C GLU E 472 -19.12 -22.35 -0.63
N ALA E 473 -17.95 -22.52 0.01
CA ALA E 473 -17.53 -23.82 0.48
C ALA E 473 -18.41 -24.29 1.64
N PRO E 474 -18.42 -25.59 1.91
CA PRO E 474 -19.17 -26.08 3.09
C PRO E 474 -18.71 -25.48 4.40
N GLU E 475 -17.41 -25.18 4.53
CA GLU E 475 -16.91 -24.55 5.75
C GLU E 475 -17.43 -23.13 5.93
N SER E 476 -17.95 -22.50 4.86
CA SER E 476 -18.44 -21.14 4.96
C SER E 476 -19.79 -21.06 5.69
N TYR E 477 -20.53 -22.17 5.75
CA TYR E 477 -21.85 -22.19 6.35
C TYR E 477 -21.83 -22.91 7.69
N LYS E 478 -22.87 -22.66 8.49
CA LYS E 478 -23.02 -23.39 9.74
C LYS E 478 -23.19 -24.88 9.48
N ASN E 479 -22.93 -25.68 10.51
CA ASN E 479 -23.21 -27.10 10.44
C ASN E 479 -24.71 -27.31 10.30
N VAL E 480 -25.14 -27.84 9.15
CA VAL E 480 -26.57 -28.01 8.89
C VAL E 480 -27.18 -28.96 9.91
N THR E 481 -26.41 -29.94 10.38
CA THR E 481 -26.93 -30.86 11.39
C THR E 481 -27.19 -30.14 12.71
N ASP E 482 -26.28 -29.24 13.10
CA ASP E 482 -26.48 -28.48 14.33
C ASP E 482 -27.65 -27.52 14.21
N VAL E 483 -27.88 -26.96 13.02
CA VAL E 483 -29.00 -26.04 12.82
C VAL E 483 -30.32 -26.79 12.90
N VAL E 484 -30.42 -27.92 12.19
CA VAL E 484 -31.65 -28.71 12.21
C VAL E 484 -31.92 -29.25 13.60
N ASN E 485 -30.87 -29.66 14.32
CA ASN E 485 -31.05 -30.17 15.68
C ASN E 485 -31.62 -29.10 16.60
N THR E 486 -31.23 -27.84 16.40
CA THR E 486 -31.83 -26.76 17.17
C THR E 486 -33.32 -26.64 16.88
N CYS E 487 -33.71 -26.80 15.61
CA CYS E 487 -35.12 -26.77 15.24
C CYS E 487 -35.90 -27.88 15.94
N HIS E 488 -35.36 -29.10 15.93
CA HIS E 488 -36.07 -30.23 16.51
C HIS E 488 -36.08 -30.16 18.04
N ASP E 489 -34.91 -29.94 18.65
CA ASP E 489 -34.82 -29.92 20.10
C ASP E 489 -35.67 -28.81 20.70
N ALA E 490 -35.74 -27.66 20.02
CA ALA E 490 -36.65 -26.59 20.43
C ALA E 490 -38.09 -26.89 20.05
N GLY E 491 -38.34 -27.89 19.21
CA GLY E 491 -39.68 -28.28 18.87
C GLY E 491 -40.38 -27.39 17.86
N ILE E 492 -39.64 -26.54 17.15
CA ILE E 492 -40.26 -25.68 16.15
C ILE E 492 -40.45 -26.38 14.81
N SER E 493 -39.68 -27.43 14.54
CA SER E 493 -39.85 -28.24 13.33
C SER E 493 -39.36 -29.65 13.62
N LYS E 494 -40.06 -30.64 13.08
CA LYS E 494 -39.79 -32.04 13.35
C LYS E 494 -38.99 -32.65 12.21
N LYS E 495 -37.86 -33.28 12.54
CA LYS E 495 -37.01 -33.88 11.53
C LYS E 495 -37.74 -35.00 10.79
N ALA E 496 -37.50 -35.08 9.47
CA ALA E 496 -38.16 -36.08 8.64
C ALA E 496 -37.16 -36.88 7.80
N ILE E 497 -36.38 -36.21 6.96
CA ILE E 497 -35.50 -36.88 6.01
C ILE E 497 -34.13 -36.20 6.02
N LYS E 498 -33.09 -37.00 5.86
CA LYS E 498 -31.73 -36.50 5.63
C LYS E 498 -31.31 -36.83 4.20
N LEU E 499 -30.67 -35.88 3.54
CA LEU E 499 -30.23 -36.03 2.16
C LEU E 499 -28.74 -35.78 2.05
N ARG E 500 -28.15 -36.22 0.92
CA ARG E 500 -26.72 -36.08 0.69
C ARG E 500 -26.47 -35.64 -0.76
N PRO E 501 -25.63 -34.64 -0.97
CA PRO E 501 -25.41 -34.15 -2.34
C PRO E 501 -24.59 -35.12 -3.18
N ILE E 502 -24.91 -35.17 -4.47
CA ILE E 502 -24.12 -35.96 -5.43
C ILE E 502 -23.81 -35.11 -6.66
N ALA E 503 -24.69 -34.16 -6.97
CA ALA E 503 -24.49 -33.27 -8.12
C ALA E 503 -25.15 -31.93 -7.82
N VAL E 504 -24.44 -30.85 -8.11
CA VAL E 504 -24.91 -29.50 -7.84
C VAL E 504 -24.42 -28.56 -8.93
N ILE E 505 -25.30 -27.64 -9.34
CA ILE E 505 -24.92 -26.54 -10.22
C ILE E 505 -25.18 -25.24 -9.49
N LYS E 506 -24.25 -24.29 -9.63
CA LYS E 506 -24.38 -22.98 -9.01
C LYS E 506 -23.79 -21.94 -9.94
N GLY E 507 -24.18 -20.68 -9.71
CA GLY E 507 -23.67 -19.58 -10.50
C GLY E 507 -22.63 -18.76 -9.77
N VAL F 33 -2.64 5.19 4.09
CA VAL F 33 -3.12 3.81 4.05
C VAL F 33 -4.61 3.76 4.42
N MET F 34 -5.45 3.50 3.42
CA MET F 34 -6.89 3.43 3.62
C MET F 34 -7.42 2.01 3.66
N ALA F 35 -6.73 1.04 3.07
CA ALA F 35 -7.19 -0.34 3.08
C ALA F 35 -7.23 -0.90 4.50
N GLN F 36 -8.32 -1.60 4.82
CA GLN F 36 -8.46 -2.26 6.11
C GLN F 36 -7.93 -3.68 6.11
N GLU F 37 -7.66 -4.26 4.94
CA GLU F 37 -7.20 -5.64 4.83
C GLU F 37 -6.15 -5.74 3.74
N GLU F 38 -5.37 -6.81 3.82
CA GLU F 38 -4.39 -7.12 2.78
C GLU F 38 -5.10 -7.43 1.47
N GLU F 39 -4.45 -7.11 0.36
CA GLU F 39 -5.08 -7.22 -0.95
C GLU F 39 -5.41 -8.68 -1.27
N ASP F 40 -6.62 -8.91 -1.76
CA ASP F 40 -7.07 -10.25 -2.18
C ASP F 40 -7.85 -10.06 -3.47
N VAL F 41 -7.17 -10.22 -4.61
CA VAL F 41 -7.80 -10.03 -5.91
C VAL F 41 -8.64 -11.26 -6.25
N ARG F 42 -9.90 -11.03 -6.61
CA ARG F 42 -10.75 -12.12 -7.05
C ARG F 42 -10.30 -12.62 -8.42
N ASP F 43 -10.19 -13.94 -8.54
CA ASP F 43 -9.71 -14.57 -9.76
C ASP F 43 -10.91 -15.07 -10.56
N TYR F 44 -11.06 -14.55 -11.79
CA TYR F 44 -12.23 -14.83 -12.59
C TYR F 44 -11.97 -15.83 -13.70
N ASN F 45 -10.88 -16.60 -13.58
CA ASN F 45 -10.61 -17.73 -14.48
C ASN F 45 -10.54 -17.28 -15.94
N LEU F 46 -9.59 -16.39 -16.21
CA LEU F 46 -9.47 -15.78 -17.52
C LEU F 46 -8.89 -16.74 -18.54
N THR F 47 -9.48 -16.75 -19.73
CA THR F 47 -8.84 -17.40 -20.86
C THR F 47 -7.65 -16.57 -21.33
N GLU F 48 -6.78 -17.20 -22.12
CA GLU F 48 -5.62 -16.48 -22.65
C GLU F 48 -6.03 -15.31 -23.52
N GLU F 49 -7.15 -15.44 -24.24
CA GLU F 49 -7.63 -14.32 -25.05
C GLU F 49 -8.20 -13.21 -24.17
N GLN F 50 -8.85 -13.57 -23.07
CA GLN F 50 -9.33 -12.55 -22.13
C GLN F 50 -8.16 -11.84 -21.47
N LYS F 51 -7.08 -12.56 -21.18
CA LYS F 51 -5.88 -11.91 -20.65
C LYS F 51 -5.29 -10.95 -21.69
N ALA F 52 -5.30 -11.34 -22.97
CA ALA F 52 -4.74 -10.48 -24.01
C ALA F 52 -5.57 -9.21 -24.19
N ILE F 53 -6.89 -9.33 -24.11
CA ILE F 53 -7.75 -8.14 -24.20
C ILE F 53 -7.45 -7.18 -23.05
N LYS F 54 -7.33 -7.71 -21.84
CA LYS F 54 -7.07 -6.87 -20.68
C LYS F 54 -5.72 -6.15 -20.80
N ALA F 55 -4.72 -6.82 -21.37
CA ALA F 55 -3.37 -6.28 -21.38
C ALA F 55 -3.20 -5.13 -22.36
N LYS F 56 -4.08 -4.99 -23.35
CA LYS F 56 -3.92 -3.92 -24.34
C LYS F 56 -4.64 -2.65 -23.95
N TYR F 57 -5.13 -2.54 -22.72
CA TYR F 57 -5.72 -1.32 -22.20
C TYR F 57 -5.02 -0.93 -20.90
N PRO F 58 -4.99 0.36 -20.57
CA PRO F 58 -4.30 0.81 -19.35
C PRO F 58 -4.96 0.22 -18.11
N PRO F 59 -4.16 -0.23 -17.14
CA PRO F 59 -4.75 -0.81 -15.93
C PRO F 59 -5.45 0.27 -15.11
N VAL F 60 -6.61 -0.08 -14.59
CA VAL F 60 -7.41 0.83 -13.79
C VAL F 60 -6.93 0.78 -12.35
N ASN F 61 -6.64 1.94 -11.78
CA ASN F 61 -6.16 2.01 -10.41
C ASN F 61 -7.29 1.65 -9.45
N ARG F 62 -7.06 0.63 -8.62
CA ARG F 62 -8.08 0.13 -7.70
C ARG F 62 -7.84 0.74 -6.33
N LYS F 63 -8.78 1.58 -5.90
CA LYS F 63 -8.78 2.09 -4.54
C LYS F 63 -10.02 1.56 -3.81
N TYR F 64 -10.21 0.23 -3.88
CA TYR F 64 -11.35 -0.39 -3.22
C TYR F 64 -10.94 -1.78 -2.73
N GLU F 65 -11.81 -2.34 -1.89
CA GLU F 65 -11.59 -3.69 -1.35
C GLU F 65 -12.94 -4.24 -0.92
N TYR F 66 -13.01 -5.56 -0.82
CA TYR F 66 -14.23 -6.26 -0.42
C TYR F 66 -14.06 -6.76 1.00
N LEU F 67 -14.86 -6.24 1.91
CA LEU F 67 -14.69 -6.47 3.34
C LEU F 67 -15.76 -7.42 3.89
N ASP F 68 -15.63 -7.72 5.17
CA ASP F 68 -16.45 -8.76 5.80
C ASP F 68 -17.88 -8.28 6.01
N HIS F 69 -18.82 -9.12 5.58
CA HIS F 69 -20.20 -9.06 6.02
C HIS F 69 -20.73 -10.48 5.94
N THR F 70 -21.39 -10.94 7.01
CA THR F 70 -21.68 -12.37 7.15
C THR F 70 -22.43 -12.92 5.94
N ALA F 71 -23.59 -12.32 5.63
CA ALA F 71 -24.44 -12.85 4.57
C ALA F 71 -24.07 -12.37 3.19
N ASP F 72 -23.44 -11.20 3.07
CA ASP F 72 -23.17 -10.62 1.77
C ASP F 72 -21.75 -10.06 1.69
N VAL F 73 -21.60 -8.85 1.18
CA VAL F 73 -20.28 -8.26 1.00
C VAL F 73 -20.37 -6.76 1.23
N GLN F 74 -19.34 -6.19 1.84
CA GLN F 74 -19.22 -4.76 2.05
C GLN F 74 -18.21 -4.17 1.09
N LEU F 75 -18.61 -3.14 0.36
CA LEU F 75 -17.72 -2.40 -0.51
C LEU F 75 -17.04 -1.30 0.29
N HIS F 76 -15.71 -1.29 0.27
CA HIS F 76 -14.92 -0.19 0.85
C HIS F 76 -14.12 0.46 -0.25
N ALA F 77 -14.37 1.75 -0.50
CA ALA F 77 -13.68 2.50 -1.53
C ALA F 77 -13.21 3.83 -0.95
N TRP F 78 -12.21 4.42 -1.59
CA TRP F 78 -11.62 5.65 -1.08
C TRP F 78 -10.96 6.40 -2.24
N GLY F 79 -10.53 7.62 -1.94
CA GLY F 79 -9.86 8.45 -2.92
C GLY F 79 -9.43 9.76 -2.27
N ASP F 80 -8.84 10.63 -3.09
CA ASP F 80 -8.41 11.93 -2.60
C ASP F 80 -9.54 12.94 -2.55
N THR F 81 -10.65 12.68 -3.24
CA THR F 81 -11.84 13.51 -3.17
C THR F 81 -13.06 12.63 -2.97
N LEU F 82 -14.17 13.26 -2.58
CA LEU F 82 -15.43 12.53 -2.48
C LEU F 82 -15.84 11.94 -3.82
N GLU F 83 -15.51 12.63 -4.92
CA GLU F 83 -15.81 12.12 -6.25
C GLU F 83 -15.06 10.82 -6.52
N GLU F 84 -13.76 10.79 -6.19
CA GLU F 84 -12.99 9.57 -6.45
C GLU F 84 -13.45 8.43 -5.55
N ALA F 85 -13.79 8.71 -4.30
CA ALA F 85 -14.32 7.67 -3.43
C ALA F 85 -15.60 7.09 -4.00
N PHE F 86 -16.47 7.94 -4.53
CA PHE F 86 -17.71 7.47 -5.14
C PHE F 86 -17.44 6.65 -6.39
N GLU F 87 -16.59 7.16 -7.28
CA GLU F 87 -16.29 6.43 -8.52
C GLU F 87 -15.58 5.11 -8.23
N GLN F 88 -14.73 5.08 -7.20
CA GLN F 88 -14.11 3.82 -6.81
C GLN F 88 -15.13 2.83 -6.26
N CYS F 89 -16.22 3.32 -5.65
CA CYS F 89 -17.24 2.42 -5.13
C CYS F 89 -18.02 1.76 -6.27
N ALA F 90 -18.33 2.52 -7.32
CA ALA F 90 -19.01 1.95 -8.48
C ALA F 90 -18.12 0.92 -9.17
N MET F 91 -16.82 1.21 -9.27
CA MET F 91 -15.89 0.25 -9.86
C MET F 91 -15.72 -0.98 -8.97
N ALA F 92 -15.81 -0.81 -7.64
CA ALA F 92 -15.83 -1.97 -6.75
C ALA F 92 -17.03 -2.86 -7.03
N MET F 93 -18.21 -2.24 -7.21
CA MET F 93 -19.42 -3.01 -7.46
C MET F 93 -19.32 -3.75 -8.78
N PHE F 94 -18.92 -3.07 -9.85
CA PHE F 94 -18.79 -3.74 -11.15
C PHE F 94 -17.65 -4.74 -11.14
N GLY F 95 -16.58 -4.45 -10.41
CA GLY F 95 -15.48 -5.40 -10.26
C GLY F 95 -15.87 -6.68 -9.55
N TYR F 96 -17.03 -6.70 -8.90
CA TYR F 96 -17.54 -7.92 -8.28
C TYR F 96 -18.34 -8.77 -9.25
N MET F 97 -18.88 -8.18 -10.33
CA MET F 97 -19.66 -8.93 -11.29
C MET F 97 -18.79 -9.65 -12.32
N THR F 98 -17.59 -9.14 -12.59
CA THR F 98 -16.71 -9.71 -13.60
C THR F 98 -15.34 -9.07 -13.45
N ASP F 99 -14.42 -9.47 -14.33
CA ASP F 99 -13.11 -8.84 -14.44
C ASP F 99 -13.27 -7.64 -15.37
N THR F 100 -13.43 -6.45 -14.78
CA THR F 100 -13.68 -5.25 -15.57
C THR F 100 -12.50 -4.88 -16.45
N GLY F 101 -11.31 -5.43 -16.20
CA GLY F 101 -10.19 -5.21 -17.10
C GLY F 101 -10.39 -5.81 -18.47
N THR F 102 -11.25 -6.82 -18.59
CA THR F 102 -11.58 -7.42 -19.87
C THR F 102 -12.66 -6.66 -20.62
N VAL F 103 -13.18 -5.58 -20.04
CA VAL F 103 -14.23 -4.78 -20.67
C VAL F 103 -13.57 -3.76 -21.57
N GLU F 104 -13.92 -3.78 -22.86
CA GLU F 104 -13.27 -2.86 -23.78
C GLU F 104 -14.01 -1.53 -23.83
N PRO F 105 -13.28 -0.41 -23.93
CA PRO F 105 -13.91 0.93 -23.94
C PRO F 105 -14.47 1.30 -25.31
N LEU F 106 -15.68 0.81 -25.59
CA LEU F 106 -16.32 1.04 -26.87
C LEU F 106 -17.40 2.11 -26.83
N GLN F 107 -17.98 2.39 -25.67
CA GLN F 107 -19.09 3.32 -25.55
C GLN F 107 -19.00 4.04 -24.22
N THR F 108 -19.53 5.27 -24.19
CA THR F 108 -19.57 6.08 -22.98
C THR F 108 -21.01 6.31 -22.57
N VAL F 109 -21.28 6.13 -21.28
CA VAL F 109 -22.63 6.23 -20.71
C VAL F 109 -22.59 7.26 -19.59
N GLU F 110 -23.66 8.05 -19.47
CA GLU F 110 -23.78 9.06 -18.44
C GLU F 110 -24.74 8.62 -17.36
N VAL F 111 -24.37 8.89 -16.10
CA VAL F 111 -25.25 8.66 -14.95
C VAL F 111 -25.20 9.90 -14.08
N GLU F 112 -26.32 10.63 -14.03
CA GLU F 112 -26.49 11.78 -13.17
C GLU F 112 -27.60 11.47 -12.18
N THR F 113 -27.41 11.89 -10.92
CA THR F 113 -28.36 11.53 -9.88
C THR F 113 -28.35 12.60 -8.80
N GLN F 114 -29.42 12.59 -7.98
CA GLN F 114 -29.60 13.53 -6.89
C GLN F 114 -29.92 12.77 -5.61
N GLY F 115 -29.69 13.43 -4.48
CA GLY F 115 -29.92 12.81 -3.19
C GLY F 115 -30.34 13.83 -2.15
N ASP F 116 -30.92 13.33 -1.06
CA ASP F 116 -31.26 14.15 0.09
C ASP F 116 -30.09 14.32 1.04
N ASP F 117 -29.14 13.39 1.03
CA ASP F 117 -27.93 13.47 1.84
C ASP F 117 -26.84 12.71 1.11
N LEU F 118 -25.66 12.64 1.72
CA LEU F 118 -24.55 11.92 1.09
C LEU F 118 -24.85 10.43 0.95
N GLN F 119 -25.54 9.85 1.94
CA GLN F 119 -25.86 8.43 1.89
C GLN F 119 -26.83 8.12 0.75
N SER F 120 -27.90 8.91 0.65
CA SER F 120 -28.88 8.67 -0.41
C SER F 120 -28.28 8.96 -1.79
N LEU F 121 -27.41 9.96 -1.88
CA LEU F 121 -26.71 10.22 -3.13
C LEU F 121 -25.87 9.01 -3.54
N LEU F 122 -25.16 8.41 -2.60
CA LEU F 122 -24.36 7.23 -2.89
C LEU F 122 -25.25 6.04 -3.23
N PHE F 123 -26.39 5.91 -2.55
CA PHE F 123 -27.31 4.82 -2.85
C PHE F 123 -27.82 4.91 -4.27
N HIS F 124 -28.40 6.07 -4.64
CA HIS F 124 -28.95 6.23 -5.97
C HIS F 124 -27.85 6.19 -7.04
N PHE F 125 -26.64 6.62 -6.69
CA PHE F 125 -25.54 6.58 -7.65
C PHE F 125 -25.20 5.15 -8.04
N LEU F 126 -25.04 4.27 -7.05
CA LEU F 126 -24.75 2.88 -7.33
C LEU F 126 -25.96 2.17 -7.93
N ASP F 127 -27.16 2.54 -7.49
CA ASP F 127 -28.36 1.89 -7.99
C ASP F 127 -28.57 2.17 -9.48
N GLU F 128 -28.33 3.41 -9.91
CA GLU F 128 -28.48 3.74 -11.32
C GLU F 128 -27.47 2.99 -12.18
N TRP F 129 -26.25 2.82 -11.67
CA TRP F 129 -25.24 2.09 -12.43
C TRP F 129 -25.59 0.60 -12.50
N LEU F 130 -26.14 0.05 -11.41
CA LEU F 130 -26.61 -1.34 -11.45
C LEU F 130 -27.72 -1.50 -12.47
N TYR F 131 -28.63 -0.53 -12.57
CA TYR F 131 -29.73 -0.63 -13.51
C TYR F 131 -29.24 -0.53 -14.96
N LYS F 132 -28.20 0.27 -15.20
CA LYS F 132 -27.58 0.30 -16.52
C LYS F 132 -27.11 -1.08 -16.95
N PHE F 133 -26.58 -1.86 -16.00
CA PHE F 133 -26.08 -3.19 -16.28
C PHE F 133 -27.19 -4.21 -16.44
N SER F 134 -28.31 -4.02 -15.74
CA SER F 134 -29.36 -5.03 -15.63
C SER F 134 -30.53 -4.79 -16.56
N ALA F 135 -30.51 -3.74 -17.37
CA ALA F 135 -31.64 -3.44 -18.23
C ALA F 135 -31.18 -2.63 -19.43
N ASP F 136 -32.09 -2.49 -20.40
CA ASP F 136 -31.88 -1.70 -21.61
C ASP F 136 -30.69 -2.21 -22.41
N GLU F 137 -29.56 -1.51 -22.34
CA GLU F 137 -28.38 -1.88 -23.12
C GLU F 137 -27.46 -2.83 -22.39
N PHE F 138 -27.74 -3.16 -21.12
CA PHE F 138 -26.94 -4.09 -20.34
C PHE F 138 -25.46 -3.69 -20.34
N PHE F 139 -25.23 -2.45 -19.97
CA PHE F 139 -23.92 -1.82 -20.09
C PHE F 139 -23.07 -2.10 -18.86
N ILE F 140 -21.80 -2.43 -19.09
CA ILE F 140 -20.84 -2.52 -17.99
C ILE F 140 -19.64 -1.64 -18.32
N PRO F 141 -19.25 -0.73 -17.42
CA PRO F 141 -18.04 0.06 -17.66
C PRO F 141 -16.80 -0.62 -17.11
N ARG F 142 -15.69 -0.45 -17.82
CA ARG F 142 -14.40 -0.86 -17.29
C ARG F 142 -13.84 0.17 -16.32
N GLU F 143 -14.38 1.38 -16.32
CA GLU F 143 -13.95 2.44 -15.42
C GLU F 143 -15.05 3.47 -15.32
N VAL F 144 -15.19 4.07 -14.14
CA VAL F 144 -16.18 5.10 -13.86
C VAL F 144 -15.45 6.33 -13.36
N LYS F 145 -15.86 7.51 -13.81
CA LYS F 145 -15.37 8.76 -13.28
C LYS F 145 -16.53 9.63 -12.86
N VAL F 146 -16.49 10.10 -11.61
CA VAL F 146 -17.44 11.08 -11.12
C VAL F 146 -16.88 12.47 -11.46
N LEU F 147 -17.62 13.24 -12.24
CA LEU F 147 -17.12 14.53 -12.71
C LEU F 147 -17.33 15.64 -11.68
N SER F 148 -18.41 15.58 -10.90
CA SER F 148 -18.69 16.62 -9.93
C SER F 148 -19.70 16.10 -8.91
N ILE F 149 -19.52 16.53 -7.67
CA ILE F 149 -20.49 16.33 -6.60
C ILE F 149 -20.75 17.69 -5.97
N ASP F 150 -21.97 18.20 -6.13
CA ASP F 150 -22.43 19.38 -5.40
C ASP F 150 -22.76 18.93 -3.99
N GLN F 151 -21.86 19.20 -3.05
CA GLN F 151 -21.99 18.67 -1.70
C GLN F 151 -22.96 19.46 -0.82
N ARG F 152 -23.60 20.49 -1.35
CA ARG F 152 -24.61 21.25 -0.60
C ARG F 152 -26.03 20.92 -1.03
N ASN F 153 -26.27 20.77 -2.34
CA ASN F 153 -27.56 20.32 -2.85
C ASN F 153 -27.60 18.82 -3.14
N PHE F 154 -26.46 18.13 -3.03
CA PHE F 154 -26.35 16.68 -3.23
C PHE F 154 -26.79 16.30 -4.65
N LYS F 155 -26.01 16.78 -5.62
CA LYS F 155 -26.18 16.45 -7.02
C LYS F 155 -24.89 15.86 -7.56
N LEU F 156 -25.01 14.94 -8.51
CA LEU F 156 -23.86 14.17 -8.99
C LEU F 156 -23.92 14.00 -10.50
N ARG F 157 -22.75 14.11 -11.14
CA ARG F 157 -22.58 13.84 -12.57
C ARG F 157 -21.45 12.84 -12.72
N SER F 158 -21.69 11.75 -13.47
CA SER F 158 -20.68 10.73 -13.67
C SER F 158 -20.78 10.16 -15.08
N ILE F 159 -19.70 9.51 -15.51
CA ILE F 159 -19.62 8.83 -16.79
C ILE F 159 -18.87 7.52 -16.62
N GLY F 160 -19.12 6.59 -17.52
CA GLY F 160 -18.38 5.34 -17.56
C GLY F 160 -18.24 4.88 -18.99
N TRP F 161 -17.11 4.23 -19.26
CA TRP F 161 -16.83 3.71 -20.59
C TRP F 161 -16.62 2.21 -20.53
N GLY F 162 -17.25 1.49 -21.47
CA GLY F 162 -17.16 0.06 -21.54
C GLY F 162 -17.93 -0.48 -22.73
N GLU F 163 -18.72 -1.53 -22.52
CA GLU F 163 -19.49 -2.14 -23.60
C GLU F 163 -20.65 -2.90 -22.99
N GLU F 164 -21.47 -3.49 -23.85
CA GLU F 164 -22.52 -4.39 -23.39
C GLU F 164 -21.89 -5.63 -22.77
N PHE F 165 -22.37 -6.01 -21.58
CA PHE F 165 -21.88 -7.22 -20.95
C PHE F 165 -22.26 -8.43 -21.76
N SER F 166 -21.29 -9.31 -22.03
CA SER F 166 -21.51 -10.47 -22.89
C SER F 166 -20.79 -11.67 -22.29
N LEU F 167 -21.51 -12.78 -22.16
CA LEU F 167 -20.89 -14.01 -21.68
C LEU F 167 -19.88 -14.57 -22.68
N SER F 168 -19.93 -14.11 -23.93
CA SER F 168 -18.93 -14.53 -24.91
C SER F 168 -17.57 -13.89 -24.62
N LYS F 169 -17.56 -12.71 -24.01
CA LYS F 169 -16.33 -11.95 -23.79
C LYS F 169 -15.93 -11.83 -22.34
N HIS F 170 -16.89 -11.75 -21.42
CA HIS F 170 -16.60 -11.35 -20.05
C HIS F 170 -16.83 -12.49 -19.08
N PRO F 171 -15.88 -12.76 -18.19
CA PRO F 171 -16.04 -13.88 -17.26
C PRO F 171 -17.13 -13.59 -16.24
N GLN F 172 -17.69 -14.67 -15.69
CA GLN F 172 -18.79 -14.57 -14.75
C GLN F 172 -18.25 -14.42 -13.33
N GLY F 173 -18.52 -13.27 -12.71
CA GLY F 173 -18.31 -13.11 -11.29
C GLY F 173 -19.60 -13.39 -10.54
N THR F 174 -19.97 -12.50 -9.63
CA THR F 174 -21.18 -12.65 -8.83
C THR F 174 -22.18 -11.57 -9.20
N GLU F 175 -23.43 -11.95 -9.43
CA GLU F 175 -24.47 -10.98 -9.72
C GLU F 175 -24.79 -10.16 -8.48
N VAL F 176 -24.98 -8.86 -8.67
CA VAL F 176 -25.39 -7.95 -7.61
C VAL F 176 -26.90 -7.80 -7.68
N LYS F 177 -27.58 -8.06 -6.55
CA LYS F 177 -29.03 -7.99 -6.50
C LYS F 177 -29.53 -6.57 -6.23
N ALA F 178 -28.90 -5.85 -5.31
CA ALA F 178 -29.40 -4.54 -4.91
C ALA F 178 -28.35 -3.82 -4.09
N ILE F 179 -28.56 -2.52 -3.93
CA ILE F 179 -27.81 -1.69 -2.99
C ILE F 179 -28.59 -1.64 -1.69
N THR F 180 -27.87 -1.63 -0.56
CA THR F 180 -28.51 -1.54 0.75
C THR F 180 -27.92 -0.37 1.53
N TYR F 181 -28.71 0.12 2.49
CA TYR F 181 -28.28 1.16 3.40
C TYR F 181 -27.61 0.62 4.66
N SER F 182 -27.42 -0.69 4.76
CA SER F 182 -26.93 -1.29 5.99
C SER F 182 -25.53 -0.79 6.31
N ALA F 183 -25.40 -0.11 7.45
CA ALA F 183 -24.12 0.40 7.95
C ALA F 183 -23.42 1.27 6.91
N MET F 184 -24.20 1.94 6.07
CA MET F 184 -23.60 2.80 5.06
C MET F 184 -22.94 3.99 5.72
N GLN F 185 -21.67 4.23 5.36
CA GLN F 185 -20.89 5.30 5.96
C GLN F 185 -20.20 6.07 4.84
N VAL F 186 -20.40 7.39 4.82
CA VAL F 186 -19.75 8.28 3.86
C VAL F 186 -18.93 9.26 4.67
N TYR F 187 -17.60 9.18 4.54
CA TYR F 187 -16.69 10.08 5.23
C TYR F 187 -16.23 11.14 4.23
N ASN F 188 -16.57 12.39 4.51
CA ASN F 188 -16.50 13.47 3.53
C ASN F 188 -15.30 14.39 3.72
N GLU F 189 -14.56 14.26 4.82
CA GLU F 189 -13.52 15.22 5.16
C GLU F 189 -12.15 14.77 4.64
N GLU F 190 -11.12 14.86 5.47
CA GLU F 190 -9.82 14.34 5.10
C GLU F 190 -9.91 12.84 4.80
N ASN F 191 -9.13 12.39 3.80
CA ASN F 191 -9.08 10.99 3.39
C ASN F 191 -10.49 10.44 3.20
N PRO F 192 -11.21 10.90 2.19
CA PRO F 192 -12.60 10.44 2.01
C PRO F 192 -12.67 8.96 1.66
N GLU F 193 -13.73 8.31 2.12
CA GLU F 193 -13.95 6.89 1.91
C GLU F 193 -15.42 6.58 2.18
N VAL F 194 -15.86 5.44 1.66
CA VAL F 194 -17.24 5.00 1.83
C VAL F 194 -17.28 3.51 2.13
N PHE F 195 -18.34 3.10 2.84
CA PHE F 195 -18.63 1.69 3.10
C PHE F 195 -20.07 1.42 2.68
N VAL F 196 -20.26 0.45 1.79
CA VAL F 196 -21.58 0.08 1.31
C VAL F 196 -21.70 -1.43 1.31
N ILE F 197 -22.78 -1.94 1.92
CA ILE F 197 -23.12 -3.35 1.83
C ILE F 197 -24.12 -3.54 0.70
N ILE F 198 -23.83 -4.47 -0.20
CA ILE F 198 -24.70 -4.77 -1.33
C ILE F 198 -25.21 -6.19 -1.19
N ASP F 199 -26.46 -6.40 -1.59
CA ASP F 199 -27.08 -7.72 -1.49
C ASP F 199 -26.62 -8.59 -2.65
N ILE F 200 -26.09 -9.77 -2.32
CA ILE F 200 -25.68 -10.73 -3.33
C ILE F 200 -26.31 -12.09 -3.05
N ARG G 5 -25.35 -23.85 30.77
CA ARG G 5 -26.76 -24.02 31.05
C ARG G 5 -27.44 -22.69 31.36
N SER G 6 -28.76 -22.65 31.21
CA SER G 6 -29.53 -21.50 31.65
C SER G 6 -29.38 -21.31 33.16
N TYR G 7 -29.56 -20.07 33.61
CA TYR G 7 -29.43 -19.77 35.03
C TYR G 7 -30.42 -20.59 35.85
N ASN G 8 -31.65 -20.76 35.35
CA ASN G 8 -32.63 -21.57 36.06
C ASN G 8 -32.23 -23.03 36.09
N ASP G 9 -31.69 -23.55 34.98
CA ASP G 9 -31.22 -24.93 34.95
C ASP G 9 -30.13 -25.17 36.00
N GLU G 10 -29.33 -24.15 36.29
CA GLU G 10 -28.31 -24.28 37.33
C GLU G 10 -28.93 -24.28 38.72
N LEU G 11 -29.92 -23.40 38.95
CA LEU G 11 -30.60 -23.32 40.24
C LEU G 11 -31.34 -24.61 40.60
N GLN G 12 -31.46 -25.54 39.65
CA GLN G 12 -32.10 -26.82 39.93
C GLN G 12 -31.32 -27.62 40.96
N PHE G 13 -29.98 -27.55 40.90
CA PHE G 13 -29.11 -28.32 41.77
C PHE G 13 -28.82 -27.62 43.09
N LEU G 14 -29.44 -26.48 43.34
CA LEU G 14 -29.14 -25.65 44.50
C LEU G 14 -30.36 -25.57 45.41
N GLU G 15 -30.11 -25.50 46.72
CA GLU G 15 -31.18 -25.64 47.70
C GLU G 15 -30.72 -25.25 49.10
N LYS G 16 -31.39 -24.27 49.70
CA LYS G 16 -31.08 -23.86 51.07
C LYS G 16 -31.32 -25.02 52.03
N ILE G 17 -30.35 -25.27 52.90
CA ILE G 17 -30.53 -26.27 53.94
C ILE G 17 -31.02 -25.62 55.23
N ASN G 18 -30.47 -24.46 55.56
CA ASN G 18 -30.92 -23.69 56.71
C ASN G 18 -30.59 -22.22 56.44
N LYS G 19 -30.94 -21.37 57.42
CA LYS G 19 -30.84 -19.92 57.27
C LYS G 19 -29.44 -19.45 56.88
N ASN G 20 -28.41 -20.27 57.11
CA ASN G 20 -27.04 -19.86 56.83
C ASN G 20 -26.29 -20.86 55.95
N CYS G 21 -26.99 -21.68 55.17
CA CYS G 21 -26.29 -22.71 54.41
C CYS G 21 -27.09 -23.09 53.17
N TRP G 22 -26.38 -23.36 52.07
CA TRP G 22 -26.96 -23.81 50.82
C TRP G 22 -26.35 -25.15 50.42
N ARG G 23 -27.12 -25.94 49.66
CA ARG G 23 -26.69 -27.24 49.19
C ARG G 23 -26.45 -27.21 47.68
N ILE G 24 -25.41 -27.92 47.24
CA ILE G 24 -25.11 -28.12 45.83
C ILE G 24 -25.26 -29.61 45.55
N LYS G 25 -26.36 -30.00 44.92
CA LYS G 25 -26.66 -31.39 44.68
C LYS G 25 -25.79 -31.96 43.57
N LYS G 26 -25.60 -33.27 43.60
CA LYS G 26 -24.76 -33.94 42.60
C LYS G 26 -25.37 -33.78 41.22
N GLY G 27 -24.51 -33.60 40.23
CA GLY G 27 -24.92 -33.29 38.88
C GLY G 27 -24.67 -31.84 38.48
N PHE G 28 -24.41 -30.97 39.46
CA PHE G 28 -24.06 -29.59 39.15
C PHE G 28 -22.82 -29.53 38.28
N VAL G 29 -21.84 -30.38 38.56
CA VAL G 29 -20.70 -30.60 37.69
C VAL G 29 -20.51 -32.11 37.57
N PRO G 30 -19.73 -32.57 36.58
CA PRO G 30 -19.57 -34.02 36.40
C PRO G 30 -18.80 -34.68 37.55
N ASN G 31 -19.18 -35.93 37.82
CA ASN G 31 -18.40 -36.87 38.62
C ASN G 31 -18.34 -36.49 40.10
N MET G 32 -19.36 -35.79 40.61
CA MET G 32 -19.36 -35.42 42.02
C MET G 32 -19.47 -36.66 42.90
N GLN G 33 -18.45 -36.92 43.69
CA GLN G 33 -18.49 -38.04 44.63
C GLN G 33 -19.37 -37.72 45.83
N VAL G 34 -19.34 -36.47 46.29
CA VAL G 34 -20.17 -36.02 47.41
C VAL G 34 -20.83 -34.70 47.01
N GLU G 35 -21.75 -34.25 47.86
CA GLU G 35 -22.41 -32.98 47.62
C GLU G 35 -21.54 -31.81 48.09
N GLY G 36 -21.93 -30.62 47.66
CA GLY G 36 -21.27 -29.40 48.09
C GLY G 36 -22.21 -28.52 48.89
N VAL G 37 -21.64 -27.73 49.79
CA VAL G 37 -22.39 -26.76 50.57
C VAL G 37 -21.59 -25.47 50.66
N PHE G 38 -22.28 -24.35 50.86
CA PHE G 38 -21.62 -23.09 51.17
C PHE G 38 -22.46 -22.32 52.18
N TYR G 39 -21.77 -21.69 53.14
CA TYR G 39 -22.41 -20.99 54.26
C TYR G 39 -22.49 -19.50 53.94
N VAL G 40 -23.70 -18.99 53.80
CA VAL G 40 -23.92 -17.56 53.53
C VAL G 40 -25.24 -17.15 54.17
N ASN G 41 -25.24 -15.97 54.79
CA ASN G 41 -26.50 -15.36 55.21
C ASN G 41 -27.16 -14.72 53.99
N ASP G 42 -28.15 -13.84 54.21
CA ASP G 42 -28.92 -13.34 53.08
C ASP G 42 -28.11 -12.38 52.22
N ALA G 43 -27.38 -11.46 52.84
CA ALA G 43 -26.58 -10.52 52.07
C ALA G 43 -25.47 -11.24 51.30
N LEU G 44 -24.78 -12.17 51.96
CA LEU G 44 -23.69 -12.89 51.30
C LEU G 44 -24.21 -13.81 50.20
N GLU G 45 -25.45 -14.30 50.31
CA GLU G 45 -25.97 -15.23 49.31
C GLU G 45 -26.19 -14.55 47.96
N LYS G 46 -26.44 -13.23 47.96
CA LYS G 46 -26.66 -12.54 46.70
C LYS G 46 -25.36 -12.39 45.91
N LEU G 47 -24.24 -12.16 46.60
CA LEU G 47 -22.95 -12.10 45.93
C LEU G 47 -22.59 -13.44 45.31
N MET G 48 -22.86 -14.53 46.02
CA MET G 48 -22.52 -15.86 45.50
C MET G 48 -23.36 -16.21 44.28
N PHE G 49 -24.64 -15.84 44.29
CA PHE G 49 -25.50 -16.16 43.14
C PHE G 49 -25.27 -15.21 41.98
N GLU G 50 -24.91 -13.95 42.26
CA GLU G 50 -24.56 -13.04 41.17
C GLU G 50 -23.25 -13.44 40.51
N GLU G 51 -22.36 -14.08 41.27
CA GLU G 51 -21.14 -14.60 40.66
C GLU G 51 -21.45 -15.76 39.73
N LEU G 52 -22.39 -16.62 40.11
CA LEU G 52 -22.80 -17.71 39.23
C LEU G 52 -23.39 -17.18 37.93
N ARG G 53 -24.14 -16.08 38.01
CA ARG G 53 -24.79 -15.52 36.84
C ARG G 53 -23.82 -14.79 35.93
N ASN G 54 -22.89 -14.02 36.52
CA ASN G 54 -22.08 -13.06 35.76
C ASN G 54 -20.67 -13.54 35.48
N ALA G 55 -20.27 -14.70 35.97
CA ALA G 55 -18.89 -15.16 35.77
C ALA G 55 -18.61 -15.43 34.31
N CYS G 56 -19.51 -16.13 33.62
CA CYS G 56 -19.41 -16.40 32.19
C CYS G 56 -20.79 -16.13 31.59
N ARG G 57 -21.12 -14.85 31.45
CA ARG G 57 -22.48 -14.46 31.10
C ARG G 57 -22.80 -14.75 29.63
N GLY G 58 -21.84 -14.50 28.74
CA GLY G 58 -22.08 -14.66 27.32
C GLY G 58 -21.83 -16.07 26.83
N GLY G 59 -22.17 -16.28 25.55
CA GLY G 59 -21.91 -17.52 24.86
C GLY G 59 -20.64 -17.57 24.04
N GLY G 60 -19.77 -16.57 24.18
CA GLY G 60 -18.52 -16.53 23.43
C GLY G 60 -17.32 -16.85 24.29
N VAL G 61 -16.18 -16.27 23.94
CA VAL G 61 -14.93 -16.56 24.64
C VAL G 61 -14.86 -15.72 25.91
N GLY G 62 -13.94 -16.09 26.80
CA GLY G 62 -13.73 -15.37 28.04
C GLY G 62 -14.44 -15.99 29.22
N GLY G 63 -14.54 -15.20 30.29
CA GLY G 63 -15.19 -15.63 31.51
C GLY G 63 -14.27 -16.45 32.40
N PHE G 64 -14.71 -16.61 33.65
CA PHE G 64 -14.03 -17.42 34.63
C PHE G 64 -15.03 -18.37 35.26
N LEU G 65 -14.54 -19.25 36.13
CA LEU G 65 -15.38 -20.25 36.77
C LEU G 65 -15.85 -19.72 38.12
N PRO G 66 -17.15 -19.67 38.37
CA PRO G 66 -17.63 -19.15 39.67
C PRO G 66 -17.34 -20.12 40.80
N ALA G 67 -17.58 -19.64 42.02
CA ALA G 67 -17.21 -20.41 43.20
C ALA G 67 -18.03 -21.68 43.34
N MET G 68 -19.33 -21.61 43.00
CA MET G 68 -20.19 -22.79 43.12
C MET G 68 -19.69 -23.94 42.24
N LYS G 69 -19.27 -23.62 41.00
CA LYS G 69 -18.71 -24.63 40.13
C LYS G 69 -17.43 -25.21 40.72
N GLN G 70 -16.60 -24.36 41.32
CA GLN G 70 -15.33 -24.83 41.87
C GLN G 70 -15.54 -25.68 43.11
N ILE G 71 -16.52 -25.34 43.95
CA ILE G 71 -16.89 -26.20 45.06
C ILE G 71 -17.35 -27.55 44.53
N GLY G 72 -18.10 -27.55 43.42
CA GLY G 72 -18.55 -28.79 42.84
C GLY G 72 -17.40 -29.62 42.26
N ASN G 73 -16.52 -28.97 41.51
CA ASN G 73 -15.37 -29.68 40.94
C ASN G 73 -14.55 -30.36 42.03
N VAL G 74 -14.34 -29.66 43.15
CA VAL G 74 -13.61 -30.25 44.26
C VAL G 74 -14.36 -31.45 44.82
N ALA G 75 -15.69 -31.38 44.87
CA ALA G 75 -16.49 -32.51 45.31
C ALA G 75 -16.38 -33.72 44.39
N ALA G 76 -15.71 -33.58 43.24
CA ALA G 76 -15.47 -34.67 42.32
C ALA G 76 -14.09 -35.30 42.49
N LEU G 77 -13.24 -34.73 43.33
CA LEU G 77 -11.91 -35.29 43.54
C LEU G 77 -12.02 -36.63 44.26
N PRO G 78 -11.33 -37.66 43.81
CA PRO G 78 -11.48 -38.99 44.43
C PRO G 78 -10.93 -39.02 45.84
N GLY G 79 -11.60 -39.78 46.70
CA GLY G 79 -11.22 -39.92 48.09
C GLY G 79 -11.89 -38.96 49.03
N ILE G 80 -12.66 -37.99 48.51
CA ILE G 80 -13.28 -36.99 49.37
C ILE G 80 -14.34 -37.61 50.26
N VAL G 81 -14.55 -37.03 51.43
CA VAL G 81 -15.54 -37.50 52.39
C VAL G 81 -16.43 -36.32 52.80
N HIS G 82 -17.61 -36.67 53.33
CA HIS G 82 -18.62 -35.70 53.75
C HIS G 82 -19.05 -34.79 52.62
N ARG G 83 -18.53 -33.56 52.60
CA ARG G 83 -18.95 -32.59 51.61
C ARG G 83 -17.77 -31.71 51.22
N SER G 84 -17.88 -31.12 50.03
CA SER G 84 -17.05 -29.97 49.66
C SER G 84 -17.71 -28.71 50.19
N ILE G 85 -17.00 -27.98 51.05
CA ILE G 85 -17.62 -26.96 51.88
C ILE G 85 -17.04 -25.60 51.54
N GLY G 86 -17.92 -24.63 51.31
CA GLY G 86 -17.52 -23.25 51.12
C GLY G 86 -17.82 -22.44 52.37
N LEU G 87 -16.79 -21.79 52.89
CA LEU G 87 -16.90 -20.99 54.11
C LEU G 87 -17.41 -19.60 53.76
N PRO G 88 -17.98 -18.87 54.75
CA PRO G 88 -18.68 -17.60 54.46
C PRO G 88 -17.91 -16.56 53.65
N ASP G 89 -16.59 -16.69 53.55
CA ASP G 89 -15.80 -15.80 52.71
C ASP G 89 -15.69 -16.29 51.27
N VAL G 90 -16.55 -17.24 50.87
CA VAL G 90 -16.35 -17.97 49.63
C VAL G 90 -16.49 -17.05 48.42
N HIS G 91 -15.54 -17.17 47.49
CA HIS G 91 -15.65 -16.54 46.18
C HIS G 91 -14.71 -17.27 45.24
N SER G 92 -14.78 -16.90 43.95
CA SER G 92 -14.09 -17.64 42.91
C SER G 92 -12.58 -17.57 43.09
N GLY G 93 -11.94 -18.74 43.10
CA GLY G 93 -10.49 -18.84 43.12
C GLY G 93 -9.95 -19.36 41.80
N TYR G 94 -8.83 -20.10 41.84
CA TYR G 94 -8.27 -20.67 40.62
C TYR G 94 -8.40 -22.18 40.52
N GLY G 95 -8.76 -22.87 41.60
CA GLY G 95 -9.01 -24.30 41.56
C GLY G 95 -10.07 -24.67 42.57
N PHE G 96 -9.64 -24.81 43.83
CA PHE G 96 -10.57 -24.64 44.93
C PHE G 96 -11.14 -23.22 44.86
N ALA G 97 -12.36 -23.06 45.35
CA ALA G 97 -12.81 -21.71 45.61
C ALA G 97 -11.99 -21.11 46.75
N ILE G 98 -11.93 -19.79 46.81
CA ILE G 98 -11.37 -19.15 47.99
C ILE G 98 -12.36 -19.35 49.13
N GLY G 99 -11.87 -19.93 50.23
CA GLY G 99 -12.77 -20.30 51.31
C GLY G 99 -13.45 -21.63 51.03
N ASN G 100 -12.66 -22.62 50.62
CA ASN G 100 -13.15 -23.93 50.25
C ASN G 100 -12.34 -24.98 50.98
N MET G 101 -13.02 -25.95 51.59
CA MET G 101 -12.39 -27.03 52.33
C MET G 101 -12.81 -28.37 51.75
N ALA G 102 -11.88 -29.30 51.72
CA ALA G 102 -12.16 -30.69 51.33
C ALA G 102 -11.23 -31.61 52.10
N ALA G 103 -11.82 -32.66 52.67
CA ALA G 103 -11.06 -33.65 53.44
C ALA G 103 -11.08 -34.98 52.71
N PHE G 104 -9.93 -35.66 52.72
CA PHE G 104 -9.74 -36.89 51.96
C PHE G 104 -9.34 -38.02 52.90
N ASP G 105 -10.02 -39.16 52.77
CA ASP G 105 -9.76 -40.32 53.60
C ASP G 105 -8.44 -40.95 53.20
N MET G 106 -7.41 -40.77 54.03
CA MET G 106 -6.10 -41.34 53.73
C MET G 106 -6.08 -42.86 53.74
N ASN G 107 -7.12 -43.50 54.29
CA ASN G 107 -7.26 -44.95 54.19
C ASN G 107 -7.86 -45.38 52.85
N ASP G 108 -8.47 -44.46 52.12
CA ASP G 108 -8.87 -44.72 50.75
C ASP G 108 -7.63 -44.68 49.87
N PRO G 109 -7.25 -45.77 49.21
CA PRO G 109 -6.03 -45.76 48.38
C PRO G 109 -6.12 -44.83 47.20
N GLU G 110 -7.34 -44.45 46.78
CA GLU G 110 -7.55 -43.53 45.67
C GLU G 110 -7.62 -42.08 46.12
N ALA G 111 -7.47 -41.80 47.41
CA ALA G 111 -7.49 -40.42 47.90
C ALA G 111 -6.31 -39.64 47.31
N VAL G 112 -6.57 -38.37 46.99
CA VAL G 112 -5.60 -37.54 46.29
C VAL G 112 -5.21 -36.36 47.17
N VAL G 113 -4.11 -35.71 46.77
CA VAL G 113 -3.73 -34.40 47.28
C VAL G 113 -3.59 -33.48 46.08
N SER G 114 -4.11 -32.26 46.20
CA SER G 114 -4.17 -31.32 45.09
C SER G 114 -3.35 -30.07 45.40
N PRO G 115 -2.12 -29.98 44.89
CA PRO G 115 -1.29 -28.80 45.21
C PRO G 115 -1.84 -27.52 44.61
N GLY G 116 -2.26 -27.55 43.34
CA GLY G 116 -2.94 -26.40 42.76
C GLY G 116 -4.25 -26.06 43.42
N GLY G 117 -4.81 -26.99 44.20
CA GLY G 117 -6.01 -26.71 44.95
C GLY G 117 -5.71 -26.06 46.28
N VAL G 118 -4.64 -26.54 46.94
CA VAL G 118 -4.23 -25.97 48.22
C VAL G 118 -3.91 -24.49 48.07
N GLY G 119 -3.39 -24.09 46.91
CA GLY G 119 -3.07 -22.70 46.66
C GLY G 119 -1.57 -22.48 46.56
N PHE G 120 -1.20 -21.37 45.93
CA PHE G 120 0.20 -21.03 45.74
C PHE G 120 0.80 -20.29 46.93
N ASP G 121 -0.01 -19.63 47.75
CA ASP G 121 0.48 -18.93 48.93
C ASP G 121 0.41 -19.89 50.13
N ILE G 122 1.32 -20.87 50.11
CA ILE G 122 1.27 -21.97 51.07
C ILE G 122 1.47 -21.44 52.49
N ASN G 123 0.59 -21.86 53.39
CA ASN G 123 0.65 -21.52 54.82
C ASN G 123 0.56 -20.02 55.06
N CYS G 124 0.00 -19.28 54.10
CA CYS G 124 -0.33 -17.88 54.34
C CYS G 124 -1.24 -17.77 55.57
N GLY G 125 -0.88 -16.86 56.48
CA GLY G 125 -1.51 -16.85 57.78
C GLY G 125 -1.75 -15.44 58.28
N VAL G 126 -2.56 -15.36 59.33
CA VAL G 126 -2.87 -14.12 60.02
C VAL G 126 -2.33 -14.25 61.44
N ARG G 127 -1.39 -13.40 61.80
CA ARG G 127 -0.84 -13.34 63.14
C ARG G 127 -1.35 -12.09 63.85
N LEU G 128 -1.72 -12.24 65.12
CA LEU G 128 -2.23 -11.14 65.91
C LEU G 128 -1.33 -10.95 67.13
N LEU G 129 -0.75 -9.76 67.24
CA LEU G 129 0.07 -9.39 68.39
C LEU G 129 -0.73 -8.45 69.29
N ARG G 130 -0.48 -8.56 70.59
CA ARG G 130 -1.05 -7.62 71.55
C ARG G 130 0.03 -6.68 72.06
N THR G 131 -0.42 -5.55 72.61
CA THR G 131 0.47 -4.57 73.22
C THR G 131 -0.07 -4.18 74.59
N ASN G 132 0.79 -3.59 75.41
CA ASN G 132 0.34 -2.93 76.63
C ASN G 132 -0.07 -1.49 76.39
N LEU G 133 -0.05 -1.05 75.13
CA LEU G 133 -0.40 0.31 74.76
C LEU G 133 -1.92 0.46 74.62
N ASP G 134 -2.36 1.71 74.61
CA ASP G 134 -3.76 2.06 74.46
C ASP G 134 -3.89 3.01 73.27
N GLU G 135 -5.13 3.27 72.86
CA GLU G 135 -5.36 4.17 71.73
C GLU G 135 -4.79 5.55 72.00
N SER G 136 -4.85 6.00 73.25
CA SER G 136 -4.33 7.32 73.59
C SER G 136 -2.81 7.39 73.44
N ASP G 137 -2.12 6.25 73.51
CA ASP G 137 -0.67 6.24 73.43
C ASP G 137 -0.17 6.24 71.99
N VAL G 138 -0.95 5.69 71.05
CA VAL G 138 -0.53 5.55 69.67
C VAL G 138 -1.08 6.71 68.84
N GLN G 139 -2.27 7.19 69.19
CA GLN G 139 -2.94 8.20 68.38
C GLN G 139 -2.10 9.45 68.12
N PRO G 140 -1.34 10.00 69.07
CA PRO G 140 -0.47 11.14 68.72
C PRO G 140 0.65 10.78 67.76
N VAL G 141 1.26 9.61 67.91
CA VAL G 141 2.38 9.21 67.07
C VAL G 141 1.90 8.24 66.00
N LYS G 142 0.70 8.49 65.47
CA LYS G 142 0.09 7.55 64.52
C LYS G 142 0.88 7.47 63.23
N GLU G 143 1.17 8.63 62.62
CA GLU G 143 1.89 8.64 61.34
C GLU G 143 3.34 8.21 61.52
N GLN G 144 3.99 8.67 62.60
CA GLN G 144 5.37 8.27 62.86
C GLN G 144 5.49 6.76 62.99
N LEU G 145 4.54 6.14 63.69
CA LEU G 145 4.55 4.68 63.83
C LEU G 145 4.23 4.00 62.51
N ALA G 146 3.30 4.55 61.73
CA ALA G 146 3.00 3.99 60.42
C ALA G 146 4.21 4.10 59.49
N GLN G 147 4.92 5.23 59.55
CA GLN G 147 6.15 5.38 58.78
C GLN G 147 7.21 4.42 59.28
N ALA G 148 7.29 4.22 60.60
CA ALA G 148 8.30 3.34 61.17
C ALA G 148 8.08 1.89 60.74
N MET G 149 6.81 1.47 60.65
CA MET G 149 6.53 0.14 60.09
C MET G 149 6.99 0.06 58.64
N PHE G 150 6.52 0.99 57.80
CA PHE G 150 6.90 0.99 56.40
C PHE G 150 8.40 1.05 56.22
N ASP G 151 9.09 1.83 57.06
CA ASP G 151 10.55 1.85 57.00
C ASP G 151 11.16 0.52 57.42
N HIS G 152 10.49 -0.21 58.31
CA HIS G 152 11.05 -1.44 58.84
C HIS G 152 10.63 -2.69 58.09
N ILE G 153 9.44 -2.70 57.49
CA ILE G 153 8.95 -3.90 56.79
C ILE G 153 9.02 -3.64 55.29
N PRO G 154 9.78 -4.43 54.54
CA PRO G 154 9.79 -4.26 53.07
C PRO G 154 8.51 -4.83 52.47
N VAL G 155 7.84 -4.03 51.65
CA VAL G 155 6.57 -4.42 51.04
C VAL G 155 6.65 -4.19 49.54
N GLY G 156 5.75 -4.87 48.83
CA GLY G 156 5.58 -4.66 47.41
C GLY G 156 6.44 -5.54 46.53
N VAL G 157 6.23 -5.42 45.23
CA VAL G 157 6.98 -6.21 44.25
C VAL G 157 8.44 -5.76 44.24
N GLY G 158 9.35 -6.72 44.27
CA GLY G 158 10.77 -6.43 44.20
C GLY G 158 11.46 -6.24 45.53
N SER G 159 10.72 -6.12 46.62
CA SER G 159 11.33 -5.90 47.92
C SER G 159 12.18 -7.10 48.34
N LYS G 160 13.23 -6.82 49.12
CA LYS G 160 14.14 -7.84 49.62
C LYS G 160 14.31 -7.69 51.12
N GLY G 161 14.76 -8.76 51.76
CA GLY G 161 14.93 -8.73 53.21
C GLY G 161 16.13 -7.89 53.61
N VAL G 162 15.95 -7.13 54.70
CA VAL G 162 17.01 -6.25 55.18
C VAL G 162 18.15 -7.07 55.79
N ILE G 163 17.81 -8.16 56.48
CA ILE G 163 18.82 -9.00 57.13
C ILE G 163 19.39 -9.95 56.08
N PRO G 164 20.71 -9.97 55.89
CA PRO G 164 21.29 -10.85 54.86
C PRO G 164 21.08 -12.32 55.20
N MET G 165 20.65 -13.09 54.20
CA MET G 165 20.41 -14.51 54.35
C MET G 165 21.18 -15.26 53.27
N ASN G 166 21.71 -16.43 53.62
CA ASN G 166 22.42 -17.27 52.66
C ASN G 166 21.73 -18.61 52.53
N ALA G 167 22.24 -19.43 51.61
CA ALA G 167 21.57 -20.68 51.26
C ALA G 167 21.47 -21.63 52.43
N LYS G 168 22.49 -21.66 53.29
CA LYS G 168 22.45 -22.57 54.44
C LYS G 168 21.51 -22.07 55.51
N ASP G 169 21.40 -20.75 55.69
CA ASP G 169 20.40 -20.19 56.58
C ASP G 169 19.00 -20.60 56.16
N LEU G 170 18.71 -20.53 54.85
CA LEU G 170 17.40 -20.92 54.35
C LEU G 170 17.18 -22.42 54.47
N GLU G 171 18.24 -23.21 54.27
CA GLU G 171 18.11 -24.66 54.36
C GLU G 171 17.67 -25.07 55.76
N GLU G 172 18.22 -24.43 56.79
CA GLU G 172 17.80 -24.72 58.16
C GLU G 172 16.42 -24.15 58.45
N ALA G 173 16.12 -22.96 57.92
CA ALA G 173 14.83 -22.32 58.19
C ALA G 173 13.67 -23.15 57.66
N LEU G 174 13.85 -23.74 56.47
CA LEU G 174 12.82 -24.62 55.93
C LEU G 174 12.60 -25.84 56.83
N GLU G 175 13.70 -26.36 57.41
CA GLU G 175 13.58 -27.52 58.29
C GLU G 175 13.05 -27.14 59.67
N MET G 176 13.52 -26.02 60.23
CA MET G 176 13.30 -25.72 61.64
C MET G 176 12.12 -24.78 61.89
N GLY G 177 11.78 -23.91 60.95
CA GLY G 177 10.70 -22.97 61.21
C GLY G 177 11.10 -21.95 62.26
N VAL G 178 10.15 -21.63 63.15
CA VAL G 178 10.38 -20.68 64.22
C VAL G 178 11.55 -21.10 65.10
N ASP G 179 11.85 -22.40 65.15
CA ASP G 179 13.03 -22.86 65.88
C ASP G 179 14.31 -22.24 65.33
N TRP G 180 14.36 -21.97 64.02
CA TRP G 180 15.50 -21.23 63.47
C TRP G 180 15.46 -19.78 63.92
N SER G 181 14.31 -19.12 63.76
CA SER G 181 14.17 -17.72 64.17
C SER G 181 14.46 -17.56 65.66
N LEU G 182 13.94 -18.47 66.48
CA LEU G 182 14.20 -18.42 67.92
C LEU G 182 15.68 -18.55 68.23
N ARG G 183 16.33 -19.55 67.64
CA ARG G 183 17.76 -19.76 67.84
C ARG G 183 18.56 -18.51 67.49
N GLU G 184 18.24 -17.90 66.35
CA GLU G 184 18.91 -16.68 65.91
C GLU G 184 18.40 -15.42 66.60
N GLY G 185 17.49 -15.55 67.56
CA GLY G 185 17.08 -14.43 68.37
C GLY G 185 16.06 -13.50 67.75
N TYR G 186 15.39 -13.92 66.68
CA TYR G 186 14.36 -13.09 66.07
C TYR G 186 12.97 -13.33 66.63
N ALA G 187 12.77 -14.43 67.35
CA ALA G 187 11.47 -14.76 67.92
C ALA G 187 11.65 -15.15 69.38
N TRP G 188 10.58 -14.96 70.16
CA TRP G 188 10.56 -15.36 71.56
C TRP G 188 10.05 -16.78 71.69
N ALA G 189 10.39 -17.40 72.83
CA ALA G 189 9.88 -18.75 73.10
C ALA G 189 8.36 -18.75 73.24
N GLU G 190 7.79 -17.63 73.69
CA GLU G 190 6.34 -17.52 73.82
C GLU G 190 5.66 -17.47 72.45
N ASP G 191 6.33 -16.90 71.44
CA ASP G 191 5.74 -16.84 70.10
C ASP G 191 5.45 -18.24 69.57
N LYS G 192 6.42 -19.16 69.73
CA LYS G 192 6.20 -20.53 69.32
C LYS G 192 5.05 -21.16 70.10
N GLU G 193 4.95 -20.84 71.39
CA GLU G 193 3.93 -21.45 72.24
C GLU G 193 2.52 -21.07 71.80
N HIS G 194 2.36 -19.88 71.24
CA HIS G 194 1.07 -19.40 70.76
C HIS G 194 1.01 -19.37 69.23
N CYS G 195 1.62 -20.37 68.60
CA CYS G 195 1.65 -20.48 67.14
C CYS G 195 1.11 -21.84 66.74
N GLU G 196 0.26 -21.85 65.72
CA GLU G 196 -0.28 -23.11 65.19
C GLU G 196 0.86 -24.00 64.72
N GLU G 197 0.77 -25.28 65.06
CA GLU G 197 1.82 -26.27 64.84
C GLU G 197 3.11 -25.92 65.57
N TYR G 198 3.05 -24.96 66.50
CA TYR G 198 4.22 -24.44 67.19
C TYR G 198 5.26 -23.94 66.20
N GLY G 199 4.81 -23.52 65.02
CA GLY G 199 5.68 -22.92 64.04
C GLY G 199 6.70 -23.85 63.41
N ARG G 200 6.40 -25.15 63.36
CA ARG G 200 7.32 -26.10 62.74
C ARG G 200 6.59 -27.39 62.41
N MET G 201 6.70 -27.83 61.16
CA MET G 201 6.23 -29.15 60.74
C MET G 201 7.44 -30.06 60.60
N LEU G 202 7.42 -31.18 61.32
CA LEU G 202 8.63 -31.99 61.49
C LEU G 202 9.03 -32.73 60.21
N GLN G 203 8.06 -33.18 59.42
CA GLN G 203 8.36 -33.96 58.22
C GLN G 203 8.82 -33.09 57.06
N ALA G 204 9.08 -31.80 57.30
CA ALA G 204 9.58 -30.93 56.25
C ALA G 204 10.94 -31.41 55.77
N ASP G 205 11.08 -31.55 54.45
CA ASP G 205 12.31 -32.01 53.83
C ASP G 205 12.82 -30.93 52.89
N PRO G 206 13.84 -30.17 53.27
CA PRO G 206 14.37 -29.14 52.35
C PRO G 206 14.90 -29.73 51.05
N ASN G 207 15.23 -31.02 51.01
CA ASN G 207 15.65 -31.66 49.78
C ASN G 207 14.50 -31.87 48.81
N LYS G 208 13.27 -31.59 49.23
CA LYS G 208 12.09 -31.66 48.36
C LYS G 208 11.64 -30.28 47.88
N VAL G 209 12.35 -29.23 48.24
CA VAL G 209 12.09 -27.87 47.77
C VAL G 209 13.10 -27.57 46.68
N SER G 210 12.60 -27.26 45.48
CA SER G 210 13.47 -27.18 44.30
C SER G 210 14.45 -26.02 44.43
N ALA G 211 15.50 -26.07 43.60
CA ALA G 211 16.48 -25.00 43.56
C ALA G 211 15.83 -23.69 43.14
N ARG G 212 14.84 -23.75 42.25
CA ARG G 212 14.14 -22.54 41.84
C ARG G 212 13.38 -21.91 42.99
N ALA G 213 12.69 -22.73 43.80
CA ALA G 213 11.99 -22.21 44.96
C ALA G 213 12.96 -21.57 45.95
N LYS G 214 14.10 -22.21 46.18
CA LYS G 214 15.07 -21.66 47.13
C LYS G 214 15.67 -20.36 46.61
N LYS G 215 15.90 -20.26 45.29
CA LYS G 215 16.43 -19.02 44.73
C LYS G 215 15.40 -17.91 44.78
N ARG G 216 14.13 -18.23 44.50
CA ARG G 216 13.08 -17.23 44.65
C ARG G 216 12.88 -16.83 46.10
N GLY G 217 12.96 -17.80 47.03
CA GLY G 217 12.62 -17.53 48.41
C GLY G 217 13.68 -16.78 49.19
N LEU G 218 14.95 -16.95 48.83
CA LEU G 218 16.03 -16.36 49.62
C LEU G 218 15.93 -14.83 49.72
N PRO G 219 15.79 -14.06 48.64
CA PRO G 219 15.70 -12.61 48.80
C PRO G 219 14.38 -12.13 49.37
N GLN G 220 13.29 -12.89 49.23
CA GLN G 220 11.99 -12.45 49.68
C GLN G 220 11.71 -12.77 51.14
N LEU G 221 12.54 -13.57 51.79
CA LEU G 221 12.37 -13.85 53.21
C LEU G 221 12.53 -12.55 53.99
N GLY G 222 11.56 -12.26 54.86
CA GLY G 222 11.52 -10.99 55.55
C GLY G 222 10.83 -9.87 54.82
N THR G 223 9.94 -10.18 53.87
CA THR G 223 9.19 -9.19 53.12
C THR G 223 7.70 -9.48 53.24
N LEU G 224 6.90 -8.42 53.29
CA LEU G 224 5.46 -8.59 53.49
C LEU G 224 4.79 -9.20 52.27
N GLY G 225 5.21 -8.78 51.08
CA GLY G 225 4.57 -9.22 49.85
C GLY G 225 3.65 -8.15 49.30
N ALA G 226 2.63 -8.57 48.54
CA ALA G 226 1.69 -7.64 47.92
C ALA G 226 0.29 -8.25 48.00
N GLY G 227 -0.63 -7.69 47.23
CA GLY G 227 -2.01 -8.15 47.22
C GLY G 227 -2.79 -7.84 48.48
N ASN G 228 -3.48 -8.85 49.01
CA ASN G 228 -4.27 -8.66 50.21
C ASN G 228 -3.45 -8.76 51.49
N HIS G 229 -2.13 -8.89 51.39
CA HIS G 229 -1.28 -8.89 52.57
C HIS G 229 -1.27 -7.52 53.23
N TYR G 230 -1.04 -7.50 54.54
CA TYR G 230 -1.11 -6.24 55.27
C TYR G 230 -0.40 -6.37 56.60
N ALA G 231 -0.03 -5.21 57.14
CA ALA G 231 0.40 -5.05 58.53
C ALA G 231 -0.41 -3.89 59.10
N GLU G 232 -1.34 -4.21 60.00
CA GLU G 232 -2.37 -3.26 60.42
C GLU G 232 -2.35 -3.10 61.93
N ILE G 233 -2.18 -1.87 62.38
CA ILE G 233 -2.27 -1.53 63.80
C ILE G 233 -3.74 -1.30 64.14
N GLN G 234 -4.23 -1.99 65.17
CA GLN G 234 -5.65 -2.02 65.48
C GLN G 234 -5.88 -1.74 66.95
N VAL G 235 -7.12 -1.38 67.27
CA VAL G 235 -7.56 -1.13 68.63
C VAL G 235 -8.85 -1.89 68.88
N VAL G 236 -9.05 -2.29 70.13
CA VAL G 236 -10.23 -3.06 70.52
C VAL G 236 -11.43 -2.12 70.66
N ASP G 237 -12.53 -2.48 70.02
CA ASP G 237 -13.75 -1.69 70.07
C ASP G 237 -14.95 -2.40 70.68
N GLU G 238 -14.87 -3.72 70.88
CA GLU G 238 -15.95 -4.46 71.53
C GLU G 238 -15.42 -5.83 71.92
N ILE G 239 -15.80 -6.29 73.12
CA ILE G 239 -15.39 -7.58 73.64
C ILE G 239 -16.65 -8.42 73.84
N PHE G 240 -16.78 -9.48 73.05
CA PHE G 240 -17.97 -10.34 73.11
C PHE G 240 -17.83 -11.44 74.15
N ASN G 241 -16.68 -12.12 74.17
CA ASN G 241 -16.36 -13.13 75.18
C ASN G 241 -15.24 -12.56 76.04
N GLU G 242 -15.57 -12.17 77.27
CA GLU G 242 -14.60 -11.48 78.11
C GLU G 242 -13.52 -12.41 78.63
N TYR G 243 -13.89 -13.66 78.97
CA TYR G 243 -12.88 -14.60 79.46
C TYR G 243 -11.94 -15.04 78.35
N ALA G 244 -12.49 -15.33 77.16
CA ALA G 244 -11.63 -15.67 76.03
C ALA G 244 -10.65 -14.55 75.72
N ALA G 245 -11.12 -13.31 75.74
CA ALA G 245 -10.23 -12.17 75.52
C ALA G 245 -9.19 -12.06 76.62
N LYS G 246 -9.59 -12.33 77.87
CA LYS G 246 -8.65 -12.26 78.99
C LYS G 246 -7.51 -13.25 78.82
N LYS G 247 -7.81 -14.49 78.44
CA LYS G 247 -6.75 -15.48 78.23
C LYS G 247 -5.87 -15.09 77.05
N MET G 248 -6.43 -14.43 76.04
CA MET G 248 -5.64 -13.88 74.95
C MET G 248 -4.91 -12.60 75.33
N GLY G 249 -5.12 -12.11 76.55
CA GLY G 249 -4.45 -10.91 77.00
C GLY G 249 -5.15 -9.61 76.69
N ILE G 250 -6.47 -9.65 76.49
CA ILE G 250 -7.25 -8.47 76.13
C ILE G 250 -8.29 -8.26 77.21
N ASP G 251 -8.18 -7.17 77.96
CA ASP G 251 -9.13 -6.91 79.04
C ASP G 251 -9.99 -5.68 78.83
N HIS G 252 -9.48 -4.62 78.19
CA HIS G 252 -10.21 -3.37 78.06
C HIS G 252 -10.33 -2.97 76.59
N LYS G 253 -11.48 -2.35 76.26
CA LYS G 253 -11.61 -1.69 74.97
C LYS G 253 -10.54 -0.60 74.84
N GLY G 254 -10.05 -0.42 73.62
CA GLY G 254 -9.02 0.57 73.37
C GLY G 254 -7.60 0.06 73.47
N GLN G 255 -7.40 -1.22 73.78
CA GLN G 255 -6.07 -1.79 73.77
C GLN G 255 -5.58 -1.93 72.32
N VAL G 256 -4.28 -1.79 72.14
CA VAL G 256 -3.68 -1.76 70.80
C VAL G 256 -3.19 -3.16 70.45
N CYS G 257 -3.56 -3.62 69.25
CA CYS G 257 -3.08 -4.87 68.68
C CYS G 257 -2.64 -4.61 67.25
N VAL G 258 -1.78 -5.49 66.74
CA VAL G 258 -1.32 -5.39 65.36
C VAL G 258 -1.52 -6.75 64.68
N MET G 259 -2.10 -6.71 63.48
CA MET G 259 -2.48 -7.91 62.74
C MET G 259 -1.67 -8.00 61.46
N ILE G 260 -0.98 -9.12 61.26
CA ILE G 260 -0.06 -9.31 60.15
C ILE G 260 -0.57 -10.46 59.29
N HIS G 261 -0.49 -10.28 57.97
CA HIS G 261 -0.98 -11.25 57.01
C HIS G 261 0.09 -11.44 55.93
N SER G 262 0.74 -12.60 55.94
CA SER G 262 1.85 -12.87 55.03
C SER G 262 2.03 -14.37 54.95
N GLY G 263 2.69 -14.81 53.87
CA GLY G 263 2.80 -16.22 53.56
C GLY G 263 4.22 -16.64 53.25
N SER G 264 4.34 -17.64 52.38
CA SER G 264 5.61 -18.27 52.04
C SER G 264 6.30 -17.63 50.85
N ARG G 265 5.74 -16.55 50.29
CA ARG G 265 6.40 -15.73 49.26
C ARG G 265 6.71 -16.62 48.05
N GLY G 266 7.77 -16.25 47.30
CA GLY G 266 8.06 -16.95 46.06
C GLY G 266 8.45 -18.40 46.25
N LEU G 267 8.95 -18.74 47.44
CA LEU G 267 9.31 -20.13 47.71
C LEU G 267 8.07 -21.02 47.72
N GLY G 268 7.04 -20.62 48.44
CA GLY G 268 5.82 -21.40 48.47
C GLY G 268 5.11 -21.43 47.12
N HIS G 269 5.13 -20.30 46.40
CA HIS G 269 4.55 -20.27 45.06
C HIS G 269 5.23 -21.29 44.15
N GLN G 270 6.56 -21.36 44.20
CA GLN G 270 7.29 -22.29 43.35
C GLN G 270 7.06 -23.73 43.80
N VAL G 271 6.98 -23.96 45.11
CA VAL G 271 6.72 -25.31 45.62
C VAL G 271 5.38 -25.82 45.11
N ALA G 272 4.35 -24.97 45.18
CA ALA G 272 3.06 -25.34 44.62
C ALA G 272 3.14 -25.51 43.11
N THR G 273 3.86 -24.62 42.43
CA THR G 273 3.99 -24.70 40.98
C THR G 273 4.73 -25.97 40.56
N ASP G 274 5.85 -26.27 41.24
CA ASP G 274 6.60 -27.48 40.93
C ASP G 274 5.72 -28.72 41.10
N ALA G 275 4.91 -28.75 42.16
CA ALA G 275 4.05 -29.90 42.39
C ALA G 275 2.92 -29.98 41.37
N LEU G 276 2.40 -28.83 40.93
CA LEU G 276 1.39 -28.84 39.88
C LEU G 276 1.95 -29.45 38.59
N VAL G 277 3.15 -29.02 38.21
CA VAL G 277 3.80 -29.57 37.01
C VAL G 277 4.07 -31.06 37.20
N ALA G 278 4.62 -31.42 38.37
CA ALA G 278 4.99 -32.82 38.61
C ALA G 278 3.79 -33.74 38.52
N MET G 279 2.61 -33.28 38.94
CA MET G 279 1.42 -34.12 38.90
C MET G 279 0.73 -34.09 37.54
N GLU G 280 0.90 -33.02 36.75
CA GLU G 280 0.50 -33.07 35.36
C GLU G 280 1.26 -34.15 34.61
N LYS G 281 2.56 -34.27 34.89
CA LYS G 281 3.36 -35.36 34.33
C LYS G 281 2.87 -36.71 34.84
N ALA G 282 2.49 -36.77 36.12
CA ALA G 282 2.07 -38.04 36.70
C ALA G 282 0.72 -38.49 36.15
N MET G 283 -0.17 -37.54 35.87
CA MET G 283 -1.50 -37.88 35.36
C MET G 283 -1.47 -38.50 33.97
N LYS G 284 -0.30 -38.65 33.36
CA LYS G 284 -0.17 -39.49 32.18
C LYS G 284 -0.03 -40.96 32.56
N ARG G 285 0.71 -41.22 33.64
CA ARG G 285 0.92 -42.60 34.09
C ARG G 285 -0.31 -43.15 34.81
N ASP G 286 -0.97 -42.34 35.65
CA ASP G 286 -2.06 -42.81 36.48
C ASP G 286 -3.44 -42.31 36.07
N LYS G 287 -3.51 -41.22 35.31
CA LYS G 287 -4.75 -40.76 34.64
C LYS G 287 -5.91 -40.61 35.63
N ILE G 288 -5.76 -39.62 36.50
CA ILE G 288 -6.84 -39.25 37.40
C ILE G 288 -7.71 -38.22 36.71
N ILE G 289 -9.02 -38.38 36.82
CA ILE G 289 -9.98 -37.55 36.11
C ILE G 289 -10.36 -36.37 37.00
N VAL G 290 -10.16 -35.15 36.50
CA VAL G 290 -10.55 -33.93 37.19
C VAL G 290 -11.33 -33.05 36.22
N ASN G 291 -12.28 -32.29 36.77
CA ASN G 291 -13.06 -31.37 35.96
C ASN G 291 -12.32 -30.08 35.65
N ASP G 292 -11.27 -29.77 36.40
CA ASP G 292 -10.51 -28.53 36.22
C ASP G 292 -9.03 -28.88 36.20
N ARG G 293 -8.32 -28.36 35.19
CA ARG G 293 -6.91 -28.70 35.03
C ARG G 293 -6.07 -28.20 36.20
N GLN G 294 -6.46 -27.08 36.80
CA GLN G 294 -5.74 -26.58 37.97
C GLN G 294 -5.76 -27.58 39.11
N LEU G 295 -6.79 -28.44 39.16
CA LEU G 295 -6.91 -29.46 40.19
C LEU G 295 -6.09 -30.71 39.87
N ALA G 296 -5.03 -30.60 39.07
CA ALA G 296 -4.15 -31.74 38.82
C ALA G 296 -3.64 -32.30 40.13
N CYS G 297 -3.80 -33.61 40.31
CA CYS G 297 -3.59 -34.23 41.60
C CYS G 297 -2.85 -35.56 41.44
N ALA G 298 -2.56 -36.19 42.57
CA ALA G 298 -1.97 -37.51 42.62
C ALA G 298 -2.38 -38.17 43.92
N ARG G 299 -2.34 -39.50 43.95
CA ARG G 299 -2.68 -40.21 45.17
C ARG G 299 -1.75 -39.79 46.30
N ILE G 300 -2.29 -39.75 47.52
CA ILE G 300 -1.56 -39.21 48.66
C ILE G 300 -0.26 -39.97 48.88
N ALA G 301 -0.29 -41.30 48.75
CA ALA G 301 0.90 -42.11 48.99
C ALA G 301 1.87 -42.12 47.82
N SER G 302 1.51 -41.49 46.69
CA SER G 302 2.37 -41.52 45.53
C SER G 302 3.67 -40.75 45.80
N PRO G 303 4.74 -41.06 45.07
CA PRO G 303 5.98 -40.28 45.24
C PRO G 303 5.80 -38.80 44.97
N GLU G 304 4.89 -38.42 44.07
CA GLU G 304 4.63 -37.01 43.84
C GLU G 304 3.84 -36.40 45.00
N GLY G 305 2.84 -37.11 45.50
CA GLY G 305 2.08 -36.60 46.63
C GLY G 305 2.93 -36.45 47.88
N GLN G 306 3.80 -37.43 48.16
CA GLN G 306 4.68 -37.33 49.30
C GLN G 306 5.70 -36.20 49.12
N ASP G 307 6.26 -36.09 47.91
CA ASP G 307 7.19 -34.99 47.64
C ASP G 307 6.56 -33.64 47.89
N TYR G 308 5.31 -33.46 47.46
CA TYR G 308 4.65 -32.18 47.66
C TYR G 308 4.40 -31.89 49.13
N LEU G 309 3.79 -32.85 49.83
CA LEU G 309 3.44 -32.65 51.24
C LEU G 309 4.67 -32.29 52.07
N LYS G 310 5.81 -32.92 51.78
CA LYS G 310 7.03 -32.59 52.53
C LYS G 310 7.57 -31.22 52.11
N GLY G 311 7.48 -30.89 50.83
CA GLY G 311 7.87 -29.55 50.41
C GLY G 311 6.88 -28.50 50.86
N MET G 312 5.59 -28.86 50.90
CA MET G 312 4.58 -27.93 51.41
C MET G 312 4.83 -27.60 52.88
N ALA G 313 5.26 -28.58 53.67
CA ALA G 313 5.56 -28.33 55.07
C ALA G 313 6.76 -27.40 55.22
N ALA G 314 7.79 -27.61 54.41
CA ALA G 314 8.96 -26.72 54.46
C ALA G 314 8.57 -25.30 54.09
N ALA G 315 7.68 -25.14 53.11
CA ALA G 315 7.18 -23.81 52.79
C ALA G 315 6.39 -23.24 53.96
N GLY G 316 5.68 -24.11 54.70
CA GLY G 316 5.02 -23.65 55.91
C GLY G 316 5.99 -23.10 56.93
N ASN G 317 7.11 -23.80 57.13
CA ASN G 317 8.14 -23.31 58.04
C ASN G 317 8.75 -22.01 57.53
N TYR G 318 8.89 -21.88 56.21
CA TYR G 318 9.33 -20.61 55.63
C TYR G 318 8.38 -19.49 55.98
N ALA G 319 7.07 -19.77 55.93
CA ALA G 319 6.09 -18.73 56.22
C ALA G 319 6.11 -18.33 57.69
N TRP G 320 6.33 -19.29 58.59
CA TRP G 320 6.45 -18.96 60.00
C TRP G 320 7.71 -18.15 60.28
N VAL G 321 8.82 -18.50 59.62
CA VAL G 321 10.04 -17.71 59.73
C VAL G 321 9.79 -16.29 59.20
N ASN G 322 8.98 -16.18 58.14
CA ASN G 322 8.72 -14.86 57.57
C ASN G 322 7.79 -14.05 58.46
N ARG G 323 6.73 -14.66 59.00
CA ARG G 323 5.88 -13.95 59.93
C ARG G 323 6.60 -13.62 61.23
N SER G 324 7.57 -14.45 61.63
CA SER G 324 8.40 -14.11 62.77
C SER G 324 9.33 -12.95 62.46
N SER G 325 9.80 -12.85 61.21
CA SER G 325 10.60 -11.70 60.81
C SER G 325 9.76 -10.43 60.79
N MET G 326 8.53 -10.52 60.24
CA MET G 326 7.63 -9.37 60.26
C MET G 326 7.35 -8.92 61.70
N THR G 327 7.19 -9.89 62.60
CA THR G 327 7.01 -9.56 64.02
C THR G 327 8.26 -8.89 64.59
N PHE G 328 9.43 -9.47 64.30
CA PHE G 328 10.68 -8.91 64.80
C PHE G 328 10.88 -7.49 64.31
N LEU G 329 10.55 -7.22 63.04
CA LEU G 329 10.64 -5.85 62.52
C LEU G 329 9.56 -4.96 63.12
N THR G 330 8.37 -5.51 63.38
CA THR G 330 7.33 -4.74 64.04
C THR G 330 7.73 -4.38 65.47
N ARG G 331 8.44 -5.28 66.14
CA ARG G 331 8.90 -5.00 67.50
C ARG G 331 9.98 -3.92 67.50
N GLN G 332 10.81 -3.86 66.46
CA GLN G 332 11.77 -2.77 66.34
C GLN G 332 11.07 -1.44 66.08
N ALA G 333 10.05 -1.45 65.21
CA ALA G 333 9.35 -0.22 64.87
C ALA G 333 8.65 0.38 66.08
N PHE G 334 7.97 -0.45 66.87
CA PHE G 334 7.33 0.05 68.08
C PHE G 334 8.37 0.48 69.11
N ALA G 335 9.47 -0.26 69.21
CA ALA G 335 10.50 0.09 70.19
C ALA G 335 11.11 1.45 69.88
N LYS G 336 11.36 1.75 68.60
CA LYS G 336 11.98 3.01 68.23
C LYS G 336 11.08 4.19 68.56
N VAL G 337 9.78 4.08 68.25
CA VAL G 337 8.88 5.21 68.41
C VAL G 337 8.61 5.48 69.88
N PHE G 338 8.31 4.44 70.65
CA PHE G 338 7.89 4.60 72.04
C PHE G 338 9.04 4.52 73.03
N ASN G 339 10.27 4.32 72.57
CA ASN G 339 11.45 4.28 73.43
C ASN G 339 11.28 3.25 74.55
N THR G 340 10.61 2.15 74.24
CA THR G 340 10.31 1.10 75.20
C THR G 340 10.76 -0.24 74.64
N THR G 341 11.37 -1.05 75.50
CA THR G 341 11.81 -2.38 75.11
C THR G 341 10.62 -3.20 74.60
N PRO G 342 10.80 -4.04 73.57
CA PRO G 342 9.70 -4.91 73.14
C PRO G 342 9.08 -5.71 74.27
N ASP G 343 9.90 -6.24 75.19
CA ASP G 343 9.35 -6.98 76.32
C ASP G 343 8.50 -6.08 77.21
N ASP G 344 8.88 -4.82 77.36
CA ASP G 344 8.14 -3.88 78.20
C ASP G 344 6.97 -3.23 77.47
N LEU G 345 6.76 -3.56 76.20
CA LEU G 345 5.52 -3.22 75.51
C LEU G 345 4.56 -4.40 75.44
N ASP G 346 4.95 -5.56 75.97
CA ASP G 346 4.11 -6.77 75.99
C ASP G 346 3.66 -7.16 74.58
N LEU G 347 4.55 -6.95 73.60
CA LEU G 347 4.27 -7.27 72.20
C LEU G 347 4.40 -8.78 71.96
N HIS G 348 3.61 -9.54 72.71
CA HIS G 348 3.59 -10.99 72.61
C HIS G 348 2.58 -11.45 71.58
N VAL G 349 2.77 -12.68 71.11
CA VAL G 349 1.92 -13.25 70.07
C VAL G 349 0.67 -13.83 70.72
N ILE G 350 -0.50 -13.39 70.27
CA ILE G 350 -1.75 -13.98 70.72
C ILE G 350 -1.98 -15.33 70.04
N TYR G 351 -1.96 -15.34 68.70
CA TYR G 351 -2.06 -16.59 67.96
C TYR G 351 -1.61 -16.34 66.53
N ASP G 352 -1.20 -17.42 65.87
CA ASP G 352 -0.84 -17.41 64.46
C ASP G 352 -1.49 -18.61 63.81
N VAL G 353 -2.40 -18.35 62.87
CA VAL G 353 -3.21 -19.39 62.25
C VAL G 353 -3.16 -19.21 60.74
N SER G 354 -3.08 -20.31 60.00
CA SER G 354 -2.76 -20.27 58.58
C SER G 354 -3.89 -20.85 57.73
N HIS G 355 -3.93 -20.38 56.48
CA HIS G 355 -4.78 -20.91 55.42
C HIS G 355 -3.89 -21.40 54.28
N ASN G 356 -4.52 -21.98 53.26
CA ASN G 356 -3.82 -22.54 52.10
C ASN G 356 -2.80 -23.59 52.54
N ILE G 357 -3.30 -24.65 53.16
CA ILE G 357 -2.45 -25.72 53.67
C ILE G 357 -3.27 -26.99 53.76
N ALA G 358 -2.62 -28.13 53.53
CA ALA G 358 -3.21 -29.44 53.72
C ALA G 358 -2.69 -30.04 55.02
N LYS G 359 -3.60 -30.65 55.79
CA LYS G 359 -3.27 -31.12 57.13
C LYS G 359 -3.80 -32.52 57.36
N VAL G 360 -2.99 -33.38 57.95
CA VAL G 360 -3.42 -34.70 58.38
C VAL G 360 -4.09 -34.56 59.75
N GLU G 361 -5.38 -34.88 59.82
CA GLU G 361 -6.15 -34.65 61.02
C GLU G 361 -7.08 -35.83 61.29
N GLN G 362 -7.34 -36.08 62.57
CA GLN G 362 -8.29 -37.10 62.99
C GLN G 362 -9.68 -36.48 63.09
N HIS G 363 -10.65 -37.09 62.43
CA HIS G 363 -12.02 -36.60 62.43
C HIS G 363 -12.97 -37.79 62.42
N VAL G 364 -14.18 -37.57 62.95
CA VAL G 364 -15.22 -38.57 62.98
C VAL G 364 -16.15 -38.32 61.79
N VAL G 365 -16.27 -39.32 60.93
CA VAL G 365 -17.16 -39.26 59.77
C VAL G 365 -18.12 -40.45 59.86
N ASP G 366 -19.42 -40.14 59.92
CA ASP G 366 -20.47 -41.17 60.01
C ASP G 366 -20.24 -42.10 61.21
N GLY G 367 -19.82 -41.53 62.33
CA GLY G 367 -19.65 -42.28 63.56
C GLY G 367 -18.34 -43.03 63.68
N LYS G 368 -17.46 -42.96 62.69
CA LYS G 368 -16.18 -43.65 62.70
C LYS G 368 -15.05 -42.63 62.59
N GLU G 369 -14.08 -42.71 63.48
CA GLU G 369 -12.92 -41.84 63.41
C GLU G 369 -12.07 -42.21 62.19
N ARG G 370 -11.62 -41.20 61.46
CA ARG G 370 -10.85 -41.39 60.25
C ARG G 370 -9.62 -40.51 60.27
N THR G 371 -8.59 -40.92 59.52
CA THR G 371 -7.42 -40.10 59.26
C THR G 371 -7.64 -39.36 57.96
N LEU G 372 -7.87 -38.06 58.04
CA LEU G 372 -8.23 -37.24 56.90
C LEU G 372 -7.12 -36.27 56.54
N LEU G 373 -6.88 -36.09 55.24
CA LEU G 373 -6.07 -34.99 54.73
C LEU G 373 -7.01 -33.85 54.39
N VAL G 374 -6.92 -32.76 55.13
CA VAL G 374 -7.89 -31.67 55.05
C VAL G 374 -7.28 -30.53 54.26
N HIS G 375 -7.73 -30.35 53.02
CA HIS G 375 -7.34 -29.22 52.20
C HIS G 375 -8.15 -27.99 52.62
N ARG G 376 -7.46 -26.91 52.98
CA ARG G 376 -8.11 -25.66 53.39
C ARG G 376 -7.55 -24.53 52.54
N LYS G 377 -8.33 -24.07 51.56
CA LYS G 377 -7.96 -22.96 50.70
C LYS G 377 -8.77 -21.73 51.10
N GLY G 378 -8.07 -20.65 51.44
CA GLY G 378 -8.76 -19.46 51.93
C GLY G 378 -9.58 -19.71 53.17
N SER G 379 -9.16 -20.67 53.99
CA SER G 379 -9.90 -21.10 55.17
C SER G 379 -8.92 -21.73 56.14
N THR G 380 -9.23 -21.67 57.43
CA THR G 380 -8.29 -22.07 58.46
C THR G 380 -8.93 -23.06 59.43
N ARG G 381 -8.09 -23.65 60.27
CA ARG G 381 -8.56 -24.43 61.40
C ARG G 381 -9.39 -23.55 62.33
N ALA G 382 -10.38 -24.18 62.99
CA ALA G 382 -11.19 -23.56 64.02
C ALA G 382 -11.47 -24.62 65.07
N PHE G 383 -10.42 -25.06 65.76
CA PHE G 383 -10.50 -26.26 66.56
C PHE G 383 -11.20 -26.01 67.90
N PRO G 384 -11.91 -27.01 68.41
CA PRO G 384 -12.82 -26.78 69.53
C PRO G 384 -12.07 -26.66 70.84
N PRO G 385 -12.75 -26.24 71.92
CA PRO G 385 -12.14 -26.32 73.25
C PRO G 385 -11.74 -27.76 73.58
N HIS G 386 -10.60 -27.88 74.27
CA HIS G 386 -10.02 -29.15 74.70
C HIS G 386 -9.51 -30.01 73.55
N HIS G 387 -9.23 -29.42 72.39
CA HIS G 387 -8.66 -30.18 71.31
C HIS G 387 -7.18 -30.44 71.58
N PRO G 388 -6.66 -31.64 71.26
CA PRO G 388 -5.28 -31.97 71.63
C PRO G 388 -4.23 -31.11 70.94
N LEU G 389 -4.48 -30.64 69.73
CA LEU G 389 -3.45 -29.99 68.92
C LEU G 389 -3.38 -28.48 69.12
N ILE G 390 -4.11 -27.93 70.08
CA ILE G 390 -4.03 -26.51 70.36
C ILE G 390 -3.22 -26.30 71.63
N ALA G 391 -2.68 -25.08 71.77
CA ALA G 391 -1.81 -24.76 72.90
C ALA G 391 -2.58 -24.85 74.22
N VAL G 392 -1.84 -25.01 75.31
CA VAL G 392 -2.45 -25.23 76.61
C VAL G 392 -3.20 -24.00 77.09
N ASP G 393 -2.73 -22.80 76.72
CA ASP G 393 -3.40 -21.57 77.16
C ASP G 393 -4.77 -21.39 76.51
N TYR G 394 -5.10 -22.18 75.50
CA TYR G 394 -6.37 -22.07 74.79
C TYR G 394 -7.22 -23.33 74.91
N GLN G 395 -6.90 -24.22 75.85
CA GLN G 395 -7.65 -25.46 76.00
C GLN G 395 -9.09 -25.17 76.43
N LEU G 396 -9.29 -24.15 77.24
CA LEU G 396 -10.63 -23.83 77.70
C LEU G 396 -11.38 -22.96 76.71
N THR G 397 -10.70 -21.99 76.10
CA THR G 397 -11.35 -21.07 75.17
C THR G 397 -11.60 -21.68 73.80
N GLY G 398 -10.82 -22.68 73.41
CA GLY G 398 -10.80 -23.12 72.04
C GLY G 398 -9.85 -22.29 71.21
N GLN G 399 -9.63 -22.72 69.98
CA GLN G 399 -8.60 -22.11 69.15
C GLN G 399 -9.01 -20.69 68.75
N PRO G 400 -8.12 -19.71 68.89
CA PRO G 400 -8.43 -18.35 68.41
C PRO G 400 -8.60 -18.33 66.90
N VAL G 401 -9.60 -17.57 66.45
CA VAL G 401 -9.91 -17.43 65.04
C VAL G 401 -9.71 -15.97 64.65
N LEU G 402 -8.94 -15.73 63.60
CA LEU G 402 -8.57 -14.38 63.18
C LEU G 402 -9.16 -14.10 61.81
N ILE G 403 -10.12 -13.17 61.77
CA ILE G 403 -10.80 -12.80 60.53
C ILE G 403 -10.52 -11.33 60.28
N GLY G 404 -9.65 -11.05 59.31
CA GLY G 404 -9.40 -9.67 58.92
C GLY G 404 -10.41 -9.18 57.91
N GLY G 405 -10.90 -7.97 58.12
CA GLY G 405 -11.90 -7.40 57.22
C GLY G 405 -11.29 -6.60 56.09
N THR G 406 -11.21 -5.28 56.27
CA THR G 406 -10.53 -4.41 55.31
C THR G 406 -9.69 -3.40 56.08
N MET G 407 -8.92 -2.60 55.34
CA MET G 407 -8.17 -1.53 55.96
C MET G 407 -9.04 -0.36 56.39
N GLY G 408 -10.34 -0.38 56.08
CA GLY G 408 -11.22 0.71 56.44
C GLY G 408 -12.55 0.30 57.04
N THR G 409 -12.66 -0.97 57.46
CA THR G 409 -13.86 -1.44 58.13
C THR G 409 -13.51 -1.98 59.51
N CYS G 410 -13.64 -3.29 59.72
CA CYS G 410 -13.36 -3.90 61.01
C CYS G 410 -12.70 -5.26 60.80
N SER G 411 -12.03 -5.72 61.84
CA SER G 411 -11.45 -7.05 61.91
C SER G 411 -11.87 -7.69 63.23
N TYR G 412 -12.09 -9.00 63.21
CA TYR G 412 -12.69 -9.71 64.32
C TYR G 412 -11.78 -10.82 64.82
N VAL G 413 -12.02 -11.21 66.07
CA VAL G 413 -11.42 -12.37 66.70
C VAL G 413 -12.53 -13.31 67.13
N LEU G 414 -12.36 -14.60 66.87
CA LEU G 414 -13.34 -15.61 67.24
C LEU G 414 -12.65 -16.78 67.92
N THR G 415 -13.43 -17.80 68.26
CA THR G 415 -12.90 -19.04 68.82
C THR G 415 -13.59 -20.22 68.16
N GLY G 416 -12.85 -21.32 68.02
CA GLY G 416 -13.42 -22.54 67.50
C GLY G 416 -14.46 -23.13 68.43
N THR G 417 -15.37 -23.90 67.84
CA THR G 417 -16.50 -24.45 68.57
C THR G 417 -16.64 -25.93 68.26
N GLU G 418 -17.35 -26.63 69.17
CA GLU G 418 -17.61 -28.06 68.97
C GLU G 418 -18.47 -28.29 67.73
N GLN G 419 -19.42 -27.40 67.46
CA GLN G 419 -20.27 -27.56 66.29
C GLN G 419 -19.47 -27.33 65.01
N GLY G 420 -18.51 -26.40 65.03
CA GLY G 420 -17.63 -26.24 63.89
C GLY G 420 -16.79 -27.48 63.64
N MET G 421 -16.36 -28.14 64.72
CA MET G 421 -15.64 -29.41 64.57
C MET G 421 -16.51 -30.48 63.92
N THR G 422 -17.82 -30.42 64.14
CA THR G 422 -18.74 -31.42 63.60
C THR G 422 -19.21 -31.09 62.19
N GLU G 423 -19.55 -29.83 61.92
CA GLU G 423 -20.11 -29.47 60.63
C GLU G 423 -19.05 -29.34 59.54
N THR G 424 -17.98 -28.61 59.81
CA THR G 424 -17.00 -28.26 58.78
C THR G 424 -15.61 -28.78 59.11
N PHE G 425 -15.51 -29.91 59.80
CA PHE G 425 -14.22 -30.50 60.17
C PHE G 425 -13.34 -29.50 60.90
N GLY G 426 -13.96 -28.59 61.65
CA GLY G 426 -13.23 -27.56 62.35
C GLY G 426 -12.59 -26.55 61.42
N THR G 427 -13.35 -26.05 60.46
CA THR G 427 -12.85 -25.07 59.50
C THR G 427 -13.70 -23.82 59.54
N THR G 428 -13.03 -22.67 59.47
CA THR G 428 -13.67 -21.37 59.36
C THR G 428 -12.90 -20.57 58.32
N CYS G 429 -13.14 -19.26 58.26
CA CYS G 429 -12.45 -18.41 57.29
C CYS G 429 -11.43 -17.51 57.99
N HIS G 430 -10.57 -16.92 57.16
CA HIS G 430 -9.52 -16.03 57.62
C HIS G 430 -9.81 -14.56 57.34
N GLY G 431 -10.88 -14.27 56.61
CA GLY G 431 -11.18 -12.90 56.27
C GLY G 431 -12.58 -12.78 55.69
N ALA G 432 -12.85 -11.61 55.11
CA ALA G 432 -14.17 -11.37 54.55
C ALA G 432 -14.32 -11.88 53.13
N GLY G 433 -13.23 -11.96 52.38
CA GLY G 433 -13.30 -12.34 50.99
C GLY G 433 -13.76 -11.19 50.12
N ARG G 434 -13.48 -11.31 48.83
CA ARG G 434 -13.74 -10.22 47.89
C ARG G 434 -15.18 -10.29 47.37
N ALA G 435 -15.81 -9.12 47.30
CA ALA G 435 -17.11 -8.97 46.65
C ALA G 435 -16.99 -8.38 45.24
N LEU G 436 -15.93 -7.63 44.99
CA LEU G 436 -15.66 -7.04 43.68
C LEU G 436 -14.28 -7.46 43.21
N SER G 437 -14.19 -7.88 41.95
CA SER G 437 -12.88 -8.13 41.36
C SER G 437 -12.08 -6.83 41.31
N ARG G 438 -10.76 -6.96 41.34
CA ARG G 438 -9.90 -5.79 41.22
C ARG G 438 -10.19 -5.02 39.94
N ALA G 439 -10.60 -5.71 38.87
CA ALA G 439 -10.96 -5.02 37.64
C ALA G 439 -12.21 -4.16 37.83
N LYS G 440 -13.23 -4.69 38.52
CA LYS G 440 -14.42 -3.90 38.79
C LYS G 440 -14.16 -2.81 39.82
N SER G 441 -13.21 -3.04 40.73
CA SER G 441 -12.86 -2.01 41.71
C SER G 441 -12.27 -0.79 41.02
N ARG G 442 -11.55 -0.98 39.92
CA ARG G 442 -10.92 0.14 39.24
C ARG G 442 -11.94 1.05 38.57
N ARG G 443 -12.97 0.47 37.96
CA ARG G 443 -13.95 1.27 37.24
C ARG G 443 -14.96 1.92 38.17
N ASN G 444 -15.23 1.31 39.33
CA ASN G 444 -16.25 1.81 40.25
C ASN G 444 -15.72 2.79 41.28
N LEU G 445 -14.41 2.80 41.53
CA LEU G 445 -13.84 3.62 42.59
C LEU G 445 -12.66 4.42 42.06
N ASP G 446 -12.29 5.46 42.80
CA ASP G 446 -11.16 6.32 42.47
C ASP G 446 -10.14 6.30 43.61
N PHE G 447 -8.87 6.45 43.24
CA PHE G 447 -7.80 6.25 44.21
C PHE G 447 -7.81 7.32 45.29
N GLN G 448 -8.13 8.57 44.93
CA GLN G 448 -8.11 9.64 45.91
C GLN G 448 -9.29 9.54 46.87
N ASP G 449 -10.46 9.14 46.36
CA ASP G 449 -11.63 9.00 47.23
C ASP G 449 -11.38 7.98 48.32
N VAL G 450 -10.72 6.87 47.99
CA VAL G 450 -10.36 5.88 48.99
C VAL G 450 -9.37 6.46 50.00
N LEU G 451 -8.31 7.10 49.49
CA LEU G 451 -7.29 7.66 50.38
C LEU G 451 -7.86 8.78 51.24
N ASP G 452 -8.77 9.59 50.69
CA ASP G 452 -9.34 10.68 51.47
C ASP G 452 -10.26 10.16 52.57
N LYS G 453 -11.08 9.15 52.27
CA LYS G 453 -11.97 8.59 53.28
C LYS G 453 -11.19 7.90 54.39
N LEU G 454 -10.10 7.23 54.04
CA LEU G 454 -9.26 6.58 55.06
C LEU G 454 -8.64 7.60 55.99
N ALA G 455 -8.28 8.78 55.47
CA ALA G 455 -7.77 9.85 56.32
C ALA G 455 -8.90 10.54 57.09
N ASP G 456 -10.08 10.66 56.49
CA ASP G 456 -11.21 11.25 57.19
C ASP G 456 -11.61 10.41 58.40
N MET G 457 -11.56 9.09 58.27
CA MET G 457 -11.85 8.21 59.38
C MET G 457 -10.68 8.07 60.35
N GLY G 458 -9.56 8.75 60.09
CA GLY G 458 -8.46 8.77 61.04
C GLY G 458 -7.53 7.58 60.95
N ILE G 459 -7.37 6.98 59.78
CA ILE G 459 -6.53 5.80 59.60
C ILE G 459 -5.30 6.21 58.80
N ALA G 460 -4.12 5.89 59.32
CA ALA G 460 -2.88 6.18 58.62
C ALA G 460 -2.59 5.12 57.58
N ILE G 461 -2.00 5.53 56.46
CA ILE G 461 -1.80 4.68 55.31
C ILE G 461 -0.38 4.81 54.80
N ARG G 462 0.22 3.68 54.42
CA ARG G 462 1.53 3.63 53.77
C ARG G 462 1.47 2.49 52.76
N VAL G 463 1.19 2.82 51.50
CA VAL G 463 1.02 1.82 50.45
C VAL G 463 2.13 1.97 49.42
N ALA G 464 2.54 0.84 48.84
CA ALA G 464 3.62 0.85 47.85
C ALA G 464 3.20 1.58 46.59
N SER G 465 1.95 1.42 46.17
CA SER G 465 1.42 2.07 44.97
C SER G 465 0.12 2.77 45.33
N PRO G 466 0.18 4.07 45.62
CA PRO G 466 -1.02 4.77 46.11
C PRO G 466 -2.10 4.93 45.06
N LYS G 467 -1.75 4.93 43.78
CA LYS G 467 -2.74 5.14 42.72
C LYS G 467 -3.43 3.85 42.31
N LEU G 468 -3.08 2.72 42.93
CA LEU G 468 -3.77 1.45 42.73
C LEU G 468 -4.50 1.00 43.99
N VAL G 469 -4.76 1.93 44.92
CA VAL G 469 -5.33 1.56 46.20
C VAL G 469 -6.80 1.18 46.09
N MET G 470 -7.50 1.66 45.05
CA MET G 470 -8.91 1.31 44.89
C MET G 470 -9.10 -0.18 44.65
N GLU G 471 -8.08 -0.89 44.17
CA GLU G 471 -8.20 -2.33 43.99
C GLU G 471 -8.29 -3.08 45.31
N GLU G 472 -7.73 -2.52 46.38
CA GLU G 472 -7.75 -3.13 47.71
C GLU G 472 -8.66 -2.37 48.67
N ALA G 473 -9.66 -1.67 48.16
CA ALA G 473 -10.48 -0.78 48.96
C ALA G 473 -11.52 -1.55 49.76
N PRO G 474 -12.04 -0.96 50.85
CA PRO G 474 -13.08 -1.64 51.64
C PRO G 474 -14.28 -2.11 50.83
N GLU G 475 -14.74 -1.30 49.87
CA GLU G 475 -15.91 -1.68 49.08
C GLU G 475 -15.66 -2.91 48.22
N SER G 476 -14.40 -3.21 47.91
CA SER G 476 -14.09 -4.37 47.08
C SER G 476 -14.39 -5.68 47.80
N TYR G 477 -14.25 -5.69 49.12
CA TYR G 477 -14.43 -6.89 49.92
C TYR G 477 -15.84 -6.95 50.50
N LYS G 478 -16.25 -8.17 50.87
CA LYS G 478 -17.54 -8.37 51.50
C LYS G 478 -17.62 -7.61 52.83
N ASN G 479 -18.83 -7.52 53.36
CA ASN G 479 -19.03 -6.97 54.70
C ASN G 479 -18.52 -7.98 55.72
N VAL G 480 -17.45 -7.61 56.44
CA VAL G 480 -16.81 -8.55 57.36
C VAL G 480 -17.76 -8.93 58.48
N THR G 481 -18.60 -7.99 58.92
CA THR G 481 -19.56 -8.29 59.99
C THR G 481 -20.57 -9.34 59.55
N ASP G 482 -20.98 -9.30 58.28
CA ASP G 482 -21.88 -10.33 57.77
C ASP G 482 -21.20 -11.68 57.68
N VAL G 483 -19.89 -11.69 57.38
CA VAL G 483 -19.16 -12.95 57.33
C VAL G 483 -19.03 -13.55 58.72
N VAL G 484 -18.62 -12.75 59.70
CA VAL G 484 -18.44 -13.28 61.05
C VAL G 484 -19.78 -13.62 61.69
N ASN G 485 -20.86 -12.91 61.31
CA ASN G 485 -22.18 -13.25 61.84
C ASN G 485 -22.70 -14.54 61.24
N THR G 486 -22.40 -14.78 59.96
CA THR G 486 -22.74 -16.07 59.36
C THR G 486 -22.05 -17.21 60.10
N CYS G 487 -20.77 -17.04 60.42
CA CYS G 487 -20.05 -18.07 61.17
C CYS G 487 -20.65 -18.24 62.55
N HIS G 488 -20.91 -17.13 63.25
CA HIS G 488 -21.46 -17.19 64.59
C HIS G 488 -22.82 -17.86 64.60
N ASP G 489 -23.73 -17.40 63.74
CA ASP G 489 -25.08 -17.95 63.72
C ASP G 489 -25.09 -19.39 63.20
N ALA G 490 -24.17 -19.74 62.29
CA ALA G 490 -24.03 -21.13 61.89
C ALA G 490 -23.34 -21.97 62.96
N GLY G 491 -22.75 -21.33 63.97
CA GLY G 491 -22.11 -22.03 65.07
C GLY G 491 -20.73 -22.59 64.80
N ILE G 492 -20.13 -22.29 63.65
CA ILE G 492 -18.81 -22.83 63.34
C ILE G 492 -17.70 -22.02 63.98
N SER G 493 -17.99 -20.81 64.43
CA SER G 493 -17.06 -20.02 65.23
C SER G 493 -17.89 -19.06 66.09
N LYS G 494 -17.31 -18.66 67.22
CA LYS G 494 -18.01 -17.82 68.19
C LYS G 494 -17.27 -16.50 68.36
N LYS G 495 -18.01 -15.39 68.34
CA LYS G 495 -17.42 -14.06 68.41
C LYS G 495 -16.71 -13.85 69.73
N ALA G 496 -15.61 -13.10 69.69
CA ALA G 496 -14.78 -12.86 70.87
C ALA G 496 -14.41 -11.39 71.01
N ILE G 497 -13.72 -10.84 70.02
CA ILE G 497 -13.24 -9.47 70.05
C ILE G 497 -13.52 -8.82 68.71
N LYS G 498 -13.78 -7.51 68.74
CA LYS G 498 -13.87 -6.69 67.54
C LYS G 498 -12.76 -5.65 67.55
N LEU G 499 -12.03 -5.55 66.45
CA LEU G 499 -10.93 -4.61 66.31
C LEU G 499 -11.24 -3.60 65.22
N ARG G 500 -10.61 -2.43 65.34
CA ARG G 500 -10.76 -1.33 64.39
C ARG G 500 -9.39 -0.84 63.96
N PRO G 501 -9.18 -0.63 62.66
CA PRO G 501 -7.85 -0.25 62.18
C PRO G 501 -7.54 1.22 62.41
N ILE G 502 -6.28 1.50 62.71
CA ILE G 502 -5.81 2.88 62.80
C ILE G 502 -4.60 3.15 61.92
N ALA G 503 -3.87 2.13 61.47
CA ALA G 503 -2.74 2.33 60.57
C ALA G 503 -2.52 1.04 59.81
N VAL G 504 -2.37 1.14 58.49
CA VAL G 504 -2.19 -0.02 57.62
C VAL G 504 -0.95 0.14 56.77
N ILE G 505 -0.21 -0.95 56.60
CA ILE G 505 0.89 -1.02 55.65
C ILE G 505 0.54 -2.09 54.62
N LYS G 506 0.41 -1.69 53.36
CA LYS G 506 0.05 -2.60 52.29
C LYS G 506 1.05 -2.50 51.16
N GLY G 507 1.32 -3.64 50.53
CA GLY G 507 2.23 -3.70 49.40
C GLY G 507 1.49 -3.70 48.08
N PRO H 31 -7.77 -3.90 12.40
CA PRO H 31 -9.07 -3.21 12.45
C PRO H 31 -10.02 -3.81 13.50
N ALA H 32 -9.94 -5.13 13.69
CA ALA H 32 -10.86 -5.81 14.60
C ALA H 32 -10.62 -5.37 16.04
N VAL H 33 -11.71 -5.18 16.77
CA VAL H 33 -11.65 -4.86 18.20
C VAL H 33 -11.69 -6.17 18.97
N MET H 34 -10.57 -6.52 19.60
CA MET H 34 -10.49 -7.73 20.39
C MET H 34 -10.72 -7.49 21.88
N ALA H 35 -10.56 -6.26 22.35
CA ALA H 35 -10.84 -5.94 23.74
C ALA H 35 -12.31 -6.17 24.05
N GLN H 36 -12.57 -6.84 25.17
CA GLN H 36 -13.93 -7.09 25.62
C GLN H 36 -14.44 -6.03 26.58
N GLU H 37 -13.55 -5.20 27.12
CA GLU H 37 -13.93 -4.10 28.01
C GLU H 37 -13.31 -2.81 27.52
N GLU H 38 -13.85 -1.69 28.01
CA GLU H 38 -13.28 -0.39 27.72
C GLU H 38 -11.88 -0.27 28.33
N GLU H 39 -11.03 0.51 27.68
CA GLU H 39 -9.64 0.62 28.11
C GLU H 39 -9.55 1.20 29.52
N ASP H 40 -8.64 0.63 30.32
CA ASP H 40 -8.43 1.04 31.70
C ASP H 40 -6.94 0.85 31.99
N VAL H 41 -6.16 1.87 31.67
CA VAL H 41 -4.71 1.82 31.86
C VAL H 41 -4.38 2.02 33.33
N ARG H 42 -3.57 1.12 33.88
CA ARG H 42 -3.17 1.23 35.27
C ARG H 42 -2.23 2.43 35.46
N ASP H 43 -2.42 3.14 36.56
CA ASP H 43 -1.64 4.33 36.86
C ASP H 43 -0.68 4.02 37.99
N TYR H 44 0.62 4.00 37.66
CA TYR H 44 1.68 3.91 38.65
C TYR H 44 2.20 5.32 38.93
N ASN H 45 2.47 5.62 40.21
CA ASN H 45 2.87 6.98 40.55
C ASN H 45 4.27 7.26 40.02
N LEU H 46 4.34 7.72 38.78
CA LEU H 46 5.62 7.89 38.09
C LEU H 46 6.31 9.20 38.49
N THR H 47 7.60 9.11 38.74
CA THR H 47 8.42 10.29 38.94
C THR H 47 8.73 10.94 37.60
N GLU H 48 9.31 12.14 37.66
CA GLU H 48 9.69 12.83 36.43
C GLU H 48 10.82 12.09 35.72
N GLU H 49 11.78 11.55 36.48
CA GLU H 49 12.85 10.77 35.86
C GLU H 49 12.30 9.55 35.15
N GLN H 50 11.32 8.87 35.75
CA GLN H 50 10.71 7.70 35.11
C GLN H 50 9.95 8.10 33.85
N LYS H 51 9.26 9.24 33.88
CA LYS H 51 8.58 9.73 32.68
C LYS H 51 9.59 10.08 31.59
N ALA H 52 10.76 10.60 31.98
CA ALA H 52 11.80 10.90 31.01
C ALA H 52 12.36 9.64 30.37
N ILE H 53 12.50 8.57 31.17
CA ILE H 53 12.99 7.30 30.64
C ILE H 53 12.01 6.75 29.61
N LYS H 54 10.73 6.79 29.93
CA LYS H 54 9.71 6.32 28.98
C LYS H 54 9.70 7.15 27.71
N ALA H 55 10.05 8.44 27.81
CA ALA H 55 9.92 9.34 26.67
C ALA H 55 10.95 9.05 25.59
N LYS H 56 12.13 8.56 25.97
CA LYS H 56 13.21 8.39 25.01
C LYS H 56 13.17 7.04 24.29
N TYR H 57 12.13 6.23 24.52
CA TYR H 57 11.99 4.98 23.80
C TYR H 57 10.62 4.91 23.14
N PRO H 58 10.50 4.24 21.99
CA PRO H 58 9.21 4.14 21.31
C PRO H 58 8.22 3.36 22.15
N PRO H 59 6.97 3.84 22.24
CA PRO H 59 5.96 3.15 23.04
C PRO H 59 5.62 1.79 22.43
N VAL H 60 5.31 0.84 23.31
CA VAL H 60 5.00 -0.53 22.92
C VAL H 60 3.51 -0.65 22.67
N ASN H 61 3.15 -1.35 21.60
CA ASN H 61 1.75 -1.61 21.29
C ASN H 61 1.18 -2.60 22.29
N ARG H 62 0.04 -2.25 22.88
CA ARG H 62 -0.61 -3.05 23.91
C ARG H 62 -1.83 -3.74 23.30
N LYS H 63 -1.75 -5.06 23.13
CA LYS H 63 -2.89 -5.85 22.72
C LYS H 63 -3.32 -6.76 23.86
N TYR H 64 -3.53 -6.18 25.04
CA TYR H 64 -3.94 -6.96 26.21
C TYR H 64 -4.82 -6.09 27.11
N GLU H 65 -5.49 -6.75 28.04
CA GLU H 65 -6.38 -6.08 28.98
C GLU H 65 -6.52 -6.96 30.22
N TYR H 66 -6.81 -6.33 31.35
CA TYR H 66 -6.97 -7.02 32.62
C TYR H 66 -8.45 -7.13 32.95
N LEU H 67 -8.97 -8.35 33.00
CA LEU H 67 -10.41 -8.60 33.09
C LEU H 67 -10.81 -9.09 34.48
N ASP H 68 -12.12 -9.26 34.64
CA ASP H 68 -12.70 -9.60 35.94
C ASP H 68 -12.32 -11.01 36.37
N HIS H 69 -11.79 -11.13 37.57
CA HIS H 69 -11.75 -12.39 38.30
C HIS H 69 -11.84 -12.06 39.77
N THR H 70 -12.80 -12.70 40.47
CA THR H 70 -13.20 -12.24 41.78
C THR H 70 -12.02 -12.14 42.74
N ALA H 71 -11.19 -13.19 42.82
CA ALA H 71 -10.08 -13.18 43.76
C ALA H 71 -8.80 -12.61 43.17
N ASP H 72 -8.60 -12.73 41.85
CA ASP H 72 -7.34 -12.35 41.25
C ASP H 72 -7.57 -11.54 39.97
N VAL H 73 -6.89 -11.88 38.89
CA VAL H 73 -6.98 -11.10 37.66
C VAL H 73 -6.80 -12.04 36.46
N GLN H 74 -7.61 -11.81 35.42
CA GLN H 74 -7.55 -12.58 34.19
C GLN H 74 -6.83 -11.77 33.12
N LEU H 75 -5.74 -12.33 32.59
CA LEU H 75 -5.05 -11.71 31.47
C LEU H 75 -5.74 -12.09 30.18
N HIS H 76 -6.16 -11.09 29.40
CA HIS H 76 -6.67 -11.30 28.05
C HIS H 76 -5.73 -10.61 27.09
N ALA H 77 -5.12 -11.38 26.18
CA ALA H 77 -4.22 -10.85 25.18
C ALA H 77 -4.58 -11.41 23.82
N TRP H 78 -4.13 -10.73 22.77
CA TRP H 78 -4.48 -11.10 21.41
C TRP H 78 -3.42 -10.60 20.45
N GLY H 79 -3.59 -10.95 19.18
CA GLY H 79 -2.66 -10.52 18.15
C GLY H 79 -3.09 -11.08 16.80
N ASP H 80 -2.24 -10.86 15.81
CA ASP H 80 -2.50 -11.38 14.48
C ASP H 80 -2.03 -12.82 14.32
N THR H 81 -1.10 -13.26 15.16
CA THR H 81 -0.62 -14.63 15.14
C THR H 81 -0.71 -15.22 16.54
N LEU H 82 -0.68 -16.55 16.62
CA LEU H 82 -0.59 -17.20 17.92
C LEU H 82 0.68 -16.80 18.65
N GLU H 83 1.76 -16.53 17.91
CA GLU H 83 2.99 -16.04 18.54
C GLU H 83 2.76 -14.68 19.18
N GLU H 84 2.06 -13.78 18.48
CA GLU H 84 1.82 -12.46 19.04
C GLU H 84 0.88 -12.53 20.24
N ALA H 85 -0.10 -13.42 20.20
CA ALA H 85 -1.01 -13.57 21.33
C ALA H 85 -0.27 -14.04 22.57
N PHE H 86 0.68 -14.97 22.41
CA PHE H 86 1.50 -15.41 23.54
C PHE H 86 2.36 -14.27 24.07
N GLU H 87 3.05 -13.57 23.17
CA GLU H 87 3.97 -12.50 23.60
C GLU H 87 3.21 -11.34 24.25
N GLN H 88 1.99 -11.05 23.80
CA GLN H 88 1.21 -9.99 24.43
C GLN H 88 0.71 -10.42 25.81
N CYS H 89 0.52 -11.72 26.02
CA CYS H 89 0.12 -12.19 27.33
C CYS H 89 1.25 -12.03 28.34
N ALA H 90 2.48 -12.33 27.93
CA ALA H 90 3.63 -12.10 28.80
C ALA H 90 3.78 -10.61 29.12
N MET H 91 3.61 -9.75 28.11
CA MET H 91 3.70 -8.32 28.33
C MET H 91 2.56 -7.82 29.21
N ALA H 92 1.38 -8.44 29.12
CA ALA H 92 0.31 -8.15 30.07
C ALA H 92 0.74 -8.49 31.49
N MET H 93 1.39 -9.65 31.67
CA MET H 93 1.82 -10.08 32.99
C MET H 93 2.84 -9.11 33.58
N PHE H 94 3.90 -8.81 32.82
CA PHE H 94 4.90 -7.86 33.30
C PHE H 94 4.30 -6.46 33.44
N GLY H 95 3.36 -6.09 32.57
CA GLY H 95 2.69 -4.82 32.67
C GLY H 95 1.85 -4.66 33.93
N TYR H 96 1.62 -5.75 34.66
CA TYR H 96 0.92 -5.68 35.93
C TYR H 96 1.86 -5.46 37.11
N MET H 97 3.15 -5.72 36.93
CA MET H 97 4.13 -5.59 38.00
C MET H 97 4.70 -4.18 38.11
N THR H 98 4.72 -3.44 37.01
CA THR H 98 5.31 -2.11 36.97
C THR H 98 4.83 -1.42 35.70
N ASP H 99 5.36 -0.23 35.46
CA ASP H 99 5.21 0.45 34.17
C ASP H 99 6.37 -0.02 33.30
N THR H 100 6.10 -1.00 32.44
CA THR H 100 7.15 -1.54 31.58
C THR H 100 7.73 -0.50 30.63
N GLY H 101 7.03 0.62 30.42
CA GLY H 101 7.58 1.69 29.61
C GLY H 101 8.79 2.35 30.21
N THR H 102 8.97 2.25 31.53
CA THR H 102 10.13 2.82 32.21
C THR H 102 11.33 1.87 32.22
N VAL H 103 11.21 0.71 31.58
CA VAL H 103 12.31 -0.25 31.53
C VAL H 103 13.11 -0.01 30.26
N GLU H 104 14.43 0.09 30.40
CA GLU H 104 15.34 0.41 29.32
C GLU H 104 15.87 -0.87 28.67
N PRO H 105 15.96 -0.89 27.33
CA PRO H 105 16.44 -2.08 26.59
C PRO H 105 17.96 -2.21 26.63
N LEU H 106 18.47 -2.64 27.79
CA LEU H 106 19.90 -2.77 27.99
C LEU H 106 20.42 -4.19 27.79
N GLN H 107 19.55 -5.19 27.88
CA GLN H 107 19.96 -6.59 27.84
C GLN H 107 18.84 -7.40 27.21
N THR H 108 19.22 -8.46 26.50
CA THR H 108 18.28 -9.36 25.85
C THR H 108 18.39 -10.74 26.48
N VAL H 109 17.25 -11.33 26.82
CA VAL H 109 17.18 -12.61 27.50
C VAL H 109 16.32 -13.56 26.66
N GLU H 110 16.77 -14.82 26.57
CA GLU H 110 16.05 -15.85 25.82
C GLU H 110 15.26 -16.72 26.79
N VAL H 111 14.04 -17.06 26.39
CA VAL H 111 13.19 -17.99 27.11
C VAL H 111 12.67 -19.02 26.12
N GLU H 112 13.12 -20.27 26.27
CA GLU H 112 12.71 -21.37 25.43
C GLU H 112 12.08 -22.44 26.31
N THR H 113 10.90 -22.91 25.91
CA THR H 113 10.16 -23.86 26.74
C THR H 113 9.33 -24.77 25.85
N GLN H 114 8.78 -25.81 26.47
CA GLN H 114 7.95 -26.79 25.79
C GLN H 114 6.80 -27.21 26.69
N GLY H 115 5.78 -27.84 26.08
CA GLY H 115 4.62 -28.30 26.81
C GLY H 115 3.99 -29.48 26.13
N ASP H 116 2.90 -29.96 26.73
CA ASP H 116 2.13 -31.08 26.18
C ASP H 116 1.06 -30.63 25.20
N ASP H 117 0.63 -29.38 25.29
CA ASP H 117 -0.39 -28.82 24.41
C ASP H 117 -0.24 -27.30 24.44
N LEU H 118 -1.15 -26.60 23.76
CA LEU H 118 -1.07 -25.15 23.73
C LEU H 118 -1.30 -24.55 25.12
N GLN H 119 -2.18 -25.17 25.92
CA GLN H 119 -2.42 -24.66 27.26
C GLN H 119 -1.18 -24.77 28.14
N SER H 120 -0.59 -25.97 28.22
CA SER H 120 0.60 -26.14 29.04
C SER H 120 1.80 -25.39 28.46
N LEU H 121 1.85 -25.22 27.14
CA LEU H 121 2.90 -24.41 26.55
C LEU H 121 2.78 -22.96 27.02
N LEU H 122 1.56 -22.42 27.00
CA LEU H 122 1.34 -21.06 27.49
C LEU H 122 1.63 -20.96 28.98
N PHE H 123 1.23 -21.98 29.75
CA PHE H 123 1.52 -21.99 31.18
C PHE H 123 3.02 -21.89 31.44
N HIS H 124 3.79 -22.80 30.85
CA HIS H 124 5.23 -22.81 31.07
C HIS H 124 5.91 -21.59 30.47
N PHE H 125 5.40 -21.08 29.36
CA PHE H 125 5.98 -19.87 28.75
C PHE H 125 5.89 -18.69 29.71
N LEU H 126 4.72 -18.51 30.33
CA LEU H 126 4.56 -17.43 31.30
C LEU H 126 5.36 -17.71 32.57
N ASP H 127 5.42 -18.97 32.99
CA ASP H 127 6.14 -19.32 34.22
C ASP H 127 7.64 -19.09 34.06
N GLU H 128 8.21 -19.45 32.90
CA GLU H 128 9.63 -19.22 32.70
C GLU H 128 9.96 -17.74 32.72
N TRP H 129 9.09 -16.90 32.15
CA TRP H 129 9.33 -15.47 32.18
C TRP H 129 9.18 -14.91 33.58
N LEU H 130 8.20 -15.41 34.34
CA LEU H 130 8.06 -15.00 35.74
C LEU H 130 9.32 -15.37 36.53
N TYR H 131 9.91 -16.53 36.23
CA TYR H 131 11.10 -16.96 36.97
C TYR H 131 12.30 -16.10 36.62
N LYS H 132 12.42 -15.67 35.36
CA LYS H 132 13.48 -14.74 34.99
C LYS H 132 13.38 -13.46 35.81
N PHE H 133 12.17 -13.07 36.19
CA PHE H 133 11.96 -11.85 36.97
C PHE H 133 12.17 -12.09 38.46
N SER H 134 11.98 -13.32 38.94
CA SER H 134 11.91 -13.61 40.36
C SER H 134 13.18 -14.25 40.93
N ALA H 135 14.18 -14.53 40.09
CA ALA H 135 15.40 -15.16 40.57
C ALA H 135 16.56 -14.73 39.67
N ASP H 136 17.76 -15.18 40.03
CA ASP H 136 18.97 -14.92 39.25
C ASP H 136 19.21 -13.43 39.04
N GLU H 137 18.97 -12.96 37.81
CA GLU H 137 19.23 -11.60 37.42
C GLU H 137 18.06 -10.66 37.65
N PHE H 138 16.90 -11.19 38.06
CA PHE H 138 15.71 -10.38 38.35
C PHE H 138 15.37 -9.49 37.17
N PHE H 139 15.36 -10.10 35.99
CA PHE H 139 15.21 -9.38 34.73
C PHE H 139 13.74 -9.12 34.43
N ILE H 140 13.42 -7.89 34.06
CA ILE H 140 12.09 -7.52 33.58
C ILE H 140 12.24 -6.98 32.17
N PRO H 141 11.50 -7.50 31.19
CA PRO H 141 11.60 -6.98 29.82
C PRO H 141 10.62 -5.85 29.57
N ARG H 142 11.11 -4.85 28.81
CA ARG H 142 10.21 -3.82 28.31
C ARG H 142 9.23 -4.39 27.31
N GLU H 143 9.68 -5.36 26.50
CA GLU H 143 8.87 -5.97 25.46
C GLU H 143 9.32 -7.40 25.28
N VAL H 144 8.39 -8.27 24.90
CA VAL H 144 8.66 -9.67 24.65
C VAL H 144 8.23 -10.00 23.23
N LYS H 145 9.05 -10.80 22.54
CA LYS H 145 8.69 -11.30 21.21
C LYS H 145 8.84 -12.80 21.18
N VAL H 146 7.80 -13.50 20.76
CA VAL H 146 7.83 -14.94 20.58
C VAL H 146 8.28 -15.19 19.14
N LEU H 147 9.46 -15.79 18.99
CA LEU H 147 10.04 -15.99 17.66
C LEU H 147 9.42 -17.17 16.94
N SER H 148 9.01 -18.21 17.67
CA SER H 148 8.49 -19.40 17.03
C SER H 148 7.63 -20.18 18.01
N ILE H 149 6.59 -20.83 17.47
CA ILE H 149 5.81 -21.82 18.18
C ILE H 149 5.67 -23.03 17.27
N ASP H 150 6.33 -24.13 17.62
CA ASP H 150 6.11 -25.42 16.97
C ASP H 150 4.79 -25.95 17.49
N GLN H 151 3.73 -25.83 16.69
CA GLN H 151 2.40 -26.26 17.13
C GLN H 151 2.20 -27.76 17.05
N ARG H 152 3.23 -28.52 16.64
CA ARG H 152 3.15 -29.97 16.55
C ARG H 152 3.85 -30.66 17.72
N ASN H 153 5.07 -30.22 18.05
CA ASN H 153 5.78 -30.70 19.24
C ASN H 153 5.59 -29.79 20.44
N PHE H 154 4.91 -28.66 20.27
CA PHE H 154 4.63 -27.71 21.35
C PHE H 154 5.92 -27.20 21.99
N LYS H 155 6.72 -26.51 21.18
CA LYS H 155 7.95 -25.87 21.63
C LYS H 155 7.91 -24.40 21.22
N LEU H 156 8.59 -23.58 22.00
CA LEU H 156 8.52 -22.13 21.85
C LEU H 156 9.89 -21.51 22.05
N ARG H 157 10.21 -20.53 21.19
CA ARG H 157 11.37 -19.68 21.36
C ARG H 157 10.90 -18.25 21.54
N SER H 158 11.45 -17.57 22.53
CA SER H 158 11.09 -16.18 22.79
C SER H 158 12.32 -15.41 23.24
N ILE H 159 12.26 -14.09 23.08
CA ILE H 159 13.28 -13.19 23.58
C ILE H 159 12.59 -11.99 24.21
N GLY H 160 13.32 -11.31 25.09
CA GLY H 160 12.85 -10.08 25.69
C GLY H 160 14.01 -9.14 25.95
N TRP H 161 13.80 -7.86 25.72
CA TRP H 161 14.84 -6.86 25.97
C TRP H 161 14.40 -5.94 27.10
N GLY H 162 15.32 -5.68 28.02
CA GLY H 162 15.04 -4.86 29.18
C GLY H 162 16.24 -4.73 30.10
N GLU H 163 16.00 -4.78 31.41
CA GLU H 163 17.07 -4.60 32.38
C GLU H 163 16.63 -5.24 33.69
N GLU H 164 17.55 -5.25 34.65
CA GLU H 164 17.23 -5.76 35.97
C GLU H 164 16.27 -4.81 36.67
N PHE H 165 15.21 -5.37 37.26
CA PHE H 165 14.23 -4.57 37.98
C PHE H 165 14.87 -3.90 39.18
N SER H 166 14.55 -2.62 39.38
CA SER H 166 15.10 -1.84 40.48
C SER H 166 14.03 -0.93 41.04
N LEU H 167 13.89 -0.93 42.38
CA LEU H 167 12.92 -0.05 43.02
C LEU H 167 13.27 1.41 42.86
N SER H 168 14.55 1.72 42.58
CA SER H 168 14.95 3.10 42.36
C SER H 168 14.54 3.60 40.97
N LYS H 169 14.46 2.70 39.99
CA LYS H 169 14.15 3.08 38.61
C LYS H 169 12.72 2.79 38.19
N HIS H 170 12.11 1.73 38.71
CA HIS H 170 10.83 1.29 38.19
C HIS H 170 9.75 1.35 39.26
N PRO H 171 8.56 1.85 38.93
CA PRO H 171 7.50 1.95 39.93
C PRO H 171 6.98 0.59 40.34
N GLN H 172 6.42 0.54 41.55
CA GLN H 172 5.92 -0.71 42.11
C GLN H 172 4.46 -0.90 41.72
N GLY H 173 4.19 -2.01 41.03
CA GLY H 173 2.81 -2.40 40.76
C GLY H 173 2.38 -3.52 41.67
N THR H 174 1.87 -4.61 41.10
CA THR H 174 1.38 -5.75 41.86
C THR H 174 2.26 -6.96 41.57
N GLU H 175 2.77 -7.58 42.63
CA GLU H 175 3.58 -8.78 42.47
C GLU H 175 2.70 -9.94 42.01
N VAL H 176 3.20 -10.69 41.02
CA VAL H 176 2.52 -11.85 40.48
C VAL H 176 3.05 -13.08 41.21
N LYS H 177 2.15 -13.85 41.84
CA LYS H 177 2.57 -15.01 42.61
C LYS H 177 2.83 -16.20 41.71
N ALA H 178 1.89 -16.52 40.82
CA ALA H 178 2.01 -17.74 40.02
C ALA H 178 1.06 -17.67 38.84
N ILE H 179 1.35 -18.52 37.85
CA ILE H 179 0.45 -18.77 36.73
C ILE H 179 -0.49 -19.89 37.13
N THR H 180 -1.76 -19.77 36.74
CA THR H 180 -2.75 -20.80 37.04
C THR H 180 -3.39 -21.29 35.74
N TYR H 181 -4.00 -22.46 35.82
CA TYR H 181 -4.77 -23.02 34.72
C TYR H 181 -6.25 -22.64 34.76
N SER H 182 -6.64 -21.77 35.70
CA SER H 182 -8.05 -21.46 35.90
C SER H 182 -8.66 -20.83 34.66
N ALA H 183 -9.62 -21.54 34.06
CA ALA H 183 -10.35 -21.05 32.89
C ALA H 183 -9.41 -20.63 31.76
N MET H 184 -8.25 -21.30 31.67
CA MET H 184 -7.31 -20.96 30.62
C MET H 184 -7.89 -21.29 29.25
N GLN H 185 -7.79 -20.36 28.33
CA GLN H 185 -8.38 -20.50 27.00
C GLN H 185 -7.39 -20.00 25.96
N VAL H 186 -7.05 -20.84 25.00
CA VAL H 186 -6.20 -20.48 23.87
C VAL H 186 -7.00 -20.70 22.60
N TYR H 187 -7.21 -19.64 21.84
CA TYR H 187 -7.92 -19.70 20.57
C TYR H 187 -6.92 -19.42 19.45
N ASN H 188 -6.82 -20.36 18.50
CA ASN H 188 -5.79 -20.36 17.47
C ASN H 188 -6.40 -20.33 16.08
N GLU H 189 -7.43 -19.50 15.88
CA GLU H 189 -8.02 -19.25 14.58
C GLU H 189 -7.61 -17.86 14.12
N GLU H 190 -8.44 -17.21 13.30
CA GLU H 190 -8.17 -15.84 12.94
C GLU H 190 -8.34 -14.94 14.15
N ASN H 191 -7.42 -13.98 14.30
CA ASN H 191 -7.31 -13.14 15.48
C ASN H 191 -7.11 -14.01 16.71
N PRO H 192 -5.95 -14.67 16.86
CA PRO H 192 -5.73 -15.52 18.03
C PRO H 192 -5.73 -14.71 19.31
N GLU H 193 -6.12 -15.37 20.40
CA GLU H 193 -6.23 -14.69 21.69
C GLU H 193 -6.11 -15.73 22.79
N VAL H 194 -5.71 -15.27 23.97
CA VAL H 194 -5.57 -16.13 25.13
C VAL H 194 -6.24 -15.47 26.33
N PHE H 195 -6.73 -16.30 27.25
CA PHE H 195 -7.26 -15.87 28.53
C PHE H 195 -6.56 -16.66 29.62
N VAL H 196 -5.84 -15.97 30.51
CA VAL H 196 -5.08 -16.62 31.57
C VAL H 196 -5.34 -15.89 32.88
N ILE H 197 -5.66 -16.66 33.92
CA ILE H 197 -5.79 -16.13 35.28
C ILE H 197 -4.48 -16.36 36.01
N ILE H 198 -3.93 -15.29 36.59
CA ILE H 198 -2.72 -15.38 37.39
C ILE H 198 -3.08 -15.10 38.84
N ASP H 199 -2.34 -15.73 39.74
CA ASP H 199 -2.55 -15.58 41.18
C ASP H 199 -1.78 -14.36 41.67
N ILE H 200 -2.51 -13.42 42.29
CA ILE H 200 -1.90 -12.23 42.86
C ILE H 200 -2.27 -12.13 44.34
P 5GP I . 4.97 37.07 -39.67
O1P 5GP I . 3.48 36.91 -39.52
O3P 5GP I . 5.88 35.92 -39.34
O5' 5GP I . 5.30 38.06 -38.21
C5' 5GP I . 4.69 39.24 -38.21
C4' 5GP I . 5.74 40.31 -37.74
O4' 5GP I . 5.03 41.44 -37.29
C3' 5GP I . 6.64 39.91 -36.57
O3' 5GP I . 7.79 39.25 -36.87
C2' 5GP I . 6.94 41.29 -35.89
O2' 5GP I . 8.13 41.82 -36.38
C1' 5GP I . 5.73 42.15 -36.34
N9 5GP I . 4.87 42.56 -35.24
C8 5GP I . 4.48 41.75 -34.13
N7 5GP I . 3.65 42.41 -33.28
C5 5GP I . 3.49 43.69 -33.83
C6 5GP I . 2.73 44.78 -33.35
O6 5GP I . 2.04 44.91 -32.35
N1 5GP I . 2.84 45.91 -34.22
C2 5GP I . 3.59 45.90 -35.39
N2 5GP I . 3.62 47.04 -36.16
N3 5GP I . 4.32 44.86 -35.86
C4 5GP I . 4.23 43.78 -35.04
MN MN J . 1.56 36.94 -40.58
P PO4 K . 2.42 31.32 -39.22
O1 PO4 K . 2.32 31.87 -37.82
O2 PO4 K . 2.64 32.44 -40.21
O3 PO4 K . 1.14 30.60 -39.56
O4 PO4 K . 3.58 30.35 -39.30
MN MN L . 2.87 30.80 -35.97
P 5GP M . 33.04 -3.15 -14.00
O1P 5GP M . 32.20 -2.00 -13.53
O3P 5GP M . 33.36 -4.28 -13.03
O5' 5GP M . 31.78 -3.99 -15.00
C5' 5GP M . 32.19 -5.13 -15.57
C4' 5GP M . 31.61 -5.16 -17.01
O4' 5GP M . 31.62 -6.51 -17.45
C3' 5GP M . 30.14 -4.72 -17.17
O3' 5GP M . 29.93 -3.38 -17.35
C2' 5GP M . 29.68 -5.54 -18.40
O2' 5GP M . 29.84 -4.80 -19.57
C1' 5GP M . 30.64 -6.76 -18.38
N9 5GP M . 29.95 -8.04 -18.12
C8 5GP M . 28.95 -8.26 -17.13
N7 5GP M . 28.51 -9.54 -17.12
C5 5GP M . 29.24 -10.18 -18.12
C6 5GP M . 29.17 -11.54 -18.54
O6 5GP M . 28.49 -12.48 -18.16
N1 5GP M . 30.09 -11.80 -19.62
C2 5GP M . 30.93 -10.80 -20.15
N2 5GP M . 31.77 -11.16 -21.17
N3 5GP M . 31.00 -9.51 -19.76
C4 5GP M . 30.13 -9.26 -18.75
MN MN N . 34.92 -5.33 -11.90
P PO4 O . 32.46 -1.99 -7.82
O1 PO4 O . 31.28 -2.91 -7.91
O2 PO4 O . 33.41 -2.26 -8.96
O3 PO4 O . 33.18 -2.22 -6.50
O4 PO4 O . 32.00 -0.55 -7.89
MN MN P . 29.18 -2.45 -7.62
P 5GP Q . -31.24 -18.03 2.40
O1P 5GP Q . -30.64 -16.87 3.14
O3P 5GP Q . -31.56 -17.87 0.94
O5' 5GP Q . -29.73 -19.02 2.25
C5' 5GP Q . -29.88 -20.16 1.56
C4' 5GP Q . -29.17 -21.29 2.38
O4' 5GP Q . -28.97 -22.39 1.51
C3' 5GP Q . -27.78 -20.98 2.94
O3' 5GP Q . -27.73 -20.38 4.17
C2' 5GP Q . -27.10 -22.38 2.96
O2' 5GP Q . -27.29 -23.00 4.21
C1' 5GP Q . -27.86 -23.14 1.84
N9 5GP Q . -27.02 -23.44 0.68
C8 5GP Q . -26.09 -22.52 0.07
N7 5GP Q . -25.45 -23.08 -0.98
C5 5GP Q . -25.95 -24.37 -1.07
C6 5GP Q . -25.62 -25.40 -2.01
O6 5GP Q . -24.83 -25.42 -2.95
N1 5GP Q . -26.36 -26.60 -1.76
C2 5GP Q . -27.29 -26.72 -0.72
N2 5GP Q . -27.95 -27.91 -0.57
N3 5GP Q . -27.62 -25.76 0.17
C4 5GP Q . -26.91 -24.60 -0.05
MN MN R . -32.79 -17.47 -0.81
P PO4 S . -31.05 -12.29 -0.02
O1 PO4 S . -30.86 -11.65 1.35
O2 PO4 S . -29.72 -12.41 -0.70
O3 PO4 S . -31.97 -11.41 -0.83
O4 PO4 S . -31.64 -13.66 0.13
MN MN T . -27.81 -11.73 -0.07
P 5GP U . -7.04 -14.69 52.03
O1P 5GP U . -7.63 -15.18 50.74
O3P 5GP U . -5.57 -14.33 52.07
O5' 5GP U . -7.74 -13.02 52.02
C5' 5GP U . -7.24 -12.21 52.97
C4' 5GP U . -8.42 -11.41 53.57
O4' 5GP U . -7.86 -10.34 54.33
C3' 5GP U . -9.36 -10.73 52.57
O3' 5GP U . -10.42 -11.46 52.12
C2' 5GP U . -9.82 -9.47 53.34
O2' 5GP U . -11.02 -9.70 54.00
C1' 5GP U . -8.67 -9.24 54.35
N9 5GP U . -7.92 -8.00 54.11
C8 5GP U . -7.39 -7.58 52.84
N7 5GP U . -6.75 -6.39 52.94
C5 5GP U . -6.84 -6.03 54.28
C6 5GP U . -6.32 -4.86 54.91
O6 5GP U . -5.69 -3.91 54.47
N1 5GP U . -6.63 -4.86 56.31
C2 5GP U . -7.35 -5.89 56.94
N2 5GP U . -7.60 -5.79 58.29
N3 5GP U . -7.85 -7.01 56.34
C4 5GP U . -7.56 -7.01 55.00
MN MN V . -3.62 -15.07 52.62
P PO4 W . -3.65 -16.81 47.12
O1 PO4 W . -3.89 -16.93 48.61
O2 PO4 W . -3.55 -15.37 46.72
O3 PO4 W . -4.81 -17.45 46.38
O4 PO4 W . -2.37 -17.53 46.78
MN MN X . -4.45 -14.57 44.91
#